data_7Y0H
#
_entry.id   7Y0H
#
_cell.length_a   1.00
_cell.length_b   1.00
_cell.length_c   1.00
_cell.angle_alpha   90.00
_cell.angle_beta   90.00
_cell.angle_gamma   90.00
#
_symmetry.space_group_name_H-M   'P 1'
#
loop_
_entity.id
_entity.type
_entity.pdbx_description
1 polymer 'Immunoglobulin heavy constant mu'
2 polymer 'Immunoglobulin J chain'
3 polymer 'Erythrocyte membrane protein 1'
4 branched 2-acetamido-2-deoxy-beta-D-glucopyranose-(1-4)-2-acetamido-2-deoxy-beta-D-glucopyranose
5 non-polymer 2-acetamido-2-deoxy-beta-D-glucopyranose
#
loop_
_entity_poly.entity_id
_entity_poly.type
_entity_poly.pdbx_seq_one_letter_code
_entity_poly.pdbx_strand_id
1 'polypeptide(L)'
;ASAWSHPQFEKGGGSGGGSGGSAWSHPQFEKIDTTIAELPPKVSVFVPPRDGFFGNPRKSKLICQATGFSPRQIQVSWLR
EGKQVGSGVTTDQVQAEAKESGPTTYKVTSTLTIKESDWLGQSMFTCRVDHRGLTFQQNASSMCVPDQDTAIRVFAIPPS
FASIFLTKSTKLTCLVTDLTTYDSVTISWTRQNGEAVKTHTNISESHPNATFSAVGEASICEDDWNSGERFTCTVTHTDL
PSPLKQTISRPKGVALHRPDVYLLPPAREQLNLRESATITCLVTGFSPADVFVQWMQRGQPLSPEKYVTSAPMPEPQAPG
RYFAHSILTVSEEEWNTGETYTCVVAHEALPNRVTERTVDKSTGKPTLYNVSLVMSDTAGTCY
;
A,B,C,D,E,F,G,H,K,L
2 'polypeptide(L)'
;EDERIVLVDNKCKCARITSRIIRSSEDPNEDIVERNIRIIVPLNNRENISDPTSPLRTRFVYHLSDLCKKCDPTEVELDN
QIVTATQSNICDEDSATETCYTYDRNKCYTAVVPLVYGGETKMVETALTPDACYPD
;
J
3 'polypeptide(L)'
;MDSTSTIANKIEEYLGAKSDDSKIDELLKADPSEVEYYRSGGDGDYLKNNICKITVNHSDSGKYDPCEKKLPPYDDNDQW
KCQQNSSDGSGKPENICVPPRRERLCTYNLENLKFDKIRDNNAFLADVLLTARNEGEKIVQNHPDTNSSNVCNALERSFA
DLADIIRGTDQWKGTNSNLEKNLKQMFAKIRENDKVLQDKYPKDQKYTKLREAWWNANRQKVWEVITCGARSNDLLIKRG
WRTSGKSDRKKNFELCRKCGHYEKEVPTKLDYVPQFLRWLTEWIEDFYREKQNLIDDMERHREECTREDHKSKEGTSYCS
TCKDKCKKYCECVKKWKTEWENQENKYKDLYEQNKNKTSQKNTSRYDDYVKDFFEKLEANYSSLENYIKGDPYFAEYATK
LSFILNPSDANNPSGETANHNDEACNCNESGISSVGQAQTSGPSSNKTCITHSSIKTNKKKECKDVKLGVRENDKDLKIC
VIEDTSLSGVDNCCCQDLLGILQENCSDNKRGSSSNDSCDNKNQDECQKKLEKVFASLTNGYKCDKCKSGTSRSKKKWIW
KKSSGNEEGLQEEYANTIGLPPRTQSLYLGNLPKLENVCEDVKDINFDTKEKFLAGCLIVSFHEGKNLKKRYPQNKNSGN
KENLCKALEYSFADYGDLIKGTSIWDNEYTKDLELNLQNNFGKLFGKYIKKNNTAEQDTSYSSLDELRESWWNTNKKYIW
TAMKHGAEMNITTCNADGSVTGSGSSCDDIPTIDLIPQYLRFLQEWVENFCEQRQAKVKDVITNCKSCKESGNKCKTECK
TKCKDECEKYKKFIEACGTAGGGIGTAGSPWSKRWDQIYKRYSKHIEDAKRNRKAGTKNCGTSSTTNAAASTDENKCVQS
DIDSFFKHLIDIGLTTPSSYLSNVLDDNICGADKAPWTTYTTYTTTEKCNKERDKSKSQSSDTLVVVNVPSPLGNTPYRY
KYACQCKIPTNEETCDDRKEYMNQWSCGSARTMKRGYKNDNYELCKYNGVDVKPTTVRSNSSKLDGNDVTFFNLFEQWNK
EIQYQIEQYMTNANISCIDEKEVLDSVSDEGTPKVRGGYEDGRNNNTDQGTNCKEKCKCYKLWIEKINDQWGKQKDNYNK
FRSKQIYDANKGSQNKKVVSLSNFLFFSCWEEYIQKYFNGDWSKIKNIGSDTFEFLIKKCGNNSAHGEEIFNEKLKNAEK
KCKENESTDTNINKSETSCDLNATNYIRGCQSKTYDGKIFPGKGGEKQWICKDTIIHGDTNGACIPPRTQNLCVGELWDK
SYGGRSNIKNDTKELLKEKIKNAIHKETELLYEYHDTGTAIISKNDKKGQKGKNDPNGLPKGFCHAVQRSFIDYKNMILG
TSVNIYEHIGKLQEDIKKIIEKGTPQQKDKIGGVGSSTENVNAWWKGIEREMWDAVRCAITKINKKNNNSIFNGDECGVS
PPTGNDEDQSVSWFKEWGEQFCIERLRYEQNIREACTINGKNEKKCINSKSGQGDKIQGACKRKCEKYKKYISEKKQEWD
KQKTKYENKYVGKSASDLLKENYPECISANFDFIFNDNIEYKTYYPYGDYSSICSCEQVKYYKYNNAEKKNNKSLCYEKD
NDMTWSKKYIKKLENGRSLEGVYVPPRRQQLCLYELFPIIIKNEEGMEKAKEELLETLQIVAEREAYYLWKQYNPTGKGI
DDANKKACCAIRGSFYDLEDIIKGNDLVHDEYTKYIDSKLNEIFGSSDTNDIDTKRARTDWWENETITNGTDRKTIRQLV
WDAMQSGVRYAVEEKNENFPLCMGVEHIGIAKPQFIRWLEEWTNEFCEKYTKYFEDMKSKCDPPKRADTCGDNSNIECKK
ACANYTNWLNPKRIEWNGMSNYYNKIYRKSNKESEGGKDYSMIMAPTVIDYLNKRCHGEINGNYICCSCKNIGAYNTTSG
TVNKKLQKKETECEEEKGPLDLMNEVLNKMDKKYSAHKMKCTEVYLEHVEEQLNEIDNAIKDYKLYPLDRCFDDQTKMKV
CDLIADAIGCKDKTKLDELDEWNDMDLRGTYNKHKGVLIPPRRRQLCFSRIVRGPANLRSLNEFKEEILKGAQSEGKFLG
NYYKEHKDKEKALEAMKNSFYDYEDIIKGTDMLTNIEFKDIKIKLDRLLEKETNNTKKAEDWWKTNKKSIWNAMLCGYKK
SGNKIIDPSWCTIPTTETPPQFLRWIKEWGTNVCIQKQEHKEYVKSKCSNVTNLGAQASESNNCTSEIKKYQEWSRKRSI
RWETISKRYKKYKRMDILKDVKEPDANTYLREHCSKCPCGFNDMEEMNNNEDNEKEAFKQIKEQVKIPAELEDVIYRIKH
HEYDKGNDYICNKYKNIHDRMKKNNGNFVTDNFVKKSWEISNGVLIPPRRKNLFLYIDPSKICEYKKDPKLFKDFIYWSA
FTEVERLKKAYGGARAKVVHAMKYSFTDIGSIIKGDDMMEKNSSDKIGKILGDTDGQNEKRKKWWDMNKYHIWESMLCGY
REAEGDTETNENCRFPDIESVPQFLRWFQEWSENFCDRRQKLYDKLNSECISAECTNGSVDNSKCTHACVNYKNYILTKK
TEYEIQTNKYDNEFKNKNSNDKDAPDYLKEKCNDNKCECLNKHIDDKNKTWKNPYETLEDTFKSKCDCHHHHHHHH
;
M
#
loop_
_chem_comp.id
_chem_comp.type
_chem_comp.name
_chem_comp.formula
NAG D-saccharide, beta linking 2-acetamido-2-deoxy-beta-D-glucopyranose 'C8 H15 N O6'
#
# COMPACT_ATOMS: atom_id res chain seq x y z
N ILE A 152 58.80 -1.81 55.95
CA ILE A 152 58.02 -2.17 57.13
C ILE A 152 56.61 -1.60 56.99
N ARG A 153 55.79 -2.27 56.20
CA ARG A 153 54.41 -1.86 55.95
C ARG A 153 53.49 -3.02 56.26
N VAL A 154 52.45 -2.76 57.06
CA VAL A 154 51.45 -3.76 57.42
C VAL A 154 50.08 -3.20 57.07
N PHE A 155 49.27 -4.01 56.37
CA PHE A 155 47.94 -3.62 55.94
C PHE A 155 46.95 -4.73 56.27
N ALA A 156 45.80 -4.34 56.82
CA ALA A 156 44.73 -5.28 57.11
C ALA A 156 43.84 -5.43 55.89
N ILE A 157 43.68 -6.67 55.42
CA ILE A 157 42.91 -6.97 54.21
C ILE A 157 41.48 -7.27 54.63
N PRO A 158 40.47 -6.54 54.12
CA PRO A 158 39.10 -6.88 54.45
C PRO A 158 38.72 -8.21 53.85
N PRO A 159 37.71 -8.89 54.39
CA PRO A 159 37.38 -10.24 53.91
C PRO A 159 36.79 -10.24 52.52
N SER A 160 37.54 -10.76 51.54
CA SER A 160 37.02 -10.89 50.20
C SER A 160 35.90 -11.92 50.16
N PHE A 161 34.84 -11.63 49.41
CA PHE A 161 33.70 -12.53 49.33
C PHE A 161 34.09 -13.87 48.71
N ALA A 162 35.19 -13.94 47.97
CA ALA A 162 35.63 -15.22 47.44
C ALA A 162 35.93 -16.20 48.56
N SER A 163 36.58 -15.73 49.63
CA SER A 163 36.83 -16.59 50.78
C SER A 163 35.55 -16.82 51.58
N ILE A 164 34.64 -15.84 51.62
CA ILE A 164 33.41 -16.00 52.37
C ILE A 164 32.58 -17.15 51.80
N PHE A 165 32.45 -17.19 50.48
CA PHE A 165 31.55 -18.14 49.83
C PHE A 165 32.23 -19.47 49.51
N LEU A 166 33.29 -19.42 48.69
CA LEU A 166 33.86 -20.66 48.17
C LEU A 166 34.52 -21.50 49.26
N THR A 167 35.24 -20.87 50.18
CA THR A 167 35.85 -21.58 51.30
C THR A 167 34.93 -21.70 52.51
N LYS A 168 33.78 -21.02 52.49
CA LYS A 168 32.80 -21.09 53.58
C LYS A 168 33.46 -20.74 54.92
N SER A 169 34.28 -19.70 54.92
CA SER A 169 34.94 -19.24 56.13
C SER A 169 35.38 -17.80 55.93
N THR A 170 35.68 -17.14 57.04
CA THR A 170 36.14 -15.75 57.05
C THR A 170 37.56 -15.70 57.56
N LYS A 171 38.47 -15.15 56.77
CA LYS A 171 39.88 -15.04 57.11
C LYS A 171 40.32 -13.59 56.96
N LEU A 172 41.00 -13.08 57.98
CA LEU A 172 41.55 -11.73 57.98
C LEU A 172 43.07 -11.83 58.00
N THR A 173 43.72 -11.15 57.05
CA THR A 173 45.17 -11.21 56.89
C THR A 173 45.73 -9.79 57.03
N CYS A 174 46.32 -9.49 58.19
CA CYS A 174 47.06 -8.26 58.42
C CYS A 174 48.54 -8.63 58.40
N LEU A 175 49.14 -8.57 57.21
CA LEU A 175 50.49 -9.04 56.98
C LEU A 175 51.47 -7.88 56.93
N VAL A 176 52.64 -8.08 57.52
CA VAL A 176 53.72 -7.10 57.53
C VAL A 176 54.88 -7.65 56.72
N THR A 177 55.45 -6.80 55.87
CA THR A 177 56.53 -7.20 54.98
C THR A 177 57.62 -6.13 54.97
N ASP A 178 58.73 -6.45 54.31
CA ASP A 178 59.85 -5.54 54.16
C ASP A 178 60.38 -5.08 55.53
N LEU A 179 60.57 -6.05 56.43
CA LEU A 179 61.06 -5.77 57.77
C LEU A 179 62.01 -6.88 58.19
N THR A 180 62.91 -6.55 59.12
CA THR A 180 63.87 -7.52 59.62
C THR A 180 63.17 -8.59 60.45
N THR A 181 63.75 -9.79 60.47
CA THR A 181 63.17 -10.94 61.16
C THR A 181 63.62 -10.92 62.61
N TYR A 182 62.68 -10.59 63.50
CA TYR A 182 62.90 -10.69 64.95
C TYR A 182 61.90 -11.60 65.64
N ASP A 183 60.82 -12.01 64.95
CA ASP A 183 59.82 -12.90 65.51
C ASP A 183 59.23 -12.35 66.80
N SER A 184 59.01 -11.03 66.83
CA SER A 184 58.45 -10.34 67.98
C SER A 184 57.00 -9.91 67.77
N VAL A 185 56.36 -10.38 66.71
CA VAL A 185 54.98 -10.00 66.41
C VAL A 185 54.05 -10.64 67.41
N THR A 186 53.10 -9.86 67.93
CA THR A 186 52.04 -10.34 68.81
C THR A 186 50.74 -9.77 68.25
N ILE A 187 50.13 -10.51 67.33
CA ILE A 187 48.97 -10.04 66.59
C ILE A 187 47.71 -10.65 67.21
N SER A 188 46.81 -9.79 67.66
CA SER A 188 45.51 -10.20 68.21
C SER A 188 44.43 -9.39 67.53
N TRP A 189 43.44 -10.09 66.95
CA TRP A 189 42.35 -9.43 66.24
C TRP A 189 41.27 -9.06 67.26
N THR A 190 41.52 -7.96 67.96
CA THR A 190 40.56 -7.47 68.94
C THR A 190 39.29 -7.00 68.25
N ARG A 191 38.14 -7.41 68.77
CA ARG A 191 36.86 -7.07 68.16
C ARG A 191 36.42 -5.68 68.62
N GLN A 192 35.19 -5.31 68.28
CA GLN A 192 34.59 -4.12 68.86
C GLN A 192 34.47 -4.28 70.38
N ASN A 193 34.06 -5.46 70.82
CA ASN A 193 34.04 -5.79 72.24
C ASN A 193 35.47 -6.03 72.73
N GLY A 194 35.61 -6.13 74.06
CA GLY A 194 36.92 -6.34 74.63
C GLY A 194 37.57 -7.64 74.19
N GLU A 195 36.77 -8.68 74.01
CA GLU A 195 37.31 -9.99 73.65
C GLU A 195 37.94 -9.94 72.27
N ALA A 196 39.08 -10.61 72.12
CA ALA A 196 39.73 -10.79 70.83
C ALA A 196 39.40 -12.16 70.29
N VAL A 197 38.84 -12.20 69.07
CA VAL A 197 38.33 -13.46 68.53
C VAL A 197 39.47 -14.46 68.32
N LYS A 198 40.59 -14.03 67.76
CA LYS A 198 41.66 -14.95 67.41
C LYS A 198 42.94 -14.17 67.18
N THR A 199 44.06 -14.87 67.29
CA THR A 199 45.38 -14.29 67.07
C THR A 199 45.98 -14.85 65.78
N HIS A 200 47.13 -14.31 65.41
CA HIS A 200 47.84 -14.78 64.22
C HIS A 200 48.13 -16.27 64.32
N THR A 201 47.97 -16.97 63.19
CA THR A 201 48.25 -18.39 63.12
C THR A 201 48.90 -18.70 61.77
N ASN A 202 49.76 -19.72 61.77
CA ASN A 202 50.44 -20.17 60.56
C ASN A 202 51.27 -19.04 59.95
N ILE A 203 52.27 -18.60 60.71
CA ILE A 203 53.16 -17.56 60.23
C ILE A 203 54.07 -18.14 59.16
N SER A 204 54.12 -17.48 58.01
CA SER A 204 54.89 -17.94 56.84
C SER A 204 55.98 -16.90 56.57
N GLU A 205 57.13 -17.08 57.23
CA GLU A 205 58.28 -16.22 56.96
C GLU A 205 58.98 -16.59 55.67
N SER A 206 58.94 -17.87 55.29
CA SER A 206 59.69 -18.35 54.13
C SER A 206 59.25 -17.60 52.87
N HIS A 207 60.19 -16.88 52.26
CA HIS A 207 59.95 -16.18 51.02
C HIS A 207 61.28 -16.06 50.28
N PRO A 208 61.25 -15.87 48.96
CA PRO A 208 62.52 -15.74 48.22
C PRO A 208 63.38 -14.60 48.71
N ASN A 209 62.79 -13.47 49.10
CA ASN A 209 63.54 -12.32 49.56
C ASN A 209 64.09 -12.49 50.98
N ALA A 210 63.65 -13.53 51.69
CA ALA A 210 64.15 -13.82 53.04
C ALA A 210 63.74 -12.74 54.04
N THR A 211 62.83 -11.85 53.65
CA THR A 211 62.33 -10.85 54.57
C THR A 211 61.22 -11.43 55.44
N PHE A 212 61.08 -10.86 56.63
CA PHE A 212 60.07 -11.34 57.57
C PHE A 212 58.67 -11.14 57.02
N SER A 213 57.79 -12.08 57.32
CA SER A 213 56.40 -12.02 56.87
C SER A 213 55.53 -12.76 57.87
N ALA A 214 54.77 -12.01 58.67
CA ALA A 214 53.84 -12.59 59.64
C ALA A 214 52.42 -12.26 59.20
N VAL A 215 51.59 -13.29 59.07
CA VAL A 215 50.23 -13.16 58.55
C VAL A 215 49.26 -13.46 59.68
N GLY A 216 48.29 -12.56 59.88
CA GLY A 216 47.27 -12.78 60.88
C GLY A 216 46.10 -13.60 60.35
N GLU A 217 45.31 -14.13 61.27
CA GLU A 217 44.13 -14.92 60.94
C GLU A 217 43.03 -14.60 61.93
N ALA A 218 41.78 -14.70 61.46
CA ALA A 218 40.62 -14.47 62.33
C ALA A 218 39.44 -15.23 61.74
N SER A 219 39.11 -16.37 62.33
CA SER A 219 37.95 -17.15 61.93
C SER A 219 36.74 -16.60 62.68
N ILE A 220 35.88 -15.88 61.98
CA ILE A 220 34.73 -15.21 62.58
C ILE A 220 33.49 -15.58 61.78
N CYS A 221 32.35 -15.53 62.45
CA CYS A 221 31.09 -15.89 61.82
C CYS A 221 30.72 -14.90 60.74
N GLU A 222 30.17 -15.42 59.63
CA GLU A 222 29.72 -14.55 58.54
C GLU A 222 28.59 -13.64 59.01
N ASP A 223 27.66 -14.18 59.80
CA ASP A 223 26.61 -13.34 60.37
C ASP A 223 27.18 -12.27 61.27
N ASP A 224 28.21 -12.62 62.05
CA ASP A 224 28.88 -11.62 62.87
C ASP A 224 29.50 -10.53 62.01
N TRP A 225 30.07 -10.91 60.86
CA TRP A 225 30.58 -9.91 59.93
C TRP A 225 29.45 -9.01 59.44
N ASN A 226 28.31 -9.60 59.09
CA ASN A 226 27.17 -8.82 58.60
C ASN A 226 26.58 -7.93 59.68
N SER A 227 26.80 -8.24 60.96
CA SER A 227 26.27 -7.42 62.03
C SER A 227 26.97 -6.06 62.13
N GLY A 228 28.14 -5.92 61.52
CA GLY A 228 28.87 -4.67 61.54
C GLY A 228 29.96 -4.55 62.59
N GLU A 229 30.31 -5.65 63.25
CA GLU A 229 31.38 -5.60 64.26
C GLU A 229 32.72 -5.35 63.58
N ARG A 230 33.55 -4.52 64.21
CA ARG A 230 34.85 -4.15 63.69
C ARG A 230 35.95 -4.90 64.43
N PHE A 231 37.03 -5.19 63.71
CA PHE A 231 38.15 -5.97 64.23
C PHE A 231 39.45 -5.21 63.98
N THR A 232 40.33 -5.22 64.98
CA THR A 232 41.57 -4.44 64.95
C THR A 232 42.76 -5.38 65.09
N CYS A 233 43.75 -5.21 64.22
CA CYS A 233 44.99 -5.98 64.25
C CYS A 233 46.10 -5.10 64.80
N THR A 234 46.77 -5.57 65.84
CA THR A 234 47.85 -4.85 66.49
C THR A 234 49.17 -5.58 66.27
N VAL A 235 50.21 -4.84 65.91
CA VAL A 235 51.53 -5.39 65.66
C VAL A 235 52.51 -4.79 66.66
N THR A 236 53.24 -5.64 67.37
CA THR A 236 54.17 -5.21 68.41
C THR A 236 55.62 -5.46 68.01
N HIS A 237 55.91 -5.58 66.71
CA HIS A 237 57.27 -5.80 66.26
C HIS A 237 58.13 -4.58 66.56
N THR A 238 59.37 -4.85 67.00
CA THR A 238 60.27 -3.76 67.38
C THR A 238 60.63 -2.87 66.19
N ASP A 239 60.51 -3.37 64.97
CA ASP A 239 60.80 -2.53 63.80
C ASP A 239 59.84 -1.35 63.74
N LEU A 240 58.56 -1.59 64.00
CA LEU A 240 57.60 -0.50 64.05
C LEU A 240 57.94 0.44 65.20
N PRO A 241 57.98 1.76 64.99
CA PRO A 241 58.28 2.65 66.12
C PRO A 241 57.32 2.50 67.29
N SER A 242 56.04 2.29 67.01
CA SER A 242 55.05 2.07 68.06
C SER A 242 53.98 1.13 67.53
N PRO A 243 53.30 0.39 68.40
CA PRO A 243 52.20 -0.46 67.93
C PRO A 243 51.09 0.35 67.29
N LEU A 244 50.46 -0.23 66.27
CA LEU A 244 49.35 0.40 65.56
C LEU A 244 48.23 -0.61 65.41
N LYS A 245 47.00 -0.12 65.48
CA LYS A 245 45.80 -0.94 65.36
C LYS A 245 45.08 -0.62 64.06
N GLN A 246 44.77 -1.66 63.29
CA GLN A 246 44.13 -1.50 61.98
C GLN A 246 42.69 -1.99 62.08
N THR A 247 41.76 -1.05 62.28
CA THR A 247 40.35 -1.37 62.43
C THR A 247 39.72 -1.55 61.06
N ILE A 248 39.05 -2.69 60.86
CA ILE A 248 38.32 -2.98 59.63
C ILE A 248 36.88 -3.30 60.01
N SER A 249 35.94 -2.67 59.31
CA SER A 249 34.53 -2.79 59.62
C SER A 249 33.73 -3.07 58.36
N ARG A 250 32.63 -3.80 58.53
CA ARG A 250 31.72 -4.07 57.42
C ARG A 250 30.91 -2.81 57.13
N PRO A 251 30.89 -2.31 55.88
CA PRO A 251 30.22 -1.03 55.61
C PRO A 251 28.73 -1.08 55.94
N LYS A 252 28.23 0.01 56.47
CA LYS A 252 26.84 0.10 56.93
C LYS A 252 25.96 0.71 55.85
N GLY A 253 24.80 0.10 55.64
CA GLY A 253 23.81 0.64 54.73
C GLY A 253 24.11 0.45 53.26
N VAL A 254 24.95 -0.53 52.91
CA VAL A 254 25.25 -0.78 51.50
C VAL A 254 24.05 -1.44 50.85
N ALA A 255 23.60 -0.88 49.72
CA ALA A 255 22.48 -1.45 48.99
C ALA A 255 22.91 -2.70 48.24
N LEU A 256 21.94 -3.57 47.98
CA LEU A 256 22.17 -4.83 47.26
C LEU A 256 21.54 -4.71 45.88
N HIS A 257 22.36 -4.84 44.85
CA HIS A 257 21.92 -4.74 43.47
C HIS A 257 22.58 -5.83 42.64
N ARG A 258 21.81 -6.41 41.73
CA ARG A 258 22.29 -7.58 40.99
C ARG A 258 23.46 -7.19 40.09
N PRO A 259 24.50 -8.03 39.99
CA PRO A 259 25.60 -7.74 39.08
C PRO A 259 25.33 -8.21 37.66
N ASP A 260 24.60 -7.42 36.88
CA ASP A 260 24.35 -7.80 35.49
C ASP A 260 25.67 -8.06 34.78
N VAL A 261 25.82 -9.27 34.25
CA VAL A 261 27.05 -9.71 33.61
C VAL A 261 26.81 -9.73 32.11
N TYR A 262 27.62 -8.97 31.38
CA TYR A 262 27.54 -8.91 29.91
C TYR A 262 28.90 -9.30 29.36
N LEU A 263 28.90 -10.26 28.45
CA LEU A 263 30.13 -10.79 27.86
C LEU A 263 30.19 -10.33 26.40
N LEU A 264 31.24 -9.57 26.08
CA LEU A 264 31.40 -9.00 24.76
C LEU A 264 32.44 -9.77 23.97
N PRO A 265 32.27 -9.95 22.66
CA PRO A 265 33.27 -10.66 21.88
C PRO A 265 34.35 -9.72 21.38
N PRO A 266 35.46 -10.24 20.89
CA PRO A 266 36.49 -9.36 20.32
C PRO A 266 35.98 -8.64 19.08
N ALA A 267 36.47 -7.41 18.88
CA ALA A 267 36.01 -6.62 17.76
C ALA A 267 36.36 -7.30 16.44
N ARG A 268 35.48 -7.14 15.46
CA ARG A 268 35.72 -7.72 14.13
C ARG A 268 37.09 -7.33 13.62
N GLU A 269 37.44 -6.05 13.74
CA GLU A 269 38.76 -5.58 13.34
C GLU A 269 39.88 -6.30 14.09
N GLN A 270 39.69 -6.59 15.38
CA GLN A 270 40.75 -7.28 16.11
C GLN A 270 40.98 -8.67 15.55
N LEU A 271 39.91 -9.39 15.22
CA LEU A 271 40.07 -10.70 14.60
C LEU A 271 40.77 -10.58 13.25
N ASN A 272 40.48 -9.51 12.51
CA ASN A 272 41.16 -9.28 11.24
C ASN A 272 42.66 -9.12 11.41
N LEU A 273 43.11 -8.67 12.58
CA LEU A 273 44.55 -8.56 12.83
C LEU A 273 45.22 -9.92 12.75
N ARG A 274 44.48 -11.00 13.03
CA ARG A 274 44.98 -12.36 12.85
C ARG A 274 46.19 -12.65 13.73
N GLU A 275 46.32 -11.94 14.85
CA GLU A 275 47.39 -12.15 15.80
C GLU A 275 46.88 -12.57 17.17
N SER A 276 45.87 -11.89 17.69
CA SER A 276 45.27 -12.27 18.97
C SER A 276 43.87 -11.70 19.03
N ALA A 277 43.04 -12.30 19.89
CA ALA A 277 41.66 -11.86 20.08
C ALA A 277 41.39 -11.76 21.58
N THR A 278 40.80 -10.65 21.99
CA THR A 278 40.53 -10.37 23.39
C THR A 278 39.02 -10.41 23.64
N ILE A 279 38.60 -11.20 24.61
CA ILE A 279 37.21 -11.30 25.04
C ILE A 279 37.10 -10.61 26.39
N THR A 280 36.16 -9.68 26.51
CA THR A 280 35.98 -8.91 27.73
C THR A 280 34.63 -9.26 28.37
N CYS A 281 34.67 -9.63 29.64
CA CYS A 281 33.48 -9.90 30.43
C CYS A 281 33.22 -8.65 31.29
N LEU A 282 32.10 -7.99 31.03
CA LEU A 282 31.76 -6.74 31.69
C LEU A 282 30.75 -7.02 32.79
N VAL A 283 31.04 -6.56 34.00
CA VAL A 283 30.15 -6.69 35.14
C VAL A 283 29.68 -5.29 35.52
N THR A 284 28.39 -5.03 35.38
CA THR A 284 27.84 -3.69 35.46
C THR A 284 26.76 -3.61 36.53
N GLY A 285 26.68 -2.45 37.18
CA GLY A 285 25.57 -2.16 38.08
C GLY A 285 25.46 -3.06 39.28
N PHE A 286 26.57 -3.29 40.00
CA PHE A 286 26.57 -4.16 41.16
C PHE A 286 26.93 -3.37 42.41
N SER A 287 26.29 -3.73 43.53
CA SER A 287 26.62 -3.22 44.85
C SER A 287 26.46 -4.39 45.82
N PRO A 288 27.37 -4.54 46.80
CA PRO A 288 28.55 -3.72 47.14
C PRO A 288 29.67 -3.82 46.13
N ALA A 289 30.68 -2.96 46.29
CA ALA A 289 31.76 -2.88 45.31
C ALA A 289 32.50 -4.20 45.16
N ASP A 290 32.54 -5.03 46.21
CA ASP A 290 33.28 -6.29 46.13
C ASP A 290 32.66 -7.19 45.07
N VAL A 291 33.51 -7.81 44.26
CA VAL A 291 33.08 -8.72 43.21
C VAL A 291 34.21 -9.68 42.90
N PHE A 292 33.85 -10.85 42.37
CA PHE A 292 34.80 -11.92 42.07
C PHE A 292 34.46 -12.50 40.72
N VAL A 293 35.45 -12.61 39.84
CA VAL A 293 35.24 -13.02 38.45
C VAL A 293 36.28 -14.07 38.09
N GLN A 294 35.84 -15.11 37.39
CA GLN A 294 36.73 -16.14 36.86
C GLN A 294 36.29 -16.50 35.46
N TRP A 295 37.13 -17.25 34.75
CA TRP A 295 36.93 -17.57 33.34
C TRP A 295 37.02 -19.07 33.12
N MET A 296 36.37 -19.53 32.06
CA MET A 296 36.35 -20.94 31.72
C MET A 296 36.39 -21.12 30.21
N GLN A 297 36.64 -22.35 29.78
CA GLN A 297 36.56 -22.72 28.36
C GLN A 297 36.10 -24.17 28.30
N ARG A 298 34.85 -24.41 27.92
CA ARG A 298 34.29 -25.75 27.80
C ARG A 298 34.44 -26.51 29.12
N GLY A 299 34.20 -25.82 30.23
CA GLY A 299 34.25 -26.42 31.54
C GLY A 299 35.63 -26.48 32.17
N GLN A 300 36.66 -25.99 31.49
CA GLN A 300 38.01 -25.99 32.03
C GLN A 300 38.39 -24.57 32.44
N PRO A 301 38.46 -24.24 33.74
CA PRO A 301 38.89 -22.90 34.13
C PRO A 301 40.28 -22.59 33.61
N LEU A 302 40.47 -21.35 33.17
CA LEU A 302 41.75 -20.92 32.64
C LEU A 302 42.67 -20.47 33.77
N SER A 303 43.95 -20.32 33.43
CA SER A 303 44.93 -19.90 34.42
C SER A 303 44.59 -18.50 34.93
N PRO A 304 44.87 -18.19 36.20
CA PRO A 304 44.60 -16.83 36.68
C PRO A 304 45.37 -15.76 35.92
N GLU A 305 46.51 -16.10 35.34
CA GLU A 305 47.29 -15.10 34.60
C GLU A 305 46.66 -14.77 33.26
N LYS A 306 46.00 -15.73 32.61
CA LYS A 306 45.48 -15.50 31.27
C LYS A 306 44.39 -14.45 31.27
N TYR A 307 43.50 -14.47 32.27
CA TYR A 307 42.46 -13.45 32.41
C TYR A 307 42.87 -12.47 33.50
N VAL A 308 42.74 -11.18 33.20
CA VAL A 308 43.08 -10.11 34.13
C VAL A 308 41.85 -9.23 34.32
N THR A 309 41.50 -8.96 35.57
CA THR A 309 40.31 -8.21 35.92
C THR A 309 40.70 -6.85 36.47
N SER A 310 39.72 -5.94 36.46
CA SER A 310 39.90 -4.57 36.87
C SER A 310 39.19 -4.31 38.19
N ALA A 311 39.77 -3.44 39.00
CA ALA A 311 39.16 -3.11 40.28
C ALA A 311 37.85 -2.36 40.05
N PRO A 312 36.84 -2.55 40.91
CA PRO A 312 35.57 -1.85 40.70
C PRO A 312 35.74 -0.34 40.76
N MET A 313 35.00 0.36 39.90
CA MET A 313 34.94 1.82 39.88
C MET A 313 33.49 2.26 39.86
N PRO A 314 33.19 3.47 40.32
CA PRO A 314 31.80 3.92 40.38
C PRO A 314 31.15 3.97 39.01
N GLU A 315 29.86 3.64 38.97
CA GLU A 315 29.06 3.78 37.77
C GLU A 315 28.64 5.24 37.61
N PRO A 316 28.94 5.89 36.48
CA PRO A 316 28.66 7.34 36.40
C PRO A 316 27.21 7.71 36.65
N GLN A 317 26.25 6.89 36.18
CA GLN A 317 24.85 7.27 36.29
C GLN A 317 24.27 6.90 37.66
N ALA A 318 24.69 5.77 38.22
CA ALA A 318 24.20 5.33 39.52
C ALA A 318 25.33 5.37 40.53
N PRO A 319 25.43 6.41 41.37
CA PRO A 319 26.55 6.48 42.31
C PRO A 319 26.63 5.29 43.25
N GLY A 320 25.49 4.72 43.64
CA GLY A 320 25.52 3.57 44.52
C GLY A 320 26.13 2.34 43.86
N ARG A 321 25.84 2.14 42.58
CA ARG A 321 26.32 0.96 41.87
C ARG A 321 27.80 1.10 41.53
N TYR A 322 28.36 0.05 40.94
CA TYR A 322 29.74 0.02 40.48
C TYR A 322 29.80 -0.73 39.16
N PHE A 323 31.01 -0.87 38.61
CA PHE A 323 31.22 -1.69 37.44
C PHE A 323 32.62 -2.30 37.52
N ALA A 324 32.77 -3.47 36.91
CA ALA A 324 34.05 -4.17 36.87
C ALA A 324 34.28 -4.65 35.45
N HIS A 325 35.56 -4.89 35.13
CA HIS A 325 35.96 -5.15 33.76
C HIS A 325 37.01 -6.26 33.77
N SER A 326 36.71 -7.37 33.10
CA SER A 326 37.63 -8.50 33.00
C SER A 326 37.84 -8.86 31.54
N ILE A 327 39.09 -9.09 31.16
CA ILE A 327 39.47 -9.33 29.78
C ILE A 327 40.29 -10.60 29.70
N LEU A 328 39.94 -11.48 28.76
CA LEU A 328 40.71 -12.66 28.42
C LEU A 328 41.14 -12.58 26.96
N THR A 329 42.39 -12.99 26.70
CA THR A 329 42.95 -13.00 25.37
C THR A 329 43.23 -14.43 24.94
N VAL A 330 42.97 -14.72 23.66
CA VAL A 330 43.24 -16.03 23.09
C VAL A 330 43.64 -15.84 21.63
N SER A 331 44.27 -16.87 21.07
CA SER A 331 44.60 -16.85 19.66
C SER A 331 43.33 -16.83 18.82
N GLU A 332 43.37 -16.05 17.75
CA GLU A 332 42.20 -15.97 16.87
C GLU A 332 41.82 -17.34 16.32
N GLU A 333 42.78 -18.25 16.20
CA GLU A 333 42.46 -19.61 15.78
C GLU A 333 41.56 -20.28 16.80
N GLU A 334 41.84 -20.09 18.10
CA GLU A 334 40.96 -20.62 19.14
C GLU A 334 39.57 -20.02 19.00
N TRP A 335 39.48 -18.70 18.81
CA TRP A 335 38.20 -18.06 18.60
C TRP A 335 37.55 -18.53 17.30
N ASN A 336 38.33 -18.61 16.23
CA ASN A 336 37.80 -19.10 14.96
C ASN A 336 37.35 -20.56 15.07
N THR A 337 37.92 -21.33 16.00
CA THR A 337 37.47 -22.70 16.20
C THR A 337 36.05 -22.75 16.72
N GLY A 338 35.58 -21.68 17.36
CA GLY A 338 34.27 -21.65 17.97
C GLY A 338 34.22 -22.11 19.40
N GLU A 339 35.36 -22.25 20.07
CA GLU A 339 35.37 -22.71 21.45
C GLU A 339 34.63 -21.73 22.34
N THR A 340 33.76 -22.27 23.20
CA THR A 340 32.95 -21.45 24.08
C THR A 340 33.78 -20.97 25.27
N TYR A 341 33.66 -19.69 25.59
CA TYR A 341 34.30 -19.09 26.76
C TYR A 341 33.22 -18.60 27.72
N THR A 342 33.31 -19.02 28.97
CA THR A 342 32.30 -18.71 29.97
C THR A 342 32.91 -17.89 31.09
N CYS A 343 32.21 -16.83 31.48
CA CYS A 343 32.63 -15.92 32.54
C CYS A 343 31.66 -16.04 33.70
N VAL A 344 32.21 -16.18 34.91
CA VAL A 344 31.40 -16.32 36.13
C VAL A 344 31.61 -15.09 36.99
N VAL A 345 30.56 -14.71 37.71
CA VAL A 345 30.59 -13.60 38.64
C VAL A 345 30.01 -14.07 39.97
N ALA A 346 30.82 -14.03 41.02
CA ALA A 346 30.41 -14.42 42.36
C ALA A 346 30.20 -13.15 43.18
N HIS A 347 28.95 -12.88 43.56
CA HIS A 347 28.60 -11.65 44.25
C HIS A 347 27.34 -11.89 45.07
N GLU A 348 27.18 -11.09 46.13
CA GLU A 348 26.11 -11.33 47.09
C GLU A 348 24.74 -11.22 46.45
N ALA A 349 24.53 -10.20 45.61
CA ALA A 349 23.19 -9.86 45.16
C ALA A 349 22.53 -10.95 44.32
N LEU A 350 23.31 -11.83 43.69
CA LEU A 350 22.73 -12.87 42.86
C LEU A 350 21.91 -13.84 43.71
N PRO A 351 20.90 -14.50 43.12
CA PRO A 351 20.05 -15.41 43.92
C PRO A 351 20.84 -16.47 44.66
N ASN A 352 21.63 -17.26 43.92
CA ASN A 352 22.51 -18.24 44.52
C ASN A 352 23.97 -17.81 44.48
N ARG A 353 24.22 -16.50 44.32
CA ARG A 353 25.51 -15.85 44.45
C ARG A 353 26.48 -16.14 43.30
N VAL A 354 26.04 -16.83 42.25
CA VAL A 354 26.90 -17.11 41.10
C VAL A 354 26.05 -17.08 39.83
N THR A 355 26.54 -16.38 38.81
CA THR A 355 25.92 -16.35 37.49
C THR A 355 27.01 -16.51 36.44
N GLU A 356 26.65 -17.12 35.33
CA GLU A 356 27.59 -17.37 34.24
C GLU A 356 26.96 -17.02 32.91
N ARG A 357 27.79 -16.55 31.98
CA ARG A 357 27.40 -16.32 30.60
C ARG A 357 28.53 -16.77 29.69
N THR A 358 28.18 -17.20 28.49
CA THR A 358 29.15 -17.77 27.56
C THR A 358 29.00 -17.12 26.19
N VAL A 359 30.07 -17.23 25.40
CA VAL A 359 30.10 -16.67 24.05
C VAL A 359 31.04 -17.51 23.21
N ASP A 360 30.72 -17.60 21.92
CA ASP A 360 31.55 -18.31 20.95
C ASP A 360 31.55 -17.50 19.66
N LYS A 361 32.17 -18.05 18.62
CA LYS A 361 32.22 -17.35 17.34
C LYS A 361 30.83 -17.14 16.76
N SER A 362 29.88 -18.01 17.10
CA SER A 362 28.57 -18.03 16.44
C SER A 362 27.53 -17.15 17.13
N THR A 363 27.82 -16.58 18.30
CA THR A 363 26.84 -15.79 19.03
C THR A 363 27.30 -14.40 19.41
N GLY A 364 28.59 -14.08 19.30
CA GLY A 364 29.06 -12.75 19.61
C GLY A 364 29.00 -11.83 18.40
N LYS A 365 27.93 -11.05 18.29
CA LYS A 365 27.63 -10.23 17.11
C LYS A 365 27.99 -11.00 15.83
N PRO A 366 27.40 -12.17 15.62
CA PRO A 366 27.76 -12.97 14.44
C PRO A 366 27.33 -12.29 13.16
N THR A 367 28.11 -12.53 12.10
CA THR A 367 27.77 -11.95 10.81
C THR A 367 26.54 -12.59 10.20
N LEU A 368 26.31 -13.87 10.48
CA LEU A 368 25.33 -14.68 9.76
C LEU A 368 24.42 -15.39 10.74
N TYR A 369 23.12 -15.42 10.41
CA TYR A 369 22.11 -16.15 11.16
C TYR A 369 21.58 -17.27 10.28
N ASN A 370 22.05 -18.48 10.51
CA ASN A 370 21.72 -19.65 9.69
C ASN A 370 20.54 -20.36 10.36
N VAL A 371 19.34 -20.11 9.84
CA VAL A 371 18.12 -20.66 10.41
C VAL A 371 17.50 -21.63 9.43
N SER A 372 16.93 -22.72 9.95
CA SER A 372 16.27 -23.75 9.15
C SER A 372 14.88 -24.00 9.71
N LEU A 373 14.15 -22.93 9.97
CA LEU A 373 12.84 -23.01 10.61
C LEU A 373 11.92 -23.93 9.81
N VAL A 374 11.37 -24.95 10.48
CA VAL A 374 10.48 -25.92 9.85
C VAL A 374 9.25 -26.11 10.73
N MET A 375 8.08 -26.07 10.10
CA MET A 375 6.80 -26.33 10.76
C MET A 375 6.12 -27.49 10.05
N SER A 376 5.53 -28.39 10.82
CA SER A 376 4.84 -29.55 10.28
C SER A 376 3.49 -29.71 10.97
N ASP A 377 2.52 -30.24 10.23
CA ASP A 377 1.16 -30.42 10.71
C ASP A 377 0.59 -29.09 11.20
N THR A 378 0.47 -28.17 10.24
CA THR A 378 0.04 -26.80 10.58
C THR A 378 -1.32 -26.80 11.25
N ALA A 379 -2.26 -27.60 10.74
CA ALA A 379 -3.61 -27.60 11.31
C ALA A 379 -3.58 -28.03 12.77
N GLY A 380 -3.21 -29.28 13.03
CA GLY A 380 -3.03 -29.74 14.39
C GLY A 380 -4.23 -29.52 15.29
N THR A 381 -5.43 -29.83 14.81
CA THR A 381 -6.63 -29.60 15.61
C THR A 381 -6.63 -30.49 16.84
N CYS A 382 -7.22 -29.98 17.92
CA CYS A 382 -7.34 -30.72 19.16
C CYS A 382 -8.38 -30.09 20.07
N ILE B 152 61.11 18.57 54.01
CA ILE B 152 62.16 19.49 53.62
C ILE B 152 62.59 19.25 52.16
N ARG B 153 61.94 18.30 51.49
CA ARG B 153 62.27 17.94 50.13
C ARG B 153 61.30 18.60 49.16
N VAL B 154 61.75 18.81 47.93
CA VAL B 154 60.93 19.37 46.87
C VAL B 154 60.55 18.24 45.92
N PHE B 155 59.24 18.09 45.68
CA PHE B 155 58.71 17.05 44.81
C PHE B 155 58.36 17.68 43.47
N ALA B 156 59.07 17.27 42.42
CA ALA B 156 58.79 17.79 41.08
C ALA B 156 57.57 17.10 40.50
N ILE B 157 56.76 17.87 39.77
CA ILE B 157 55.54 17.35 39.15
C ILE B 157 55.70 17.46 37.64
N PRO B 158 56.12 16.40 36.95
CA PRO B 158 56.19 16.45 35.49
C PRO B 158 54.81 16.26 34.89
N PRO B 159 54.22 17.28 34.28
CA PRO B 159 52.89 17.11 33.69
C PRO B 159 52.87 15.96 32.70
N SER B 160 52.03 14.97 32.98
CA SER B 160 51.97 13.77 32.16
C SER B 160 51.38 14.07 30.79
N PHE B 161 51.48 13.09 29.90
CA PHE B 161 50.93 13.25 28.56
C PHE B 161 49.44 13.59 28.61
N ALA B 162 48.71 13.03 29.57
CA ALA B 162 47.30 13.36 29.70
C ALA B 162 47.13 14.84 29.98
N SER B 163 47.90 15.38 30.93
CA SER B 163 47.81 16.80 31.24
C SER B 163 48.27 17.66 30.07
N ILE B 164 49.35 17.26 29.40
CA ILE B 164 49.85 18.04 28.26
C ILE B 164 48.78 18.11 27.17
N PHE B 165 48.13 16.98 26.89
CA PHE B 165 47.11 16.97 25.84
C PHE B 165 45.87 17.73 26.26
N LEU B 166 45.42 17.56 27.50
CA LEU B 166 44.20 18.23 27.95
C LEU B 166 44.39 19.75 28.00
N THR B 167 45.47 20.21 28.62
CA THR B 167 45.74 21.64 28.75
C THR B 167 46.33 22.24 27.48
N LYS B 168 46.74 21.42 26.51
CA LYS B 168 47.28 21.82 25.22
C LYS B 168 48.67 22.42 25.33
N SER B 169 49.20 22.64 26.53
CA SER B 169 50.51 23.25 26.71
C SER B 169 51.23 22.58 27.87
N THR B 170 52.55 22.62 27.82
CA THR B 170 53.38 22.05 28.88
C THR B 170 53.55 23.07 29.99
N LYS B 171 52.88 22.85 31.12
CA LYS B 171 52.93 23.75 32.28
C LYS B 171 53.72 23.04 33.37
N LEU B 172 54.99 23.42 33.52
CA LEU B 172 55.90 22.75 34.42
C LEU B 172 55.74 23.29 35.85
N THR B 173 55.64 22.39 36.81
CA THR B 173 55.51 22.74 38.22
C THR B 173 56.30 21.76 39.06
N CYS B 174 57.04 22.30 40.04
CA CYS B 174 57.68 21.50 41.07
C CYS B 174 57.23 22.01 42.43
N LEU B 175 56.80 21.10 43.29
CA LEU B 175 56.11 21.45 44.53
C LEU B 175 57.00 21.12 45.72
N VAL B 176 57.12 22.08 46.64
CA VAL B 176 57.92 21.89 47.85
C VAL B 176 57.06 21.20 48.90
N THR B 177 57.64 20.19 49.55
CA THR B 177 56.95 19.41 50.56
C THR B 177 57.68 19.48 51.89
N ASP B 178 56.92 19.62 52.97
CA ASP B 178 57.46 19.58 54.33
C ASP B 178 58.57 20.63 54.52
N LEU B 179 58.31 21.84 54.05
CA LEU B 179 59.24 22.95 54.21
C LEU B 179 58.44 24.23 54.32
N THR B 180 58.88 25.14 55.19
CA THR B 180 58.21 26.43 55.34
C THR B 180 58.95 27.51 54.56
N THR B 181 58.20 28.56 54.19
CA THR B 181 58.74 29.58 53.30
C THR B 181 59.88 30.33 53.99
N TYR B 182 60.93 30.61 53.22
CA TYR B 182 62.12 31.29 53.72
C TYR B 182 62.51 32.39 52.74
N ASP B 183 63.29 33.34 53.25
CA ASP B 183 63.78 34.44 52.42
C ASP B 183 64.79 33.90 51.40
N SER B 184 64.96 34.66 50.31
CA SER B 184 65.88 34.31 49.24
C SER B 184 65.44 33.02 48.55
N VAL B 185 64.13 32.87 48.37
CA VAL B 185 63.61 31.71 47.63
C VAL B 185 63.92 31.88 46.15
N THR B 186 64.47 30.82 45.55
CA THR B 186 64.89 30.85 44.16
C THR B 186 64.18 29.73 43.40
N ILE B 187 63.70 30.05 42.20
CA ILE B 187 63.15 29.05 41.29
C ILE B 187 63.62 29.39 39.88
N SER B 188 64.11 28.38 39.16
CA SER B 188 64.58 28.59 37.79
C SER B 188 64.71 27.24 37.11
N TRP B 189 64.01 27.06 35.99
CA TRP B 189 64.08 25.83 35.22
C TRP B 189 65.41 25.77 34.49
N THR B 190 66.32 24.94 34.97
CA THR B 190 67.67 24.82 34.43
C THR B 190 67.78 23.53 33.63
N ARG B 191 68.22 23.65 32.38
CA ARG B 191 68.48 22.49 31.54
C ARG B 191 69.99 22.20 31.56
N GLN B 192 70.41 21.26 30.71
CA GLN B 192 71.85 21.03 30.53
C GLN B 192 72.54 22.26 29.98
N ASN B 193 71.91 22.95 29.01
CA ASN B 193 72.53 24.13 28.42
C ASN B 193 72.68 25.24 29.46
N GLY B 194 71.74 25.35 30.39
CA GLY B 194 71.80 26.35 31.43
C GLY B 194 71.05 27.63 31.16
N GLU B 195 70.31 27.71 30.04
CA GLU B 195 69.55 28.91 29.71
C GLU B 195 68.23 28.90 30.46
N ALA B 196 68.33 29.16 31.77
CA ALA B 196 67.16 29.22 32.64
C ALA B 196 66.57 30.63 32.66
N VAL B 197 66.03 31.03 31.51
CA VAL B 197 65.47 32.37 31.33
C VAL B 197 63.95 32.37 31.30
N LYS B 198 63.31 31.30 31.77
CA LYS B 198 61.86 31.21 31.73
C LYS B 198 61.24 32.18 32.72
N THR B 199 60.07 32.70 32.35
CA THR B 199 59.27 33.49 33.27
C THR B 199 58.64 32.58 34.33
N HIS B 200 58.45 33.15 35.52
CA HIS B 200 57.80 32.45 36.62
C HIS B 200 56.76 33.38 37.24
N THR B 201 55.58 32.85 37.52
CA THR B 201 54.46 33.68 37.95
C THR B 201 53.61 32.87 38.93
N ASN B 202 52.85 33.60 39.74
CA ASN B 202 51.91 33.00 40.69
C ASN B 202 52.65 32.10 41.69
N ILE B 203 53.52 32.71 42.48
CA ILE B 203 54.25 31.98 43.51
C ILE B 203 53.29 31.65 44.65
N SER B 204 53.23 30.36 45.00
CA SER B 204 52.33 29.94 46.07
C SER B 204 52.88 30.38 47.43
N GLU B 205 51.96 30.53 48.38
CA GLU B 205 52.28 31.02 49.72
C GLU B 205 52.40 29.85 50.68
N SER B 206 52.97 30.15 51.85
CA SER B 206 53.23 29.10 52.84
C SER B 206 51.95 28.40 53.25
N HIS B 207 52.05 27.09 53.46
CA HIS B 207 50.96 26.21 53.86
C HIS B 207 51.19 25.73 55.30
N PRO B 208 50.19 25.81 56.18
CA PRO B 208 50.39 25.33 57.55
C PRO B 208 51.07 23.97 57.66
N ASN B 209 50.82 23.05 56.72
CA ASN B 209 51.51 21.77 56.71
C ASN B 209 52.88 21.83 56.05
N ALA B 210 53.42 23.02 55.84
CA ALA B 210 54.76 23.19 55.28
C ALA B 210 54.88 22.58 53.89
N THR B 211 53.79 22.63 53.12
CA THR B 211 53.74 22.08 51.77
C THR B 211 53.18 23.16 50.84
N PHE B 212 54.09 23.89 50.18
CA PHE B 212 53.71 24.90 49.19
C PHE B 212 54.37 24.56 47.86
N SER B 213 53.85 25.12 46.77
CA SER B 213 54.37 24.78 45.46
C SER B 213 55.57 25.65 45.09
N ALA B 214 55.50 26.95 45.40
CA ALA B 214 56.47 27.92 44.88
C ALA B 214 56.57 27.78 43.37
N VAL B 215 55.41 27.59 42.74
CA VAL B 215 55.36 27.15 41.35
C VAL B 215 55.77 28.28 40.43
N GLY B 216 56.66 27.98 39.49
CA GLY B 216 56.95 28.86 38.38
C GLY B 216 56.68 28.15 37.07
N GLU B 217 55.65 28.58 36.35
CA GLU B 217 55.22 27.91 35.14
C GLU B 217 55.99 28.42 33.93
N ALA B 218 56.20 27.52 32.98
CA ALA B 218 56.93 27.83 31.76
C ALA B 218 56.31 27.09 30.59
N SER B 219 56.58 27.57 29.38
CA SER B 219 56.07 26.98 28.15
C SER B 219 57.25 26.55 27.30
N ILE B 220 57.36 25.25 27.04
CA ILE B 220 58.44 24.68 26.23
C ILE B 220 57.83 23.68 25.26
N CYS B 221 58.53 23.44 24.16
CA CYS B 221 58.05 22.51 23.15
C CYS B 221 57.86 21.12 23.74
N GLU B 222 56.91 20.38 23.16
CA GLU B 222 56.77 18.97 23.53
C GLU B 222 58.02 18.19 23.13
N ASP B 223 58.50 18.39 21.91
CA ASP B 223 59.63 17.60 21.41
C ASP B 223 60.91 17.91 22.18
N ASP B 224 61.13 19.18 22.54
CA ASP B 224 62.31 19.51 23.32
C ASP B 224 62.31 18.77 24.66
N TRP B 225 61.15 18.71 25.33
CA TRP B 225 61.07 17.94 26.55
C TRP B 225 61.24 16.45 26.28
N ASN B 226 60.66 15.95 25.18
CA ASN B 226 60.87 14.55 24.82
C ASN B 226 62.34 14.22 24.63
N SER B 227 63.16 15.20 24.27
CA SER B 227 64.60 14.99 24.16
C SER B 227 65.27 14.80 25.51
N GLY B 228 64.55 15.05 26.60
CA GLY B 228 65.10 14.85 27.93
C GLY B 228 66.00 15.98 28.38
N GLU B 229 65.45 17.20 28.41
CA GLU B 229 66.23 18.36 28.83
C GLU B 229 66.55 18.33 30.32
N ARG B 230 65.77 17.58 31.11
CA ARG B 230 66.02 17.43 32.54
C ARG B 230 66.00 18.78 33.26
N PHE B 231 64.85 19.43 33.19
CA PHE B 231 64.67 20.71 33.89
C PHE B 231 64.73 20.50 35.40
N THR B 232 65.43 21.39 36.09
CA THR B 232 65.50 21.38 37.55
C THR B 232 65.22 22.78 38.06
N CYS B 233 64.29 22.89 39.00
CA CYS B 233 64.00 24.17 39.65
C CYS B 233 64.96 24.32 40.83
N THR B 234 65.99 25.14 40.64
CA THR B 234 67.00 25.34 41.67
C THR B 234 66.41 26.16 42.81
N VAL B 235 66.51 25.64 44.03
CA VAL B 235 65.99 26.30 45.22
C VAL B 235 67.13 26.50 46.20
N THR B 236 67.32 27.75 46.63
CA THR B 236 68.30 28.10 47.65
C THR B 236 67.54 28.57 48.89
N HIS B 237 67.74 27.87 50.00
CA HIS B 237 67.02 28.14 51.24
C HIS B 237 68.01 28.32 52.38
N THR B 238 67.61 29.14 53.35
CA THR B 238 68.50 29.47 54.46
C THR B 238 68.85 28.24 55.29
N ASP B 239 67.84 27.41 55.62
CA ASP B 239 68.10 26.25 56.46
C ASP B 239 69.00 25.25 55.76
N LEU B 240 68.82 25.05 54.46
CA LEU B 240 69.62 24.12 53.67
C LEU B 240 70.45 24.92 52.68
N PRO B 241 71.72 25.23 52.97
CA PRO B 241 72.51 26.03 52.03
C PRO B 241 72.70 25.36 50.67
N SER B 242 72.79 24.04 50.64
CA SER B 242 73.03 23.34 49.38
C SER B 242 71.79 23.40 48.51
N PRO B 243 71.87 23.93 47.28
CA PRO B 243 70.69 23.92 46.41
C PRO B 243 70.25 22.50 46.08
N LEU B 244 68.94 22.33 45.93
CA LEU B 244 68.34 21.04 45.61
C LEU B 244 67.94 21.00 44.15
N LYS B 245 68.14 19.84 43.52
CA LYS B 245 67.83 19.63 42.11
C LYS B 245 66.74 18.57 41.99
N GLN B 246 65.77 18.83 41.11
CA GLN B 246 64.65 17.91 40.87
C GLN B 246 64.47 17.82 39.36
N THR B 247 65.08 16.81 38.74
CA THR B 247 65.01 16.64 37.30
C THR B 247 63.64 16.13 36.87
N ILE B 248 63.16 16.66 35.75
CA ILE B 248 61.95 16.16 35.10
C ILE B 248 62.31 15.87 33.64
N SER B 249 62.13 14.62 33.22
CA SER B 249 62.53 14.22 31.88
C SER B 249 61.87 12.90 31.53
N ARG B 250 61.94 12.55 30.25
CA ARG B 250 61.38 11.30 29.76
C ARG B 250 62.48 10.25 29.69
N PRO B 251 62.40 9.16 30.46
CA PRO B 251 63.43 8.10 30.34
C PRO B 251 63.38 7.47 28.95
N LYS B 252 64.51 7.51 28.26
CA LYS B 252 64.59 6.93 26.92
C LYS B 252 64.45 5.41 26.92
N GLY B 253 64.68 4.76 28.07
CA GLY B 253 64.61 3.31 28.11
C GLY B 253 63.23 2.77 27.78
N VAL B 254 62.17 3.49 28.19
CA VAL B 254 60.82 3.03 27.94
C VAL B 254 60.57 2.98 26.43
N ALA B 255 60.00 1.87 25.97
CA ALA B 255 59.72 1.69 24.56
C ALA B 255 58.56 2.58 24.13
N LEU B 256 58.19 2.47 22.85
CA LEU B 256 57.06 3.19 22.28
C LEU B 256 56.31 2.23 21.38
N HIS B 257 55.26 1.62 21.91
CA HIS B 257 54.36 0.76 21.15
C HIS B 257 53.02 1.46 21.01
N ARG B 258 52.55 1.58 19.78
CA ARG B 258 51.31 2.30 19.55
C ARG B 258 50.13 1.53 20.15
N PRO B 259 49.19 2.21 20.81
CA PRO B 259 47.99 1.50 21.27
C PRO B 259 47.22 0.94 20.08
N ASP B 260 46.59 -0.20 20.32
CA ASP B 260 45.64 -0.78 19.37
C ASP B 260 44.26 -0.63 19.99
N VAL B 261 43.67 0.55 19.79
CA VAL B 261 42.41 0.88 20.43
C VAL B 261 41.27 0.20 19.69
N TYR B 262 40.45 -0.54 20.44
CA TYR B 262 39.31 -1.25 19.89
C TYR B 262 38.05 -0.77 20.60
N LEU B 263 36.98 -0.57 19.85
CA LEU B 263 35.72 -0.05 20.38
C LEU B 263 34.66 -1.14 20.27
N LEU B 264 34.32 -1.75 21.39
CA LEU B 264 33.36 -2.85 21.39
C LEU B 264 31.97 -2.29 21.68
N PRO B 265 31.00 -2.46 20.77
CA PRO B 265 29.67 -1.89 21.01
C PRO B 265 28.99 -2.57 22.20
N PRO B 266 27.84 -2.07 22.63
CA PRO B 266 27.16 -2.68 23.77
C PRO B 266 26.68 -4.09 23.45
N ALA B 267 26.76 -4.96 24.45
CA ALA B 267 26.27 -6.33 24.27
C ALA B 267 24.78 -6.30 23.96
N ARG B 268 24.37 -7.17 23.03
CA ARG B 268 22.95 -7.23 22.68
C ARG B 268 22.09 -7.62 23.87
N GLU B 269 22.67 -8.21 24.90
CA GLU B 269 21.93 -8.51 26.12
C GLU B 269 21.58 -7.25 26.90
N GLN B 270 22.33 -6.16 26.72
CA GLN B 270 21.94 -4.88 27.30
C GLN B 270 20.79 -4.25 26.55
N LEU B 271 20.89 -4.22 25.22
CA LEU B 271 19.86 -3.58 24.41
C LEU B 271 18.52 -4.31 24.56
N ASN B 272 18.55 -5.64 24.63
CA ASN B 272 17.31 -6.40 24.78
C ASN B 272 16.60 -6.03 26.07
N LEU B 273 17.34 -5.92 27.18
CA LEU B 273 16.72 -5.50 28.43
C LEU B 273 16.15 -4.09 28.33
N ARG B 274 16.75 -3.23 27.50
CA ARG B 274 16.16 -1.95 27.12
C ARG B 274 16.08 -0.99 28.31
N GLU B 275 17.22 -0.82 28.98
CA GLU B 275 17.37 0.25 29.97
C GLU B 275 18.52 1.18 29.62
N SER B 276 19.68 0.64 29.30
CA SER B 276 20.87 1.45 29.07
C SER B 276 21.95 0.60 28.42
N ALA B 277 22.74 1.23 27.58
CA ALA B 277 23.80 0.58 26.82
C ALA B 277 25.14 1.16 27.24
N THR B 278 26.10 0.27 27.54
CA THR B 278 27.42 0.68 28.01
C THR B 278 28.45 0.38 26.93
N ILE B 279 28.77 1.41 26.13
CA ILE B 279 29.86 1.29 25.17
C ILE B 279 31.18 1.19 25.93
N THR B 280 32.06 0.31 25.47
CA THR B 280 33.36 0.12 26.10
C THR B 280 34.46 0.25 25.05
N CYS B 281 35.47 1.06 25.37
CA CYS B 281 36.63 1.27 24.53
C CYS B 281 37.80 0.52 25.14
N LEU B 282 38.44 -0.34 24.36
CA LEU B 282 39.54 -1.16 24.82
C LEU B 282 40.82 -0.65 24.18
N VAL B 283 41.75 -0.21 25.02
CA VAL B 283 43.05 0.31 24.58
C VAL B 283 44.10 -0.69 25.02
N THR B 284 44.79 -1.31 24.06
CA THR B 284 45.76 -2.35 24.34
C THR B 284 47.04 -2.13 23.53
N GLY B 285 48.14 -2.63 24.04
CA GLY B 285 49.38 -2.65 23.30
C GLY B 285 50.26 -1.43 23.40
N PHE B 286 50.08 -0.59 24.43
CA PHE B 286 50.88 0.60 24.61
C PHE B 286 51.87 0.38 25.75
N SER B 287 53.15 0.66 25.50
CA SER B 287 54.19 0.41 26.50
C SER B 287 54.23 1.52 27.53
N PRO B 288 54.23 2.81 27.15
CA PRO B 288 54.16 3.86 28.17
C PRO B 288 52.77 3.92 28.79
N ALA B 289 52.74 4.11 30.10
CA ALA B 289 51.49 4.13 30.85
C ALA B 289 50.92 5.54 30.96
N ASP B 290 50.76 6.22 29.82
CA ASP B 290 50.33 7.60 29.78
C ASP B 290 49.23 7.78 28.74
N VAL B 291 48.23 6.90 28.75
CA VAL B 291 47.12 7.04 27.83
C VAL B 291 46.19 8.13 28.32
N PHE B 292 45.46 8.73 27.38
CA PHE B 292 44.42 9.72 27.71
C PHE B 292 43.28 9.52 26.73
N VAL B 293 42.13 9.07 27.24
CA VAL B 293 40.98 8.70 26.43
C VAL B 293 39.91 9.76 26.59
N GLN B 294 39.42 10.28 25.47
CA GLN B 294 38.27 11.16 25.44
C GLN B 294 37.17 10.52 24.60
N TRP B 295 35.92 10.78 24.98
CA TRP B 295 34.75 10.32 24.25
C TRP B 295 34.09 11.54 23.63
N MET B 296 33.89 11.49 22.31
CA MET B 296 33.21 12.54 21.59
C MET B 296 31.95 11.97 20.96
N GLN B 297 30.82 12.61 21.24
CA GLN B 297 29.53 12.25 20.66
C GLN B 297 29.11 13.34 19.71
N ARG B 298 28.78 12.96 18.47
CA ARG B 298 28.37 13.92 17.45
C ARG B 298 29.42 14.99 17.22
N GLY B 299 30.70 14.61 17.37
CA GLY B 299 31.80 15.52 17.11
C GLY B 299 32.08 16.52 18.21
N GLN B 300 31.40 16.43 19.35
CA GLN B 300 31.59 17.34 20.46
C GLN B 300 32.11 16.56 21.68
N PRO B 301 33.16 17.02 22.34
CA PRO B 301 33.67 16.27 23.49
C PRO B 301 32.61 16.12 24.58
N LEU B 302 32.64 14.98 25.25
CA LEU B 302 31.76 14.70 26.37
C LEU B 302 32.49 14.98 27.67
N SER B 303 31.73 15.39 28.68
CA SER B 303 32.33 15.72 29.98
C SER B 303 32.98 14.47 30.57
N PRO B 304 34.11 14.60 31.27
CA PRO B 304 34.75 13.42 31.86
C PRO B 304 33.87 12.68 32.87
N GLU B 305 32.74 13.27 33.25
CA GLU B 305 31.85 12.61 34.19
C GLU B 305 31.12 11.43 33.58
N LYS B 306 30.80 11.49 32.29
CA LYS B 306 29.94 10.45 31.70
C LYS B 306 30.66 9.12 31.54
N TYR B 307 31.98 9.14 31.39
CA TYR B 307 32.76 7.93 31.21
C TYR B 307 33.80 7.82 32.31
N VAL B 308 34.22 6.58 32.60
CA VAL B 308 35.25 6.30 33.60
C VAL B 308 36.35 5.51 32.93
N THR B 309 37.54 6.09 32.85
CA THR B 309 38.68 5.46 32.19
C THR B 309 39.50 4.71 33.25
N SER B 310 39.58 3.40 33.08
CA SER B 310 40.39 2.60 33.99
C SER B 310 41.85 3.02 33.89
N ALA B 311 42.52 3.05 35.02
CA ALA B 311 43.93 3.40 35.03
C ALA B 311 44.72 2.35 34.24
N PRO B 312 45.81 2.73 33.58
CA PRO B 312 46.59 1.74 32.83
C PRO B 312 47.18 0.69 33.76
N MET B 313 46.77 -0.56 33.57
CA MET B 313 47.26 -1.68 34.36
C MET B 313 48.17 -2.57 33.52
N PRO B 314 49.09 -3.31 34.15
CA PRO B 314 49.96 -4.20 33.38
C PRO B 314 49.15 -5.26 32.65
N GLU B 315 49.66 -5.66 31.48
CA GLU B 315 49.08 -6.76 30.73
C GLU B 315 49.96 -7.99 30.92
N PRO B 316 49.53 -9.00 31.69
CA PRO B 316 50.41 -10.15 31.92
C PRO B 316 50.82 -10.86 30.64
N GLN B 317 49.95 -10.88 29.63
CA GLN B 317 50.25 -11.61 28.40
C GLN B 317 51.27 -10.88 27.53
N ALA B 318 51.42 -9.57 27.72
CA ALA B 318 52.42 -8.78 27.01
C ALA B 318 53.27 -8.02 28.03
N PRO B 319 54.48 -8.49 28.35
CA PRO B 319 55.24 -7.84 29.42
C PRO B 319 55.52 -6.37 29.16
N GLY B 320 55.78 -5.99 27.92
CA GLY B 320 56.14 -4.63 27.58
C GLY B 320 54.99 -3.73 27.18
N ARG B 321 53.73 -4.19 27.36
CA ARG B 321 52.57 -3.42 26.95
C ARG B 321 51.54 -3.42 28.07
N TYR B 322 50.84 -2.31 28.20
CA TYR B 322 49.76 -2.14 29.18
C TYR B 322 48.44 -1.97 28.42
N PHE B 323 47.34 -2.14 29.14
CA PHE B 323 46.02 -1.97 28.55
C PHE B 323 45.16 -1.14 29.50
N ALA B 324 44.15 -0.48 28.92
CA ALA B 324 43.21 0.33 29.69
C ALA B 324 41.90 0.38 28.95
N HIS B 325 40.80 0.43 29.71
CA HIS B 325 39.46 0.51 29.15
C HIS B 325 38.76 1.74 29.69
N SER B 326 37.74 2.20 28.96
CA SER B 326 37.00 3.41 29.31
C SER B 326 35.56 3.22 28.86
N ILE B 327 34.71 2.75 29.78
CA ILE B 327 33.33 2.49 29.46
C ILE B 327 32.53 3.79 29.46
N LEU B 328 31.56 3.87 28.57
CA LEU B 328 30.65 5.01 28.49
C LEU B 328 29.25 4.47 28.35
N THR B 329 28.35 4.91 29.22
CA THR B 329 26.98 4.39 29.29
C THR B 329 25.99 5.47 28.87
N VAL B 330 25.08 5.10 27.97
CA VAL B 330 24.07 6.00 27.47
C VAL B 330 22.72 5.32 27.54
N SER B 331 21.67 6.14 27.58
CA SER B 331 20.31 5.61 27.59
C SER B 331 20.01 4.88 26.28
N GLU B 332 19.27 3.78 26.40
CA GLU B 332 18.97 2.96 25.24
C GLU B 332 18.26 3.79 24.17
N GLU B 333 17.39 4.69 24.61
CA GLU B 333 16.70 5.59 23.67
C GLU B 333 17.68 6.51 22.96
N GLU B 334 18.89 6.68 23.50
CA GLU B 334 19.91 7.48 22.84
C GLU B 334 20.80 6.66 21.93
N TRP B 335 21.08 5.41 22.28
CA TRP B 335 21.90 4.57 21.42
C TRP B 335 21.13 4.10 20.20
N ASN B 336 19.86 3.72 20.38
CA ASN B 336 19.03 3.37 19.23
C ASN B 336 18.75 4.56 18.33
N THR B 337 19.01 5.78 18.80
CA THR B 337 18.81 6.95 17.96
C THR B 337 19.76 6.96 16.76
N GLY B 338 20.88 6.24 16.86
CA GLY B 338 21.87 6.21 15.81
C GLY B 338 23.07 7.11 16.02
N GLU B 339 23.23 7.70 17.20
CA GLU B 339 24.36 8.58 17.46
C GLU B 339 25.66 7.79 17.36
N THR B 340 26.70 8.45 16.85
CA THR B 340 28.02 7.85 16.68
C THR B 340 28.94 8.37 17.77
N TYR B 341 29.47 7.46 18.59
CA TYR B 341 30.40 7.81 19.67
C TYR B 341 31.80 7.46 19.21
N THR B 342 32.71 8.42 19.29
CA THR B 342 34.09 8.24 18.84
C THR B 342 35.00 8.21 20.05
N CYS B 343 35.75 7.13 20.20
CA CYS B 343 36.69 6.97 21.31
C CYS B 343 38.05 7.54 20.90
N VAL B 344 38.26 8.81 21.19
CA VAL B 344 39.57 9.41 20.97
C VAL B 344 40.52 8.87 22.03
N VAL B 345 41.65 8.31 21.60
CA VAL B 345 42.70 7.85 22.49
C VAL B 345 43.95 8.63 22.15
N ALA B 346 44.47 9.38 23.12
CA ALA B 346 45.64 10.21 22.93
C ALA B 346 46.82 9.54 23.62
N HIS B 347 47.91 9.33 22.87
CA HIS B 347 49.04 8.58 23.39
C HIS B 347 50.31 9.08 22.72
N GLU B 348 51.44 8.87 23.41
CA GLU B 348 52.72 9.33 22.90
C GLU B 348 53.18 8.53 21.70
N ALA B 349 53.10 7.19 21.79
CA ALA B 349 53.66 6.32 20.76
C ALA B 349 52.91 6.39 19.43
N LEU B 350 51.71 6.95 19.41
CA LEU B 350 50.93 6.96 18.18
C LEU B 350 51.66 7.75 17.10
N PRO B 351 51.60 7.33 15.84
CA PRO B 351 52.26 8.11 14.78
C PRO B 351 51.72 9.52 14.68
N ASN B 352 50.43 9.71 14.93
CA ASN B 352 49.80 11.02 14.91
C ASN B 352 49.40 11.51 16.30
N ARG B 353 49.77 10.78 17.35
CA ARG B 353 49.51 11.16 18.73
C ARG B 353 48.03 11.09 19.10
N VAL B 354 47.17 10.69 18.17
CA VAL B 354 45.74 10.57 18.42
C VAL B 354 45.14 9.54 17.47
N THR B 355 44.22 8.73 17.98
CA THR B 355 43.51 7.75 17.18
C THR B 355 42.03 7.81 17.54
N GLU B 356 41.17 7.45 16.59
CA GLU B 356 39.73 7.46 16.77
C GLU B 356 39.14 6.14 16.32
N ARG B 357 38.12 5.69 17.05
CA ARG B 357 37.29 4.58 16.63
C ARG B 357 35.85 4.96 16.82
N THR B 358 35.01 4.66 15.84
CA THR B 358 33.60 5.05 15.84
C THR B 358 32.74 3.82 16.08
N VAL B 359 31.81 3.94 17.02
CA VAL B 359 30.80 2.92 17.29
C VAL B 359 29.43 3.52 16.98
N ASP B 360 28.59 2.75 16.31
CA ASP B 360 27.32 3.23 15.82
C ASP B 360 26.25 2.22 16.15
N LYS B 361 24.99 2.61 15.98
CA LYS B 361 23.89 1.68 16.19
C LYS B 361 24.05 0.44 15.32
N SER B 362 24.68 0.58 14.15
CA SER B 362 24.78 -0.49 13.16
C SER B 362 26.21 -0.93 12.92
N THR B 363 27.11 -0.74 13.88
CA THR B 363 28.49 -1.17 13.69
C THR B 363 28.58 -2.69 13.65
N GLY B 364 27.93 -3.37 14.57
CA GLY B 364 27.84 -4.82 14.55
C GLY B 364 26.45 -5.28 14.19
N LYS B 365 26.26 -5.72 12.95
CA LYS B 365 24.96 -6.15 12.47
C LYS B 365 25.13 -7.48 11.75
N PRO B 366 24.11 -8.34 11.78
CA PRO B 366 24.20 -9.59 11.00
C PRO B 366 24.08 -9.30 9.51
N THR B 367 25.19 -9.41 8.79
CA THR B 367 25.20 -9.03 7.38
C THR B 367 24.34 -9.93 6.52
N LEU B 368 23.98 -11.13 7.01
CA LEU B 368 23.25 -12.10 6.19
C LEU B 368 22.24 -12.83 7.07
N TYR B 369 20.97 -12.54 6.86
CA TYR B 369 19.89 -13.31 7.46
C TYR B 369 19.53 -14.45 6.51
N ASN B 370 19.58 -15.68 7.01
CA ASN B 370 19.34 -16.87 6.21
C ASN B 370 18.25 -17.70 6.89
N VAL B 371 17.00 -17.37 6.61
CA VAL B 371 15.86 -18.09 7.17
C VAL B 371 15.26 -18.94 6.05
N SER B 372 14.72 -20.09 6.42
CA SER B 372 14.15 -21.04 5.46
C SER B 372 12.93 -21.68 6.10
N LEU B 373 11.77 -21.07 5.87
CA LEU B 373 10.53 -21.58 6.45
C LEU B 373 10.07 -22.83 5.68
N VAL B 374 9.79 -23.89 6.40
CA VAL B 374 9.36 -25.17 5.81
C VAL B 374 8.03 -25.53 6.45
N MET B 375 6.93 -25.25 5.75
CA MET B 375 5.58 -25.45 6.28
C MET B 375 4.95 -26.63 5.54
N SER B 376 4.58 -27.66 6.29
CA SER B 376 3.97 -28.87 5.75
C SER B 376 2.55 -29.01 6.30
N ASP B 377 1.90 -30.12 5.94
CA ASP B 377 0.56 -30.42 6.39
C ASP B 377 0.47 -31.71 7.20
N THR B 378 1.42 -32.62 7.05
CA THR B 378 1.45 -33.88 7.77
C THR B 378 2.72 -33.96 8.61
N ALA B 379 2.87 -35.05 9.34
CA ALA B 379 4.04 -35.26 10.19
C ALA B 379 5.32 -35.28 9.35
N ILE C 152 68.36 39.98 -4.48
CA ILE C 152 68.02 41.22 -3.82
C ILE C 152 66.70 41.06 -3.08
N ARG C 153 65.62 40.90 -3.84
CA ARG C 153 64.30 40.73 -3.25
C ARG C 153 64.26 39.43 -2.45
N VAL C 154 63.51 39.44 -1.34
CA VAL C 154 63.46 38.33 -0.41
C VAL C 154 62.03 37.82 -0.33
N PHE C 155 61.90 36.52 -0.06
CA PHE C 155 60.62 35.86 0.12
C PHE C 155 60.53 35.32 1.54
N ALA C 156 59.42 35.60 2.22
CA ALA C 156 59.15 35.10 3.56
C ALA C 156 58.09 34.03 3.46
N ILE C 157 58.37 32.86 4.06
CA ILE C 157 57.48 31.71 3.95
C ILE C 157 56.92 31.37 5.33
N PRO C 158 55.69 31.76 5.66
CA PRO C 158 55.12 31.33 6.93
C PRO C 158 54.93 29.82 6.94
N PRO C 159 55.08 29.17 8.10
CA PRO C 159 54.88 27.72 8.15
C PRO C 159 53.42 27.36 7.90
N SER C 160 53.19 26.50 6.92
CA SER C 160 51.85 26.04 6.61
C SER C 160 51.41 24.99 7.63
N PHE C 161 50.11 24.69 7.62
CA PHE C 161 49.59 23.67 8.54
C PHE C 161 50.22 22.32 8.27
N ALA C 162 50.54 22.03 7.01
CA ALA C 162 51.22 20.77 6.71
C ALA C 162 52.61 20.72 7.33
N SER C 163 53.36 21.82 7.22
CA SER C 163 54.72 21.83 7.75
C SER C 163 54.75 21.66 9.26
N ILE C 164 53.93 22.43 9.97
CA ILE C 164 53.88 22.32 11.42
C ILE C 164 53.42 20.92 11.83
N PHE C 165 52.48 20.35 11.08
CA PHE C 165 51.91 19.07 11.46
C PHE C 165 52.78 17.89 11.02
N LEU C 166 53.26 17.92 9.78
CA LEU C 166 54.00 16.77 9.25
C LEU C 166 55.27 16.52 10.04
N THR C 167 56.03 17.58 10.33
CA THR C 167 57.30 17.44 11.05
C THR C 167 57.16 17.65 12.55
N LYS C 168 55.96 17.93 13.05
CA LYS C 168 55.73 18.20 14.47
C LYS C 168 56.58 19.36 14.97
N SER C 169 57.01 20.24 14.07
CA SER C 169 57.84 21.37 14.44
C SER C 169 57.59 22.51 13.46
N THR C 170 57.88 23.73 13.91
CA THR C 170 57.62 24.94 13.14
C THR C 170 58.89 25.36 12.42
N LYS C 171 58.85 25.33 11.08
CA LYS C 171 60.00 25.67 10.25
C LYS C 171 59.76 27.02 9.61
N LEU C 172 60.65 27.98 9.88
CA LEU C 172 60.55 29.35 9.38
C LEU C 172 61.67 29.58 8.36
N THR C 173 61.41 29.22 7.11
CA THR C 173 62.38 29.34 6.03
C THR C 173 62.25 30.70 5.36
N CYS C 174 63.38 31.33 5.09
CA CYS C 174 63.44 32.63 4.42
C CYS C 174 64.39 32.51 3.24
N LEU C 175 63.84 32.35 2.05
CA LEU C 175 64.63 32.21 0.83
C LEU C 175 64.76 33.56 0.13
N VAL C 176 65.84 33.70 -0.65
CA VAL C 176 66.13 34.92 -1.40
C VAL C 176 66.24 34.56 -2.87
N THR C 177 65.73 35.45 -3.72
CA THR C 177 65.79 35.28 -5.16
C THR C 177 66.39 36.53 -5.80
N ASP C 178 67.01 36.34 -6.96
CA ASP C 178 67.67 37.42 -7.68
C ASP C 178 68.80 38.01 -6.84
N LEU C 179 69.70 37.14 -6.38
CA LEU C 179 70.84 37.51 -5.55
C LEU C 179 72.11 36.92 -6.15
N THR C 180 73.11 37.76 -6.35
CA THR C 180 74.37 37.31 -6.94
C THR C 180 75.06 36.33 -5.99
N THR C 181 75.63 35.27 -6.57
CA THR C 181 76.23 34.22 -5.77
C THR C 181 77.46 34.72 -5.03
N TYR C 182 77.56 34.36 -3.75
CA TYR C 182 78.73 34.65 -2.95
C TYR C 182 78.76 33.70 -1.76
N ASP C 183 79.97 33.36 -1.32
CA ASP C 183 80.14 32.39 -0.25
C ASP C 183 79.66 32.95 1.07
N SER C 184 79.01 32.10 1.88
CA SER C 184 78.63 32.44 3.25
C SER C 184 77.71 33.66 3.30
N VAL C 185 76.52 33.50 2.71
CA VAL C 185 75.50 34.53 2.78
C VAL C 185 74.77 34.42 4.10
N THR C 186 74.61 35.54 4.80
CA THR C 186 74.02 35.57 6.13
C THR C 186 72.57 36.01 6.07
N ILE C 187 71.68 35.22 6.68
CA ILE C 187 70.27 35.54 6.78
C ILE C 187 69.83 35.26 8.20
N SER C 188 68.76 35.93 8.63
CA SER C 188 68.26 35.74 9.99
C SER C 188 66.82 36.21 10.09
N TRP C 189 66.10 35.62 11.04
CA TRP C 189 64.77 36.06 11.45
C TRP C 189 64.88 36.95 12.69
N THR C 190 63.77 37.63 13.00
CA THR C 190 63.68 38.45 14.19
C THR C 190 62.27 38.38 14.74
N ARG C 191 62.15 38.21 16.05
CA ARG C 191 60.85 38.14 16.70
C ARG C 191 60.42 39.52 17.16
N GLN C 192 59.32 39.58 17.92
CA GLN C 192 58.87 40.84 18.48
C GLN C 192 59.91 41.41 19.45
N ASN C 193 60.49 40.55 20.28
CA ASN C 193 61.57 40.98 21.16
C ASN C 193 62.92 41.04 20.46
N GLY C 194 63.02 40.54 19.23
CA GLY C 194 64.28 40.58 18.50
C GLY C 194 65.31 39.58 18.97
N GLU C 195 64.89 38.51 19.64
CA GLU C 195 65.84 37.53 20.15
C GLU C 195 66.56 36.83 18.99
N ALA C 196 67.80 36.44 19.24
CA ALA C 196 68.63 35.82 18.21
C ALA C 196 68.05 34.47 17.80
N VAL C 197 68.22 34.15 16.52
CA VAL C 197 67.69 32.92 15.93
C VAL C 197 68.73 31.81 16.02
N LYS C 198 68.29 30.56 15.85
CA LYS C 198 69.21 29.44 15.74
C LYS C 198 70.03 29.59 14.46
N THR C 199 71.31 29.24 14.54
CA THR C 199 72.22 29.38 13.41
C THR C 199 71.67 28.65 12.18
N HIS C 200 71.26 29.41 11.16
CA HIS C 200 70.66 28.81 9.98
C HIS C 200 71.64 27.89 9.28
N THR C 201 71.12 26.76 8.80
CA THR C 201 71.91 25.75 8.11
C THR C 201 71.16 25.30 6.86
N ASN C 202 71.74 24.34 6.15
CA ASN C 202 71.14 23.80 4.92
C ASN C 202 70.91 24.91 3.89
N ILE C 203 71.89 25.79 3.74
CA ILE C 203 71.80 26.84 2.75
C ILE C 203 72.04 26.25 1.36
N SER C 204 71.18 26.60 0.41
CA SER C 204 71.30 26.06 -0.93
C SER C 204 72.58 26.55 -1.59
N GLU C 205 73.11 25.73 -2.50
CA GLU C 205 74.35 26.05 -3.19
C GLU C 205 74.11 27.14 -4.24
N SER C 206 75.18 27.53 -4.93
CA SER C 206 75.08 28.54 -5.98
C SER C 206 74.51 27.89 -7.24
N HIS C 207 73.35 28.37 -7.69
CA HIS C 207 72.70 27.79 -8.84
C HIS C 207 73.43 28.18 -10.12
N PRO C 208 73.31 27.37 -11.19
CA PRO C 208 73.97 27.73 -12.45
C PRO C 208 73.48 29.04 -13.05
N ASN C 209 72.29 29.50 -12.71
CA ASN C 209 71.71 30.70 -13.30
C ASN C 209 72.21 31.98 -12.64
N ALA C 210 73.31 31.93 -11.89
CA ALA C 210 73.89 33.10 -11.25
C ALA C 210 72.95 33.73 -10.22
N THR C 211 71.98 32.96 -9.73
CA THR C 211 71.06 33.40 -8.68
C THR C 211 71.23 32.50 -7.48
N PHE C 212 71.47 33.09 -6.32
CA PHE C 212 71.72 32.36 -5.09
C PHE C 212 70.47 32.41 -4.20
N SER C 213 70.15 31.28 -3.57
CA SER C 213 69.01 31.18 -2.67
C SER C 213 69.53 30.92 -1.26
N ALA C 214 69.49 31.95 -0.42
CA ALA C 214 69.92 31.85 0.97
C ALA C 214 68.69 31.51 1.80
N VAL C 215 68.57 30.25 2.20
CA VAL C 215 67.43 29.78 2.99
C VAL C 215 67.82 29.82 4.46
N GLY C 216 67.00 30.50 5.27
CA GLY C 216 67.25 30.61 6.69
C GLY C 216 66.13 30.04 7.52
N GLU C 217 66.42 28.95 8.23
CA GLU C 217 65.42 28.23 9.01
C GLU C 217 65.73 28.37 10.50
N ALA C 218 64.69 28.66 11.29
CA ALA C 218 64.79 28.72 12.74
C ALA C 218 63.63 27.94 13.35
N SER C 219 63.96 27.08 14.31
CA SER C 219 62.95 26.30 15.02
C SER C 219 62.40 27.13 16.17
N ILE C 220 61.08 27.23 16.24
CA ILE C 220 60.40 28.02 17.26
C ILE C 220 59.33 27.16 17.92
N CYS C 221 58.89 27.58 19.09
CA CYS C 221 57.80 26.92 19.77
C CYS C 221 56.47 27.35 19.17
N GLU C 222 55.56 26.37 19.02
CA GLU C 222 54.30 26.65 18.35
C GLU C 222 53.48 27.69 19.12
N ASP C 223 53.73 27.82 20.44
CA ASP C 223 52.94 28.73 21.25
C ASP C 223 53.15 30.18 20.82
N ASP C 224 54.40 30.56 20.51
CA ASP C 224 54.64 31.94 20.11
C ASP C 224 53.97 32.27 18.79
N TRP C 225 54.01 31.35 17.82
CA TRP C 225 53.41 31.65 16.52
C TRP C 225 51.89 31.58 16.56
N ASN C 226 51.33 30.68 17.37
CA ASN C 226 49.88 30.57 17.46
C ASN C 226 49.28 31.60 18.41
N SER C 227 50.11 32.40 19.09
CA SER C 227 49.65 33.50 19.91
C SER C 227 49.53 34.81 19.14
N GLY C 228 49.84 34.81 17.85
CA GLY C 228 49.79 36.00 17.03
C GLY C 228 51.08 36.79 16.98
N GLU C 229 52.11 36.39 17.71
CA GLU C 229 53.37 37.12 17.70
C GLU C 229 54.00 37.05 16.30
N ARG C 230 54.48 38.18 15.83
CA ARG C 230 54.90 38.32 14.44
C ARG C 230 56.41 38.23 14.31
N PHE C 231 56.86 37.64 13.20
CA PHE C 231 58.28 37.46 12.90
C PHE C 231 58.65 38.31 11.69
N THR C 232 59.89 38.78 11.68
CA THR C 232 60.40 39.57 10.55
C THR C 232 61.74 38.98 10.11
N CYS C 233 61.89 38.77 8.81
CA CYS C 233 63.12 38.24 8.24
C CYS C 233 63.99 39.40 7.77
N THR C 234 65.25 39.40 8.18
CA THR C 234 66.21 40.43 7.81
C THR C 234 67.37 39.79 7.07
N VAL C 235 67.83 40.46 6.02
CA VAL C 235 68.93 39.97 5.18
C VAL C 235 70.09 40.94 5.30
N THR C 236 71.26 40.43 5.64
CA THR C 236 72.46 41.22 5.81
C THR C 236 73.57 40.61 4.96
N HIS C 237 73.99 41.33 3.92
CA HIS C 237 75.04 40.83 3.03
C HIS C 237 75.71 42.00 2.35
N THR C 238 76.98 41.79 1.97
CA THR C 238 77.71 42.83 1.25
C THR C 238 77.07 43.10 -0.12
N ASP C 239 76.63 42.04 -0.81
CA ASP C 239 76.02 42.21 -2.12
C ASP C 239 74.73 43.02 -2.01
N LEU C 240 73.93 42.76 -0.99
CA LEU C 240 72.67 43.47 -0.84
C LEU C 240 72.93 44.96 -0.60
N PRO C 241 72.26 45.87 -1.33
CA PRO C 241 72.48 47.30 -1.07
C PRO C 241 72.18 47.70 0.36
N SER C 242 71.13 47.13 0.96
CA SER C 242 70.75 47.45 2.33
C SER C 242 69.86 46.35 2.85
N PRO C 243 69.71 46.22 4.18
CA PRO C 243 68.83 45.18 4.72
C PRO C 243 67.39 45.39 4.29
N LEU C 244 66.68 44.27 4.11
CA LEU C 244 65.27 44.27 3.76
C LEU C 244 64.49 43.53 4.84
N LYS C 245 63.36 44.10 5.26
CA LYS C 245 62.55 43.55 6.33
C LYS C 245 61.21 43.09 5.75
N GLN C 246 60.85 41.83 6.00
CA GLN C 246 59.55 41.30 5.63
C GLN C 246 58.95 40.63 6.86
N THR C 247 57.77 41.09 7.27
CA THR C 247 57.12 40.60 8.48
C THR C 247 55.95 39.71 8.10
N ILE C 248 55.91 38.51 8.70
CA ILE C 248 54.84 37.56 8.47
C ILE C 248 54.38 37.00 9.81
N SER C 249 53.06 36.81 9.96
CA SER C 249 52.48 36.27 11.17
C SER C 249 51.32 35.36 10.79
N ARG C 250 50.80 34.63 11.76
CA ARG C 250 49.64 33.80 11.51
C ARG C 250 48.47 34.69 11.10
N PRO C 251 47.82 34.44 9.97
CA PRO C 251 46.62 35.21 9.65
C PRO C 251 45.55 35.02 10.72
N LYS C 252 44.82 36.09 11.01
CA LYS C 252 43.79 36.09 12.03
C LYS C 252 42.52 36.69 11.46
N GLY C 253 41.41 36.48 12.18
CA GLY C 253 40.12 36.94 11.76
C GLY C 253 39.30 35.93 10.97
N VAL C 254 39.84 34.73 10.73
CA VAL C 254 39.14 33.70 9.99
C VAL C 254 38.38 32.82 10.98
N ALA C 255 37.09 32.62 10.73
CA ALA C 255 36.26 31.84 11.63
C ALA C 255 36.61 30.36 11.47
N LEU C 256 36.86 29.69 12.59
CA LEU C 256 37.20 28.28 12.58
C LEU C 256 35.94 27.45 12.32
N HIS C 257 36.07 26.45 11.44
CA HIS C 257 34.96 25.56 11.11
C HIS C 257 35.48 24.13 11.05
N ARG C 258 34.75 23.21 11.67
CA ARG C 258 35.19 21.83 11.74
C ARG C 258 35.08 21.17 10.36
N PRO C 259 36.15 20.55 9.85
CA PRO C 259 36.00 19.77 8.61
C PRO C 259 35.07 18.59 8.83
N ASP C 260 34.37 18.22 7.77
CA ASP C 260 33.57 17.00 7.74
C ASP C 260 34.28 16.02 6.81
N VAL C 261 34.86 14.98 7.39
CA VAL C 261 35.64 14.00 6.63
C VAL C 261 34.67 12.88 6.25
N TYR C 262 34.16 12.95 5.03
CA TYR C 262 33.38 11.87 4.44
C TYR C 262 34.29 11.07 3.53
N LEU C 263 34.27 9.75 3.67
CA LEU C 263 35.13 8.87 2.91
C LEU C 263 34.27 7.99 2.01
N LEU C 264 34.45 8.13 0.70
CA LEU C 264 33.63 7.43 -0.29
C LEU C 264 34.37 6.20 -0.78
N PRO C 265 33.76 5.01 -0.78
CA PRO C 265 34.46 3.84 -1.31
C PRO C 265 34.45 3.85 -2.82
N PRO C 266 35.30 3.06 -3.47
CA PRO C 266 35.38 3.09 -4.93
C PRO C 266 34.10 2.59 -5.58
N ALA C 267 33.80 3.15 -6.74
CA ALA C 267 32.60 2.77 -7.47
C ALA C 267 32.67 1.31 -7.88
N ARG C 268 31.51 0.66 -7.87
CA ARG C 268 31.45 -0.73 -8.32
C ARG C 268 31.95 -0.87 -9.75
N GLU C 269 31.74 0.16 -10.58
CA GLU C 269 32.22 0.10 -11.94
C GLU C 269 33.75 0.00 -11.98
N GLN C 270 34.43 0.75 -11.11
CA GLN C 270 35.89 0.70 -11.10
C GLN C 270 36.41 -0.67 -10.71
N LEU C 271 35.69 -1.38 -9.84
CA LEU C 271 36.15 -2.70 -9.43
C LEU C 271 36.12 -3.67 -10.60
N ASN C 272 35.07 -3.61 -11.43
CA ASN C 272 34.96 -4.53 -12.55
C ASN C 272 36.11 -4.39 -13.54
N LEU C 273 36.81 -3.24 -13.55
CA LEU C 273 37.96 -3.10 -14.42
C LEU C 273 39.17 -3.88 -13.93
N ARG C 274 39.19 -4.26 -12.65
CA ARG C 274 40.17 -5.17 -12.07
C ARG C 274 41.57 -4.57 -11.98
N GLU C 275 41.76 -3.31 -12.40
CA GLU C 275 43.10 -2.72 -12.45
C GLU C 275 43.44 -1.93 -11.19
N SER C 276 42.50 -1.14 -10.68
CA SER C 276 42.77 -0.30 -9.52
C SER C 276 41.45 0.12 -8.88
N ALA C 277 41.54 0.63 -7.67
CA ALA C 277 40.39 1.16 -6.94
C ALA C 277 40.78 2.48 -6.30
N THR C 278 39.89 3.46 -6.40
CA THR C 278 40.11 4.80 -5.86
C THR C 278 39.25 4.97 -4.62
N ILE C 279 39.89 5.12 -3.47
CA ILE C 279 39.20 5.37 -2.21
C ILE C 279 39.35 6.86 -1.93
N THR C 280 38.38 7.65 -2.39
CA THR C 280 38.45 9.10 -2.28
C THR C 280 37.96 9.53 -0.90
N CYS C 281 38.77 10.31 -0.20
CA CYS C 281 38.42 10.90 1.08
C CYS C 281 38.00 12.35 0.84
N LEU C 282 36.81 12.69 1.28
CA LEU C 282 36.22 14.00 1.01
C LEU C 282 36.26 14.83 2.29
N VAL C 283 37.09 15.85 2.30
CA VAL C 283 37.19 16.79 3.41
C VAL C 283 36.47 18.06 2.98
N THR C 284 35.24 18.24 3.45
CA THR C 284 34.39 19.33 2.98
C THR C 284 33.86 20.12 4.17
N GLY C 285 33.68 21.43 3.94
CA GLY C 285 33.07 22.27 4.93
C GLY C 285 34.00 22.80 5.99
N PHE C 286 35.26 23.06 5.66
CA PHE C 286 36.25 23.52 6.62
C PHE C 286 36.80 24.88 6.23
N SER C 287 37.12 25.68 7.24
CA SER C 287 37.82 26.95 7.07
C SER C 287 38.83 27.07 8.20
N PRO C 288 39.99 27.68 7.95
CA PRO C 288 40.48 28.26 6.70
C PRO C 288 40.89 27.19 5.68
N ALA C 289 41.45 27.63 4.56
CA ALA C 289 41.80 26.72 3.46
C ALA C 289 43.20 26.15 3.66
N ASP C 290 43.38 25.46 4.80
CA ASP C 290 44.65 24.83 5.13
C ASP C 290 44.35 23.53 5.87
N VAL C 291 44.44 22.42 5.15
CA VAL C 291 44.18 21.09 5.70
C VAL C 291 45.35 20.18 5.32
N PHE C 292 45.60 19.17 6.14
CA PHE C 292 46.64 18.19 5.90
C PHE C 292 46.01 16.80 5.92
N VAL C 293 45.65 16.30 4.75
CA VAL C 293 45.01 14.99 4.62
C VAL C 293 46.09 13.94 4.44
N GLN C 294 46.02 12.88 5.22
CA GLN C 294 46.98 11.78 5.16
C GLN C 294 46.24 10.47 5.20
N TRP C 295 46.85 9.44 4.61
CA TRP C 295 46.27 8.11 4.54
C TRP C 295 47.10 7.15 5.36
N MET C 296 46.44 6.26 6.09
CA MET C 296 47.09 5.24 6.89
C MET C 296 46.41 3.90 6.67
N GLN C 297 47.21 2.85 6.53
CA GLN C 297 46.71 1.49 6.36
C GLN C 297 47.23 0.65 7.53
N ARG C 298 46.32 0.03 8.26
CA ARG C 298 46.68 -0.83 9.39
C ARG C 298 47.52 -0.06 10.42
N GLY C 299 47.26 1.23 10.55
CA GLY C 299 47.97 2.06 11.49
C GLY C 299 49.32 2.54 11.04
N GLN C 300 49.74 2.23 9.82
CA GLN C 300 51.02 2.64 9.29
C GLN C 300 50.81 3.64 8.16
N PRO C 301 51.46 4.81 8.16
CA PRO C 301 51.24 5.77 7.08
C PRO C 301 51.59 5.19 5.72
N LEU C 302 50.80 5.55 4.72
CA LEU C 302 51.05 5.12 3.36
C LEU C 302 51.92 6.14 2.63
N SER C 303 52.67 5.65 1.65
CA SER C 303 53.61 6.49 0.94
C SER C 303 52.85 7.61 0.21
N PRO C 304 53.34 8.85 0.24
CA PRO C 304 52.65 9.92 -0.51
C PRO C 304 52.54 9.66 -1.99
N GLU C 305 53.27 8.71 -2.55
CA GLU C 305 53.16 8.43 -3.97
C GLU C 305 51.81 7.82 -4.31
N LYS C 306 51.26 6.99 -3.41
CA LYS C 306 49.99 6.33 -3.72
C LYS C 306 48.83 7.29 -3.67
N TYR C 307 48.76 8.14 -2.64
CA TYR C 307 47.65 9.06 -2.48
C TYR C 307 48.05 10.47 -2.92
N VAL C 308 47.12 11.16 -3.58
CA VAL C 308 47.32 12.54 -4.03
C VAL C 308 46.17 13.38 -3.51
N THR C 309 46.50 14.51 -2.89
CA THR C 309 45.53 15.38 -2.25
C THR C 309 45.37 16.65 -3.07
N SER C 310 44.14 16.93 -3.50
CA SER C 310 43.86 18.16 -4.21
C SER C 310 43.96 19.35 -3.26
N ALA C 311 44.38 20.48 -3.79
CA ALA C 311 44.50 21.68 -2.97
C ALA C 311 43.11 22.15 -2.55
N PRO C 312 43.00 22.82 -1.40
CA PRO C 312 41.68 23.31 -0.97
C PRO C 312 41.11 24.30 -1.97
N MET C 313 39.79 24.28 -2.11
CA MET C 313 39.09 25.19 -3.01
C MET C 313 37.80 25.65 -2.35
N PRO C 314 37.30 26.83 -2.70
CA PRO C 314 36.07 27.33 -2.07
C PRO C 314 34.90 26.39 -2.34
N GLU C 315 34.03 26.26 -1.33
CA GLU C 315 32.82 25.46 -1.48
C GLU C 315 31.69 26.31 -2.04
N PRO C 316 30.93 25.82 -3.02
CA PRO C 316 29.89 26.67 -3.64
C PRO C 316 28.83 27.14 -2.65
N GLN C 317 28.46 26.31 -1.68
CA GLN C 317 27.30 26.64 -0.84
C GLN C 317 27.58 27.86 0.04
N ALA C 318 28.75 27.93 0.65
CA ALA C 318 29.08 29.03 1.55
C ALA C 318 30.42 29.65 1.16
N PRO C 319 30.60 30.96 1.40
CA PRO C 319 31.85 31.61 0.98
C PRO C 319 33.06 31.17 1.78
N GLY C 320 32.96 31.25 3.11
CA GLY C 320 34.11 30.94 3.94
C GLY C 320 34.53 29.49 3.86
N ARG C 321 33.57 28.58 3.73
CA ARG C 321 33.86 27.16 3.72
C ARG C 321 34.70 26.78 2.52
N TYR C 322 35.45 25.69 2.66
CA TYR C 322 36.24 25.11 1.59
C TYR C 322 36.04 23.60 1.60
N PHE C 323 36.63 22.94 0.61
CA PHE C 323 36.64 21.48 0.57
C PHE C 323 37.96 21.02 -0.02
N ALA C 324 38.13 19.71 -0.10
CA ALA C 324 39.35 19.13 -0.65
C ALA C 324 39.05 17.70 -1.08
N HIS C 325 40.10 16.95 -1.41
CA HIS C 325 39.97 15.56 -1.76
C HIS C 325 41.25 14.84 -1.40
N SER C 326 41.20 13.51 -1.48
CA SER C 326 42.40 12.70 -1.36
C SER C 326 42.05 11.31 -1.88
N ILE C 327 42.76 10.86 -2.91
CA ILE C 327 42.43 9.65 -3.63
C ILE C 327 43.58 8.66 -3.46
N LEU C 328 43.27 7.50 -2.91
CA LEU C 328 44.27 6.45 -2.67
C LEU C 328 44.01 5.32 -3.67
N THR C 329 44.78 5.30 -4.75
CA THR C 329 44.65 4.28 -5.77
C THR C 329 45.25 2.98 -5.25
N VAL C 330 44.42 1.95 -5.11
CA VAL C 330 44.86 0.65 -4.64
C VAL C 330 44.25 -0.43 -5.53
N SER C 331 45.04 -1.46 -5.80
CA SER C 331 44.56 -2.57 -6.62
C SER C 331 43.34 -3.22 -5.98
N GLU C 332 42.42 -3.68 -6.81
CA GLU C 332 41.21 -4.30 -6.29
C GLU C 332 41.53 -5.46 -5.36
N GLU C 333 42.60 -6.20 -5.65
CA GLU C 333 42.97 -7.32 -4.79
C GLU C 333 43.25 -6.84 -3.38
N GLU C 334 43.89 -5.67 -3.24
CA GLU C 334 44.12 -5.10 -1.92
C GLU C 334 42.84 -4.60 -1.28
N TRP C 335 41.76 -4.41 -2.05
CA TRP C 335 40.51 -3.89 -1.51
C TRP C 335 39.45 -4.95 -1.31
N ASN C 336 39.42 -6.01 -2.13
CA ASN C 336 38.45 -7.07 -1.89
C ASN C 336 38.66 -7.71 -0.52
N THR C 337 39.92 -7.98 -0.18
CA THR C 337 40.24 -8.35 1.19
C THR C 337 40.15 -7.11 2.07
N GLY C 338 39.43 -7.24 3.18
CA GLY C 338 39.19 -6.10 4.05
C GLY C 338 40.48 -5.45 4.52
N GLU C 339 40.62 -4.16 4.26
CA GLU C 339 41.78 -3.40 4.71
C GLU C 339 41.33 -2.04 5.22
N THR C 340 42.05 -1.53 6.21
CA THR C 340 41.61 -0.36 6.96
C THR C 340 41.45 0.86 6.06
N TYR C 341 42.55 1.34 5.49
CA TYR C 341 42.54 2.55 4.66
C TYR C 341 41.89 3.70 5.41
N THR C 342 42.53 4.10 6.50
CA THR C 342 42.06 5.24 7.27
C THR C 342 42.49 6.54 6.60
N CYS C 343 41.63 7.54 6.67
CA CYS C 343 41.91 8.87 6.12
C CYS C 343 42.14 9.82 7.27
N VAL C 344 43.40 10.07 7.61
CA VAL C 344 43.76 10.99 8.67
C VAL C 344 43.68 12.41 8.12
N VAL C 345 42.83 13.23 8.72
CA VAL C 345 42.63 14.61 8.31
C VAL C 345 43.01 15.50 9.48
N ALA C 346 43.99 16.37 9.27
CA ALA C 346 44.50 17.25 10.30
C ALA C 346 44.11 18.69 9.96
N HIS C 347 43.45 19.37 10.90
CA HIS C 347 42.97 20.71 10.65
C HIS C 347 42.84 21.44 11.97
N GLU C 348 42.93 22.76 11.91
CA GLU C 348 42.96 23.56 13.13
C GLU C 348 41.66 23.47 13.90
N ALA C 349 40.52 23.50 13.22
CA ALA C 349 39.22 23.57 13.88
C ALA C 349 38.84 22.30 14.61
N LEU C 350 39.47 21.17 14.33
CA LEU C 350 39.05 19.93 14.94
C LEU C 350 39.34 19.95 16.44
N PRO C 351 38.55 19.22 17.24
CA PRO C 351 38.78 19.25 18.70
C PRO C 351 40.19 18.83 19.09
N ASN C 352 40.77 17.85 18.40
CA ASN C 352 42.10 17.35 18.70
C ASN C 352 43.04 17.46 17.50
N ARG C 353 42.66 18.26 16.51
CA ARG C 353 43.43 18.54 15.30
C ARG C 353 43.57 17.33 14.38
N VAL C 354 42.82 16.25 14.60
CA VAL C 354 42.84 15.11 13.70
C VAL C 354 41.46 14.47 13.66
N THR C 355 41.22 13.76 12.56
CA THR C 355 40.00 12.96 12.40
C THR C 355 40.35 11.79 11.50
N GLU C 356 39.65 10.67 11.69
CA GLU C 356 39.89 9.48 10.91
C GLU C 356 38.56 8.93 10.41
N ARG C 357 38.63 8.24 9.27
CA ARG C 357 37.48 7.53 8.73
C ARG C 357 37.98 6.26 8.08
N THR C 358 37.59 5.11 8.63
CA THR C 358 38.02 3.82 8.14
C THR C 358 37.02 3.31 7.11
N VAL C 359 37.52 2.63 6.08
CA VAL C 359 36.66 2.02 5.07
C VAL C 359 37.16 0.60 4.81
N ASP C 360 36.24 -0.34 4.78
CA ASP C 360 36.53 -1.72 4.41
C ASP C 360 35.49 -2.17 3.39
N LYS C 361 35.74 -3.33 2.78
CA LYS C 361 34.69 -3.95 1.98
C LYS C 361 33.46 -4.22 2.84
N SER C 362 33.65 -4.40 4.14
CA SER C 362 32.54 -4.67 5.05
C SER C 362 31.73 -3.43 5.37
N THR C 363 32.36 -2.25 5.46
CA THR C 363 31.64 -1.04 5.80
C THR C 363 30.51 -0.80 4.80
N GLY C 364 29.34 -0.53 5.32
CA GLY C 364 28.12 -0.56 4.52
C GLY C 364 27.55 -1.97 4.46
N LYS C 365 27.45 -2.53 3.26
CA LYS C 365 27.03 -3.92 3.09
C LYS C 365 25.74 -4.17 3.85
N PRO C 366 24.60 -3.67 3.37
CA PRO C 366 23.35 -3.84 4.10
C PRO C 366 23.01 -5.31 4.27
N THR C 367 22.27 -5.59 5.35
CA THR C 367 21.91 -6.97 5.67
C THR C 367 21.22 -7.61 4.47
N LEU C 368 21.67 -8.79 4.08
CA LEU C 368 21.21 -9.47 2.88
C LEU C 368 20.31 -10.63 3.31
N TYR C 369 19.02 -10.34 3.44
CA TYR C 369 18.06 -11.37 3.81
C TYR C 369 17.95 -12.40 2.69
N ASN C 370 17.84 -13.66 3.07
CA ASN C 370 17.82 -14.79 2.14
C ASN C 370 16.68 -15.74 2.48
N VAL C 371 15.48 -15.19 2.67
CA VAL C 371 14.32 -16.00 2.98
C VAL C 371 14.11 -17.00 1.86
N SER C 372 14.18 -18.29 2.19
CA SER C 372 14.02 -19.37 1.22
C SER C 372 12.99 -20.34 1.79
N LEU C 373 11.73 -20.06 1.54
CA LEU C 373 10.63 -20.77 2.17
C LEU C 373 10.01 -21.76 1.20
N VAL C 374 9.91 -23.02 1.63
CA VAL C 374 9.20 -24.06 0.90
C VAL C 374 7.81 -24.13 1.51
N MET C 375 6.79 -23.95 0.70
CA MET C 375 5.41 -23.96 1.16
C MET C 375 4.57 -25.03 0.50
N SER C 376 5.04 -25.62 -0.60
CA SER C 376 4.28 -26.61 -1.34
C SER C 376 4.09 -27.91 -0.58
N ASP C 377 4.79 -28.12 0.54
CA ASP C 377 4.60 -29.32 1.33
C ASP C 377 3.15 -29.45 1.79
N THR C 378 2.45 -28.32 1.96
CA THR C 378 1.04 -28.36 2.29
C THR C 378 0.22 -28.78 1.09
N ALA C 379 -0.68 -29.75 1.29
CA ALA C 379 -1.52 -30.28 0.24
C ALA C 379 -3.01 -30.10 0.49
N GLY C 380 -3.41 -29.82 1.73
CA GLY C 380 -4.82 -29.63 2.06
C GLY C 380 -5.49 -30.92 2.51
N ILE D 152 58.90 43.54 -23.40
CA ILE D 152 57.46 43.31 -23.52
C ILE D 152 57.23 42.07 -24.37
N ARG D 153 56.68 41.03 -23.74
CA ARG D 153 56.40 39.77 -24.43
C ARG D 153 54.97 39.35 -24.13
N VAL D 154 54.21 39.03 -25.16
CA VAL D 154 52.80 38.72 -25.01
C VAL D 154 52.65 37.26 -24.58
N PHE D 155 51.89 37.03 -23.50
CA PHE D 155 51.59 35.68 -23.04
C PHE D 155 50.22 35.26 -23.59
N ALA D 156 50.21 34.99 -24.88
CA ALA D 156 49.00 34.51 -25.53
C ALA D 156 48.63 33.14 -24.97
N ILE D 157 47.35 32.94 -24.68
CA ILE D 157 46.84 31.70 -24.12
C ILE D 157 46.08 30.95 -25.20
N PRO D 158 46.31 29.64 -25.38
CA PRO D 158 45.49 28.89 -26.33
C PRO D 158 44.09 28.71 -25.79
N PRO D 159 43.10 28.50 -26.67
CA PRO D 159 41.73 28.28 -26.19
C PRO D 159 41.61 26.91 -25.52
N SER D 160 41.36 26.91 -24.22
CA SER D 160 41.24 25.68 -23.47
C SER D 160 40.02 24.88 -23.94
N PHE D 161 40.12 23.55 -23.84
CA PHE D 161 39.03 22.69 -24.25
C PHE D 161 37.73 23.05 -23.54
N ALA D 162 37.82 23.52 -22.29
CA ALA D 162 36.63 24.01 -21.61
C ALA D 162 36.03 25.19 -22.37
N SER D 163 36.88 26.11 -22.85
CA SER D 163 36.39 27.20 -23.68
C SER D 163 35.83 26.70 -25.00
N ILE D 164 36.47 25.67 -25.59
CA ILE D 164 36.00 25.15 -26.87
C ILE D 164 34.59 24.59 -26.74
N PHE D 165 34.35 23.80 -25.69
CA PHE D 165 33.08 23.08 -25.58
C PHE D 165 32.00 23.91 -24.89
N LEU D 166 32.37 24.80 -23.97
CA LEU D 166 31.37 25.61 -23.29
C LEU D 166 30.80 26.68 -24.21
N THR D 167 31.67 27.37 -24.96
CA THR D 167 31.24 28.45 -25.83
C THR D 167 31.01 28.02 -27.26
N LYS D 168 31.40 26.81 -27.64
CA LYS D 168 31.25 26.28 -28.99
C LYS D 168 32.09 27.04 -30.02
N SER D 169 32.99 27.93 -29.57
CA SER D 169 33.79 28.74 -30.46
C SER D 169 35.21 28.85 -29.92
N THR D 170 36.16 29.07 -30.82
CA THR D 170 37.57 29.17 -30.45
C THR D 170 37.90 30.65 -30.23
N LYS D 171 37.95 31.05 -28.96
CA LYS D 171 38.25 32.42 -28.58
C LYS D 171 39.65 32.50 -27.96
N LEU D 172 40.41 33.51 -28.38
CA LEU D 172 41.80 33.66 -28.00
C LEU D 172 42.03 35.04 -27.40
N THR D 173 43.15 35.16 -26.68
CA THR D 173 43.57 36.42 -26.09
C THR D 173 45.09 36.48 -26.10
N CYS D 174 45.62 37.69 -25.91
CA CYS D 174 47.05 37.97 -26.02
C CYS D 174 47.54 38.74 -24.81
N LEU D 175 47.22 38.24 -23.61
CA LEU D 175 47.72 38.84 -22.39
C LEU D 175 49.23 39.04 -22.48
N VAL D 176 49.71 40.12 -21.86
CA VAL D 176 51.08 40.58 -22.09
C VAL D 176 51.62 41.19 -20.80
N THR D 177 52.91 40.96 -20.56
CA THR D 177 53.66 41.72 -19.57
C THR D 177 54.26 42.94 -20.26
N ASP D 178 53.98 44.13 -19.70
CA ASP D 178 54.20 45.38 -20.41
C ASP D 178 55.08 46.31 -19.59
N LEU D 179 55.83 47.17 -20.30
CA LEU D 179 56.69 48.18 -19.70
C LEU D 179 56.07 49.57 -19.76
N THR D 180 55.67 50.02 -20.95
CA THR D 180 55.01 51.32 -21.12
C THR D 180 53.51 51.10 -21.05
N THR D 181 52.85 51.82 -20.12
CA THR D 181 51.51 51.43 -19.70
C THR D 181 50.52 51.43 -20.86
N TYR D 182 50.56 52.45 -21.72
CA TYR D 182 49.53 52.63 -22.73
C TYR D 182 50.13 52.99 -24.08
N ASP D 183 49.53 52.48 -25.13
CA ASP D 183 49.88 52.84 -26.51
C ASP D 183 48.64 52.76 -27.37
N SER D 184 48.65 53.50 -28.48
CA SER D 184 47.45 53.63 -29.30
C SER D 184 47.11 52.31 -30.01
N VAL D 185 48.09 51.68 -30.64
CA VAL D 185 47.79 50.52 -31.49
C VAL D 185 47.39 49.33 -30.63
N THR D 186 46.62 48.43 -31.24
CA THR D 186 45.95 47.34 -30.54
C THR D 186 46.45 45.98 -31.07
N ILE D 187 45.76 44.92 -30.66
CA ILE D 187 46.21 43.55 -30.90
C ILE D 187 45.89 43.14 -32.34
N SER D 188 46.65 42.15 -32.82
CA SER D 188 46.40 41.53 -34.11
C SER D 188 46.89 40.09 -34.07
N TRP D 189 46.34 39.26 -34.94
CA TRP D 189 46.66 37.84 -35.01
C TRP D 189 47.04 37.48 -36.44
N THR D 190 48.14 36.73 -36.58
CA THR D 190 48.65 36.34 -37.88
C THR D 190 48.86 34.83 -37.94
N ARG D 191 48.74 34.29 -39.15
CA ARG D 191 48.89 32.87 -39.40
C ARG D 191 49.97 32.67 -40.47
N GLN D 192 50.55 31.47 -40.49
CA GLN D 192 51.56 31.17 -41.50
C GLN D 192 51.01 31.34 -42.90
N ASN D 193 49.72 31.00 -43.10
CA ASN D 193 49.08 31.24 -44.39
C ASN D 193 48.98 32.73 -44.71
N GLY D 194 49.09 33.60 -43.72
CA GLY D 194 48.99 35.02 -43.96
C GLY D 194 47.60 35.52 -44.24
N GLU D 195 46.58 34.80 -43.80
CA GLU D 195 45.20 35.21 -44.04
C GLU D 195 44.88 36.47 -43.26
N ALA D 196 43.80 37.14 -43.66
CA ALA D 196 43.43 38.42 -43.08
C ALA D 196 43.20 38.28 -41.58
N VAL D 197 43.66 39.29 -40.83
CA VAL D 197 43.51 39.27 -39.38
C VAL D 197 42.04 39.44 -39.01
N LYS D 198 41.66 38.86 -37.87
CA LYS D 198 40.31 38.95 -37.37
C LYS D 198 40.13 40.19 -36.49
N THR D 199 38.88 40.62 -36.34
CA THR D 199 38.57 41.80 -35.57
C THR D 199 38.73 41.52 -34.08
N HIS D 200 39.43 42.41 -33.38
CA HIS D 200 39.63 42.32 -31.94
C HIS D 200 39.09 43.59 -31.30
N THR D 201 38.26 43.43 -30.27
CA THR D 201 37.58 44.54 -29.62
C THR D 201 37.62 44.37 -28.11
N ASN D 202 37.20 45.41 -27.41
CA ASN D 202 37.13 45.42 -25.95
C ASN D 202 38.50 45.13 -25.33
N ILE D 203 39.44 46.02 -25.61
CA ILE D 203 40.78 45.92 -25.05
C ILE D 203 40.78 46.47 -23.64
N SER D 204 41.54 45.84 -22.75
CA SER D 204 41.54 46.22 -21.35
C SER D 204 42.14 47.62 -21.17
N GLU D 205 41.65 48.32 -20.15
CA GLU D 205 42.11 49.68 -19.86
C GLU D 205 43.53 49.63 -19.29
N SER D 206 44.16 50.80 -19.26
CA SER D 206 45.54 50.90 -18.77
C SER D 206 45.64 50.34 -17.35
N HIS D 207 46.66 49.51 -17.14
CA HIS D 207 46.91 48.91 -15.83
C HIS D 207 47.77 49.86 -15.01
N PRO D 208 47.32 50.35 -13.85
CA PRO D 208 48.11 51.38 -13.13
C PRO D 208 49.52 50.94 -12.78
N ASN D 209 49.75 49.66 -12.49
CA ASN D 209 51.05 49.19 -12.03
C ASN D 209 52.04 48.96 -13.18
N ALA D 210 51.76 49.46 -14.38
CA ALA D 210 52.62 49.40 -15.55
C ALA D 210 52.67 48.01 -16.19
N THR D 211 52.05 47.00 -15.58
CA THR D 211 52.01 45.66 -16.15
C THR D 211 50.73 45.52 -16.99
N PHE D 212 50.64 46.38 -18.00
CA PHE D 212 49.47 46.40 -18.88
C PHE D 212 49.28 45.04 -19.54
N SER D 213 48.04 44.56 -19.51
CA SER D 213 47.64 43.32 -20.18
C SER D 213 46.50 43.63 -21.13
N ALA D 214 46.63 43.17 -22.37
CA ALA D 214 45.65 43.42 -23.41
C ALA D 214 45.07 42.10 -23.92
N VAL D 215 43.83 42.15 -24.38
CA VAL D 215 43.11 40.97 -24.85
C VAL D 215 42.69 41.21 -26.29
N GLY D 216 42.97 40.23 -27.15
CA GLY D 216 42.53 40.26 -28.53
C GLY D 216 41.75 39.03 -28.91
N GLU D 217 40.47 39.21 -29.24
CA GLU D 217 39.58 38.09 -29.54
C GLU D 217 39.55 37.82 -31.03
N ALA D 218 39.72 36.55 -31.39
CA ALA D 218 39.71 36.12 -32.79
C ALA D 218 38.91 34.84 -32.92
N SER D 219 38.32 34.65 -34.10
CA SER D 219 37.57 33.45 -34.43
C SER D 219 38.44 32.58 -35.34
N ILE D 220 38.68 31.35 -34.91
CA ILE D 220 39.55 30.42 -35.63
C ILE D 220 38.79 29.12 -35.83
N CYS D 221 38.95 28.53 -37.02
CA CYS D 221 38.31 27.26 -37.31
C CYS D 221 38.83 26.18 -36.39
N GLU D 222 37.91 25.35 -35.87
CA GLU D 222 38.31 24.28 -34.97
C GLU D 222 39.25 23.30 -35.66
N ASP D 223 38.95 22.96 -36.92
CA ASP D 223 39.81 22.03 -37.65
C ASP D 223 41.22 22.59 -37.80
N ASP D 224 41.33 23.88 -38.13
CA ASP D 224 42.65 24.49 -38.27
C ASP D 224 43.42 24.44 -36.95
N TRP D 225 42.75 24.78 -35.84
CA TRP D 225 43.40 24.65 -34.55
C TRP D 225 43.64 23.18 -34.19
N ASN D 226 42.73 22.30 -34.61
CA ASN D 226 42.92 20.88 -34.36
C ASN D 226 44.18 20.36 -35.02
N SER D 227 44.46 20.82 -36.25
CA SER D 227 45.65 20.39 -36.96
C SER D 227 46.93 20.81 -36.24
N GLY D 228 46.85 21.79 -35.33
CA GLY D 228 48.01 22.22 -34.60
C GLY D 228 48.87 23.25 -35.30
N GLU D 229 48.43 23.78 -36.44
CA GLU D 229 49.21 24.80 -37.13
C GLU D 229 49.41 26.01 -36.22
N ARG D 230 50.63 26.52 -36.21
CA ARG D 230 50.99 27.57 -35.27
C ARG D 230 50.34 28.89 -35.65
N PHE D 231 49.81 29.59 -34.65
CA PHE D 231 49.22 30.91 -34.81
C PHE D 231 50.06 31.91 -34.03
N THR D 232 50.42 33.01 -34.67
CA THR D 232 51.32 34.01 -34.10
C THR D 232 50.54 35.26 -33.73
N CYS D 233 50.60 35.65 -32.45
CA CYS D 233 50.02 36.90 -32.03
C CYS D 233 50.96 38.05 -32.38
N THR D 234 50.47 39.02 -33.14
CA THR D 234 51.23 40.18 -33.56
C THR D 234 50.65 41.41 -32.88
N VAL D 235 51.42 41.99 -31.95
CA VAL D 235 51.02 43.18 -31.22
C VAL D 235 52.04 44.26 -31.50
N THR D 236 51.57 45.42 -31.95
CA THR D 236 52.42 46.57 -32.22
C THR D 236 52.04 47.72 -31.31
N HIS D 237 53.05 48.46 -30.84
CA HIS D 237 52.84 49.59 -29.96
C HIS D 237 53.78 50.73 -30.38
N THR D 238 53.42 51.94 -29.95
CA THR D 238 54.26 53.10 -30.25
C THR D 238 55.63 52.97 -29.62
N ASP D 239 55.70 52.50 -28.37
CA ASP D 239 56.97 52.38 -27.70
C ASP D 239 57.88 51.37 -28.40
N LEU D 240 57.32 50.23 -28.81
CA LEU D 240 58.09 49.16 -29.46
C LEU D 240 57.66 49.03 -30.90
N PRO D 241 58.40 49.58 -31.87
CA PRO D 241 57.99 49.41 -33.27
C PRO D 241 57.97 47.96 -33.72
N SER D 242 58.84 47.11 -33.17
CA SER D 242 58.87 45.71 -33.55
C SER D 242 57.61 45.01 -33.02
N PRO D 243 56.84 44.33 -33.87
CA PRO D 243 55.67 43.61 -33.36
C PRO D 243 56.07 42.53 -32.36
N LEU D 244 55.22 42.34 -31.36
CA LEU D 244 55.44 41.30 -30.34
C LEU D 244 54.98 39.97 -30.91
N LYS D 245 55.82 39.40 -31.76
CA LYS D 245 55.50 38.16 -32.47
C LYS D 245 55.74 36.98 -31.54
N GLN D 246 54.65 36.38 -31.05
CA GLN D 246 54.71 35.20 -30.21
C GLN D 246 53.68 34.20 -30.73
N THR D 247 54.05 32.92 -30.76
CA THR D 247 53.24 31.89 -31.37
C THR D 247 52.81 30.85 -30.33
N ILE D 248 51.55 30.43 -30.42
CA ILE D 248 50.99 29.41 -29.54
C ILE D 248 50.29 28.35 -30.39
N SER D 249 50.54 27.09 -30.07
CA SER D 249 49.86 25.97 -30.71
C SER D 249 49.57 24.91 -29.66
N ARG D 250 48.50 24.16 -29.87
CA ARG D 250 48.18 23.08 -28.95
C ARG D 250 49.29 22.03 -29.00
N PRO D 251 49.83 21.61 -27.86
CA PRO D 251 50.93 20.63 -27.89
C PRO D 251 50.50 19.33 -28.57
N LYS D 252 51.40 18.78 -29.37
CA LYS D 252 51.22 17.51 -30.05
C LYS D 252 52.05 16.44 -29.35
N GLY D 253 52.02 15.23 -29.91
CA GLY D 253 52.84 14.14 -29.44
C GLY D 253 52.37 13.50 -28.14
N VAL D 254 51.20 13.86 -27.63
CA VAL D 254 50.66 13.30 -26.41
C VAL D 254 49.55 12.34 -26.77
N ALA D 255 49.66 11.09 -26.30
CA ALA D 255 48.66 10.08 -26.61
C ALA D 255 47.32 10.43 -25.98
N LEU D 256 46.25 10.15 -26.70
CA LEU D 256 44.89 10.40 -26.23
C LEU D 256 44.42 9.18 -25.44
N HIS D 257 44.03 9.40 -24.19
CA HIS D 257 43.54 8.35 -23.31
C HIS D 257 42.12 8.67 -22.89
N ARG D 258 41.23 7.70 -23.04
CA ARG D 258 39.82 7.93 -22.75
C ARG D 258 39.60 8.09 -21.25
N PRO D 259 38.98 9.17 -20.78
CA PRO D 259 38.67 9.27 -19.35
C PRO D 259 37.70 8.20 -18.92
N ASP D 260 37.85 7.75 -17.68
CA ASP D 260 36.90 6.86 -17.04
C ASP D 260 36.15 7.68 -15.99
N VAL D 261 34.83 7.78 -16.14
CA VAL D 261 34.01 8.61 -15.28
C VAL D 261 33.18 7.70 -14.39
N TYR D 262 33.34 7.88 -13.09
CA TYR D 262 32.73 7.04 -12.07
C TYR D 262 32.06 7.96 -11.06
N LEU D 263 30.74 7.86 -10.95
CA LEU D 263 29.95 8.79 -10.15
C LEU D 263 29.72 8.15 -8.79
N LEU D 264 30.53 8.54 -7.82
CA LEU D 264 30.43 7.98 -6.47
C LEU D 264 29.28 8.63 -5.73
N PRO D 265 28.29 7.89 -5.24
CA PRO D 265 27.19 8.53 -4.51
C PRO D 265 27.68 9.14 -3.22
N PRO D 266 26.83 9.89 -2.51
CA PRO D 266 27.26 10.49 -1.24
C PRO D 266 27.52 9.43 -0.19
N ALA D 267 28.46 9.72 0.70
CA ALA D 267 28.69 8.84 1.83
C ALA D 267 27.46 8.79 2.71
N ARG D 268 27.10 7.59 3.17
CA ARG D 268 25.96 7.46 4.06
C ARG D 268 26.16 8.28 5.32
N GLU D 269 27.41 8.51 5.73
CA GLU D 269 27.68 9.39 6.85
C GLU D 269 27.20 10.82 6.58
N GLN D 270 27.01 11.18 5.31
CA GLN D 270 26.52 12.50 4.95
C GLN D 270 25.00 12.52 4.83
N LEU D 271 24.42 11.55 4.13
CA LEU D 271 22.97 11.50 4.02
C LEU D 271 22.32 11.30 5.38
N ASN D 272 23.00 10.65 6.31
CA ASN D 272 22.43 10.49 7.65
C ASN D 272 22.23 11.83 8.34
N LEU D 273 23.04 12.83 7.98
CA LEU D 273 22.82 14.17 8.52
C LEU D 273 21.62 14.85 7.88
N ARG D 274 21.17 14.39 6.71
CA ARG D 274 20.00 14.94 6.05
C ARG D 274 20.13 16.46 5.88
N GLU D 275 21.32 16.90 5.48
CA GLU D 275 21.57 18.33 5.29
C GLU D 275 22.22 18.60 3.93
N SER D 276 22.94 17.62 3.39
CA SER D 276 23.60 17.80 2.11
C SER D 276 23.92 16.44 1.52
N ALA D 277 24.27 16.45 0.23
CA ALA D 277 24.62 15.22 -0.48
C ALA D 277 25.58 15.61 -1.61
N THR D 278 26.89 15.46 -1.35
CA THR D 278 27.91 15.88 -2.31
C THR D 278 28.21 14.72 -3.25
N ILE D 279 27.59 14.75 -4.42
CA ILE D 279 27.87 13.77 -5.47
C ILE D 279 29.16 14.18 -6.16
N THR D 280 30.07 13.23 -6.34
CA THR D 280 31.37 13.49 -6.95
C THR D 280 31.52 12.69 -8.23
N CYS D 281 31.94 13.38 -9.29
CA CYS D 281 32.21 12.77 -10.60
C CYS D 281 33.70 12.56 -10.71
N LEU D 282 34.14 11.33 -10.44
CA LEU D 282 35.56 11.00 -10.43
C LEU D 282 36.01 10.73 -11.86
N VAL D 283 36.75 11.66 -12.44
CA VAL D 283 37.26 11.54 -13.80
C VAL D 283 38.73 11.18 -13.68
N THR D 284 39.09 9.96 -14.09
CA THR D 284 40.46 9.47 -13.99
C THR D 284 40.88 8.81 -15.29
N GLY D 285 42.16 8.97 -15.62
CA GLY D 285 42.77 8.21 -16.68
C GLY D 285 42.91 8.90 -18.02
N PHE D 286 42.68 10.22 -18.09
CA PHE D 286 42.77 10.94 -19.34
C PHE D 286 44.13 11.62 -19.44
N SER D 287 44.79 11.45 -20.59
CA SER D 287 46.17 11.88 -20.76
C SER D 287 46.29 13.38 -21.04
N PRO D 288 45.56 13.94 -22.00
CA PRO D 288 45.57 15.40 -22.15
C PRO D 288 45.07 16.06 -20.88
N ALA D 289 45.76 17.14 -20.48
CA ALA D 289 45.40 17.81 -19.23
C ALA D 289 43.99 18.36 -19.27
N ASP D 290 43.54 18.82 -20.44
CA ASP D 290 42.25 19.48 -20.56
C ASP D 290 41.10 18.53 -20.23
N VAL D 291 40.05 19.11 -19.64
CA VAL D 291 38.81 18.39 -19.38
C VAL D 291 37.76 19.41 -18.99
N PHE D 292 36.49 19.10 -19.24
CA PHE D 292 35.38 19.98 -18.90
C PHE D 292 34.24 19.12 -18.40
N VAL D 293 34.00 19.16 -17.09
CA VAL D 293 32.95 18.39 -16.45
C VAL D 293 31.75 19.30 -16.24
N GLN D 294 30.58 18.83 -16.67
CA GLN D 294 29.34 19.56 -16.52
C GLN D 294 28.29 18.64 -15.91
N TRP D 295 27.43 19.20 -15.07
CA TRP D 295 26.45 18.43 -14.31
C TRP D 295 25.05 18.78 -14.80
N MET D 296 24.27 17.75 -15.11
CA MET D 296 22.88 17.91 -15.49
C MET D 296 22.02 17.15 -14.50
N GLN D 297 21.09 17.84 -13.84
CA GLN D 297 20.17 17.25 -12.88
C GLN D 297 18.81 17.10 -13.54
N ARG D 298 18.29 15.88 -13.54
CA ARG D 298 16.95 15.60 -14.05
C ARG D 298 16.78 16.09 -15.49
N GLY D 299 17.87 16.05 -16.25
CA GLY D 299 17.82 16.39 -17.66
C GLY D 299 18.06 17.85 -17.98
N GLN D 300 18.10 18.73 -16.98
CA GLN D 300 18.39 20.14 -17.22
C GLN D 300 19.80 20.48 -16.75
N PRO D 301 20.64 21.07 -17.60
CA PRO D 301 21.99 21.41 -17.15
C PRO D 301 21.97 22.40 -16.01
N LEU D 302 22.96 22.29 -15.13
CA LEU D 302 23.05 23.10 -13.93
C LEU D 302 24.14 24.16 -14.10
N SER D 303 23.93 25.30 -13.46
CA SER D 303 24.87 26.40 -13.58
C SER D 303 26.20 26.05 -12.92
N PRO D 304 27.31 26.63 -13.39
CA PRO D 304 28.61 26.31 -12.78
C PRO D 304 28.70 26.67 -11.31
N GLU D 305 27.78 27.47 -10.79
CA GLU D 305 27.82 27.83 -9.38
C GLU D 305 27.65 26.59 -8.49
N LYS D 306 26.73 25.71 -8.86
CA LYS D 306 26.38 24.60 -7.96
C LYS D 306 27.54 23.66 -7.73
N TYR D 307 28.30 23.35 -8.78
CA TYR D 307 29.36 22.35 -8.71
C TYR D 307 30.72 23.00 -8.91
N VAL D 308 31.74 22.41 -8.29
CA VAL D 308 33.12 22.86 -8.40
C VAL D 308 33.96 21.72 -8.94
N THR D 309 34.66 21.95 -10.04
CA THR D 309 35.49 20.96 -10.69
C THR D 309 36.94 21.16 -10.28
N SER D 310 37.53 20.14 -9.67
CA SER D 310 38.93 20.23 -9.28
C SER D 310 39.81 20.30 -10.50
N ALA D 311 40.89 21.07 -10.40
CA ALA D 311 41.82 21.18 -11.51
C ALA D 311 42.46 19.83 -11.78
N PRO D 312 42.71 19.47 -13.04
CA PRO D 312 43.37 18.19 -13.31
C PRO D 312 44.75 18.14 -12.67
N MET D 313 45.11 16.95 -12.18
CA MET D 313 46.40 16.72 -11.55
C MET D 313 46.94 15.38 -12.00
N PRO D 314 48.26 15.17 -11.96
CA PRO D 314 48.81 13.89 -12.38
C PRO D 314 48.28 12.76 -11.52
N GLU D 315 48.03 11.62 -12.17
CA GLU D 315 47.57 10.45 -11.43
C GLU D 315 48.72 9.87 -10.61
N PRO D 316 48.45 9.37 -9.40
CA PRO D 316 49.57 8.80 -8.61
C PRO D 316 50.28 7.65 -9.30
N GLN D 317 49.54 6.60 -9.68
CA GLN D 317 50.19 5.40 -10.22
C GLN D 317 50.70 5.65 -11.64
N ALA D 318 49.79 5.91 -12.57
CA ALA D 318 50.19 6.11 -13.95
C ALA D 318 50.73 7.53 -14.14
N PRO D 319 51.96 7.71 -14.61
CA PRO D 319 52.48 9.08 -14.72
C PRO D 319 51.88 9.87 -15.87
N GLY D 320 51.67 9.23 -17.02
CA GLY D 320 51.13 9.95 -18.16
C GLY D 320 49.70 10.40 -17.94
N ARG D 321 48.88 9.52 -17.36
CA ARG D 321 47.47 9.81 -17.19
C ARG D 321 47.26 10.87 -16.12
N TYR D 322 46.05 11.45 -16.10
CA TYR D 322 45.67 12.49 -15.15
C TYR D 322 44.36 12.09 -14.49
N PHE D 323 43.90 12.92 -13.56
CA PHE D 323 42.62 12.71 -12.91
C PHE D 323 42.04 14.06 -12.52
N ALA D 324 40.74 14.06 -12.22
CA ALA D 324 40.06 15.28 -11.80
C ALA D 324 38.83 14.91 -11.00
N HIS D 325 38.29 15.90 -10.29
CA HIS D 325 37.12 15.72 -9.46
C HIS D 325 36.10 16.80 -9.79
N SER D 326 34.83 16.50 -9.52
CA SER D 326 33.77 17.48 -9.71
C SER D 326 32.63 17.13 -8.75
N ILE D 327 32.59 17.81 -7.61
CA ILE D 327 31.60 17.54 -6.58
C ILE D 327 30.40 18.45 -6.81
N LEU D 328 29.21 17.85 -6.77
CA LEU D 328 27.95 18.59 -6.85
C LEU D 328 27.20 18.37 -5.55
N THR D 329 26.84 19.45 -4.88
CA THR D 329 26.20 19.40 -3.57
C THR D 329 24.74 19.75 -3.72
N VAL D 330 23.86 18.87 -3.24
CA VAL D 330 22.42 19.08 -3.27
C VAL D 330 21.84 18.67 -1.93
N SER D 331 20.82 19.40 -1.51
CA SER D 331 20.17 19.09 -0.23
C SER D 331 19.63 17.67 -0.24
N GLU D 332 19.73 17.01 0.91
CA GLU D 332 19.33 15.61 1.00
C GLU D 332 17.88 15.40 0.62
N GLU D 333 17.05 16.45 0.69
CA GLU D 333 15.68 16.33 0.19
C GLU D 333 15.67 15.99 -1.30
N GLU D 334 16.49 16.68 -2.08
CA GLU D 334 16.55 16.40 -3.51
C GLU D 334 17.11 15.02 -3.80
N TRP D 335 18.12 14.59 -3.04
CA TRP D 335 18.75 13.30 -3.31
C TRP D 335 17.77 12.16 -3.13
N ASN D 336 16.94 12.20 -2.08
CA ASN D 336 16.03 11.09 -1.81
C ASN D 336 14.96 10.95 -2.88
N THR D 337 14.60 12.02 -3.59
CA THR D 337 13.63 11.90 -4.66
C THR D 337 14.11 11.02 -5.80
N GLY D 338 15.44 10.88 -5.96
CA GLY D 338 15.99 10.08 -7.03
C GLY D 338 15.94 10.78 -8.36
N GLU D 339 16.66 11.90 -8.47
CA GLU D 339 16.57 12.78 -9.63
C GLU D 339 17.56 12.42 -10.73
N THR D 340 18.36 11.38 -10.57
CA THR D 340 19.27 10.92 -11.61
C THR D 340 20.23 12.04 -12.02
N TYR D 341 21.06 12.45 -11.08
CA TYR D 341 22.06 13.47 -11.35
C TYR D 341 23.11 12.89 -12.29
N THR D 342 23.28 13.49 -13.46
CA THR D 342 24.16 12.97 -14.49
C THR D 342 25.37 13.87 -14.66
N CYS D 343 26.52 13.25 -14.85
CA CYS D 343 27.78 13.95 -15.08
C CYS D 343 28.23 13.70 -16.51
N VAL D 344 28.46 14.78 -17.26
CA VAL D 344 28.98 14.69 -18.62
C VAL D 344 30.39 15.27 -18.61
N VAL D 345 31.35 14.49 -19.09
CA VAL D 345 32.74 14.90 -19.16
C VAL D 345 33.06 15.15 -20.62
N ALA D 346 33.68 16.29 -20.92
CA ALA D 346 34.06 16.64 -22.28
C ALA D 346 35.57 16.47 -22.40
N HIS D 347 36.00 15.58 -23.28
CA HIS D 347 37.42 15.33 -23.47
C HIS D 347 37.67 14.91 -24.91
N GLU D 348 38.90 15.14 -25.37
CA GLU D 348 39.24 14.87 -26.76
C GLU D 348 39.18 13.37 -27.07
N ALA D 349 39.75 12.55 -26.19
CA ALA D 349 39.90 11.12 -26.47
C ALA D 349 38.58 10.38 -26.58
N LEU D 350 37.49 10.93 -26.06
CA LEU D 350 36.23 10.21 -26.08
C LEU D 350 35.72 10.03 -27.51
N PRO D 351 35.00 8.94 -27.79
CA PRO D 351 34.55 8.71 -29.17
C PRO D 351 33.72 9.86 -29.74
N ASN D 352 32.84 10.45 -28.93
CA ASN D 352 32.03 11.59 -29.36
C ASN D 352 32.31 12.82 -28.51
N ARG D 353 33.45 12.85 -27.81
CA ARG D 353 33.90 14.01 -27.07
C ARG D 353 33.08 14.26 -25.81
N VAL D 354 32.10 13.41 -25.51
CA VAL D 354 31.33 13.51 -24.29
C VAL D 354 30.77 12.13 -23.92
N THR D 355 30.93 11.75 -22.66
CA THR D 355 30.35 10.53 -22.12
C THR D 355 29.66 10.86 -20.80
N GLU D 356 28.55 10.17 -20.55
CA GLU D 356 27.70 10.45 -19.41
C GLU D 356 27.79 9.33 -18.40
N ARG D 357 27.56 9.66 -17.13
CA ARG D 357 27.39 8.69 -16.07
C ARG D 357 26.37 9.24 -15.09
N THR D 358 25.30 8.49 -14.86
CA THR D 358 24.17 8.95 -14.08
C THR D 358 24.09 8.17 -12.77
N VAL D 359 23.97 8.90 -11.67
CA VAL D 359 23.82 8.31 -10.34
C VAL D 359 22.43 8.67 -9.83
N ASP D 360 21.75 7.68 -9.27
CA ASP D 360 20.39 7.85 -8.77
C ASP D 360 20.34 7.25 -7.37
N LYS D 361 19.37 7.70 -6.58
CA LYS D 361 19.27 7.21 -5.21
C LYS D 361 19.20 5.69 -5.16
N SER D 362 18.62 5.06 -6.18
CA SER D 362 18.51 3.61 -6.21
C SER D 362 19.83 2.93 -6.56
N THR D 363 20.63 3.53 -7.44
CA THR D 363 21.85 2.88 -7.90
C THR D 363 22.79 2.63 -6.73
N GLY D 364 23.46 1.47 -6.76
CA GLY D 364 24.34 1.07 -5.70
C GLY D 364 23.67 0.34 -4.56
N LYS D 365 22.35 0.16 -4.61
CA LYS D 365 21.63 -0.56 -3.57
C LYS D 365 21.63 -2.04 -3.89
N PRO D 366 22.25 -2.91 -3.08
CA PRO D 366 22.23 -4.34 -3.40
C PRO D 366 20.88 -4.98 -3.14
N THR D 367 20.74 -6.25 -3.49
CA THR D 367 19.49 -6.98 -3.29
C THR D 367 19.41 -7.39 -1.83
N LEU D 368 18.77 -6.55 -1.02
CA LEU D 368 18.62 -6.87 0.40
C LEU D 368 17.81 -8.16 0.58
N TYR D 369 16.65 -8.24 -0.05
CA TYR D 369 15.75 -9.37 0.09
C TYR D 369 15.94 -10.31 -1.09
N ASN D 370 16.20 -11.58 -0.81
CA ASN D 370 16.36 -12.61 -1.82
C ASN D 370 15.39 -13.73 -1.49
N VAL D 371 14.14 -13.57 -1.89
CA VAL D 371 13.10 -14.54 -1.58
C VAL D 371 13.19 -15.69 -2.57
N SER D 372 13.35 -16.90 -2.06
CA SER D 372 13.49 -18.10 -2.90
C SER D 372 12.27 -18.98 -2.68
N LEU D 373 11.19 -18.69 -3.41
CA LEU D 373 9.98 -19.49 -3.36
C LEU D 373 10.21 -20.74 -4.20
N VAL D 374 10.25 -21.90 -3.56
CA VAL D 374 10.43 -23.17 -4.26
C VAL D 374 9.34 -24.12 -3.81
N MET D 375 8.62 -24.67 -4.78
CA MET D 375 7.47 -25.53 -4.50
C MET D 375 7.87 -27.00 -4.49
N ILE E 152 21.76 18.61 -65.53
CA ILE E 152 21.89 19.94 -66.12
C ILE E 152 21.49 20.98 -65.10
N ARG E 153 20.29 20.83 -64.52
CA ARG E 153 19.80 21.77 -63.53
C ARG E 153 20.62 21.66 -62.25
N VAL E 154 20.88 22.80 -61.63
CA VAL E 154 21.68 22.84 -60.41
C VAL E 154 20.75 22.68 -59.21
N PHE E 155 21.12 21.78 -58.30
CA PHE E 155 20.33 21.48 -57.12
C PHE E 155 21.20 21.65 -55.88
N ALA E 156 20.54 21.91 -54.75
CA ALA E 156 21.22 22.26 -53.50
C ALA E 156 21.23 21.06 -52.55
N ILE E 157 22.39 20.78 -51.97
CA ILE E 157 22.55 19.71 -50.99
C ILE E 157 23.20 20.29 -49.74
N PRO E 158 22.45 20.97 -48.87
CA PRO E 158 23.05 21.51 -47.65
C PRO E 158 23.49 20.39 -46.72
N PRO E 159 24.54 20.60 -45.93
CA PRO E 159 24.92 19.57 -44.97
C PRO E 159 23.87 19.40 -43.88
N SER E 160 23.76 18.19 -43.36
CA SER E 160 22.83 17.87 -42.29
C SER E 160 23.62 17.48 -41.04
N PHE E 161 22.92 17.52 -39.90
CA PHE E 161 23.58 17.16 -38.65
C PHE E 161 24.06 15.72 -38.67
N ALA E 162 23.38 14.86 -39.42
CA ALA E 162 23.88 13.49 -39.58
C ALA E 162 25.24 13.48 -40.25
N SER E 163 25.46 14.40 -41.20
CA SER E 163 26.70 14.41 -41.95
C SER E 163 27.83 15.09 -41.18
N ILE E 164 27.60 16.31 -40.70
CA ILE E 164 28.69 17.08 -40.10
C ILE E 164 29.15 16.42 -38.79
N PHE E 165 28.22 15.86 -38.03
CA PHE E 165 28.60 15.24 -36.76
C PHE E 165 29.39 13.96 -36.99
N LEU E 166 28.97 13.15 -37.95
CA LEU E 166 29.69 11.91 -38.24
C LEU E 166 31.11 12.19 -38.71
N THR E 167 31.26 13.16 -39.62
CA THR E 167 32.57 13.52 -40.16
C THR E 167 33.30 14.56 -39.34
N LYS E 168 32.63 15.17 -38.36
CA LYS E 168 33.25 16.22 -37.53
C LYS E 168 33.70 17.41 -38.38
N SER E 169 33.05 17.62 -39.51
CA SER E 169 33.39 18.73 -40.39
C SER E 169 32.19 19.03 -41.28
N THR E 170 32.02 20.31 -41.60
CA THR E 170 30.91 20.76 -42.42
C THR E 170 31.27 20.60 -43.90
N LYS E 171 30.60 19.67 -44.57
CA LYS E 171 30.88 19.34 -45.97
C LYS E 171 29.72 19.86 -46.82
N LEU E 172 29.96 20.95 -47.53
CA LEU E 172 28.99 21.46 -48.49
C LEU E 172 29.06 20.65 -49.78
N THR E 173 27.90 20.29 -50.31
CA THR E 173 27.80 19.46 -51.51
C THR E 173 26.93 20.16 -52.54
N CYS E 174 27.42 20.21 -53.78
CA CYS E 174 26.66 20.70 -54.92
C CYS E 174 26.12 19.51 -55.71
N LEU E 175 25.05 19.75 -56.46
CA LEU E 175 24.43 18.71 -57.26
C LEU E 175 23.92 19.31 -58.57
N VAL E 176 24.36 18.73 -59.68
CA VAL E 176 23.83 19.04 -61.01
C VAL E 176 23.38 17.71 -61.61
N THR E 177 22.07 17.47 -61.60
CA THR E 177 21.53 16.15 -61.84
C THR E 177 21.54 15.81 -63.32
N ASP E 178 22.05 14.61 -63.64
CA ASP E 178 21.95 14.03 -64.98
C ASP E 178 22.54 14.95 -66.04
N LEU E 179 23.84 15.23 -65.92
CA LEU E 179 24.57 15.95 -66.95
C LEU E 179 25.40 14.97 -67.77
N THR E 180 25.40 15.15 -69.08
CA THR E 180 26.03 14.20 -69.98
C THR E 180 27.53 14.10 -69.69
N THR E 181 28.12 13.00 -70.16
CA THR E 181 29.53 12.70 -69.90
C THR E 181 30.40 13.63 -70.74
N TYR E 182 30.69 14.82 -70.21
CA TYR E 182 31.53 15.81 -70.90
C TYR E 182 32.76 16.10 -70.05
N ASP E 183 33.60 17.02 -70.51
CA ASP E 183 34.88 17.32 -69.88
C ASP E 183 34.86 18.75 -69.34
N SER E 184 35.90 19.09 -68.58
CA SER E 184 36.09 20.44 -68.04
C SER E 184 34.96 20.82 -67.08
N VAL E 185 34.88 20.05 -65.99
CA VAL E 185 33.94 20.35 -64.91
C VAL E 185 34.63 21.30 -63.94
N THR E 186 34.01 22.45 -63.70
CA THR E 186 34.55 23.46 -62.81
C THR E 186 33.52 23.80 -61.74
N ILE E 187 33.92 23.72 -60.48
CA ILE E 187 33.06 24.04 -59.34
C ILE E 187 33.84 24.91 -58.37
N SER E 188 33.21 25.99 -57.91
CA SER E 188 33.78 26.85 -56.88
C SER E 188 32.67 27.27 -55.94
N TRP E 189 33.06 27.67 -54.72
CA TRP E 189 32.13 27.99 -53.66
C TRP E 189 32.36 29.43 -53.21
N THR E 190 31.26 30.17 -53.01
CA THR E 190 31.33 31.58 -52.64
C THR E 190 30.15 31.94 -51.77
N ARG E 191 30.41 32.78 -50.77
CA ARG E 191 29.36 33.40 -49.97
C ARG E 191 28.97 34.71 -50.65
N GLN E 192 28.17 35.54 -49.96
CA GLN E 192 27.78 36.82 -50.54
C GLN E 192 28.99 37.70 -50.80
N ASN E 193 29.90 37.79 -49.84
CA ASN E 193 31.13 38.56 -50.05
C ASN E 193 31.95 37.98 -51.19
N GLY E 194 32.09 36.66 -51.24
CA GLY E 194 32.68 35.98 -52.38
C GLY E 194 34.14 35.60 -52.26
N GLU E 195 34.79 35.87 -51.12
CA GLU E 195 36.19 35.52 -50.97
C GLU E 195 36.40 34.01 -50.82
N ALA E 196 35.35 33.23 -50.65
CA ALA E 196 35.51 31.79 -50.47
C ALA E 196 36.03 31.14 -51.74
N VAL E 197 36.99 30.23 -51.57
CA VAL E 197 37.52 29.44 -52.67
C VAL E 197 37.84 28.05 -52.13
N LYS E 198 37.04 27.05 -52.50
CA LYS E 198 37.30 25.66 -52.21
C LYS E 198 37.31 24.85 -53.50
N THR E 199 38.16 23.83 -53.56
CA THR E 199 38.30 23.00 -54.73
C THR E 199 37.58 21.67 -54.54
N HIS E 200 36.76 21.29 -55.51
CA HIS E 200 36.06 20.02 -55.47
C HIS E 200 37.02 18.88 -55.81
N THR E 201 36.84 17.75 -55.13
CA THR E 201 37.71 16.59 -55.29
C THR E 201 36.88 15.33 -55.43
N ASN E 202 37.40 14.39 -56.22
CA ASN E 202 36.79 13.07 -56.39
C ASN E 202 35.35 13.17 -56.90
N ILE E 203 35.22 13.70 -58.13
CA ILE E 203 33.92 13.79 -58.76
C ILE E 203 33.37 12.40 -59.01
N SER E 204 32.07 12.23 -58.82
CA SER E 204 31.45 10.93 -58.96
C SER E 204 31.57 10.42 -60.40
N GLU E 205 31.74 9.11 -60.54
CA GLU E 205 31.87 8.49 -61.85
C GLU E 205 30.49 8.35 -62.51
N SER E 206 30.52 8.02 -63.80
CA SER E 206 29.28 7.89 -64.57
C SER E 206 28.37 6.84 -63.94
N HIS E 207 27.09 7.19 -63.80
CA HIS E 207 26.09 6.30 -63.24
C HIS E 207 25.52 5.40 -64.32
N PRO E 208 24.65 4.46 -63.97
CA PRO E 208 24.08 3.58 -65.01
C PRO E 208 23.36 4.34 -66.11
N ASN E 209 22.88 5.55 -65.85
CA ASN E 209 22.26 6.37 -66.89
C ASN E 209 23.29 6.98 -67.84
N ALA E 210 24.58 6.74 -67.61
CA ALA E 210 25.66 7.24 -68.47
C ALA E 210 25.77 8.76 -68.45
N THR E 211 25.25 9.40 -67.41
CA THR E 211 25.34 10.84 -67.24
C THR E 211 25.90 11.14 -65.87
N PHE E 212 26.88 12.05 -65.80
CA PHE E 212 27.46 12.43 -64.52
C PHE E 212 26.46 13.19 -63.67
N SER E 213 26.75 13.25 -62.38
CA SER E 213 26.05 14.12 -61.44
C SER E 213 27.11 14.89 -60.67
N ALA E 214 27.26 16.17 -60.98
CA ALA E 214 28.32 16.98 -60.39
C ALA E 214 28.21 16.98 -58.87
N VAL E 215 29.32 16.69 -58.20
CA VAL E 215 29.40 16.71 -56.75
C VAL E 215 30.66 17.45 -56.35
N GLY E 216 30.52 18.40 -55.41
CA GLY E 216 31.65 19.19 -54.96
C GLY E 216 31.91 19.06 -53.48
N GLU E 217 33.16 18.86 -53.11
CA GLU E 217 33.57 18.74 -51.71
C GLU E 217 34.20 20.05 -51.26
N ALA E 218 33.65 20.61 -50.17
CA ALA E 218 34.15 21.87 -49.61
C ALA E 218 34.29 21.73 -48.11
N SER E 219 35.29 22.45 -47.57
CA SER E 219 35.55 22.47 -46.14
C SER E 219 35.25 23.88 -45.63
N ILE E 220 34.36 23.97 -44.65
CA ILE E 220 33.96 25.23 -44.06
C ILE E 220 33.86 25.06 -42.54
N CYS E 221 34.26 26.09 -41.81
CA CYS E 221 34.19 26.04 -40.36
C CYS E 221 32.74 25.91 -39.90
N GLU E 222 32.56 25.17 -38.80
CA GLU E 222 31.21 24.97 -38.27
C GLU E 222 30.56 26.29 -37.90
N ASP E 223 31.34 27.23 -37.36
CA ASP E 223 30.78 28.54 -37.01
C ASP E 223 30.29 29.26 -38.26
N ASP E 224 31.06 29.21 -39.35
CA ASP E 224 30.69 29.93 -40.56
C ASP E 224 29.37 29.40 -41.12
N TRP E 225 29.21 28.08 -41.15
CA TRP E 225 27.94 27.49 -41.59
C TRP E 225 26.81 27.83 -40.63
N ASN E 226 27.08 27.77 -39.32
CA ASN E 226 26.06 28.05 -38.32
C ASN E 226 25.67 29.52 -38.27
N SER E 227 26.44 30.39 -38.92
CA SER E 227 26.11 31.82 -38.94
C SER E 227 24.84 32.12 -39.71
N GLY E 228 24.29 31.16 -40.45
CA GLY E 228 23.14 31.39 -41.29
C GLY E 228 23.46 32.02 -42.62
N GLU E 229 24.74 32.23 -42.94
CA GLU E 229 25.11 32.83 -44.21
C GLU E 229 24.83 31.88 -45.35
N ARG E 230 24.16 32.38 -46.39
CA ARG E 230 23.85 31.56 -47.55
C ARG E 230 25.11 31.27 -48.35
N PHE E 231 25.29 30.00 -48.70
CA PHE E 231 26.47 29.54 -49.42
C PHE E 231 26.09 29.28 -50.88
N THR E 232 26.88 29.82 -51.80
CA THR E 232 26.64 29.70 -53.22
C THR E 232 27.78 28.93 -53.88
N CYS E 233 27.43 27.99 -54.75
CA CYS E 233 28.40 27.17 -55.47
C CYS E 233 28.36 27.53 -56.95
N THR E 234 29.49 27.93 -57.50
CA THR E 234 29.58 28.24 -58.93
C THR E 234 29.60 26.95 -59.74
N VAL E 235 28.86 26.93 -60.83
CA VAL E 235 28.83 25.80 -61.76
C VAL E 235 29.16 26.33 -63.14
N THR E 236 30.23 25.81 -63.74
CA THR E 236 30.65 26.16 -65.09
C THR E 236 31.03 24.89 -65.82
N HIS E 237 30.28 24.55 -66.85
CA HIS E 237 30.50 23.31 -67.58
C HIS E 237 30.08 23.48 -69.03
N THR E 238 30.63 22.64 -69.89
CA THR E 238 30.43 22.81 -71.33
C THR E 238 28.98 22.66 -71.73
N ASP E 239 28.29 21.67 -71.18
CA ASP E 239 26.90 21.43 -71.58
C ASP E 239 26.00 22.60 -71.21
N LEU E 240 26.29 23.27 -70.11
CA LEU E 240 25.49 24.42 -69.69
C LEU E 240 25.75 25.59 -70.63
N PRO E 241 24.73 26.18 -71.27
CA PRO E 241 24.99 27.33 -72.13
C PRO E 241 25.61 28.50 -71.40
N SER E 242 25.24 28.72 -70.14
CA SER E 242 25.82 29.76 -69.30
C SER E 242 26.01 29.20 -67.89
N PRO E 243 27.01 29.68 -67.16
CA PRO E 243 27.18 29.22 -65.77
C PRO E 243 25.96 29.56 -64.93
N LEU E 244 25.62 28.65 -64.01
CA LEU E 244 24.51 28.84 -63.10
C LEU E 244 24.98 28.66 -61.66
N LYS E 245 24.50 29.52 -60.77
CA LYS E 245 24.86 29.49 -59.36
C LYS E 245 23.67 28.96 -58.57
N GLN E 246 23.93 27.99 -57.70
CA GLN E 246 22.91 27.40 -56.84
C GLN E 246 23.08 27.93 -55.42
N THR E 247 21.96 28.18 -54.75
CA THR E 247 21.95 28.80 -53.43
C THR E 247 21.70 27.74 -52.37
N ILE E 248 22.54 27.72 -51.34
CA ILE E 248 22.47 26.74 -50.26
C ILE E 248 22.42 27.50 -48.94
N SER E 249 21.41 27.19 -48.12
CA SER E 249 21.30 27.77 -46.80
C SER E 249 20.40 26.89 -45.94
N ARG E 250 20.56 27.00 -44.63
CA ARG E 250 19.76 26.19 -43.72
C ARG E 250 18.38 26.81 -43.52
N PRO E 251 17.38 25.99 -43.21
CA PRO E 251 16.09 26.56 -42.79
C PRO E 251 16.24 27.34 -41.50
N LYS E 252 15.44 28.38 -41.36
CA LYS E 252 15.46 29.27 -40.21
C LYS E 252 14.06 29.32 -39.58
N GLY E 253 13.98 30.01 -38.45
CA GLY E 253 12.70 30.17 -37.77
C GLY E 253 12.10 28.87 -37.28
N VAL E 254 12.93 27.96 -36.77
CA VAL E 254 12.47 26.69 -36.22
C VAL E 254 13.01 26.56 -34.80
N ALA E 255 12.12 26.27 -33.86
CA ALA E 255 12.51 26.13 -32.47
C ALA E 255 13.31 24.85 -32.28
N LEU E 256 14.11 24.83 -31.22
CA LEU E 256 14.94 23.69 -30.86
C LEU E 256 14.42 23.10 -29.55
N HIS E 257 14.10 21.81 -29.58
CA HIS E 257 13.66 21.07 -28.39
C HIS E 257 14.56 19.86 -28.22
N ARG E 258 15.07 19.66 -27.02
CA ARG E 258 15.98 18.56 -26.79
C ARG E 258 15.24 17.23 -26.92
N PRO E 259 15.85 16.21 -27.53
CA PRO E 259 15.21 14.90 -27.56
C PRO E 259 15.11 14.32 -26.16
N ASP E 260 14.36 13.22 -26.07
CA ASP E 260 14.27 12.44 -24.85
C ASP E 260 14.55 10.99 -25.25
N VAL E 261 15.82 10.63 -25.25
CA VAL E 261 16.25 9.32 -25.72
C VAL E 261 15.78 8.28 -24.71
N TYR E 262 14.76 7.51 -25.08
CA TYR E 262 14.27 6.40 -24.27
C TYR E 262 14.69 5.11 -24.94
N LEU E 263 15.34 4.23 -24.17
CA LEU E 263 15.91 3.00 -24.70
C LEU E 263 15.05 1.84 -24.25
N LEU E 264 14.32 1.23 -25.18
CA LEU E 264 13.36 0.18 -24.88
C LEU E 264 14.01 -1.18 -25.10
N PRO E 265 14.08 -2.05 -24.10
CA PRO E 265 14.68 -3.36 -24.31
C PRO E 265 13.79 -4.24 -25.19
N PRO E 266 14.34 -5.32 -25.75
CA PRO E 266 13.54 -6.15 -26.65
C PRO E 266 12.39 -6.83 -25.94
N ALA E 267 11.31 -7.05 -26.68
CA ALA E 267 10.12 -7.65 -26.10
C ALA E 267 10.40 -9.08 -25.65
N ARG E 268 9.71 -9.50 -24.60
CA ARG E 268 9.89 -10.85 -24.08
C ARG E 268 9.56 -11.90 -25.13
N GLU E 269 8.52 -11.66 -25.93
CA GLU E 269 8.11 -12.64 -26.92
C GLU E 269 9.22 -12.89 -27.92
N GLN E 270 10.00 -11.84 -28.23
CA GLN E 270 11.07 -11.96 -29.21
C GLN E 270 12.24 -12.77 -28.67
N LEU E 271 12.58 -12.59 -27.39
CA LEU E 271 13.65 -13.38 -26.82
C LEU E 271 13.28 -14.85 -26.71
N ASN E 272 11.99 -15.14 -26.44
CA ASN E 272 11.56 -16.52 -26.34
C ASN E 272 11.79 -17.27 -27.65
N LEU E 273 11.70 -16.59 -28.79
CA LEU E 273 11.99 -17.23 -30.06
C LEU E 273 13.44 -17.66 -30.16
N ARG E 274 14.34 -17.04 -29.39
CA ARG E 274 15.76 -17.40 -29.40
C ARG E 274 16.34 -17.28 -30.81
N GLU E 275 15.90 -16.25 -31.54
CA GLU E 275 16.41 -15.96 -32.87
C GLU E 275 17.25 -14.69 -32.89
N SER E 276 16.70 -13.58 -32.40
CA SER E 276 17.42 -12.33 -32.35
C SER E 276 16.66 -11.38 -31.44
N ALA E 277 17.32 -10.28 -31.07
CA ALA E 277 16.70 -9.22 -30.29
C ALA E 277 17.01 -7.88 -30.94
N THR E 278 16.00 -7.01 -30.97
CA THR E 278 16.10 -5.68 -31.58
C THR E 278 15.90 -4.63 -30.49
N ILE E 279 17.00 -4.18 -29.91
CA ILE E 279 16.97 -3.11 -28.92
C ILE E 279 16.66 -1.81 -29.66
N THR E 280 15.56 -1.14 -29.28
CA THR E 280 15.07 0.02 -29.99
C THR E 280 15.35 1.28 -29.17
N CYS E 281 15.95 2.27 -29.82
CA CYS E 281 16.23 3.57 -29.20
C CYS E 281 15.17 4.55 -29.66
N LEU E 282 14.30 4.97 -28.75
CA LEU E 282 13.22 5.89 -29.08
C LEU E 282 13.68 7.31 -28.79
N VAL E 283 13.92 8.08 -29.85
CA VAL E 283 14.32 9.48 -29.72
C VAL E 283 13.10 10.36 -29.98
N THR E 284 12.43 10.76 -28.91
CA THR E 284 11.12 11.41 -29.01
C THR E 284 11.20 12.88 -28.57
N GLY E 285 10.22 13.64 -29.02
CA GLY E 285 10.06 15.00 -28.57
C GLY E 285 11.15 15.96 -28.99
N PHE E 286 11.79 15.72 -30.12
CA PHE E 286 12.89 16.56 -30.58
C PHE E 286 12.49 17.39 -31.80
N SER E 287 13.26 18.43 -32.05
CA SER E 287 13.06 19.31 -33.20
C SER E 287 14.26 20.23 -33.33
N PRO E 288 14.71 20.56 -34.56
CA PRO E 288 14.18 20.19 -35.87
C PRO E 288 14.46 18.74 -36.24
N ALA E 289 13.83 18.27 -37.31
CA ALA E 289 13.89 16.86 -37.70
C ALA E 289 15.24 16.58 -38.35
N ASP E 290 16.27 16.50 -37.50
CA ASP E 290 17.60 16.11 -37.96
C ASP E 290 18.35 15.53 -36.76
N VAL E 291 18.40 14.21 -36.67
CA VAL E 291 18.98 13.50 -35.54
C VAL E 291 19.91 12.42 -36.06
N PHE E 292 21.03 12.23 -35.35
CA PHE E 292 22.00 11.19 -35.67
C PHE E 292 22.10 10.26 -34.47
N VAL E 293 21.83 8.98 -34.69
CA VAL E 293 21.81 7.97 -33.63
C VAL E 293 22.95 7.01 -33.87
N GLN E 294 23.83 6.87 -32.88
CA GLN E 294 24.94 5.94 -32.92
C GLN E 294 24.77 4.89 -31.83
N TRP E 295 25.16 3.67 -32.15
CA TRP E 295 25.07 2.55 -31.22
C TRP E 295 26.47 2.13 -30.81
N MET E 296 26.74 2.15 -29.51
CA MET E 296 28.04 1.80 -28.97
C MET E 296 27.86 0.67 -27.97
N GLN E 297 28.67 -0.38 -28.11
CA GLN E 297 28.63 -1.54 -27.24
C GLN E 297 29.93 -1.59 -26.44
N ARG E 298 29.81 -1.58 -25.11
CA ARG E 298 30.97 -1.58 -24.22
C ARG E 298 31.91 -0.42 -24.54
N GLY E 299 31.32 0.74 -24.87
CA GLY E 299 32.09 1.93 -25.16
C GLY E 299 32.72 1.97 -26.54
N GLN E 300 32.46 0.96 -27.39
CA GLN E 300 33.03 0.89 -28.73
C GLN E 300 31.94 1.06 -29.78
N PRO E 301 32.17 1.83 -30.84
CA PRO E 301 31.13 1.97 -31.88
C PRO E 301 30.82 0.63 -32.52
N LEU E 302 29.55 0.47 -32.90
CA LEU E 302 29.08 -0.69 -33.64
C LEU E 302 29.02 -0.38 -35.12
N SER E 303 29.15 -1.43 -35.93
CA SER E 303 29.14 -1.25 -37.37
C SER E 303 27.79 -0.67 -37.81
N PRO E 304 27.76 0.23 -38.80
CA PRO E 304 26.46 0.76 -39.25
C PRO E 304 25.53 -0.29 -39.80
N GLU E 305 26.05 -1.45 -40.21
CA GLU E 305 25.19 -2.49 -40.76
C GLU E 305 24.22 -3.03 -39.71
N LYS E 306 24.66 -3.15 -38.47
CA LYS E 306 23.85 -3.82 -37.45
C LYS E 306 22.54 -3.08 -37.18
N TYR E 307 22.60 -1.75 -37.09
CA TYR E 307 21.43 -0.94 -36.71
C TYR E 307 20.98 -0.07 -37.88
N VAL E 308 19.68 0.22 -37.90
CA VAL E 308 19.08 1.10 -38.89
C VAL E 308 18.21 2.11 -38.15
N THR E 309 18.36 3.39 -38.51
CA THR E 309 17.67 4.48 -37.85
C THR E 309 16.50 4.93 -38.70
N SER E 310 15.30 4.93 -38.11
CA SER E 310 14.12 5.40 -38.82
C SER E 310 14.23 6.87 -39.13
N ALA E 311 13.69 7.26 -40.28
CA ALA E 311 13.67 8.67 -40.64
C ALA E 311 12.77 9.43 -39.68
N PRO E 312 13.11 10.67 -39.32
CA PRO E 312 12.25 11.42 -38.40
C PRO E 312 10.85 11.60 -38.96
N MET E 313 9.86 11.53 -38.08
CA MET E 313 8.47 11.71 -38.44
C MET E 313 7.81 12.68 -37.48
N PRO E 314 6.73 13.34 -37.90
CA PRO E 314 6.05 14.27 -36.99
C PRO E 314 5.53 13.53 -35.76
N GLU E 315 5.60 14.19 -34.61
CA GLU E 315 5.13 13.59 -33.38
C GLU E 315 3.62 13.39 -33.46
N PRO E 316 3.07 12.31 -32.88
CA PRO E 316 1.62 12.11 -32.92
C PRO E 316 0.83 13.30 -32.38
N GLN E 317 1.10 13.69 -31.14
CA GLN E 317 0.33 14.73 -30.47
C GLN E 317 0.99 16.10 -30.55
N ALA E 318 2.24 16.22 -30.11
CA ALA E 318 2.90 17.52 -30.11
C ALA E 318 3.02 18.03 -31.54
N PRO E 319 2.68 19.29 -31.81
CA PRO E 319 2.65 19.75 -33.21
C PRO E 319 4.03 19.84 -33.85
N GLY E 320 4.96 20.54 -33.20
CA GLY E 320 6.24 20.84 -33.82
C GLY E 320 7.30 19.79 -33.58
N ARG E 321 7.12 18.94 -32.58
CA ARG E 321 8.13 17.95 -32.24
C ARG E 321 8.05 16.77 -33.20
N TYR E 322 9.11 15.97 -33.19
CA TYR E 322 9.22 14.78 -34.03
C TYR E 322 9.61 13.60 -33.17
N PHE E 323 9.83 12.45 -33.81
CA PHE E 323 10.28 11.25 -33.13
C PHE E 323 10.97 10.34 -34.13
N ALA E 324 12.01 9.65 -33.66
CA ALA E 324 12.76 8.74 -34.51
C ALA E 324 13.12 7.51 -33.71
N HIS E 325 13.27 6.39 -34.40
CA HIS E 325 13.56 5.10 -33.80
C HIS E 325 14.81 4.52 -34.44
N SER E 326 15.65 3.90 -33.62
CA SER E 326 16.84 3.20 -34.10
C SER E 326 16.87 1.83 -33.45
N ILE E 327 16.88 0.78 -34.27
CA ILE E 327 16.81 -0.60 -33.79
C ILE E 327 18.15 -1.26 -34.03
N LEU E 328 18.69 -1.91 -33.00
CA LEU E 328 19.93 -2.67 -33.09
C LEU E 328 19.60 -4.14 -32.92
N THR E 329 19.95 -4.95 -33.92
CA THR E 329 19.62 -6.37 -33.93
C THR E 329 20.81 -7.15 -33.42
N VAL E 330 20.60 -7.93 -32.35
CA VAL E 330 21.65 -8.73 -31.74
C VAL E 330 21.07 -10.07 -31.31
N SER E 331 21.95 -11.06 -31.15
CA SER E 331 21.53 -12.40 -30.77
C SER E 331 21.09 -12.42 -29.30
N GLU E 332 20.18 -13.35 -29.01
CA GLU E 332 19.66 -13.45 -27.64
C GLU E 332 20.77 -13.80 -26.66
N GLU E 333 21.76 -14.59 -27.09
CA GLU E 333 22.86 -14.93 -26.20
C GLU E 333 23.62 -13.67 -25.77
N GLU E 334 23.91 -12.78 -26.72
CA GLU E 334 24.59 -11.54 -26.37
C GLU E 334 23.74 -10.70 -25.42
N TRP E 335 22.44 -10.59 -25.71
CA TRP E 335 21.57 -9.81 -24.84
C TRP E 335 21.48 -10.43 -23.46
N ASN E 336 21.37 -11.76 -23.38
CA ASN E 336 21.29 -12.42 -22.09
C ASN E 336 22.57 -12.23 -21.30
N THR E 337 23.72 -12.24 -21.98
CA THR E 337 24.99 -11.96 -21.30
C THR E 337 24.99 -10.54 -20.74
N GLY E 338 24.67 -9.56 -21.57
CA GLY E 338 24.59 -8.18 -21.13
C GLY E 338 25.84 -7.39 -21.42
N GLU E 339 25.78 -6.50 -22.42
CA GLU E 339 26.91 -5.62 -22.75
C GLU E 339 26.50 -4.16 -22.76
N THR E 340 25.29 -3.84 -22.30
CA THR E 340 24.85 -2.48 -22.01
C THR E 340 24.51 -1.64 -23.25
N TYR E 341 24.90 -2.11 -24.44
CA TYR E 341 24.37 -1.63 -25.72
C TYR E 341 24.02 -0.14 -25.71
N THR E 342 24.97 0.73 -25.39
CA THR E 342 24.64 2.13 -25.21
C THR E 342 24.17 2.76 -26.52
N CYS E 343 23.11 3.55 -26.43
CA CYS E 343 22.58 4.30 -27.56
C CYS E 343 23.01 5.75 -27.46
N VAL E 344 23.64 6.26 -28.51
CA VAL E 344 24.14 7.64 -28.54
C VAL E 344 23.30 8.42 -29.55
N VAL E 345 22.85 9.61 -29.13
CA VAL E 345 22.02 10.47 -29.95
C VAL E 345 22.70 11.83 -30.05
N ALA E 346 22.84 12.33 -31.27
CA ALA E 346 23.43 13.64 -31.52
C ALA E 346 22.37 14.54 -32.15
N HIS E 347 22.14 15.70 -31.54
CA HIS E 347 21.09 16.59 -31.99
C HIS E 347 21.48 18.02 -31.65
N GLU E 348 20.93 18.97 -32.41
CA GLU E 348 21.26 20.37 -32.19
C GLU E 348 20.80 20.85 -30.82
N ALA E 349 19.59 20.49 -30.43
CA ALA E 349 18.98 21.02 -29.23
C ALA E 349 19.57 20.46 -27.94
N LEU E 350 20.32 19.37 -28.00
CA LEU E 350 20.91 18.81 -26.79
C LEU E 350 21.91 19.81 -26.20
N PRO E 351 21.85 20.09 -24.89
CA PRO E 351 22.79 21.08 -24.34
C PRO E 351 24.25 20.70 -24.59
N ASN E 352 24.58 19.42 -24.50
CA ASN E 352 25.91 18.92 -24.79
C ASN E 352 26.08 18.49 -26.24
N ARG E 353 25.01 18.59 -27.04
CA ARG E 353 25.00 18.20 -28.45
C ARG E 353 25.05 16.68 -28.62
N VAL E 354 25.21 15.94 -27.53
CA VAL E 354 25.18 14.48 -27.56
C VAL E 354 24.64 13.97 -26.24
N THR E 355 23.81 12.94 -26.30
CA THR E 355 23.31 12.28 -25.10
C THR E 355 23.40 10.77 -25.32
N GLU E 356 23.71 10.05 -24.25
CA GLU E 356 23.94 8.61 -24.31
C GLU E 356 23.03 7.92 -23.32
N ARG E 357 22.46 6.79 -23.73
CA ARG E 357 21.61 5.98 -22.88
C ARG E 357 22.08 4.52 -22.91
N THR E 358 21.73 3.79 -21.85
CA THR E 358 22.27 2.46 -21.62
C THR E 358 21.16 1.49 -21.25
N VAL E 359 21.26 0.26 -21.73
CA VAL E 359 20.27 -0.77 -21.42
C VAL E 359 20.95 -2.13 -21.47
N ASP E 360 20.54 -3.02 -20.57
CA ASP E 360 20.95 -4.41 -20.59
C ASP E 360 19.85 -5.24 -19.93
N LYS E 361 20.12 -6.54 -19.75
CA LYS E 361 19.09 -7.42 -19.20
C LYS E 361 18.67 -7.02 -17.80
N SER E 362 19.53 -6.32 -17.05
CA SER E 362 19.29 -6.07 -15.64
C SER E 362 18.58 -4.74 -15.37
N THR E 363 18.32 -3.93 -16.40
CA THR E 363 17.69 -2.63 -16.14
C THR E 363 16.26 -2.80 -15.62
N GLY E 364 15.49 -3.71 -16.22
CA GLY E 364 14.11 -3.86 -15.82
C GLY E 364 13.91 -4.56 -14.50
N LYS E 365 14.81 -5.48 -14.15
CA LYS E 365 14.62 -6.28 -12.95
C LYS E 365 14.67 -5.39 -11.71
N PRO E 366 13.79 -5.59 -10.74
CA PRO E 366 13.84 -4.77 -9.52
C PRO E 366 15.12 -5.02 -8.73
N THR E 367 15.56 -3.97 -8.04
CA THR E 367 16.83 -4.00 -7.33
C THR E 367 16.70 -4.53 -5.91
N LEU E 368 15.68 -4.10 -5.17
CA LEU E 368 15.62 -4.44 -3.75
C LEU E 368 15.38 -5.93 -3.54
N TYR E 369 14.40 -6.50 -4.22
CA TYR E 369 14.01 -7.90 -4.01
C TYR E 369 14.39 -8.73 -5.22
N ASN E 370 14.78 -9.97 -4.96
CA ASN E 370 15.24 -10.89 -5.99
C ASN E 370 14.37 -12.14 -5.97
N VAL E 371 13.06 -11.95 -5.90
CA VAL E 371 12.16 -13.08 -5.75
C VAL E 371 12.28 -13.99 -6.96
N SER E 372 12.69 -15.24 -6.72
CA SER E 372 12.88 -16.21 -7.78
C SER E 372 12.05 -17.45 -7.46
N LEU E 373 11.26 -17.89 -8.43
CA LEU E 373 10.40 -19.06 -8.27
C LEU E 373 11.13 -20.29 -8.81
N VAL E 374 11.17 -21.34 -7.99
CA VAL E 374 11.91 -22.56 -8.32
C VAL E 374 10.96 -23.74 -8.16
N MET E 375 11.28 -24.84 -8.83
CA MET E 375 10.48 -26.05 -8.79
C MET E 375 11.23 -27.18 -8.10
N ILE F 152 5.53 14.31 -70.33
CA ILE F 152 4.16 13.99 -70.71
C ILE F 152 3.83 12.56 -70.29
N ARG F 153 3.84 12.30 -69.00
CA ARG F 153 3.55 10.99 -68.43
C ARG F 153 2.36 11.08 -67.48
N VAL F 154 1.95 9.93 -66.96
CA VAL F 154 0.83 9.83 -66.05
C VAL F 154 1.28 9.07 -64.81
N PHE F 155 0.96 9.59 -63.64
CA PHE F 155 1.28 8.95 -62.36
C PHE F 155 0.08 8.11 -61.94
N ALA F 156 0.21 6.79 -62.09
CA ALA F 156 -0.83 5.85 -61.71
C ALA F 156 -0.50 5.30 -60.32
N ILE F 157 -1.29 5.70 -59.33
CA ILE F 157 -1.06 5.30 -57.94
C ILE F 157 -1.77 3.98 -57.68
N PRO F 158 -1.06 2.87 -57.43
CA PRO F 158 -1.77 1.64 -57.07
C PRO F 158 -2.39 1.76 -55.69
N PRO F 159 -3.47 1.03 -55.43
CA PRO F 159 -4.02 1.03 -54.08
C PRO F 159 -3.13 0.30 -53.10
N SER F 160 -2.47 1.04 -52.21
CA SER F 160 -1.63 0.42 -51.20
C SER F 160 -2.48 -0.47 -50.30
N PHE F 161 -1.85 -1.53 -49.78
CA PHE F 161 -2.60 -2.51 -49.00
C PHE F 161 -3.33 -1.86 -47.84
N ALA F 162 -2.80 -0.77 -47.31
CA ALA F 162 -3.54 0.00 -46.33
C ALA F 162 -4.88 0.47 -46.89
N SER F 163 -4.89 0.89 -48.15
CA SER F 163 -6.13 1.35 -48.77
C SER F 163 -7.15 0.22 -48.85
N ILE F 164 -6.72 -0.98 -49.28
CA ILE F 164 -7.65 -2.10 -49.36
C ILE F 164 -8.15 -2.47 -47.98
N PHE F 165 -7.27 -2.50 -46.98
CA PHE F 165 -7.69 -2.92 -45.65
C PHE F 165 -8.62 -1.89 -44.99
N LEU F 166 -8.41 -0.61 -45.27
CA LEU F 166 -9.22 0.42 -44.63
C LEU F 166 -10.66 0.41 -45.14
N THR F 167 -10.83 0.38 -46.46
CA THR F 167 -12.14 0.52 -47.09
C THR F 167 -12.69 -0.79 -47.62
N LYS F 168 -11.93 -1.89 -47.55
CA LYS F 168 -12.41 -3.21 -47.97
C LYS F 168 -12.72 -3.25 -49.46
N SER F 169 -12.14 -2.35 -50.24
CA SER F 169 -12.32 -2.36 -51.68
C SER F 169 -11.05 -1.86 -52.35
N THR F 170 -10.85 -2.34 -53.58
CA THR F 170 -9.68 -1.96 -54.38
C THR F 170 -10.04 -0.74 -55.21
N LYS F 171 -9.32 0.36 -55.00
CA LYS F 171 -9.58 1.63 -55.66
C LYS F 171 -8.41 1.97 -56.57
N LEU F 172 -8.69 2.17 -57.84
CA LEU F 172 -7.68 2.54 -58.83
C LEU F 172 -7.75 4.06 -59.04
N THR F 173 -6.64 4.74 -58.76
CA THR F 173 -6.53 6.18 -58.91
C THR F 173 -5.30 6.49 -59.74
N CYS F 174 -5.51 7.08 -60.91
CA CYS F 174 -4.41 7.50 -61.79
C CYS F 174 -4.42 9.01 -61.93
N LEU F 175 -3.26 9.62 -61.67
CA LEU F 175 -3.10 11.06 -61.67
C LEU F 175 -2.15 11.46 -62.79
N VAL F 176 -2.59 12.40 -63.62
CA VAL F 176 -1.80 12.85 -64.76
C VAL F 176 -0.84 13.93 -64.30
N THR F 177 0.13 14.25 -65.16
CA THR F 177 1.08 15.33 -64.90
C THR F 177 1.75 15.73 -66.21
N ASP F 178 2.13 17.00 -66.29
CA ASP F 178 2.88 17.53 -67.44
C ASP F 178 2.05 17.44 -68.73
N LEU F 179 0.85 18.01 -68.69
CA LEU F 179 -0.04 18.05 -69.84
C LEU F 179 -0.47 19.49 -70.10
N THR F 180 -0.46 19.89 -71.38
CA THR F 180 -0.75 21.27 -71.72
C THR F 180 -2.21 21.61 -71.50
N THR F 181 -2.48 22.89 -71.22
CA THR F 181 -3.76 23.34 -70.67
C THR F 181 -4.82 23.37 -71.76
N TYR F 182 -5.91 22.64 -71.54
CA TYR F 182 -7.12 22.73 -72.35
C TYR F 182 -8.25 22.01 -71.65
N ASP F 183 -9.49 22.40 -71.98
CA ASP F 183 -10.65 21.88 -71.29
C ASP F 183 -11.18 20.62 -71.97
N SER F 184 -12.28 20.09 -71.44
CA SER F 184 -12.97 18.95 -72.02
C SER F 184 -12.05 17.74 -72.19
N VAL F 185 -11.17 17.52 -71.22
CA VAL F 185 -10.26 16.38 -71.24
C VAL F 185 -10.87 15.25 -70.41
N THR F 186 -10.89 14.05 -70.99
CA THR F 186 -11.53 12.89 -70.37
C THR F 186 -10.50 11.80 -70.15
N ILE F 187 -10.80 10.93 -69.18
CA ILE F 187 -9.95 9.81 -68.82
C ILE F 187 -10.81 8.56 -68.71
N SER F 188 -10.19 7.41 -68.95
CA SER F 188 -10.89 6.13 -68.86
C SER F 188 -9.96 5.07 -68.30
N TRP F 189 -10.54 4.09 -67.63
CA TRP F 189 -9.82 2.96 -67.04
C TRP F 189 -10.16 1.71 -67.83
N THR F 190 -9.13 0.99 -68.28
CA THR F 190 -9.31 -0.22 -69.07
C THR F 190 -8.35 -1.29 -68.58
N ARG F 191 -8.85 -2.52 -68.48
CA ARG F 191 -8.08 -3.65 -68.01
C ARG F 191 -7.44 -4.36 -69.21
N GLN F 192 -6.93 -5.58 -69.00
CA GLN F 192 -6.17 -6.28 -70.04
C GLN F 192 -6.94 -6.33 -71.35
N ASN F 193 -8.21 -6.74 -71.31
CA ASN F 193 -8.99 -6.84 -72.53
C ASN F 193 -9.33 -5.49 -73.13
N GLY F 194 -9.08 -4.39 -72.42
CA GLY F 194 -9.32 -3.07 -72.94
C GLY F 194 -10.72 -2.54 -72.71
N GLU F 195 -11.63 -3.35 -72.17
CA GLU F 195 -12.98 -2.88 -71.93
C GLU F 195 -13.00 -1.83 -70.83
N ALA F 196 -13.77 -0.77 -71.06
CA ALA F 196 -13.91 0.28 -70.05
C ALA F 196 -14.48 -0.30 -68.78
N VAL F 197 -13.86 0.02 -67.65
CA VAL F 197 -14.23 -0.59 -66.38
C VAL F 197 -15.30 0.23 -65.66
N LYS F 198 -14.97 1.47 -65.33
CA LYS F 198 -15.86 2.30 -64.53
C LYS F 198 -15.60 3.77 -64.85
N THR F 199 -16.68 4.54 -64.96
CA THR F 199 -16.55 5.98 -65.19
C THR F 199 -15.93 6.65 -63.97
N HIS F 200 -15.20 7.72 -64.23
CA HIS F 200 -14.42 8.39 -63.19
C HIS F 200 -15.26 9.47 -62.52
N THR F 201 -14.97 9.69 -61.23
CA THR F 201 -15.69 10.64 -60.41
C THR F 201 -14.70 11.53 -59.66
N ASN F 202 -15.23 12.60 -59.07
CA ASN F 202 -14.42 13.55 -58.32
C ASN F 202 -13.31 14.14 -59.20
N ILE F 203 -13.64 14.44 -60.45
CA ILE F 203 -12.67 14.98 -61.38
C ILE F 203 -12.31 16.40 -60.95
N SER F 204 -11.00 16.68 -60.89
CA SER F 204 -10.52 17.99 -60.49
C SER F 204 -10.64 18.98 -61.64
N GLU F 205 -10.80 20.25 -61.27
CA GLU F 205 -10.84 21.33 -62.25
C GLU F 205 -9.44 21.53 -62.84
N SER F 206 -9.37 22.28 -63.94
CA SER F 206 -8.09 22.55 -64.60
C SER F 206 -7.05 23.01 -63.59
N HIS F 207 -5.88 22.40 -63.64
CA HIS F 207 -4.85 22.62 -62.63
C HIS F 207 -4.22 23.98 -62.82
N PRO F 208 -4.25 24.89 -61.83
CA PRO F 208 -3.63 26.21 -62.02
C PRO F 208 -2.14 26.17 -62.27
N ASN F 209 -1.45 25.10 -61.85
CA ASN F 209 0.01 25.04 -61.94
C ASN F 209 0.52 24.66 -63.32
N ALA F 210 -0.34 24.65 -64.34
CA ALA F 210 -0.02 24.31 -65.72
C ALA F 210 0.26 22.83 -65.91
N THR F 211 0.20 22.02 -64.87
CA THR F 211 0.42 20.57 -64.94
C THR F 211 -0.81 19.90 -64.35
N PHE F 212 -1.58 19.23 -65.20
CA PHE F 212 -2.83 18.61 -64.74
C PHE F 212 -2.57 17.57 -63.68
N SER F 213 -3.49 17.50 -62.71
CA SER F 213 -3.55 16.41 -61.76
C SER F 213 -5.03 16.09 -61.54
N ALA F 214 -5.56 15.17 -62.33
CA ALA F 214 -6.96 14.80 -62.28
C ALA F 214 -7.09 13.41 -61.68
N VAL F 215 -7.99 13.28 -60.72
CA VAL F 215 -8.17 12.04 -59.96
C VAL F 215 -9.32 11.26 -60.55
N GLY F 216 -9.03 10.07 -61.06
CA GLY F 216 -10.04 9.20 -61.62
C GLY F 216 -10.16 7.90 -60.85
N GLU F 217 -11.35 7.64 -60.29
CA GLU F 217 -11.59 6.48 -59.44
C GLU F 217 -12.30 5.40 -60.25
N ALA F 218 -11.73 4.19 -60.22
CA ALA F 218 -12.33 3.03 -60.88
C ALA F 218 -12.30 1.85 -59.91
N SER F 219 -13.44 1.17 -59.78
CA SER F 219 -13.58 0.04 -58.88
C SER F 219 -13.41 -1.25 -59.66
N ILE F 220 -12.63 -2.18 -59.11
CA ILE F 220 -12.41 -3.49 -59.71
C ILE F 220 -12.63 -4.56 -58.65
N CYS F 221 -12.87 -5.78 -59.13
CA CYS F 221 -13.02 -6.90 -58.23
C CYS F 221 -11.73 -7.13 -57.46
N GLU F 222 -11.85 -7.45 -56.17
CA GLU F 222 -10.67 -7.65 -55.34
C GLU F 222 -9.81 -8.78 -55.88
N ASP F 223 -10.44 -9.91 -56.24
CA ASP F 223 -9.68 -11.04 -56.75
C ASP F 223 -8.96 -10.70 -58.05
N ASP F 224 -9.53 -9.83 -58.87
CA ASP F 224 -8.87 -9.43 -60.10
C ASP F 224 -7.54 -8.74 -59.81
N TRP F 225 -7.54 -7.81 -58.84
CA TRP F 225 -6.28 -7.17 -58.46
C TRP F 225 -5.34 -8.15 -57.79
N ASN F 226 -5.87 -9.05 -56.94
CA ASN F 226 -5.01 -10.02 -56.28
C ASN F 226 -4.31 -10.92 -57.30
N SER F 227 -4.98 -11.24 -58.41
CA SER F 227 -4.35 -12.04 -59.45
C SER F 227 -3.12 -11.34 -60.02
N GLY F 228 -3.23 -10.03 -60.26
CA GLY F 228 -2.09 -9.23 -60.69
C GLY F 228 -2.06 -8.91 -62.16
N GLU F 229 -3.20 -8.52 -62.73
CA GLU F 229 -3.24 -8.12 -64.12
C GLU F 229 -2.81 -6.66 -64.26
N ARG F 230 -2.51 -6.27 -65.50
CA ARG F 230 -2.05 -4.93 -65.80
C ARG F 230 -3.24 -4.08 -66.21
N PHE F 231 -3.63 -3.15 -65.33
CA PHE F 231 -4.81 -2.31 -65.54
C PHE F 231 -4.38 -0.97 -66.11
N THR F 232 -4.93 -0.61 -67.26
CA THR F 232 -4.50 0.56 -68.01
C THR F 232 -5.43 1.73 -67.72
N CYS F 233 -4.84 2.90 -67.46
CA CYS F 233 -5.58 4.15 -67.30
C CYS F 233 -5.32 5.00 -68.55
N THR F 234 -6.27 4.99 -69.47
CA THR F 234 -6.13 5.72 -70.73
C THR F 234 -6.60 7.15 -70.53
N VAL F 235 -5.76 8.11 -70.89
CA VAL F 235 -6.05 9.53 -70.75
C VAL F 235 -6.27 10.11 -72.13
N THR F 236 -7.46 10.64 -72.37
CA THR F 236 -7.79 11.29 -73.63
C THR F 236 -7.39 12.76 -73.57
N HIS F 237 -6.33 13.11 -74.28
CA HIS F 237 -5.82 14.47 -74.33
C HIS F 237 -5.90 14.99 -75.75
N THR F 238 -6.36 16.23 -75.91
CA THR F 238 -6.55 16.79 -77.24
C THR F 238 -5.23 16.89 -78.00
N ASP F 239 -4.17 17.34 -77.34
CA ASP F 239 -2.89 17.49 -78.01
C ASP F 239 -2.34 16.15 -78.46
N LEU F 240 -2.47 15.12 -77.63
CA LEU F 240 -1.98 13.80 -77.99
C LEU F 240 -2.90 13.18 -79.05
N PRO F 241 -2.38 12.79 -80.22
CA PRO F 241 -3.27 12.17 -81.22
C PRO F 241 -3.93 10.90 -80.73
N SER F 242 -3.25 10.10 -79.91
CA SER F 242 -3.81 8.93 -79.29
C SER F 242 -3.82 9.11 -77.77
N PRO F 243 -4.82 8.57 -77.06
CA PRO F 243 -4.86 8.79 -75.61
C PRO F 243 -3.61 8.29 -74.91
N LEU F 244 -3.14 9.06 -73.94
CA LEU F 244 -1.98 8.64 -73.16
C LEU F 244 -2.38 7.57 -72.17
N LYS F 245 -1.66 6.45 -72.17
CA LYS F 245 -2.01 5.28 -71.39
C LYS F 245 -0.90 4.96 -70.39
N GLN F 246 -1.30 4.75 -69.13
CA GLN F 246 -0.40 4.28 -68.09
C GLN F 246 -1.08 3.13 -67.36
N THR F 247 -0.32 2.08 -67.08
CA THR F 247 -0.85 0.88 -66.47
C THR F 247 0.00 0.46 -65.28
N ILE F 248 -0.65 -0.19 -64.32
CA ILE F 248 -0.03 -0.61 -63.08
C ILE F 248 -0.40 -2.06 -62.80
N SER F 249 0.59 -2.86 -62.40
CA SER F 249 0.38 -4.23 -61.96
C SER F 249 1.17 -4.46 -60.68
N ARG F 250 0.58 -5.20 -59.75
CA ARG F 250 1.26 -5.43 -58.48
C ARG F 250 2.55 -6.23 -58.72
N PRO F 251 3.60 -5.96 -57.96
CA PRO F 251 4.86 -6.69 -58.18
C PRO F 251 4.66 -8.19 -58.01
N LYS F 252 5.37 -8.96 -58.84
CA LYS F 252 5.34 -10.41 -58.75
C LYS F 252 6.39 -10.87 -57.74
N GLY F 253 6.54 -12.19 -57.59
CA GLY F 253 7.46 -12.74 -56.61
C GLY F 253 7.18 -12.17 -55.23
N VAL F 254 8.12 -11.43 -54.64
CA VAL F 254 7.93 -10.78 -53.34
C VAL F 254 7.51 -11.83 -52.30
N ALA F 255 8.45 -12.74 -52.03
CA ALA F 255 8.20 -13.85 -51.13
C ALA F 255 7.55 -13.38 -49.84
N LEU F 256 6.31 -13.83 -49.61
CA LEU F 256 5.55 -13.38 -48.45
C LEU F 256 6.17 -13.94 -47.18
N HIS F 257 6.40 -13.06 -46.20
CA HIS F 257 6.91 -13.46 -44.89
C HIS F 257 6.02 -12.84 -43.82
N ARG F 258 5.54 -13.67 -42.92
CA ARG F 258 4.62 -13.20 -41.89
C ARG F 258 5.31 -12.17 -41.00
N PRO F 259 4.66 -11.05 -40.67
CA PRO F 259 5.28 -10.10 -39.76
C PRO F 259 5.29 -10.63 -38.34
N ASP F 260 6.24 -10.15 -37.56
CA ASP F 260 6.31 -10.44 -36.13
C ASP F 260 6.00 -9.15 -35.38
N VAL F 261 4.93 -9.17 -34.60
CA VAL F 261 4.39 -7.98 -33.96
C VAL F 261 4.75 -8.06 -32.48
N TYR F 262 5.74 -7.28 -32.06
CA TYR F 262 6.16 -7.19 -30.67
C TYR F 262 5.87 -5.79 -30.17
N LEU F 263 5.13 -5.67 -29.08
CA LEU F 263 4.86 -4.40 -28.45
C LEU F 263 5.88 -4.18 -27.33
N LEU F 264 6.56 -3.05 -27.36
CA LEU F 264 7.50 -2.69 -26.32
C LEU F 264 6.87 -1.63 -25.44
N PRO F 265 6.48 -1.93 -24.21
CA PRO F 265 5.79 -0.94 -23.39
C PRO F 265 6.70 0.24 -23.09
N PRO F 266 6.15 1.33 -22.54
CA PRO F 266 6.96 2.53 -22.33
C PRO F 266 8.14 2.28 -21.40
N ALA F 267 9.25 2.95 -21.69
CA ALA F 267 10.42 2.83 -20.83
C ALA F 267 10.11 3.34 -19.44
N ARG F 268 10.65 2.64 -18.43
CA ARG F 268 10.38 3.03 -17.05
C ARG F 268 10.83 4.46 -16.77
N GLU F 269 11.86 4.94 -17.48
CA GLU F 269 12.31 6.31 -17.29
C GLU F 269 11.43 7.31 -18.01
N GLN F 270 10.48 6.86 -18.82
CA GLN F 270 9.51 7.78 -19.42
C GLN F 270 8.28 7.93 -18.55
N LEU F 271 7.83 6.85 -17.92
CA LEU F 271 6.71 6.95 -16.99
C LEU F 271 7.07 7.78 -15.76
N ASN F 272 8.36 7.89 -15.43
CA ASN F 272 8.77 8.73 -14.32
C ASN F 272 8.45 10.20 -14.59
N LEU F 273 8.50 10.61 -15.86
CA LEU F 273 8.08 11.97 -16.19
C LEU F 273 6.62 12.19 -15.85
N ARG F 274 5.83 11.12 -15.81
CA ARG F 274 4.42 11.19 -15.43
C ARG F 274 3.64 12.15 -16.31
N GLU F 275 4.10 12.36 -17.54
CA GLU F 275 3.43 13.22 -18.50
C GLU F 275 2.84 12.42 -19.65
N SER F 276 3.64 11.63 -20.34
CA SER F 276 3.16 10.88 -21.49
C SER F 276 4.01 9.63 -21.67
N ALA F 277 3.50 8.71 -22.48
CA ALA F 277 4.19 7.48 -22.78
C ALA F 277 3.90 7.10 -24.23
N THR F 278 4.79 6.30 -24.81
CA THR F 278 4.70 5.92 -26.21
C THR F 278 4.83 4.41 -26.33
N ILE F 279 3.69 3.72 -26.41
CA ILE F 279 3.68 2.28 -26.64
C ILE F 279 4.01 2.03 -28.10
N THR F 280 5.12 1.36 -28.36
CA THR F 280 5.61 1.17 -29.72
C THR F 280 5.41 -0.27 -30.15
N CYS F 281 4.69 -0.46 -31.26
CA CYS F 281 4.33 -1.78 -31.76
C CYS F 281 5.27 -2.15 -32.90
N LEU F 282 6.46 -2.61 -32.53
CA LEU F 282 7.47 -2.99 -33.52
C LEU F 282 6.95 -4.11 -34.41
N VAL F 283 7.16 -3.97 -35.71
CA VAL F 283 6.81 -4.98 -36.70
C VAL F 283 8.05 -5.27 -37.52
N THR F 284 8.44 -6.54 -37.60
CA THR F 284 9.70 -6.93 -38.21
C THR F 284 9.51 -8.17 -39.07
N GLY F 285 10.45 -8.35 -40.01
CA GLY F 285 10.53 -9.58 -40.77
C GLY F 285 9.35 -9.87 -41.68
N PHE F 286 8.91 -8.89 -42.46
CA PHE F 286 7.80 -9.08 -43.38
C PHE F 286 8.15 -8.56 -44.76
N SER F 287 7.41 -9.05 -45.76
CA SER F 287 7.52 -8.60 -47.13
C SER F 287 6.16 -8.81 -47.77
N PRO F 288 5.72 -7.91 -48.68
CA PRO F 288 6.40 -6.71 -49.18
C PRO F 288 6.41 -5.58 -48.17
N ALA F 289 6.86 -4.40 -48.60
CA ALA F 289 6.95 -3.25 -47.71
C ALA F 289 5.62 -2.52 -47.62
N ASP F 290 4.55 -3.24 -47.29
CA ASP F 290 3.21 -2.65 -47.17
C ASP F 290 2.52 -3.28 -45.97
N VAL F 291 2.44 -2.53 -44.87
CA VAL F 291 1.67 -2.92 -43.70
C VAL F 291 0.72 -1.77 -43.37
N PHE F 292 -0.16 -2.03 -42.42
CA PHE F 292 -1.09 -0.99 -41.96
C PHE F 292 -1.34 -1.25 -40.47
N VAL F 293 -0.58 -0.58 -39.62
CA VAL F 293 -0.69 -0.75 -38.18
C VAL F 293 -1.82 0.12 -37.68
N GLN F 294 -2.78 -0.50 -37.01
CA GLN F 294 -3.90 0.21 -36.40
C GLN F 294 -3.96 -0.15 -34.92
N TRP F 295 -4.18 0.86 -34.09
CA TRP F 295 -4.18 0.70 -32.65
C TRP F 295 -5.60 0.63 -32.14
N MET F 296 -5.76 0.05 -30.95
CA MET F 296 -7.06 -0.08 -30.31
C MET F 296 -6.86 -0.11 -28.81
N GLN F 297 -7.67 0.65 -28.09
CA GLN F 297 -7.66 0.67 -26.63
C GLN F 297 -8.90 -0.03 -26.12
N ARG F 298 -8.72 -1.01 -25.23
CA ARG F 298 -9.81 -1.78 -24.66
C ARG F 298 -10.69 -2.42 -25.72
N GLY F 299 -10.16 -2.62 -26.93
CA GLY F 299 -10.91 -3.21 -28.00
C GLY F 299 -11.67 -2.25 -28.88
N GLN F 300 -11.59 -0.93 -28.62
CA GLN F 300 -12.23 0.07 -29.47
C GLN F 300 -11.17 0.86 -30.24
N PRO F 301 -11.39 1.15 -31.52
CA PRO F 301 -10.35 1.83 -32.30
C PRO F 301 -10.02 3.20 -31.72
N LEU F 302 -8.75 3.58 -31.87
CA LEU F 302 -8.27 4.90 -31.49
C LEU F 302 -8.10 5.76 -32.73
N SER F 303 -8.37 7.05 -32.58
CA SER F 303 -8.34 7.95 -33.73
C SER F 303 -6.94 7.98 -34.33
N PRO F 304 -6.81 8.07 -35.66
CA PRO F 304 -5.47 8.09 -36.27
C PRO F 304 -4.59 9.25 -35.82
N GLU F 305 -5.11 10.19 -35.04
CA GLU F 305 -4.28 11.28 -34.56
C GLU F 305 -3.26 10.81 -33.53
N LYS F 306 -3.63 9.79 -32.75
CA LYS F 306 -2.80 9.43 -31.59
C LYS F 306 -1.61 8.57 -31.96
N TYR F 307 -1.66 7.84 -33.08
CA TYR F 307 -0.58 6.94 -33.46
C TYR F 307 -0.08 7.26 -34.86
N VAL F 308 1.19 6.98 -35.09
CA VAL F 308 1.82 7.14 -36.40
C VAL F 308 2.67 5.90 -36.67
N THR F 309 2.81 5.55 -37.94
CA THR F 309 3.54 4.36 -38.36
C THR F 309 4.71 4.79 -39.24
N SER F 310 5.92 4.46 -38.81
CA SER F 310 7.09 4.76 -39.62
C SER F 310 7.07 3.97 -40.92
N ALA F 311 7.62 4.55 -41.97
CA ALA F 311 7.63 3.88 -43.25
C ALA F 311 8.46 2.60 -43.15
N PRO F 312 8.07 1.53 -43.87
CA PRO F 312 8.90 0.32 -43.85
C PRO F 312 10.29 0.59 -44.39
N MET F 313 11.27 -0.10 -43.82
CA MET F 313 12.65 0.03 -44.25
C MET F 313 13.30 -1.35 -44.27
N PRO F 314 14.37 -1.52 -45.05
CA PRO F 314 15.05 -2.83 -45.07
C PRO F 314 15.56 -3.20 -43.68
N GLU F 315 15.41 -4.46 -43.34
CA GLU F 315 15.88 -4.94 -42.05
C GLU F 315 17.39 -5.15 -42.12
N PRO F 316 18.15 -4.77 -41.09
CA PRO F 316 19.61 -4.96 -41.17
C PRO F 316 20.02 -6.41 -41.34
N GLN F 317 19.28 -7.35 -40.76
CA GLN F 317 19.69 -8.75 -40.79
C GLN F 317 19.31 -9.42 -42.10
N ALA F 318 18.02 -9.50 -42.40
CA ALA F 318 17.52 -10.18 -43.58
C ALA F 318 17.37 -9.20 -44.73
N PRO F 319 18.05 -9.39 -45.87
CA PRO F 319 17.91 -8.40 -46.96
C PRO F 319 16.50 -8.30 -47.50
N GLY F 320 15.84 -9.44 -47.73
CA GLY F 320 14.54 -9.44 -48.37
C GLY F 320 13.38 -9.04 -47.49
N ARG F 321 13.62 -8.81 -46.20
CA ARG F 321 12.57 -8.44 -45.28
C ARG F 321 12.63 -6.96 -44.95
N TYR F 322 11.51 -6.41 -44.49
CA TYR F 322 11.41 -5.04 -44.05
C TYR F 322 10.91 -5.02 -42.61
N PHE F 323 10.90 -3.84 -42.02
CA PHE F 323 10.36 -3.65 -40.67
C PHE F 323 9.74 -2.28 -40.56
N ALA F 324 8.53 -2.23 -40.01
CA ALA F 324 7.81 -1.00 -39.74
C ALA F 324 7.67 -0.83 -38.25
N HIS F 325 7.57 0.42 -37.80
CA HIS F 325 7.67 0.75 -36.39
C HIS F 325 6.65 1.83 -36.07
N SER F 326 5.63 1.47 -35.29
CA SER F 326 4.53 2.37 -34.99
C SER F 326 4.48 2.64 -33.49
N ILE F 327 4.02 3.84 -33.12
CA ILE F 327 3.92 4.24 -31.72
C ILE F 327 2.56 4.85 -31.45
N LEU F 328 2.10 4.71 -30.20
CA LEU F 328 0.86 5.30 -29.72
C LEU F 328 1.17 6.16 -28.52
N THR F 329 0.82 7.44 -28.59
CA THR F 329 1.09 8.38 -27.50
C THR F 329 -0.02 8.26 -26.46
N VAL F 330 0.29 7.58 -25.38
CA VAL F 330 -0.65 7.32 -24.30
C VAL F 330 -0.32 8.21 -23.12
N SER F 331 -1.36 8.64 -22.40
CA SER F 331 -1.16 9.40 -21.17
C SER F 331 -0.71 8.47 -20.06
N GLU F 332 0.28 8.92 -19.29
CA GLU F 332 0.90 8.06 -18.30
C GLU F 332 -0.11 7.54 -17.27
N GLU F 333 -1.13 8.33 -16.92
CA GLU F 333 -2.15 7.83 -16.01
C GLU F 333 -2.88 6.65 -16.61
N GLU F 334 -3.26 6.75 -17.88
CA GLU F 334 -3.98 5.67 -18.55
C GLU F 334 -3.11 4.43 -18.72
N TRP F 335 -1.79 4.56 -18.65
CA TRP F 335 -0.93 3.38 -18.69
C TRP F 335 -0.74 2.78 -17.30
N ASN F 336 -0.36 3.61 -16.33
CA ASN F 336 -0.19 3.12 -14.96
C ASN F 336 -1.47 2.50 -14.42
N THR F 337 -2.63 2.92 -14.91
CA THR F 337 -3.86 2.16 -14.71
C THR F 337 -3.98 1.13 -15.82
N GLY F 338 -4.41 -0.06 -15.46
CA GLY F 338 -4.45 -1.16 -16.41
C GLY F 338 -5.26 -0.86 -17.65
N GLU F 339 -4.58 -0.71 -18.78
CA GLU F 339 -5.23 -0.49 -20.06
C GLU F 339 -4.54 -1.34 -21.12
N THR F 340 -5.32 -1.80 -22.10
CA THR F 340 -4.84 -2.84 -23.00
C THR F 340 -3.96 -2.28 -24.12
N TYR F 341 -4.53 -1.43 -24.98
CA TYR F 341 -3.79 -0.83 -26.10
C TYR F 341 -3.25 -1.92 -27.04
N THR F 342 -4.17 -2.62 -27.68
CA THR F 342 -3.78 -3.64 -28.64
C THR F 342 -3.17 -2.99 -29.87
N CYS F 343 -2.76 -3.81 -30.83
CA CYS F 343 -2.11 -3.31 -32.06
C CYS F 343 -2.40 -4.31 -33.17
N VAL F 344 -3.44 -4.05 -33.96
CA VAL F 344 -3.76 -4.93 -35.08
C VAL F 344 -2.87 -4.59 -36.25
N VAL F 345 -2.12 -5.58 -36.73
CA VAL F 345 -1.16 -5.40 -37.83
C VAL F 345 -1.72 -6.12 -39.04
N ALA F 346 -2.01 -5.36 -40.10
CA ALA F 346 -2.57 -5.90 -41.31
C ALA F 346 -1.45 -6.10 -42.34
N HIS F 347 -1.39 -7.30 -42.91
CA HIS F 347 -0.38 -7.61 -43.92
C HIS F 347 -0.87 -8.76 -44.78
N GLU F 348 -0.30 -8.87 -45.98
CA GLU F 348 -0.68 -9.96 -46.87
C GLU F 348 -0.19 -11.31 -46.35
N ALA F 349 1.04 -11.35 -45.85
CA ALA F 349 1.64 -12.62 -45.45
C ALA F 349 0.94 -13.26 -44.27
N LEU F 350 0.15 -12.52 -43.51
CA LEU F 350 -0.52 -13.09 -42.36
C LEU F 350 -1.55 -14.13 -42.81
N PRO F 351 -1.76 -15.18 -42.01
CA PRO F 351 -2.79 -16.17 -42.39
C PRO F 351 -4.17 -15.54 -42.55
N ASN F 352 -4.67 -14.90 -41.51
CA ASN F 352 -5.98 -14.26 -41.53
C ASN F 352 -5.91 -12.80 -41.97
N ARG F 353 -4.74 -12.32 -42.37
CA ARG F 353 -4.52 -10.96 -42.86
C ARG F 353 -4.57 -9.92 -41.75
N VAL F 354 -4.52 -10.34 -40.48
CA VAL F 354 -4.43 -9.40 -39.37
C VAL F 354 -4.04 -10.16 -38.13
N THR F 355 -3.18 -9.56 -37.31
CA THR F 355 -2.78 -10.11 -36.03
C THR F 355 -2.63 -8.97 -35.04
N GLU F 356 -2.79 -9.29 -33.76
CA GLU F 356 -2.79 -8.27 -32.73
C GLU F 356 -2.15 -8.79 -31.46
N ARG F 357 -1.49 -7.88 -30.74
CA ARG F 357 -0.89 -8.19 -29.44
C ARG F 357 -1.19 -7.05 -28.48
N THR F 358 -1.51 -7.39 -27.24
CA THR F 358 -1.92 -6.44 -26.23
C THR F 358 -0.82 -6.25 -25.19
N VAL F 359 -0.81 -5.09 -24.54
CA VAL F 359 0.13 -4.79 -23.47
C VAL F 359 -0.60 -4.05 -22.36
N ASP F 360 -1.03 -4.77 -21.33
CA ASP F 360 -1.43 -4.15 -20.09
C ASP F 360 -0.21 -3.59 -19.38
N LYS F 361 -0.42 -3.02 -18.19
CA LYS F 361 0.70 -2.76 -17.31
C LYS F 361 1.27 -4.04 -16.72
N SER F 362 0.53 -5.14 -16.79
CA SER F 362 0.85 -6.37 -16.07
C SER F 362 1.40 -7.48 -16.96
N THR F 363 1.73 -7.19 -18.22
CA THR F 363 2.24 -8.24 -19.10
C THR F 363 3.55 -8.81 -18.57
N GLY F 364 4.49 -7.95 -18.23
CA GLY F 364 5.77 -8.40 -17.71
C GLY F 364 5.73 -8.90 -16.28
N LYS F 365 4.63 -8.66 -15.57
CA LYS F 365 4.54 -9.07 -14.18
C LYS F 365 4.56 -10.59 -14.09
N PRO F 366 5.11 -11.15 -12.99
CA PRO F 366 5.31 -12.60 -12.92
C PRO F 366 4.03 -13.42 -12.99
N THR F 367 2.92 -12.91 -12.49
CA THR F 367 1.63 -13.61 -12.45
C THR F 367 1.65 -14.82 -11.51
N LEU F 368 2.69 -14.97 -10.69
CA LEU F 368 2.74 -16.01 -9.68
C LEU F 368 3.23 -15.53 -8.33
N TYR F 369 3.70 -14.29 -8.21
CA TYR F 369 4.08 -13.74 -6.91
C TYR F 369 3.96 -12.23 -6.98
N ASN F 370 2.90 -11.70 -6.37
CA ASN F 370 2.63 -10.26 -6.36
C ASN F 370 3.50 -9.56 -5.32
N VAL F 371 4.82 -9.71 -5.49
CA VAL F 371 5.76 -9.18 -4.51
C VAL F 371 5.64 -7.67 -4.45
N SER F 372 5.44 -7.13 -3.26
CA SER F 372 5.25 -5.70 -3.06
C SER F 372 6.24 -5.19 -2.04
N LEU F 373 6.65 -3.94 -2.20
CA LEU F 373 7.50 -3.23 -1.24
C LEU F 373 6.69 -2.11 -0.62
N VAL F 374 6.66 -2.08 0.71
CA VAL F 374 5.96 -1.04 1.46
C VAL F 374 6.83 -0.64 2.63
N MET F 375 6.85 0.66 2.93
CA MET F 375 7.64 1.19 4.04
C MET F 375 7.22 0.48 5.32
N ILE G 152 -36.50 -31.73 -58.02
CA ILE G 152 -36.94 -31.12 -59.26
C ILE G 152 -37.07 -29.62 -59.09
N ARG G 153 -36.23 -29.04 -58.23
CA ARG G 153 -36.23 -27.62 -57.96
C ARG G 153 -34.81 -27.10 -58.00
N VAL G 154 -34.65 -25.85 -58.43
CA VAL G 154 -33.33 -25.23 -58.47
C VAL G 154 -32.95 -24.76 -57.07
N PHE G 155 -31.71 -25.06 -56.68
CA PHE G 155 -31.17 -24.69 -55.38
C PHE G 155 -29.98 -23.76 -55.59
N ALA G 156 -29.95 -22.67 -54.83
CA ALA G 156 -28.86 -21.71 -54.85
C ALA G 156 -28.16 -21.72 -53.50
N ILE G 157 -26.84 -21.79 -53.52
CA ILE G 157 -26.04 -21.87 -52.30
C ILE G 157 -25.26 -20.56 -52.16
N PRO G 158 -25.75 -19.59 -51.39
CA PRO G 158 -25.00 -18.35 -51.22
C PRO G 158 -23.74 -18.59 -50.40
N PRO G 159 -22.60 -18.01 -50.76
CA PRO G 159 -21.42 -18.16 -49.92
C PRO G 159 -21.63 -17.52 -48.56
N SER G 160 -21.17 -18.21 -47.52
CA SER G 160 -21.27 -17.74 -46.15
C SER G 160 -19.94 -17.11 -45.74
N PHE G 161 -19.98 -16.32 -44.68
CA PHE G 161 -18.77 -15.65 -44.21
C PHE G 161 -17.66 -16.66 -43.90
N ALA G 162 -18.04 -17.87 -43.49
CA ALA G 162 -17.04 -18.92 -43.32
C ALA G 162 -16.42 -19.31 -44.66
N SER G 163 -17.25 -19.42 -45.70
CA SER G 163 -16.72 -19.78 -47.02
C SER G 163 -15.85 -18.66 -47.59
N ILE G 164 -16.14 -17.41 -47.23
CA ILE G 164 -15.42 -16.28 -47.83
C ILE G 164 -13.95 -16.30 -47.42
N PHE G 165 -13.69 -16.45 -46.12
CA PHE G 165 -12.32 -16.32 -45.64
C PHE G 165 -11.47 -17.55 -45.94
N LEU G 166 -12.06 -18.74 -45.92
CA LEU G 166 -11.27 -19.95 -46.16
C LEU G 166 -10.71 -20.00 -47.58
N THR G 167 -11.26 -19.19 -48.50
CA THR G 167 -10.72 -19.11 -49.86
C THR G 167 -10.60 -17.68 -50.39
N LYS G 168 -11.09 -16.68 -49.67
CA LYS G 168 -11.04 -15.29 -50.14
C LYS G 168 -11.68 -15.16 -51.51
N SER G 169 -12.86 -15.76 -51.67
CA SER G 169 -13.59 -15.70 -52.93
C SER G 169 -15.03 -16.09 -52.69
N THR G 170 -15.96 -15.25 -53.13
CA THR G 170 -17.39 -15.53 -53.03
C THR G 170 -17.80 -16.45 -54.17
N LYS G 171 -18.08 -17.71 -53.85
CA LYS G 171 -18.42 -18.72 -54.84
C LYS G 171 -19.93 -18.90 -54.87
N LEU G 172 -20.55 -18.48 -55.97
CA LEU G 172 -21.98 -18.67 -56.17
C LEU G 172 -22.21 -20.00 -56.89
N THR G 173 -22.98 -20.89 -56.27
CA THR G 173 -23.19 -22.23 -56.80
C THR G 173 -24.65 -22.43 -57.15
N CYS G 174 -24.91 -22.93 -58.35
CA CYS G 174 -26.23 -23.40 -58.76
C CYS G 174 -26.32 -24.90 -58.50
N LEU G 175 -27.38 -25.30 -57.80
CA LEU G 175 -27.56 -26.68 -57.38
C LEU G 175 -28.99 -27.11 -57.69
N VAL G 176 -29.15 -28.42 -57.93
CA VAL G 176 -30.46 -29.03 -58.12
C VAL G 176 -30.50 -30.32 -57.31
N THR G 177 -31.70 -30.74 -56.94
CA THR G 177 -31.89 -31.93 -56.12
C THR G 177 -33.04 -32.76 -56.67
N ASP G 178 -32.91 -34.07 -56.57
CA ASP G 178 -33.96 -35.01 -56.97
C ASP G 178 -34.37 -34.78 -58.43
N LEU G 179 -33.37 -34.62 -59.29
CA LEU G 179 -33.58 -34.45 -60.72
C LEU G 179 -32.76 -35.49 -61.48
N THR G 180 -33.27 -35.89 -62.64
CA THR G 180 -32.60 -36.92 -63.43
C THR G 180 -31.21 -36.45 -63.84
N THR G 181 -30.23 -37.35 -63.70
CA THR G 181 -28.86 -37.02 -64.05
C THR G 181 -28.69 -36.93 -65.57
N TYR G 182 -27.93 -35.93 -66.01
CA TYR G 182 -27.67 -35.74 -67.42
C TYR G 182 -26.34 -35.01 -67.58
N ASP G 183 -25.55 -35.47 -68.55
CA ASP G 183 -24.24 -34.91 -68.80
C ASP G 183 -24.34 -33.55 -69.49
N SER G 184 -23.42 -32.65 -69.14
CA SER G 184 -23.34 -31.32 -69.73
C SER G 184 -24.64 -30.53 -69.48
N VAL G 185 -24.93 -30.32 -68.19
CA VAL G 185 -26.09 -29.53 -67.81
C VAL G 185 -25.82 -28.06 -68.10
N THR G 186 -26.89 -27.32 -68.41
CA THR G 186 -26.80 -25.90 -68.75
C THR G 186 -27.30 -25.09 -67.55
N ILE G 187 -26.45 -24.20 -67.05
CA ILE G 187 -26.79 -23.29 -65.96
C ILE G 187 -26.29 -21.90 -66.31
N SER G 188 -26.87 -20.90 -65.66
CA SER G 188 -26.53 -19.51 -65.94
C SER G 188 -26.65 -18.68 -64.67
N TRP G 189 -25.92 -17.57 -64.65
CA TRP G 189 -25.95 -16.61 -63.56
C TRP G 189 -26.09 -15.21 -64.14
N THR G 190 -26.87 -14.37 -63.48
CA THR G 190 -27.07 -13.00 -63.94
C THR G 190 -27.33 -12.10 -62.74
N ARG G 191 -27.06 -10.81 -62.92
CA ARG G 191 -27.23 -9.82 -61.87
C ARG G 191 -28.67 -9.29 -61.89
N GLN G 192 -28.96 -8.35 -60.99
CA GLN G 192 -30.29 -7.76 -60.94
C GLN G 192 -30.57 -6.95 -62.21
N ASN G 193 -29.58 -6.24 -62.73
CA ASN G 193 -29.76 -5.46 -63.95
C ASN G 193 -29.86 -6.31 -65.20
N GLY G 194 -29.60 -7.61 -65.10
CA GLY G 194 -29.65 -8.50 -66.24
C GLY G 194 -28.30 -8.87 -66.83
N GLU G 195 -27.22 -8.23 -66.39
CA GLU G 195 -25.90 -8.56 -66.91
C GLU G 195 -25.55 -10.00 -66.59
N ALA G 196 -25.00 -10.71 -67.58
CA ALA G 196 -24.67 -12.12 -67.41
C ALA G 196 -23.35 -12.27 -66.68
N VAL G 197 -23.33 -13.16 -65.68
CA VAL G 197 -22.12 -13.40 -64.91
C VAL G 197 -21.17 -14.29 -65.70
N LYS G 198 -19.89 -14.23 -65.34
CA LYS G 198 -18.88 -15.04 -66.00
C LYS G 198 -19.24 -16.51 -65.84
N THR G 199 -19.11 -17.26 -66.93
CA THR G 199 -19.67 -18.61 -67.00
C THR G 199 -19.03 -19.54 -65.97
N HIS G 200 -19.83 -20.46 -65.45
CA HIS G 200 -19.35 -21.42 -64.47
C HIS G 200 -18.14 -22.18 -65.01
N THR G 201 -17.10 -22.30 -64.17
CA THR G 201 -15.87 -22.96 -64.55
C THR G 201 -15.83 -24.44 -64.18
N ASN G 202 -16.86 -24.96 -63.52
CA ASN G 202 -16.93 -26.36 -63.15
C ASN G 202 -18.32 -26.92 -63.45
N ILE G 203 -18.37 -28.22 -63.72
CA ILE G 203 -19.61 -28.91 -64.06
C ILE G 203 -19.73 -30.13 -63.16
N SER G 204 -20.98 -30.52 -62.90
CA SER G 204 -21.26 -31.66 -62.06
C SER G 204 -20.99 -32.96 -62.81
N GLU G 205 -20.94 -34.07 -62.05
CA GLU G 205 -20.70 -35.38 -62.59
C GLU G 205 -21.92 -36.26 -62.39
N SER G 206 -22.14 -37.18 -63.32
CA SER G 206 -23.31 -38.05 -63.28
C SER G 206 -23.28 -38.89 -62.01
N HIS G 207 -24.46 -39.08 -61.41
CA HIS G 207 -24.63 -39.84 -60.19
C HIS G 207 -25.46 -41.09 -60.45
N PRO G 208 -24.99 -42.29 -60.10
CA PRO G 208 -25.83 -43.49 -60.30
C PRO G 208 -27.13 -43.45 -59.53
N ASN G 209 -27.20 -42.68 -58.44
CA ASN G 209 -28.40 -42.66 -57.60
C ASN G 209 -29.58 -41.96 -58.28
N ALA G 210 -29.36 -41.31 -59.42
CA ALA G 210 -30.39 -40.63 -60.20
C ALA G 210 -30.82 -39.30 -59.59
N THR G 211 -30.18 -38.87 -58.50
CA THR G 211 -30.44 -37.56 -57.90
C THR G 211 -29.30 -36.64 -58.31
N PHE G 212 -29.57 -35.75 -59.26
CA PHE G 212 -28.55 -34.90 -59.85
C PHE G 212 -28.27 -33.70 -58.96
N SER G 213 -26.99 -33.35 -58.84
CA SER G 213 -26.55 -32.20 -58.03
C SER G 213 -25.62 -31.36 -58.91
N ALA G 214 -26.15 -30.25 -59.43
CA ALA G 214 -25.38 -29.38 -60.29
C ALA G 214 -24.41 -28.52 -59.49
N VAL G 215 -23.25 -28.26 -60.06
CA VAL G 215 -22.24 -27.40 -59.44
C VAL G 215 -21.69 -26.45 -60.50
N GLY G 216 -21.71 -25.16 -60.22
CA GLY G 216 -21.12 -24.17 -61.08
C GLY G 216 -20.67 -22.94 -60.31
N GLU G 217 -19.39 -22.59 -60.42
CA GLU G 217 -18.81 -21.53 -59.61
C GLU G 217 -18.76 -20.23 -60.39
N ALA G 218 -19.41 -19.20 -59.84
CA ALA G 218 -19.43 -17.86 -60.43
C ALA G 218 -18.81 -16.90 -59.43
N SER G 219 -17.60 -16.42 -59.73
CA SER G 219 -16.89 -15.53 -58.83
C SER G 219 -17.55 -14.16 -58.82
N ILE G 220 -17.75 -13.60 -57.63
CA ILE G 220 -18.34 -12.28 -57.45
C ILE G 220 -17.49 -11.51 -56.46
N CYS G 221 -17.30 -10.22 -56.73
CA CYS G 221 -16.55 -9.38 -55.80
C CYS G 221 -17.24 -9.33 -54.45
N GLU G 222 -16.44 -9.35 -53.38
CA GLU G 222 -17.00 -9.34 -52.04
C GLU G 222 -17.83 -8.08 -51.80
N ASP G 223 -17.33 -6.93 -52.23
CA ASP G 223 -18.08 -5.69 -52.07
C ASP G 223 -19.40 -5.75 -52.84
N ASP G 224 -19.36 -6.28 -54.06
CA ASP G 224 -20.58 -6.37 -54.86
C ASP G 224 -21.61 -7.27 -54.18
N TRP G 225 -21.17 -8.40 -53.63
CA TRP G 225 -22.10 -9.33 -52.99
C TRP G 225 -22.63 -8.75 -51.68
N ASN G 226 -21.81 -7.97 -50.98
CA ASN G 226 -22.27 -7.32 -49.75
C ASN G 226 -23.12 -6.09 -50.01
N SER G 227 -23.09 -5.55 -51.23
CA SER G 227 -23.89 -4.38 -51.54
C SER G 227 -25.39 -4.66 -51.55
N GLY G 228 -25.77 -5.92 -51.67
CA GLY G 228 -27.17 -6.29 -51.72
C GLY G 228 -27.73 -6.50 -53.12
N GLU G 229 -26.90 -6.41 -54.15
CA GLU G 229 -27.37 -6.63 -55.51
C GLU G 229 -27.92 -8.04 -55.66
N ARG G 230 -29.08 -8.15 -56.30
CA ARG G 230 -29.73 -9.44 -56.47
C ARG G 230 -29.04 -10.25 -57.56
N PHE G 231 -28.68 -11.49 -57.25
CA PHE G 231 -28.04 -12.40 -58.19
C PHE G 231 -28.98 -13.57 -58.45
N THR G 232 -29.24 -13.84 -59.73
CA THR G 232 -30.21 -14.84 -60.15
C THR G 232 -29.50 -16.02 -60.78
N CYS G 233 -29.80 -17.22 -60.29
CA CYS G 233 -29.30 -18.47 -60.86
C CYS G 233 -30.34 -19.00 -61.84
N THR G 234 -30.12 -18.78 -63.13
CA THR G 234 -31.00 -19.26 -64.18
C THR G 234 -30.52 -20.63 -64.64
N VAL G 235 -31.39 -21.63 -64.53
CA VAL G 235 -31.07 -23.01 -64.90
C VAL G 235 -32.17 -23.47 -65.86
N THR G 236 -31.92 -23.31 -67.16
CA THR G 236 -32.81 -23.83 -68.19
C THR G 236 -32.15 -25.06 -68.80
N HIS G 237 -32.84 -26.19 -68.76
CA HIS G 237 -32.25 -27.46 -69.18
C HIS G 237 -33.36 -28.39 -69.67
N THR G 238 -32.94 -29.39 -70.46
CA THR G 238 -33.89 -30.35 -71.03
C THR G 238 -34.58 -31.18 -69.96
N ASP G 239 -34.00 -31.32 -68.78
CA ASP G 239 -34.62 -32.11 -67.73
C ASP G 239 -35.98 -31.54 -67.35
N LEU G 240 -36.08 -30.23 -67.21
CA LEU G 240 -37.35 -29.54 -67.01
C LEU G 240 -37.40 -28.40 -68.02
N PRO G 241 -38.23 -28.49 -69.07
CA PRO G 241 -38.17 -27.45 -70.12
C PRO G 241 -38.41 -26.05 -69.60
N SER G 242 -39.27 -25.89 -68.60
CA SER G 242 -39.52 -24.56 -68.05
C SER G 242 -38.24 -24.03 -67.40
N PRO G 243 -37.86 -22.77 -67.66
CA PRO G 243 -36.66 -22.23 -67.02
C PRO G 243 -36.80 -22.20 -65.50
N LEU G 244 -35.68 -22.40 -64.82
CA LEU G 244 -35.62 -22.36 -63.36
C LEU G 244 -34.68 -21.23 -62.97
N LYS G 245 -35.25 -20.13 -62.48
CA LYS G 245 -34.48 -18.97 -62.04
C LYS G 245 -34.72 -18.75 -60.55
N GLN G 246 -33.61 -18.68 -59.80
CA GLN G 246 -33.65 -18.45 -58.36
C GLN G 246 -32.77 -17.25 -58.04
N THR G 247 -33.34 -16.28 -57.32
CA THR G 247 -32.64 -15.05 -56.98
C THR G 247 -32.33 -15.05 -55.48
N ILE G 248 -31.08 -14.78 -55.14
CA ILE G 248 -30.63 -14.77 -53.75
C ILE G 248 -29.80 -13.51 -53.50
N SER G 249 -29.75 -13.10 -52.24
CA SER G 249 -28.96 -11.95 -51.83
C SER G 249 -28.85 -11.95 -50.32
N ARG G 250 -27.89 -11.19 -49.81
CA ARG G 250 -27.66 -11.14 -48.38
C ARG G 250 -28.86 -10.51 -47.68
N PRO G 251 -29.43 -11.16 -46.66
CA PRO G 251 -30.51 -10.51 -45.91
C PRO G 251 -30.04 -9.20 -45.27
N LYS G 252 -30.93 -8.23 -45.26
CA LYS G 252 -30.67 -6.91 -44.68
C LYS G 252 -31.54 -6.75 -43.44
N GLY G 253 -31.20 -5.77 -42.61
CA GLY G 253 -31.89 -5.55 -41.36
C GLY G 253 -31.31 -6.28 -40.18
N VAL G 254 -30.29 -7.11 -40.39
CA VAL G 254 -29.65 -7.84 -39.29
C VAL G 254 -28.61 -6.94 -38.64
N ALA G 255 -28.76 -6.72 -37.33
CA ALA G 255 -27.84 -5.86 -36.61
C ALA G 255 -26.45 -6.49 -36.54
N LEU G 256 -25.44 -5.64 -36.42
CA LEU G 256 -24.05 -6.07 -36.32
C LEU G 256 -23.60 -5.91 -34.87
N HIS G 257 -23.31 -7.02 -34.21
CA HIS G 257 -22.86 -7.03 -32.82
C HIS G 257 -21.53 -7.76 -32.73
N ARG G 258 -20.57 -7.17 -32.03
CA ARG G 258 -19.25 -7.76 -31.92
C ARG G 258 -19.33 -9.05 -31.11
N PRO G 259 -18.71 -10.15 -31.58
CA PRO G 259 -18.62 -11.33 -30.72
C PRO G 259 -17.70 -11.08 -29.54
N ASP G 260 -17.98 -11.78 -28.45
CA ASP G 260 -17.15 -11.72 -27.25
C ASP G 260 -16.47 -13.08 -27.14
N VAL G 261 -15.32 -13.21 -27.79
CA VAL G 261 -14.61 -14.48 -27.85
C VAL G 261 -13.94 -14.73 -26.50
N TYR G 262 -14.52 -15.63 -25.71
CA TYR G 262 -13.94 -16.07 -24.45
C TYR G 262 -13.34 -17.45 -24.66
N LEU G 263 -12.06 -17.60 -24.35
CA LEU G 263 -11.35 -18.85 -24.55
C LEU G 263 -11.20 -19.55 -23.21
N LEU G 264 -11.77 -20.74 -23.10
CA LEU G 264 -11.87 -21.45 -21.82
C LEU G 264 -10.86 -22.58 -21.79
N PRO G 265 -9.87 -22.57 -20.89
CA PRO G 265 -8.92 -23.69 -20.84
C PRO G 265 -9.61 -24.96 -20.37
N PRO G 266 -8.98 -26.11 -20.56
CA PRO G 266 -9.64 -27.38 -20.24
C PRO G 266 -9.87 -27.55 -18.75
N ALA G 267 -10.84 -28.40 -18.42
CA ALA G 267 -11.18 -28.64 -17.03
C ALA G 267 -10.01 -29.27 -16.29
N ARG G 268 -9.94 -28.99 -14.98
CA ARG G 268 -8.91 -29.63 -14.16
C ARG G 268 -9.05 -31.15 -14.19
N GLU G 269 -10.28 -31.65 -14.34
CA GLU G 269 -10.48 -33.08 -14.42
C GLU G 269 -9.80 -33.66 -15.66
N GLN G 270 -9.90 -32.95 -16.79
CA GLN G 270 -9.26 -33.43 -18.01
C GLN G 270 -7.75 -33.56 -17.84
N LEU G 271 -7.13 -32.56 -17.21
CA LEU G 271 -5.68 -32.62 -16.99
C LEU G 271 -5.30 -33.78 -16.08
N ASN G 272 -6.11 -34.05 -15.06
CA ASN G 272 -5.80 -35.16 -14.15
C ASN G 272 -5.79 -36.48 -14.89
N LEU G 273 -6.75 -36.71 -15.79
CA LEU G 273 -6.81 -37.96 -16.52
C LEU G 273 -5.61 -38.11 -17.46
N ARG G 274 -5.16 -37.00 -18.03
CA ARG G 274 -3.90 -36.87 -18.78
C ARG G 274 -3.94 -37.48 -20.17
N GLU G 275 -5.02 -38.15 -20.57
CA GLU G 275 -5.04 -38.71 -21.92
C GLU G 275 -5.27 -37.63 -22.98
N SER G 276 -6.15 -36.67 -22.72
CA SER G 276 -6.47 -35.65 -23.70
C SER G 276 -7.11 -34.47 -23.00
N ALA G 277 -7.10 -33.34 -23.69
CA ALA G 277 -7.71 -32.10 -23.19
C ALA G 277 -8.46 -31.43 -24.32
N THR G 278 -9.44 -30.61 -23.95
CA THR G 278 -10.28 -29.89 -24.92
C THR G 278 -10.35 -28.42 -24.53
N ILE G 279 -10.12 -27.55 -25.50
CA ILE G 279 -10.19 -26.10 -25.30
C ILE G 279 -11.38 -25.58 -26.08
N THR G 280 -12.29 -24.90 -25.38
CA THR G 280 -13.49 -24.35 -26.00
C THR G 280 -13.29 -22.87 -26.26
N CYS G 281 -13.47 -22.46 -27.52
CA CYS G 281 -13.43 -21.06 -27.92
C CYS G 281 -14.87 -20.57 -27.95
N LEU G 282 -15.34 -20.05 -26.83
CA LEU G 282 -16.73 -19.63 -26.69
C LEU G 282 -16.92 -18.30 -27.40
N VAL G 283 -17.71 -18.30 -28.47
CA VAL G 283 -18.08 -17.09 -29.19
C VAL G 283 -19.52 -16.77 -28.82
N THR G 284 -19.73 -15.59 -28.22
CA THR G 284 -21.04 -15.21 -27.73
C THR G 284 -21.26 -13.72 -27.95
N GLY G 285 -22.52 -13.34 -28.10
CA GLY G 285 -22.91 -11.95 -28.24
C GLY G 285 -22.88 -11.41 -29.65
N PHE G 286 -22.83 -12.26 -30.66
CA PHE G 286 -22.77 -11.83 -32.05
C PHE G 286 -24.13 -12.06 -32.71
N SER G 287 -24.69 -11.01 -33.30
CA SER G 287 -26.04 -11.05 -33.84
C SER G 287 -26.09 -11.65 -35.25
N PRO G 288 -25.16 -11.35 -36.16
CA PRO G 288 -25.20 -11.98 -37.48
C PRO G 288 -25.14 -13.49 -37.38
N ALA G 289 -25.80 -14.15 -38.32
CA ALA G 289 -26.04 -15.59 -38.20
C ALA G 289 -24.75 -16.38 -38.15
N ASP G 290 -23.80 -16.09 -39.02
CA ASP G 290 -22.64 -16.94 -39.24
C ASP G 290 -21.37 -16.30 -38.69
N VAL G 291 -20.50 -17.15 -38.12
CA VAL G 291 -19.19 -16.76 -37.64
C VAL G 291 -18.21 -17.87 -37.99
N PHE G 292 -16.98 -17.47 -38.27
CA PHE G 292 -15.93 -18.39 -38.69
C PHE G 292 -14.86 -18.46 -37.61
N VAL G 293 -14.75 -19.61 -36.95
CA VAL G 293 -13.81 -19.81 -35.87
C VAL G 293 -12.68 -20.71 -36.40
N GLN G 294 -11.45 -20.21 -36.35
CA GLN G 294 -10.29 -20.95 -36.82
C GLN G 294 -9.26 -20.99 -35.70
N TRP G 295 -8.48 -22.07 -35.67
CA TRP G 295 -7.52 -22.32 -34.61
C TRP G 295 -6.11 -22.26 -35.18
N MET G 296 -5.23 -21.49 -34.54
CA MET G 296 -3.80 -21.51 -34.86
C MET G 296 -3.03 -21.95 -33.62
N GLN G 297 -2.03 -22.82 -33.84
CA GLN G 297 -1.12 -23.25 -32.80
C GLN G 297 0.25 -22.65 -33.09
N ARG G 298 0.75 -21.83 -32.16
CA ARG G 298 2.07 -21.23 -32.27
C ARG G 298 2.22 -20.46 -33.58
N GLY G 299 1.17 -19.73 -33.96
CA GLY G 299 1.22 -18.87 -35.13
C GLY G 299 1.04 -19.57 -36.46
N GLN G 300 0.75 -20.86 -36.47
CA GLN G 300 0.54 -21.61 -37.70
C GLN G 300 -0.83 -22.26 -37.66
N PRO G 301 -1.70 -22.04 -38.67
CA PRO G 301 -3.03 -22.64 -38.61
C PRO G 301 -2.99 -24.15 -38.49
N LEU G 302 -3.93 -24.68 -37.70
CA LEU G 302 -4.04 -26.10 -37.45
C LEU G 302 -4.94 -26.75 -38.50
N SER G 303 -4.90 -28.07 -38.55
CA SER G 303 -5.72 -28.80 -39.52
C SER G 303 -7.20 -28.58 -39.21
N PRO G 304 -8.06 -28.43 -40.22
CA PRO G 304 -9.48 -28.22 -39.94
C PRO G 304 -10.14 -29.36 -39.18
N GLU G 305 -9.60 -30.58 -39.27
CA GLU G 305 -10.28 -31.72 -38.67
C GLU G 305 -10.11 -31.75 -37.15
N LYS G 306 -9.02 -31.20 -36.63
CA LYS G 306 -8.78 -31.27 -35.20
C LYS G 306 -9.84 -30.51 -34.41
N TYR G 307 -10.21 -29.33 -34.87
CA TYR G 307 -11.20 -28.50 -34.17
C TYR G 307 -12.56 -28.61 -34.86
N VAL G 308 -13.61 -28.65 -34.05
CA VAL G 308 -14.98 -28.74 -34.53
C VAL G 308 -15.74 -27.52 -34.03
N THR G 309 -16.34 -26.78 -34.96
CA THR G 309 -17.07 -25.55 -34.63
C THR G 309 -18.55 -25.85 -34.58
N SER G 310 -19.17 -25.60 -33.43
CA SER G 310 -20.60 -25.81 -33.29
C SER G 310 -21.36 -24.78 -34.11
N ALA G 311 -22.46 -25.22 -34.72
CA ALA G 311 -23.27 -24.31 -35.51
C ALA G 311 -23.86 -23.23 -34.61
N PRO G 312 -23.94 -21.98 -35.08
CA PRO G 312 -24.49 -20.92 -34.21
C PRO G 312 -25.93 -21.21 -33.81
N MET G 313 -26.27 -20.84 -32.58
CA MET G 313 -27.61 -20.99 -32.04
C MET G 313 -27.97 -19.72 -31.29
N PRO G 314 -29.26 -19.42 -31.13
CA PRO G 314 -29.64 -18.21 -30.39
C PRO G 314 -29.15 -18.26 -28.95
N GLU G 315 -28.72 -17.10 -28.45
CA GLU G 315 -28.24 -17.02 -27.09
C GLU G 315 -29.42 -17.01 -26.12
N PRO G 316 -29.33 -17.73 -24.99
CA PRO G 316 -30.48 -17.74 -24.06
C PRO G 316 -30.84 -16.36 -23.54
N GLN G 317 -29.85 -15.50 -23.29
CA GLN G 317 -30.13 -14.24 -22.63
C GLN G 317 -30.94 -13.29 -23.52
N ALA G 318 -30.55 -13.18 -24.79
CA ALA G 318 -31.19 -12.26 -25.72
C ALA G 318 -31.56 -13.00 -27.00
N PRO G 319 -32.63 -12.56 -27.68
CA PRO G 319 -33.02 -13.26 -28.91
C PRO G 319 -32.12 -12.95 -30.09
N GLY G 320 -31.75 -11.67 -30.28
CA GLY G 320 -30.98 -11.27 -31.43
C GLY G 320 -29.53 -11.72 -31.37
N ARG G 321 -29.00 -11.97 -30.19
CA ARG G 321 -27.63 -12.41 -30.04
C ARG G 321 -27.53 -13.92 -30.27
N TYR G 322 -26.37 -14.35 -30.76
CA TYR G 322 -26.09 -15.76 -30.99
C TYR G 322 -24.83 -16.15 -30.23
N PHE G 323 -24.64 -17.46 -30.07
CA PHE G 323 -23.43 -17.99 -29.46
C PHE G 323 -22.98 -19.20 -30.26
N ALA G 324 -21.69 -19.52 -30.16
CA ALA G 324 -21.12 -20.64 -30.86
C ALA G 324 -20.00 -21.24 -30.03
N HIS G 325 -19.69 -22.51 -30.31
CA HIS G 325 -18.67 -23.25 -29.59
C HIS G 325 -17.64 -23.78 -30.57
N SER G 326 -16.43 -24.04 -30.07
CA SER G 326 -15.37 -24.62 -30.89
C SER G 326 -14.41 -25.34 -29.97
N ILE G 327 -14.43 -26.67 -30.02
CA ILE G 327 -13.56 -27.51 -29.19
C ILE G 327 -12.36 -27.93 -30.02
N LEU G 328 -11.21 -28.03 -29.37
CA LEU G 328 -9.97 -28.51 -30.01
C LEU G 328 -9.42 -29.65 -29.18
N THR G 329 -9.72 -30.88 -29.58
CA THR G 329 -9.21 -32.06 -28.88
C THR G 329 -7.70 -32.11 -29.01
N VAL G 330 -7.00 -32.01 -27.87
CA VAL G 330 -5.55 -31.97 -27.84
C VAL G 330 -5.06 -32.94 -26.79
N SER G 331 -3.96 -33.63 -27.10
CA SER G 331 -3.34 -34.50 -26.11
C SER G 331 -2.93 -33.69 -24.89
N GLU G 332 -3.17 -34.26 -23.71
CA GLU G 332 -2.94 -33.51 -22.48
C GLU G 332 -1.48 -33.12 -22.32
N GLU G 333 -0.56 -34.01 -22.66
CA GLU G 333 0.86 -33.69 -22.56
C GLU G 333 1.21 -32.46 -23.38
N GLU G 334 0.56 -32.28 -24.53
CA GLU G 334 0.78 -31.06 -25.32
C GLU G 334 0.36 -29.82 -24.53
N TRP G 335 -0.79 -29.88 -23.85
CA TRP G 335 -1.29 -28.72 -23.13
C TRP G 335 -0.37 -28.33 -21.99
N ASN G 336 0.26 -29.31 -21.33
CA ASN G 336 1.17 -28.99 -20.24
C ASN G 336 2.33 -28.14 -20.73
N THR G 337 2.88 -28.48 -21.89
CA THR G 337 3.94 -27.67 -22.48
C THR G 337 3.41 -26.30 -22.85
N GLY G 338 4.25 -25.28 -22.69
CA GLY G 338 3.86 -23.92 -22.99
C GLY G 338 3.67 -23.67 -24.47
N GLU G 339 2.42 -23.43 -24.89
CA GLU G 339 2.12 -23.11 -26.27
C GLU G 339 0.83 -22.31 -26.33
N THR G 340 0.76 -21.39 -27.30
CA THR G 340 -0.27 -20.35 -27.27
C THR G 340 -1.67 -20.90 -27.55
N TYR G 341 -1.81 -21.72 -28.59
CA TYR G 341 -3.11 -22.23 -29.02
C TYR G 341 -4.10 -21.08 -29.24
N THR G 342 -3.70 -20.13 -30.06
CA THR G 342 -4.55 -18.98 -30.33
C THR G 342 -5.78 -19.40 -31.14
N CYS G 343 -6.93 -18.82 -30.79
CA CYS G 343 -8.19 -19.04 -31.49
C CYS G 343 -8.63 -17.72 -32.09
N VAL G 344 -8.78 -17.67 -33.41
CA VAL G 344 -9.15 -16.46 -34.12
C VAL G 344 -10.57 -16.60 -34.61
N VAL G 345 -11.39 -15.58 -34.35
CA VAL G 345 -12.79 -15.58 -34.72
C VAL G 345 -12.99 -14.51 -35.78
N ALA G 346 -13.48 -14.92 -36.94
CA ALA G 346 -13.74 -14.01 -38.07
C ALA G 346 -15.23 -13.70 -38.12
N HIS G 347 -15.55 -12.42 -38.12
CA HIS G 347 -16.94 -11.99 -38.03
C HIS G 347 -17.09 -10.63 -38.67
N GLU G 348 -18.32 -10.30 -39.06
CA GLU G 348 -18.58 -9.03 -39.74
C GLU G 348 -18.46 -7.85 -38.77
N ALA G 349 -19.07 -7.96 -37.60
CA ALA G 349 -19.18 -6.84 -36.68
C ALA G 349 -17.85 -6.43 -36.06
N LEU G 350 -16.83 -7.27 -36.13
CA LEU G 350 -15.55 -6.91 -35.52
C LEU G 350 -14.95 -5.72 -36.26
N PRO G 351 -14.29 -4.80 -35.55
CA PRO G 351 -13.75 -3.61 -36.24
C PRO G 351 -12.82 -3.94 -37.38
N ASN G 352 -11.99 -4.97 -37.23
CA ASN G 352 -11.08 -5.42 -38.28
C ASN G 352 -11.48 -6.79 -38.83
N ARG G 353 -12.69 -7.25 -38.52
CA ARG G 353 -13.25 -8.48 -39.09
C ARG G 353 -12.62 -9.74 -38.52
N VAL G 354 -11.62 -9.61 -37.65
CA VAL G 354 -10.98 -10.78 -37.02
C VAL G 354 -10.46 -10.37 -35.65
N THR G 355 -10.68 -11.23 -34.67
CA THR G 355 -10.14 -11.05 -33.33
C THR G 355 -9.52 -12.36 -32.87
N GLU G 356 -8.42 -12.25 -32.12
CA GLU G 356 -7.66 -13.41 -31.68
C GLU G 356 -7.72 -13.52 -30.17
N ARG G 357 -7.83 -14.76 -29.68
CA ARG G 357 -7.75 -15.05 -28.26
C ARG G 357 -6.94 -16.31 -28.07
N THR G 358 -6.04 -16.29 -27.08
CA THR G 358 -5.09 -17.35 -26.86
C THR G 358 -5.05 -17.74 -25.38
N VAL G 359 -4.89 -19.04 -25.14
CA VAL G 359 -4.83 -19.58 -23.78
C VAL G 359 -3.74 -20.64 -23.75
N ASP G 360 -2.93 -20.62 -22.69
CA ASP G 360 -1.90 -21.63 -22.50
C ASP G 360 -1.95 -22.18 -21.08
N LYS G 361 -0.95 -22.97 -20.69
CA LYS G 361 -0.93 -23.55 -19.36
C LYS G 361 -0.93 -22.46 -18.29
N SER G 362 -0.18 -21.38 -18.52
CA SER G 362 0.00 -20.34 -17.51
C SER G 362 -1.11 -19.31 -17.50
N THR G 363 -2.03 -19.33 -18.47
CA THR G 363 -3.08 -18.31 -18.52
C THR G 363 -3.98 -18.39 -17.30
N GLY G 364 -4.38 -19.60 -16.89
CA GLY G 364 -5.31 -19.76 -15.80
C GLY G 364 -4.69 -19.75 -14.40
N LYS G 365 -3.37 -19.80 -14.31
CA LYS G 365 -2.73 -19.86 -13.00
C LYS G 365 -2.91 -18.54 -12.26
N PRO G 366 -3.45 -18.54 -11.05
CA PRO G 366 -3.52 -17.29 -10.28
C PRO G 366 -2.30 -17.10 -9.40
N THR G 367 -2.17 -15.89 -8.86
CA THR G 367 -1.02 -15.52 -8.04
C THR G 367 -1.14 -16.20 -6.69
N LEU G 368 -0.43 -17.32 -6.53
CA LEU G 368 -0.50 -18.05 -5.27
C LEU G 368 0.25 -17.32 -4.16
N TYR G 369 1.47 -16.86 -4.45
CA TYR G 369 2.39 -16.36 -3.43
C TYR G 369 2.34 -14.83 -3.41
N ASN G 370 1.31 -14.31 -2.75
CA ASN G 370 1.09 -12.86 -2.65
C ASN G 370 2.07 -12.26 -1.64
N VAL G 371 3.37 -12.43 -1.93
CA VAL G 371 4.41 -12.08 -0.98
C VAL G 371 4.38 -10.58 -0.69
N SER G 372 4.76 -10.23 0.54
CA SER G 372 4.85 -8.84 0.97
C SER G 372 6.16 -8.63 1.71
N LEU G 373 6.80 -7.49 1.43
CA LEU G 373 8.02 -7.09 2.11
C LEU G 373 7.78 -5.75 2.78
N VAL G 374 8.06 -5.69 4.09
CA VAL G 374 7.87 -4.47 4.86
C VAL G 374 9.21 -4.11 5.50
N MET G 375 9.41 -2.81 5.70
CA MET G 375 10.65 -2.31 6.29
C MET G 375 10.36 -1.38 7.45
N ILE H 152 -47.46 -39.97 -49.78
CA ILE H 152 -48.04 -40.46 -48.53
C ILE H 152 -46.91 -40.95 -47.63
N ARG H 153 -46.54 -40.12 -46.65
CA ARG H 153 -45.47 -40.44 -45.71
C ARG H 153 -46.00 -40.36 -44.29
N VAL H 154 -45.63 -41.34 -43.48
CA VAL H 154 -46.00 -41.40 -42.07
C VAL H 154 -44.74 -41.26 -41.24
N PHE H 155 -44.73 -40.28 -40.33
CA PHE H 155 -43.56 -40.05 -39.49
C PHE H 155 -43.33 -41.23 -38.56
N ALA H 156 -42.09 -41.69 -38.48
CA ALA H 156 -41.68 -42.76 -37.58
C ALA H 156 -40.78 -42.14 -36.52
N ILE H 157 -41.39 -41.75 -35.40
CA ILE H 157 -40.69 -41.03 -34.34
C ILE H 157 -40.50 -42.01 -33.17
N PRO H 158 -39.29 -42.48 -32.90
CA PRO H 158 -39.07 -43.31 -31.70
C PRO H 158 -39.02 -42.45 -30.46
N PRO H 159 -39.35 -43.01 -29.29
CA PRO H 159 -39.25 -42.23 -28.05
C PRO H 159 -37.81 -41.87 -27.73
N SER H 160 -37.49 -40.58 -27.72
CA SER H 160 -36.12 -40.16 -27.50
C SER H 160 -35.72 -40.36 -26.05
N PHE H 161 -34.42 -40.55 -25.83
CA PHE H 161 -33.89 -40.67 -24.47
C PHE H 161 -34.23 -39.42 -23.66
N ALA H 162 -33.96 -38.25 -24.24
CA ALA H 162 -34.29 -37.00 -23.55
C ALA H 162 -35.78 -36.89 -23.29
N SER H 163 -36.60 -37.26 -24.29
CA SER H 163 -38.05 -37.24 -24.08
C SER H 163 -38.45 -38.27 -23.02
N ILE H 164 -37.79 -39.43 -23.03
CA ILE H 164 -38.11 -40.46 -22.04
C ILE H 164 -37.89 -39.91 -20.63
N PHE H 165 -36.77 -39.22 -20.41
CA PHE H 165 -36.50 -38.69 -19.09
C PHE H 165 -37.35 -37.46 -18.76
N LEU H 166 -37.65 -36.63 -19.75
CA LEU H 166 -38.48 -35.45 -19.48
C LEU H 166 -39.90 -35.86 -19.10
N THR H 167 -40.48 -36.82 -19.81
CA THR H 167 -41.82 -37.30 -19.54
C THR H 167 -41.86 -38.48 -18.59
N LYS H 168 -40.71 -39.02 -18.19
CA LYS H 168 -40.59 -40.14 -17.28
C LYS H 168 -41.27 -41.41 -17.80
N SER H 169 -41.59 -41.46 -19.10
CA SER H 169 -42.22 -42.63 -19.68
C SER H 169 -42.00 -42.59 -21.18
N THR H 170 -42.20 -43.74 -21.82
CA THR H 170 -42.01 -43.86 -23.26
C THR H 170 -43.24 -43.34 -24.00
N LYS H 171 -43.00 -42.53 -25.03
CA LYS H 171 -44.06 -41.97 -25.86
C LYS H 171 -43.92 -42.53 -27.26
N LEU H 172 -44.97 -43.20 -27.73
CA LEU H 172 -44.98 -43.84 -29.04
C LEU H 172 -45.74 -42.95 -30.01
N THR H 173 -45.01 -42.25 -30.87
CA THR H 173 -45.58 -41.29 -31.80
C THR H 173 -45.52 -41.84 -33.22
N CYS H 174 -46.67 -41.87 -33.89
CA CYS H 174 -46.77 -42.24 -35.30
C CYS H 174 -47.90 -41.42 -35.90
N LEU H 175 -47.55 -40.27 -36.48
CA LEU H 175 -48.50 -39.35 -37.05
C LEU H 175 -48.33 -39.30 -38.56
N VAL H 176 -49.44 -39.14 -39.27
CA VAL H 176 -49.46 -39.15 -40.72
C VAL H 176 -49.37 -37.72 -41.22
N THR H 177 -48.63 -37.51 -42.31
CA THR H 177 -48.42 -36.18 -42.86
C THR H 177 -48.35 -36.27 -44.38
N ASP H 178 -48.67 -35.16 -45.04
CA ASP H 178 -48.57 -35.03 -46.49
C ASP H 178 -49.44 -36.07 -47.19
N LEU H 179 -50.75 -35.97 -46.97
CA LEU H 179 -51.71 -36.82 -47.64
C LEU H 179 -53.02 -36.07 -47.79
N THR H 180 -53.83 -36.51 -48.75
CA THR H 180 -55.13 -35.90 -48.98
C THR H 180 -56.03 -36.13 -47.78
N THR H 181 -56.82 -35.12 -47.44
CA THR H 181 -57.69 -35.21 -46.27
C THR H 181 -58.77 -36.26 -46.50
N TYR H 182 -58.92 -37.16 -45.54
CA TYR H 182 -59.98 -38.17 -45.57
C TYR H 182 -60.58 -38.28 -44.18
N ASP H 183 -61.89 -38.56 -44.14
CA ASP H 183 -62.60 -38.61 -42.87
C ASP H 183 -62.26 -39.87 -42.10
N SER H 184 -62.13 -39.73 -40.78
CA SER H 184 -61.94 -40.87 -39.87
C SER H 184 -60.69 -41.67 -40.22
N VAL H 185 -59.57 -40.98 -40.36
CA VAL H 185 -58.28 -41.64 -40.52
C VAL H 185 -57.76 -42.01 -39.14
N THR H 186 -57.71 -43.31 -38.85
CA THR H 186 -57.40 -43.81 -37.52
C THR H 186 -55.98 -44.36 -37.49
N ILE H 187 -55.24 -43.98 -36.45
CA ILE H 187 -53.90 -44.50 -36.19
C ILE H 187 -54.01 -45.55 -35.10
N SER H 188 -53.38 -46.70 -35.33
CA SER H 188 -53.39 -47.81 -34.37
C SER H 188 -51.97 -48.16 -33.99
N TRP H 189 -51.71 -48.27 -32.69
CA TRP H 189 -50.40 -48.62 -32.17
C TRP H 189 -50.45 -50.05 -31.64
N THR H 190 -49.60 -50.91 -32.20
CA THR H 190 -49.56 -52.32 -31.84
C THR H 190 -48.12 -52.80 -31.77
N ARG H 191 -47.89 -53.80 -30.92
CA ARG H 191 -46.58 -54.43 -30.85
C ARG H 191 -46.41 -55.42 -31.99
N GLN H 192 -45.15 -55.75 -32.30
CA GLN H 192 -44.87 -56.64 -33.41
C GLN H 192 -45.48 -58.03 -33.20
N ASN H 193 -45.69 -58.45 -31.96
CA ASN H 193 -46.27 -59.75 -31.68
C ASN H 193 -47.78 -59.77 -31.80
N GLY H 194 -48.42 -58.60 -31.92
CA GLY H 194 -49.86 -58.51 -32.09
C GLY H 194 -50.60 -57.85 -30.94
N GLU H 195 -49.95 -57.54 -29.83
CA GLU H 195 -50.64 -56.88 -28.73
C GLU H 195 -51.06 -55.47 -29.14
N ALA H 196 -52.28 -55.09 -28.79
CA ALA H 196 -52.85 -53.81 -29.20
C ALA H 196 -52.85 -52.86 -28.00
N VAL H 197 -51.77 -52.10 -27.87
CA VAL H 197 -51.74 -51.04 -26.86
C VAL H 197 -52.71 -49.93 -27.27
N LYS H 198 -53.11 -49.13 -26.28
CA LYS H 198 -54.06 -48.06 -26.53
C LYS H 198 -53.55 -47.15 -27.64
N THR H 199 -54.37 -46.96 -28.66
CA THR H 199 -53.89 -46.32 -29.88
C THR H 199 -53.59 -44.84 -29.66
N HIS H 200 -54.51 -44.10 -29.04
CA HIS H 200 -54.33 -42.66 -28.91
C HIS H 200 -55.35 -42.10 -27.93
N THR H 201 -55.11 -40.86 -27.52
CA THR H 201 -56.04 -40.08 -26.73
C THR H 201 -56.16 -38.69 -27.33
N ASN H 202 -57.39 -38.20 -27.45
CA ASN H 202 -57.66 -36.87 -28.02
C ASN H 202 -57.04 -36.75 -29.40
N ILE H 203 -57.57 -37.57 -30.32
CA ILE H 203 -57.06 -37.60 -31.68
C ILE H 203 -57.15 -36.21 -32.30
N SER H 204 -56.17 -35.89 -33.13
CA SER H 204 -56.13 -34.61 -33.83
C SER H 204 -56.86 -34.70 -35.15
N GLU H 205 -57.52 -33.60 -35.52
CA GLU H 205 -58.31 -33.54 -36.75
C GLU H 205 -57.40 -33.13 -37.91
N SER H 206 -58.00 -32.85 -39.06
CA SER H 206 -57.23 -32.55 -40.26
C SER H 206 -56.48 -31.23 -40.12
N HIS H 207 -55.23 -31.22 -40.59
CA HIS H 207 -54.42 -30.01 -40.56
C HIS H 207 -54.81 -29.07 -41.71
N PRO H 208 -54.69 -27.76 -41.51
CA PRO H 208 -55.04 -26.83 -42.61
C PRO H 208 -54.21 -27.01 -43.87
N ASN H 209 -52.95 -27.43 -43.75
CA ASN H 209 -52.03 -27.46 -44.88
C ASN H 209 -52.22 -28.71 -45.74
N ALA H 210 -53.45 -28.93 -46.20
CA ALA H 210 -53.76 -30.03 -47.10
C ALA H 210 -53.26 -31.36 -46.54
N THR H 211 -53.45 -31.57 -45.24
CA THR H 211 -52.92 -32.73 -44.56
C THR H 211 -53.88 -33.16 -43.45
N PHE H 212 -54.04 -34.47 -43.30
CA PHE H 212 -54.74 -35.06 -42.17
C PHE H 212 -53.70 -35.67 -41.23
N SER H 213 -53.75 -35.30 -39.96
CA SER H 213 -52.79 -35.75 -38.97
C SER H 213 -53.55 -36.48 -37.87
N ALA H 214 -53.19 -37.75 -37.64
CA ALA H 214 -53.75 -38.56 -36.56
C ALA H 214 -52.61 -38.90 -35.62
N VAL H 215 -52.41 -38.07 -34.61
CA VAL H 215 -51.30 -38.24 -33.67
C VAL H 215 -51.65 -39.35 -32.69
N GLY H 216 -50.70 -40.27 -32.49
CA GLY H 216 -50.88 -41.39 -31.59
C GLY H 216 -49.87 -41.36 -30.46
N GLU H 217 -50.29 -41.81 -29.28
CA GLU H 217 -49.41 -41.88 -28.12
C GLU H 217 -49.72 -43.14 -27.34
N ALA H 218 -48.70 -43.68 -26.68
CA ALA H 218 -48.85 -44.87 -25.86
C ALA H 218 -47.73 -44.91 -24.83
N SER H 219 -47.95 -45.71 -23.79
CA SER H 219 -46.98 -45.87 -22.71
C SER H 219 -46.65 -47.35 -22.57
N ILE H 220 -45.38 -47.69 -22.76
CA ILE H 220 -44.92 -49.07 -22.67
C ILE H 220 -43.64 -49.08 -21.84
N CYS H 221 -43.35 -50.23 -21.25
CA CYS H 221 -42.22 -50.35 -20.33
C CYS H 221 -40.91 -49.98 -21.02
N GLU H 222 -39.99 -49.40 -20.25
CA GLU H 222 -38.71 -48.96 -20.80
C GLU H 222 -37.90 -50.14 -21.31
N ASP H 223 -37.92 -51.27 -20.59
CA ASP H 223 -37.08 -52.39 -20.97
C ASP H 223 -37.38 -52.88 -22.38
N ASP H 224 -38.62 -52.74 -22.84
CA ASP H 224 -38.96 -53.14 -24.20
C ASP H 224 -38.15 -52.34 -25.21
N TRP H 225 -38.02 -51.04 -25.01
CA TRP H 225 -37.18 -50.23 -25.89
C TRP H 225 -35.70 -50.50 -25.65
N ASN H 226 -35.31 -50.80 -24.41
CA ASN H 226 -33.93 -51.15 -24.15
C ASN H 226 -33.53 -52.41 -24.90
N SER H 227 -34.42 -53.41 -24.93
CA SER H 227 -34.16 -54.60 -25.72
C SER H 227 -34.09 -54.27 -27.21
N GLY H 228 -34.99 -53.40 -27.68
CA GLY H 228 -34.94 -52.90 -29.04
C GLY H 228 -35.82 -53.61 -30.04
N GLU H 229 -36.86 -54.31 -29.61
CA GLU H 229 -37.74 -54.99 -30.54
C GLU H 229 -38.54 -53.98 -31.36
N ARG H 230 -38.99 -54.42 -32.53
CA ARG H 230 -39.70 -53.53 -33.45
C ARG H 230 -41.10 -53.22 -32.95
N PHE H 231 -41.54 -51.99 -33.22
CA PHE H 231 -42.89 -51.53 -32.92
C PHE H 231 -43.52 -51.00 -34.19
N THR H 232 -44.74 -51.43 -34.49
CA THR H 232 -45.41 -51.14 -35.74
C THR H 232 -46.68 -50.34 -35.49
N CYS H 233 -46.88 -49.30 -36.30
CA CYS H 233 -48.09 -48.49 -36.29
C CYS H 233 -48.78 -48.63 -37.64
N THR H 234 -50.08 -48.87 -37.64
CA THR H 234 -50.87 -49.07 -38.84
C THR H 234 -51.80 -47.90 -39.06
N VAL H 235 -51.99 -47.54 -40.33
CA VAL H 235 -52.79 -46.38 -40.73
C VAL H 235 -53.86 -46.85 -41.71
N THR H 236 -55.09 -46.38 -41.50
CA THR H 236 -56.20 -46.65 -42.40
C THR H 236 -56.43 -45.42 -43.26
N HIS H 237 -56.26 -45.57 -44.58
CA HIS H 237 -56.45 -44.46 -45.50
C HIS H 237 -56.85 -45.01 -46.87
N THR H 238 -57.50 -44.17 -47.66
CA THR H 238 -57.97 -44.58 -48.98
C THR H 238 -56.83 -44.67 -49.98
N ASP H 239 -55.88 -43.72 -49.95
CA ASP H 239 -54.79 -43.73 -50.91
C ASP H 239 -53.99 -45.03 -50.82
N LEU H 240 -53.84 -45.58 -49.62
CA LEU H 240 -53.16 -46.85 -49.40
C LEU H 240 -54.16 -47.81 -48.78
N PRO H 241 -54.87 -48.62 -49.59
CA PRO H 241 -55.86 -49.53 -48.99
C PRO H 241 -55.25 -50.48 -47.97
N SER H 242 -54.05 -50.97 -48.22
CA SER H 242 -53.37 -51.76 -47.21
C SER H 242 -52.84 -50.86 -46.10
N PRO H 243 -52.83 -51.31 -44.85
CA PRO H 243 -52.29 -50.47 -43.78
C PRO H 243 -50.83 -50.13 -44.03
N LEU H 244 -50.45 -48.89 -43.71
CA LEU H 244 -49.08 -48.45 -43.87
C LEU H 244 -48.24 -49.01 -42.72
N LYS H 245 -47.18 -49.74 -43.07
CA LYS H 245 -46.34 -50.42 -42.10
C LYS H 245 -45.07 -49.60 -41.88
N GLN H 246 -44.91 -49.08 -40.67
CA GLN H 246 -43.71 -48.35 -40.26
C GLN H 246 -43.12 -49.01 -39.03
N THR H 247 -41.84 -49.33 -39.09
CA THR H 247 -41.14 -50.00 -37.99
C THR H 247 -40.31 -49.00 -37.21
N ILE H 248 -40.44 -49.03 -35.89
CA ILE H 248 -39.75 -48.13 -34.99
C ILE H 248 -39.00 -48.97 -33.97
N SER H 249 -37.67 -48.79 -33.89
CA SER H 249 -36.86 -49.56 -32.96
C SER H 249 -35.54 -48.81 -32.75
N ARG H 250 -34.81 -49.24 -31.74
CA ARG H 250 -33.50 -48.72 -31.41
C ARG H 250 -32.47 -49.85 -31.47
N PRO H 251 -31.42 -49.74 -32.30
CA PRO H 251 -30.41 -50.81 -32.31
C PRO H 251 -29.79 -51.07 -30.93
N VAL H 254 -25.59 -50.19 -31.25
CA VAL H 254 -24.24 -49.69 -31.48
C VAL H 254 -23.45 -49.75 -30.18
N ALA H 255 -22.17 -49.40 -30.26
CA ALA H 255 -21.32 -49.40 -29.08
C ALA H 255 -21.75 -48.30 -28.12
N LEU H 256 -21.50 -48.55 -26.82
CA LEU H 256 -21.88 -47.63 -25.76
C LEU H 256 -20.61 -47.16 -25.04
N HIS H 257 -20.49 -45.83 -24.89
CA HIS H 257 -19.37 -45.23 -24.18
C HIS H 257 -19.92 -44.26 -23.14
N ARG H 258 -19.39 -44.34 -21.93
CA ARG H 258 -19.88 -43.49 -20.85
C ARG H 258 -19.54 -42.03 -21.13
N PRO H 259 -20.48 -41.10 -21.00
CA PRO H 259 -20.13 -39.69 -21.11
C PRO H 259 -19.17 -39.28 -20.01
N ASP H 260 -18.30 -38.32 -20.30
CA ASP H 260 -17.33 -37.80 -19.35
C ASP H 260 -17.53 -36.29 -19.27
N VAL H 261 -18.45 -35.86 -18.41
CA VAL H 261 -18.74 -34.44 -18.26
C VAL H 261 -17.53 -33.73 -17.64
N TYR H 262 -17.24 -32.53 -18.14
CA TYR H 262 -16.18 -31.68 -17.59
C TYR H 262 -16.70 -30.25 -17.60
N LEU H 263 -17.32 -29.84 -16.49
CA LEU H 263 -17.86 -28.50 -16.40
C LEU H 263 -16.74 -27.47 -16.36
N LEU H 264 -16.85 -26.44 -17.20
CA LEU H 264 -15.86 -25.38 -17.29
C LEU H 264 -16.43 -24.09 -16.72
N PRO H 265 -15.86 -23.50 -15.67
CA PRO H 265 -16.39 -22.24 -15.15
C PRO H 265 -16.19 -21.11 -16.15
N PRO H 266 -16.82 -19.95 -15.94
CA PRO H 266 -16.70 -18.87 -16.91
C PRO H 266 -15.28 -18.31 -16.97
N ALA H 267 -14.92 -17.78 -18.14
CA ALA H 267 -13.61 -17.19 -18.32
C ALA H 267 -13.47 -15.93 -17.47
N ARG H 268 -12.24 -15.68 -17.01
CA ARG H 268 -11.99 -14.52 -16.18
C ARG H 268 -12.34 -13.22 -16.90
N GLU H 269 -12.11 -13.17 -18.22
CA GLU H 269 -12.39 -11.95 -18.96
C GLU H 269 -13.88 -11.59 -18.88
N GLN H 270 -14.75 -12.58 -19.00
CA GLN H 270 -16.18 -12.30 -18.98
C GLN H 270 -16.61 -11.70 -17.65
N LEU H 271 -16.11 -12.24 -16.54
CA LEU H 271 -16.47 -11.70 -15.23
C LEU H 271 -15.96 -10.27 -15.08
N ASN H 272 -14.76 -9.97 -15.58
CA ASN H 272 -14.24 -8.62 -15.50
C ASN H 272 -15.16 -7.61 -16.18
N LEU H 273 -15.87 -8.03 -17.23
CA LEU H 273 -16.83 -7.15 -17.86
C LEU H 273 -18.08 -6.99 -17.00
N ARG H 274 -18.40 -8.00 -16.19
CA ARG H 274 -19.36 -7.96 -15.09
C ARG H 274 -20.82 -8.03 -15.52
N GLU H 275 -21.13 -8.06 -16.82
CA GLU H 275 -22.54 -8.02 -17.22
C GLU H 275 -23.20 -9.38 -17.04
N SER H 276 -22.48 -10.47 -17.30
CA SER H 276 -23.06 -11.80 -17.28
C SER H 276 -21.94 -12.82 -17.22
N ALA H 277 -22.33 -14.07 -16.93
CA ALA H 277 -21.40 -15.19 -16.87
C ALA H 277 -22.00 -16.36 -17.66
N THR H 278 -21.14 -17.18 -18.24
CA THR H 278 -21.54 -18.36 -19.00
C THR H 278 -20.81 -19.57 -18.46
N ILE H 279 -21.55 -20.64 -18.18
CA ILE H 279 -21.01 -21.87 -17.63
C ILE H 279 -21.32 -23.00 -18.60
N THR H 280 -20.30 -23.68 -19.09
CA THR H 280 -20.46 -24.74 -20.07
C THR H 280 -20.42 -26.10 -19.39
N CYS H 281 -21.01 -27.09 -20.04
CA CYS H 281 -21.01 -28.47 -19.57
C CYS H 281 -20.52 -29.34 -20.72
N LEU H 282 -19.20 -29.47 -20.83
CA LEU H 282 -18.61 -30.17 -21.96
C LEU H 282 -18.83 -31.67 -21.86
N VAL H 283 -19.97 -32.15 -22.34
CA VAL H 283 -20.27 -33.57 -22.34
C VAL H 283 -19.59 -34.17 -23.57
N THR H 284 -18.77 -35.21 -23.35
CA THR H 284 -17.98 -35.78 -24.43
C THR H 284 -17.90 -37.29 -24.28
N GLY H 285 -17.48 -37.95 -25.35
CA GLY H 285 -17.21 -39.37 -25.33
C GLY H 285 -18.41 -40.26 -25.13
N PHE H 286 -19.52 -40.00 -25.83
CA PHE H 286 -20.70 -40.86 -25.79
C PHE H 286 -21.10 -41.22 -27.22
N SER H 287 -21.22 -42.53 -27.47
CA SER H 287 -21.55 -43.03 -28.80
C SER H 287 -23.06 -42.98 -29.09
N PRO H 288 -23.93 -43.39 -28.16
CA PRO H 288 -25.37 -43.36 -28.45
C PRO H 288 -25.90 -42.01 -28.89
N ALA H 289 -25.20 -40.91 -28.59
CA ALA H 289 -25.57 -39.59 -29.09
C ALA H 289 -26.95 -39.17 -28.59
N ASP H 290 -27.27 -39.54 -27.34
CA ASP H 290 -28.54 -39.19 -26.72
C ASP H 290 -28.23 -38.70 -25.30
N VAL H 291 -27.96 -37.41 -25.17
CA VAL H 291 -27.61 -36.80 -23.90
C VAL H 291 -28.62 -35.70 -23.60
N PHE H 292 -29.20 -35.73 -22.40
CA PHE H 292 -30.13 -34.71 -21.95
C PHE H 292 -29.48 -33.98 -20.78
N VAL H 293 -29.22 -32.70 -20.97
CA VAL H 293 -28.50 -31.88 -20.00
C VAL H 293 -29.50 -30.96 -19.32
N GLN H 294 -29.54 -31.02 -17.99
CA GLN H 294 -30.34 -30.11 -17.18
C GLN H 294 -29.42 -29.34 -16.23
N TRP H 295 -29.76 -28.09 -15.99
CA TRP H 295 -28.97 -27.21 -15.12
C TRP H 295 -29.78 -26.92 -13.86
N MET H 296 -29.40 -27.54 -12.76
CA MET H 296 -30.07 -27.37 -11.48
C MET H 296 -29.27 -26.41 -10.62
N GLN H 297 -29.96 -25.50 -9.95
CA GLN H 297 -29.35 -24.60 -8.98
C GLN H 297 -30.05 -24.81 -7.64
N ARG H 298 -29.25 -25.02 -6.58
CA ARG H 298 -29.78 -25.25 -5.25
C ARG H 298 -30.74 -26.43 -5.21
N GLY H 299 -30.50 -27.43 -6.04
CA GLY H 299 -31.25 -28.66 -6.02
C GLY H 299 -32.55 -28.66 -6.80
N GLN H 300 -32.93 -27.54 -7.40
CA GLN H 300 -34.16 -27.47 -8.18
C GLN H 300 -33.81 -27.17 -9.64
N PRO H 301 -34.36 -27.91 -10.61
CA PRO H 301 -34.03 -27.64 -12.01
C PRO H 301 -34.45 -26.23 -12.42
N LEU H 302 -33.65 -25.62 -13.29
CA LEU H 302 -33.94 -24.32 -13.84
C LEU H 302 -34.74 -24.46 -15.14
N SER H 303 -35.40 -23.37 -15.51
CA SER H 303 -36.18 -23.38 -16.73
C SER H 303 -35.26 -23.54 -17.94
N PRO H 304 -35.69 -24.27 -18.98
CA PRO H 304 -34.86 -24.36 -20.19
C PRO H 304 -34.66 -23.04 -20.91
N GLU H 305 -35.31 -21.96 -20.48
CA GLU H 305 -35.06 -20.66 -21.09
C GLU H 305 -33.66 -20.16 -20.78
N LYS H 306 -33.19 -20.38 -19.55
CA LYS H 306 -31.90 -19.85 -19.14
C LYS H 306 -30.74 -20.58 -19.79
N TYR H 307 -30.90 -21.88 -20.07
CA TYR H 307 -29.83 -22.70 -20.62
C TYR H 307 -30.28 -23.35 -21.93
N VAL H 308 -29.36 -23.46 -22.87
CA VAL H 308 -29.60 -24.12 -24.15
C VAL H 308 -28.47 -25.10 -24.41
N THR H 309 -28.83 -26.27 -24.93
CA THR H 309 -27.88 -27.32 -25.24
C THR H 309 -27.81 -27.54 -26.74
N SER H 310 -26.60 -27.55 -27.28
CA SER H 310 -26.40 -27.88 -28.68
C SER H 310 -26.60 -29.37 -28.89
N ALA H 311 -27.02 -29.73 -30.10
CA ALA H 311 -27.20 -31.13 -30.42
C ALA H 311 -25.85 -31.83 -30.47
N PRO H 312 -25.82 -33.15 -30.30
CA PRO H 312 -24.55 -33.87 -30.41
C PRO H 312 -23.92 -33.66 -31.78
N MET H 313 -22.59 -33.51 -31.79
CA MET H 313 -21.84 -33.29 -33.00
C MET H 313 -20.66 -34.24 -33.07
N PRO H 314 -20.15 -34.53 -34.27
CA PRO H 314 -19.03 -35.48 -34.38
C PRO H 314 -17.81 -35.01 -33.61
N GLU H 315 -17.09 -35.96 -33.03
CA GLU H 315 -15.87 -35.69 -32.30
C GLU H 315 -14.68 -36.22 -33.10
N PRO H 316 -13.59 -35.44 -33.25
CA PRO H 316 -12.52 -35.85 -34.17
C PRO H 316 -11.77 -37.10 -33.72
N GLN H 317 -11.27 -37.10 -32.48
CA GLN H 317 -10.42 -38.19 -32.03
C GLN H 317 -11.20 -39.50 -31.96
N ALA H 318 -12.36 -39.49 -31.33
CA ALA H 318 -13.17 -40.69 -31.19
C ALA H 318 -14.10 -40.80 -32.39
N PRO H 319 -13.99 -41.84 -33.23
CA PRO H 319 -14.87 -41.90 -34.41
C PRO H 319 -16.35 -42.01 -34.05
N GLY H 320 -16.73 -42.98 -33.24
CA GLY H 320 -18.12 -43.24 -32.94
C GLY H 320 -18.72 -42.44 -31.82
N ARG H 321 -17.93 -41.62 -31.11
CA ARG H 321 -18.42 -40.88 -29.97
C ARG H 321 -18.72 -39.44 -30.36
N TYR H 322 -19.75 -38.87 -29.73
CA TYR H 322 -20.22 -37.52 -30.00
C TYR H 322 -20.10 -36.69 -28.73
N PHE H 323 -19.88 -35.39 -28.88
CA PHE H 323 -19.79 -34.46 -27.76
C PHE H 323 -21.02 -33.56 -27.77
N ALA H 324 -21.05 -32.60 -26.84
CA ALA H 324 -22.18 -31.69 -26.73
C ALA H 324 -21.75 -30.48 -25.92
N HIS H 325 -22.70 -29.61 -25.62
CA HIS H 325 -22.46 -28.42 -24.80
C HIS H 325 -23.76 -28.02 -24.14
N SER H 326 -23.64 -27.12 -23.16
CA SER H 326 -24.82 -26.52 -22.54
C SER H 326 -24.35 -25.29 -21.77
N ILE H 327 -24.88 -24.13 -22.12
CA ILE H 327 -24.48 -22.86 -21.51
C ILE H 327 -25.61 -22.38 -20.62
N LEU H 328 -25.32 -22.22 -19.32
CA LEU H 328 -26.25 -21.63 -18.37
C LEU H 328 -25.85 -20.17 -18.18
N THR H 329 -26.35 -19.29 -19.04
CA THR H 329 -26.06 -17.87 -18.90
C THR H 329 -26.61 -17.37 -17.57
N VAL H 330 -25.72 -16.90 -16.69
CA VAL H 330 -26.10 -16.42 -15.37
C VAL H 330 -25.49 -15.05 -15.15
N SER H 331 -26.15 -14.26 -14.32
CA SER H 331 -25.63 -12.94 -13.98
C SER H 331 -24.29 -13.06 -13.28
N GLU H 332 -23.40 -12.12 -13.58
CA GLU H 332 -22.07 -12.15 -12.97
C GLU H 332 -22.15 -12.03 -11.46
N GLU H 333 -23.05 -11.16 -10.96
CA GLU H 333 -23.22 -11.03 -9.52
C GLU H 333 -23.62 -12.36 -8.89
N GLU H 334 -24.45 -13.14 -9.59
CA GLU H 334 -24.90 -14.42 -9.04
C GLU H 334 -23.73 -15.37 -8.84
N TRP H 335 -22.81 -15.43 -9.81
CA TRP H 335 -21.71 -16.40 -9.71
C TRP H 335 -20.72 -16.02 -8.62
N ASN H 336 -20.62 -14.74 -8.26
CA ASN H 336 -19.74 -14.36 -7.16
C ASN H 336 -20.21 -14.97 -5.85
N THR H 337 -21.52 -15.04 -5.64
CA THR H 337 -22.04 -15.70 -4.45
C THR H 337 -21.62 -17.17 -4.41
N GLY H 338 -21.44 -17.79 -5.57
CA GLY H 338 -20.94 -19.15 -5.63
C GLY H 338 -21.96 -20.20 -5.24
N GLU H 339 -23.02 -20.34 -6.03
CA GLU H 339 -24.02 -21.36 -5.80
C GLU H 339 -23.66 -22.63 -6.58
N THR H 340 -24.43 -23.69 -6.37
CA THR H 340 -24.05 -24.99 -6.90
C THR H 340 -23.99 -24.98 -8.43
N TYR H 341 -25.05 -24.53 -9.08
CA TYR H 341 -25.12 -24.53 -10.54
C TYR H 341 -24.75 -25.89 -11.12
N THR H 342 -25.18 -26.95 -10.45
CA THR H 342 -24.79 -28.29 -10.87
C THR H 342 -25.39 -28.62 -12.23
N CYS H 343 -24.58 -29.25 -13.08
CA CYS H 343 -24.99 -29.73 -14.38
C CYS H 343 -25.16 -31.24 -14.30
N VAL H 344 -26.30 -31.74 -14.77
CA VAL H 344 -26.63 -33.15 -14.71
C VAL H 344 -26.95 -33.64 -16.12
N VAL H 345 -26.39 -34.79 -16.48
CA VAL H 345 -26.54 -35.36 -17.81
C VAL H 345 -27.14 -36.75 -17.69
N ALA H 346 -28.10 -37.04 -18.55
CA ALA H 346 -28.73 -38.36 -18.64
C ALA H 346 -28.30 -39.02 -19.93
N HIS H 347 -27.83 -40.27 -19.84
CA HIS H 347 -27.34 -40.97 -21.01
C HIS H 347 -27.38 -42.47 -20.75
N GLU H 348 -27.49 -43.23 -21.84
CA GLU H 348 -27.63 -44.68 -21.74
C GLU H 348 -26.42 -45.32 -21.09
N ALA H 349 -25.22 -45.02 -21.58
CA ALA H 349 -24.01 -45.69 -21.14
C ALA H 349 -23.75 -45.54 -19.66
N LEU H 350 -24.30 -44.51 -19.02
CA LEU H 350 -24.11 -44.36 -17.59
C LEU H 350 -24.82 -45.50 -16.86
N PRO H 351 -24.13 -46.31 -16.07
CA PRO H 351 -24.85 -47.35 -15.32
C PRO H 351 -25.93 -46.79 -14.42
N ASN H 352 -25.69 -45.61 -13.82
CA ASN H 352 -26.68 -44.97 -12.99
C ASN H 352 -27.69 -44.17 -13.80
N ARG H 353 -27.39 -43.88 -15.07
CA ARG H 353 -28.18 -43.06 -15.99
C ARG H 353 -28.19 -41.59 -15.60
N VAL H 354 -27.49 -41.19 -14.54
CA VAL H 354 -27.47 -39.80 -14.09
C VAL H 354 -26.09 -39.50 -13.52
N THR H 355 -25.34 -38.62 -14.20
CA THR H 355 -24.05 -38.15 -13.73
C THR H 355 -24.07 -36.64 -13.76
N GLU H 356 -23.50 -36.00 -12.74
CA GLU H 356 -23.51 -34.55 -12.65
C GLU H 356 -22.18 -34.05 -12.11
N ARG H 357 -22.00 -32.74 -12.20
CA ARG H 357 -20.88 -32.03 -11.61
C ARG H 357 -21.39 -30.75 -10.98
N THR H 358 -20.56 -30.13 -10.15
CA THR H 358 -20.90 -28.90 -9.46
C THR H 358 -19.81 -27.86 -9.71
N VAL H 359 -20.21 -26.59 -9.70
CA VAL H 359 -19.29 -25.47 -9.89
C VAL H 359 -19.67 -24.35 -8.94
N ASP H 360 -18.64 -23.74 -8.34
CA ASP H 360 -18.83 -22.61 -7.44
C ASP H 360 -17.69 -21.63 -7.67
N LYS H 361 -17.82 -20.45 -7.07
CA LYS H 361 -16.70 -19.50 -7.10
C LYS H 361 -15.46 -20.09 -6.46
N SER H 362 -15.64 -21.03 -5.52
CA SER H 362 -14.54 -21.63 -4.79
C SER H 362 -14.19 -23.03 -5.30
N THR H 363 -14.59 -23.36 -6.53
CA THR H 363 -14.21 -24.66 -7.09
C THR H 363 -12.71 -24.76 -7.33
N GLY H 364 -12.02 -23.62 -7.48
CA GLY H 364 -10.58 -23.59 -7.62
C GLY H 364 -9.93 -22.90 -6.43
N LYS H 365 -9.38 -21.71 -6.67
CA LYS H 365 -8.74 -20.93 -5.61
C LYS H 365 -7.72 -21.79 -4.88
N PRO H 366 -6.58 -22.11 -5.50
CA PRO H 366 -5.68 -23.13 -4.94
C PRO H 366 -4.81 -22.62 -3.79
N THR H 367 -5.47 -22.33 -2.66
CA THR H 367 -4.79 -22.12 -1.38
C THR H 367 -3.76 -20.98 -1.49
N LEU H 368 -4.29 -19.78 -1.73
CA LEU H 368 -3.44 -18.60 -1.84
C LEU H 368 -2.62 -18.40 -0.58
N TYR H 369 -1.36 -18.02 -0.77
CA TYR H 369 -0.47 -17.62 0.31
C TYR H 369 -0.16 -16.14 0.15
N ASN H 370 -0.02 -15.42 1.26
CA ASN H 370 0.55 -14.09 1.24
C ASN H 370 1.55 -13.97 2.40
N VAL H 371 2.80 -14.32 2.09
CA VAL H 371 3.86 -14.46 3.08
C VAL H 371 4.50 -13.11 3.34
N SER H 372 4.05 -12.43 4.38
CA SER H 372 4.66 -11.15 4.74
C SER H 372 6.05 -11.37 5.33
N LEU H 373 7.00 -10.54 4.91
CA LEU H 373 8.36 -10.56 5.42
C LEU H 373 8.68 -9.18 6.00
N VAL H 374 9.33 -9.16 7.16
CA VAL H 374 9.62 -7.94 7.87
C VAL H 374 11.13 -7.85 8.12
N MET H 375 11.68 -6.65 7.92
CA MET H 375 13.08 -6.40 8.20
C MET H 375 13.40 -6.75 9.64
N GLU I 3 -12.33 -13.45 22.40
CA GLU I 3 -12.87 -14.46 21.51
C GLU I 3 -11.80 -15.51 21.19
N ARG I 4 -10.55 -15.20 21.55
CA ARG I 4 -9.45 -16.12 21.29
C ARG I 4 -9.55 -17.32 22.23
N ILE I 5 -9.39 -18.51 21.69
CA ILE I 5 -9.27 -19.75 22.46
C ILE I 5 -7.83 -20.21 22.34
N VAL I 6 -7.05 -20.02 23.41
CA VAL I 6 -5.63 -20.33 23.39
C VAL I 6 -5.49 -21.85 23.52
N LEU I 7 -5.33 -22.53 22.38
CA LEU I 7 -5.21 -23.98 22.40
C LEU I 7 -3.95 -24.44 23.12
N VAL I 8 -2.81 -23.84 22.77
CA VAL I 8 -1.52 -24.27 23.30
C VAL I 8 -0.70 -23.03 23.65
N ASP I 9 0.02 -23.10 24.76
CA ASP I 9 0.96 -22.06 25.18
C ASP I 9 2.26 -22.70 25.67
N ASN I 10 2.72 -23.71 24.95
CA ASN I 10 3.97 -24.35 25.30
C ASN I 10 5.10 -23.33 25.32
N LYS I 11 5.90 -23.35 26.38
CA LYS I 11 6.93 -22.34 26.58
C LYS I 11 8.30 -22.76 26.09
N CYS I 12 8.62 -24.05 26.07
CA CYS I 12 9.83 -24.47 25.38
C CYS I 12 9.82 -24.14 23.90
N LYS I 13 8.95 -24.80 23.14
CA LYS I 13 8.79 -24.46 21.74
C LYS I 13 7.72 -23.39 21.64
N CYS I 14 8.12 -22.14 21.84
CA CYS I 14 7.15 -21.06 22.03
C CYS I 14 6.11 -21.07 20.93
N ALA I 15 4.86 -21.32 21.32
CA ALA I 15 3.76 -21.40 20.37
C ALA I 15 2.49 -20.92 21.07
N ARG I 16 1.67 -20.19 20.33
CA ARG I 16 0.47 -19.58 20.89
C ARG I 16 -0.72 -19.82 19.98
N ILE I 17 -0.92 -21.06 19.55
CA ILE I 17 -2.01 -21.41 18.64
C ILE I 17 -3.32 -20.95 19.25
N THR I 18 -3.99 -20.02 18.58
CA THR I 18 -5.29 -19.51 19.03
C THR I 18 -6.29 -19.72 17.91
N SER I 19 -7.23 -20.64 18.12
CA SER I 19 -8.24 -20.98 17.11
C SER I 19 -9.44 -20.03 17.23
N ARG I 20 -9.15 -18.73 17.14
CA ARG I 20 -10.19 -17.73 17.33
C ARG I 20 -11.16 -17.77 16.16
N ILE I 21 -12.46 -17.74 16.46
CA ILE I 21 -13.46 -17.64 15.42
C ILE I 21 -13.65 -16.17 15.05
N ILE I 22 -13.75 -15.90 13.75
CA ILE I 22 -13.98 -14.57 13.23
C ILE I 22 -15.28 -14.62 12.42
N ARG I 23 -16.26 -13.82 12.83
CA ARG I 23 -17.49 -13.70 12.07
C ARG I 23 -17.22 -13.01 10.75
N SER I 24 -17.78 -13.55 9.67
CA SER I 24 -17.53 -13.03 8.34
C SER I 24 -18.54 -11.95 7.98
N SER I 25 -18.05 -10.74 7.73
CA SER I 25 -18.88 -9.60 7.36
C SER I 25 -20.10 -9.48 8.25
N GLU I 26 -21.24 -9.08 7.67
CA GLU I 26 -22.49 -8.97 8.42
C GLU I 26 -23.31 -10.26 8.38
N ASP I 27 -23.06 -11.12 7.39
CA ASP I 27 -23.84 -12.36 7.24
C ASP I 27 -23.07 -13.52 7.88
N PRO I 28 -23.65 -14.23 8.84
CA PRO I 28 -23.03 -15.46 9.34
C PRO I 28 -23.27 -16.61 8.35
N ASN I 29 -22.86 -17.81 8.78
CA ASN I 29 -22.98 -19.05 8.01
C ASN I 29 -21.87 -19.19 6.99
N GLU I 30 -20.98 -18.20 6.90
CA GLU I 30 -19.69 -18.37 6.24
C GLU I 30 -18.54 -17.90 7.12
N ASP I 31 -18.74 -17.95 8.44
CA ASP I 31 -17.73 -17.49 9.39
C ASP I 31 -16.44 -18.26 9.19
N ILE I 32 -15.32 -17.55 9.22
CA ILE I 32 -14.01 -18.15 9.02
C ILE I 32 -13.39 -18.48 10.37
N VAL I 33 -12.76 -19.65 10.44
CA VAL I 33 -12.01 -20.06 11.62
C VAL I 33 -10.52 -20.01 11.27
N GLU I 34 -9.73 -19.46 12.19
CA GLU I 34 -8.32 -19.23 11.93
C GLU I 34 -7.50 -19.69 13.12
N ARG I 35 -6.37 -20.34 12.84
CA ARG I 35 -5.46 -20.87 13.85
C ARG I 35 -4.16 -20.07 13.77
N ASN I 36 -3.97 -19.16 14.72
CA ASN I 36 -2.85 -18.22 14.67
C ASN I 36 -1.69 -18.82 15.44
N ILE I 37 -0.77 -19.50 14.73
CA ILE I 37 0.36 -20.14 15.37
C ILE I 37 1.47 -19.11 15.55
N ARG I 38 1.42 -18.35 16.63
CA ARG I 38 2.43 -17.33 16.89
C ARG I 38 3.62 -17.96 17.59
N ILE I 39 4.75 -18.02 16.90
CA ILE I 39 5.96 -18.66 17.39
C ILE I 39 7.06 -17.62 17.51
N ILE I 40 7.78 -17.67 18.63
CA ILE I 40 8.92 -16.77 18.85
C ILE I 40 10.18 -17.61 18.88
N VAL I 41 10.82 -17.78 17.72
CA VAL I 41 12.08 -18.52 17.64
C VAL I 41 13.15 -17.70 18.34
N PRO I 42 14.00 -18.30 19.17
CA PRO I 42 14.92 -17.47 19.98
C PRO I 42 16.09 -16.91 19.20
N LEU I 43 16.58 -17.61 18.18
CA LEU I 43 17.66 -17.14 17.31
C LEU I 43 19.02 -17.10 18.00
N ASN I 44 19.07 -17.28 19.32
CA ASN I 44 20.33 -17.17 20.05
C ASN I 44 20.51 -18.25 21.12
N ASN I 45 19.45 -18.96 21.50
CA ASN I 45 19.59 -19.96 22.54
C ASN I 45 20.46 -21.11 22.07
N ARG I 46 21.16 -21.73 23.03
CA ARG I 46 22.06 -22.82 22.72
C ARG I 46 21.26 -24.09 22.44
N GLU I 47 21.96 -25.09 21.89
CA GLU I 47 21.32 -26.36 21.53
C GLU I 47 20.71 -27.01 22.75
N ASN I 48 21.55 -27.40 23.71
CA ASN I 48 21.08 -27.87 25.01
C ASN I 48 20.94 -26.65 25.90
N ILE I 49 19.73 -26.09 25.96
CA ILE I 49 19.55 -24.74 26.48
C ILE I 49 20.03 -24.65 27.93
N SER I 50 19.91 -25.75 28.67
CA SER I 50 20.40 -25.77 30.04
C SER I 50 21.93 -25.85 30.11
N ASP I 51 22.58 -26.26 29.02
CA ASP I 51 24.03 -26.31 28.97
C ASP I 51 24.54 -25.18 28.08
N PRO I 52 25.07 -24.10 28.64
CA PRO I 52 25.49 -22.96 27.79
C PRO I 52 26.55 -23.32 26.78
N THR I 53 27.40 -24.31 27.07
CA THR I 53 28.52 -24.65 26.21
C THR I 53 28.10 -25.50 25.00
N SER I 54 26.80 -25.74 24.81
CA SER I 54 26.33 -26.52 23.68
C SER I 54 26.26 -25.66 22.42
N PRO I 55 26.15 -26.28 21.24
CA PRO I 55 26.12 -25.50 20.00
C PRO I 55 24.93 -24.58 19.89
N LEU I 56 24.86 -23.81 18.81
CA LEU I 56 23.77 -22.87 18.58
C LEU I 56 22.68 -23.51 17.73
N ARG I 57 21.43 -23.18 18.05
CA ARG I 57 20.29 -23.73 17.32
C ARG I 57 20.22 -23.13 15.93
N THR I 58 20.62 -23.92 14.93
CA THR I 58 20.47 -23.54 13.53
C THR I 58 19.26 -24.20 12.88
N ARG I 59 18.42 -24.87 13.66
CA ARG I 59 17.26 -25.57 13.14
C ARG I 59 16.22 -25.67 14.26
N PHE I 60 14.97 -25.33 13.93
CA PHE I 60 13.89 -25.25 14.91
C PHE I 60 12.69 -26.04 14.38
N VAL I 61 12.51 -27.26 14.88
CA VAL I 61 11.36 -28.07 14.48
C VAL I 61 10.17 -27.70 15.36
N TYR I 62 9.03 -27.43 14.72
CA TYR I 62 7.80 -27.03 15.42
C TYR I 62 6.64 -27.92 15.00
N HIS I 63 6.85 -29.23 15.04
CA HIS I 63 5.73 -30.13 14.78
C HIS I 63 4.63 -29.82 15.79
N LEU I 64 3.52 -29.24 15.32
CA LEU I 64 2.46 -28.81 16.21
C LEU I 64 1.71 -29.97 16.84
N SER I 65 1.82 -31.18 16.28
CA SER I 65 1.13 -32.34 16.85
C SER I 65 1.64 -32.64 18.25
N ASP I 66 2.97 -32.63 18.43
CA ASP I 66 3.53 -33.00 19.73
C ASP I 66 3.18 -31.98 20.81
N LEU I 67 3.36 -30.70 20.53
CA LEU I 67 3.09 -29.68 21.53
C LEU I 67 1.60 -29.54 21.82
N CYS I 68 0.73 -29.95 20.88
CA CYS I 68 -0.70 -29.99 21.17
C CYS I 68 -1.00 -30.96 22.29
N LYS I 69 -0.36 -32.12 22.29
CA LYS I 69 -0.53 -33.11 23.34
C LYS I 69 0.57 -32.99 24.39
N GLU I 98 12.25 -33.33 26.52
CA GLU I 98 11.81 -32.55 25.38
C GLU I 98 12.92 -31.60 24.92
N THR I 99 13.00 -31.39 23.60
CA THR I 99 14.02 -30.49 23.03
C THR I 99 13.59 -29.05 23.30
N CYS I 100 13.83 -28.61 24.53
CA CYS I 100 13.40 -27.28 24.95
C CYS I 100 14.23 -26.20 24.25
N TYR I 101 13.54 -25.13 23.83
CA TYR I 101 14.17 -24.03 23.10
C TYR I 101 14.28 -22.76 23.94
N THR I 102 13.18 -22.29 24.51
CA THR I 102 13.13 -21.01 25.20
C THR I 102 12.94 -21.23 26.70
N TYR I 103 13.71 -20.49 27.50
CA TYR I 103 13.54 -20.56 28.94
C TYR I 103 12.15 -20.07 29.32
N ASP I 104 11.45 -20.87 30.12
CA ASP I 104 10.16 -20.43 30.67
C ASP I 104 10.40 -19.34 31.70
N ARG I 105 9.40 -18.47 31.86
CA ARG I 105 9.52 -17.39 32.83
C ARG I 105 9.62 -17.92 34.25
N ASN I 106 8.70 -18.81 34.62
CA ASN I 106 8.68 -19.30 36.01
C ASN I 106 9.84 -20.25 36.29
N LYS I 107 10.09 -21.18 35.38
CA LYS I 107 11.12 -22.20 35.60
C LYS I 107 12.50 -21.58 35.59
N CYS I 108 13.40 -22.13 36.41
CA CYS I 108 14.81 -21.77 36.40
C CYS I 108 15.61 -22.88 35.73
N TYR I 109 16.39 -22.50 34.72
CA TYR I 109 17.34 -23.41 34.08
C TYR I 109 18.73 -23.05 34.57
N THR I 110 19.44 -24.05 35.08
CA THR I 110 20.76 -23.81 35.65
C THR I 110 21.57 -25.10 35.61
N ALA I 111 22.89 -24.94 35.72
CA ALA I 111 23.82 -26.05 35.73
C ALA I 111 24.95 -25.76 36.69
N VAL I 112 25.59 -26.83 37.18
CA VAL I 112 26.71 -26.67 38.10
C VAL I 112 27.91 -26.09 37.35
N VAL I 113 28.76 -25.36 38.07
CA VAL I 113 29.94 -24.73 37.49
C VAL I 113 31.15 -25.00 38.38
N PRO I 114 32.33 -25.28 37.81
CA PRO I 114 33.55 -25.35 38.63
C PRO I 114 34.07 -23.95 38.93
N LEU I 115 34.51 -23.74 40.17
CA LEU I 115 35.10 -22.48 40.59
C LEU I 115 36.40 -22.76 41.33
N VAL I 116 37.41 -21.93 41.05
CA VAL I 116 38.72 -22.03 41.71
C VAL I 116 39.06 -20.69 42.34
N TYR I 117 39.40 -20.71 43.62
CA TYR I 117 39.80 -19.52 44.36
C TYR I 117 41.26 -19.58 44.79
N GLY I 118 41.65 -20.67 45.44
CA GLY I 118 43.04 -20.88 45.84
C GLY I 118 43.50 -22.28 45.54
N GLY I 119 42.97 -22.85 44.45
CA GLY I 119 43.24 -24.22 44.08
C GLY I 119 42.14 -25.20 44.44
N GLU I 120 41.09 -24.75 45.11
CA GLU I 120 39.98 -25.62 45.50
C GLU I 120 38.88 -25.54 44.44
N THR I 121 38.49 -26.70 43.90
CA THR I 121 37.47 -26.80 42.86
C THR I 121 36.14 -27.11 43.53
N LYS I 122 35.34 -26.08 43.79
CA LYS I 122 34.07 -26.22 44.49
C LYS I 122 32.92 -26.07 43.50
N MET I 123 32.04 -27.07 43.48
CA MET I 123 30.80 -26.99 42.71
C MET I 123 29.85 -25.98 43.33
N VAL I 124 29.05 -25.33 42.49
CA VAL I 124 27.99 -24.44 42.94
C VAL I 124 27.01 -24.23 41.81
N GLU I 125 25.74 -24.02 42.18
CA GLU I 125 24.69 -23.80 41.20
C GLU I 125 24.81 -22.40 40.59
N THR I 126 24.49 -22.31 39.30
CA THR I 126 24.54 -21.05 38.56
C THR I 126 23.12 -20.51 38.39
N ALA I 127 23.02 -19.37 37.69
CA ALA I 127 21.73 -18.73 37.42
C ALA I 127 21.76 -18.23 35.98
N LEU I 128 21.35 -19.07 35.05
CA LEU I 128 21.32 -18.69 33.64
C LEU I 128 20.21 -17.70 33.35
N THR I 129 19.20 -17.61 34.21
CA THR I 129 18.13 -16.63 34.11
C THR I 129 17.93 -15.96 35.46
N PRO I 130 18.89 -15.11 35.87
CA PRO I 130 18.81 -14.52 37.22
C PRO I 130 17.56 -13.70 37.47
N ASP I 131 16.96 -13.12 36.41
CA ASP I 131 15.83 -12.22 36.62
C ASP I 131 14.67 -12.91 37.31
N ALA I 132 14.37 -14.14 36.90
CA ALA I 132 13.21 -14.88 37.42
C ALA I 132 13.59 -15.91 38.47
N CYS I 133 14.84 -15.91 38.94
CA CYS I 133 15.31 -16.94 39.87
C CYS I 133 15.59 -16.37 41.25
N TYR I 134 15.02 -15.24 41.61
CA TYR I 134 15.15 -14.75 42.97
C TYR I 134 14.47 -15.73 43.92
N PRO I 135 14.99 -15.91 45.14
CA PRO I 135 14.33 -16.83 46.09
C PRO I 135 12.90 -16.38 46.36
N ASP I 136 11.95 -17.27 46.06
CA ASP I 136 10.54 -16.98 46.23
C ASP I 136 9.80 -18.15 46.86
N ILE J 152 -51.14 -70.48 8.06
CA ILE J 152 -50.67 -70.94 6.75
C ILE J 152 -50.78 -69.84 5.71
N ARG J 153 -50.89 -68.60 6.15
CA ARG J 153 -51.02 -67.48 5.23
C ARG J 153 -49.72 -67.33 4.43
N VAL J 154 -49.88 -66.94 3.15
CA VAL J 154 -48.77 -66.81 2.23
C VAL J 154 -48.53 -65.32 1.97
N PHE J 155 -47.26 -64.91 2.08
CA PHE J 155 -46.86 -63.53 1.83
C PHE J 155 -45.74 -63.52 0.81
N ALA J 156 -45.88 -62.68 -0.21
CA ALA J 156 -44.88 -62.53 -1.26
C ALA J 156 -44.02 -61.30 -0.99
N ILE J 157 -42.76 -61.37 -1.42
CA ILE J 157 -41.82 -60.27 -1.23
C ILE J 157 -42.26 -59.10 -2.12
N PRO J 158 -42.49 -57.91 -1.56
CA PRO J 158 -42.75 -56.75 -2.41
C PRO J 158 -41.46 -56.09 -2.85
N PRO J 159 -41.17 -56.04 -4.16
CA PRO J 159 -39.96 -55.34 -4.60
C PRO J 159 -39.99 -53.88 -4.16
N SER J 160 -38.83 -53.38 -3.74
CA SER J 160 -38.67 -52.02 -3.29
C SER J 160 -37.87 -51.23 -4.32
N PHE J 161 -37.95 -49.89 -4.22
CA PHE J 161 -37.22 -49.04 -5.15
C PHE J 161 -35.72 -49.30 -5.05
N ALA J 162 -35.22 -49.53 -3.83
CA ALA J 162 -33.81 -49.83 -3.65
C ALA J 162 -33.42 -51.12 -4.35
N SER J 163 -34.23 -52.17 -4.18
CA SER J 163 -33.87 -53.48 -4.74
C SER J 163 -33.85 -53.45 -6.25
N ILE J 164 -34.88 -52.87 -6.86
CA ILE J 164 -34.99 -52.86 -8.33
C ILE J 164 -33.90 -52.01 -8.98
N PHE J 165 -33.41 -50.98 -8.30
CA PHE J 165 -32.47 -50.06 -8.92
C PHE J 165 -31.16 -50.77 -9.27
N LEU J 166 -30.65 -51.61 -8.35
CA LEU J 166 -29.39 -52.30 -8.62
C LEU J 166 -29.54 -53.32 -9.75
N THR J 167 -30.55 -54.18 -9.66
CA THR J 167 -30.79 -55.15 -10.72
C THR J 167 -31.28 -54.50 -12.01
N LYS J 168 -31.69 -53.24 -11.96
CA LYS J 168 -32.04 -52.39 -13.10
C LYS J 168 -33.34 -52.80 -13.77
N SER J 169 -33.98 -53.88 -13.33
CA SER J 169 -35.27 -54.31 -13.86
C SER J 169 -36.09 -54.90 -12.73
N THR J 170 -37.36 -54.49 -12.64
CA THR J 170 -38.21 -54.90 -11.53
C THR J 170 -38.47 -56.40 -11.60
N LYS J 171 -37.91 -57.15 -10.65
CA LYS J 171 -38.13 -58.59 -10.54
C LYS J 171 -39.15 -58.85 -9.44
N LEU J 172 -40.20 -59.59 -9.78
CA LEU J 172 -41.25 -59.94 -8.84
C LEU J 172 -41.02 -61.35 -8.31
N THR J 173 -41.08 -61.51 -7.00
CA THR J 173 -40.85 -62.80 -6.34
C THR J 173 -42.04 -63.12 -5.43
N CYS J 174 -42.50 -64.37 -5.50
CA CYS J 174 -43.61 -64.86 -4.68
C CYS J 174 -43.10 -66.01 -3.83
N LEU J 175 -43.03 -65.80 -2.52
CA LEU J 175 -42.60 -66.82 -1.58
C LEU J 175 -43.82 -67.42 -0.88
N VAL J 176 -43.77 -68.73 -0.67
CA VAL J 176 -44.81 -69.45 0.05
C VAL J 176 -44.40 -69.50 1.52
N THR J 177 -45.24 -68.94 2.39
CA THR J 177 -44.90 -68.74 3.79
C THR J 177 -45.67 -69.70 4.67
N ASP J 178 -44.95 -70.41 5.55
CA ASP J 178 -45.56 -71.30 6.53
C ASP J 178 -46.49 -72.32 5.87
N LEU J 179 -45.99 -72.93 4.80
CA LEU J 179 -46.71 -73.98 4.08
C LEU J 179 -45.91 -75.28 4.16
N THR J 180 -46.64 -76.39 4.29
CA THR J 180 -46.02 -77.68 4.38
C THR J 180 -45.23 -78.00 3.11
N THR J 181 -44.27 -78.90 3.24
CA THR J 181 -43.35 -79.24 2.15
C THR J 181 -43.87 -80.47 1.42
N TYR J 182 -44.53 -80.24 0.28
CA TYR J 182 -44.95 -81.29 -0.62
C TYR J 182 -44.50 -80.95 -2.03
N ASP J 183 -44.01 -81.96 -2.75
CA ASP J 183 -43.51 -81.74 -4.10
C ASP J 183 -44.67 -81.53 -5.06
N SER J 184 -44.34 -81.23 -6.32
CA SER J 184 -45.34 -80.98 -7.36
C SER J 184 -46.24 -79.81 -6.98
N VAL J 185 -45.67 -78.80 -6.33
CA VAL J 185 -46.41 -77.60 -5.96
C VAL J 185 -46.54 -76.70 -7.18
N THR J 186 -47.73 -76.13 -7.36
CA THR J 186 -48.03 -75.29 -8.51
C THR J 186 -48.25 -73.86 -8.04
N ILE J 187 -47.46 -72.93 -8.58
CA ILE J 187 -47.61 -71.50 -8.33
C ILE J 187 -47.69 -70.81 -9.68
N SER J 188 -48.74 -70.01 -9.88
CA SER J 188 -48.96 -69.31 -11.13
C SER J 188 -48.77 -67.81 -10.93
N TRP J 189 -48.31 -67.14 -11.98
CA TRP J 189 -48.00 -65.72 -11.96
C TRP J 189 -48.95 -64.98 -12.89
N THR J 190 -49.61 -63.96 -12.37
CA THR J 190 -50.53 -63.14 -13.15
C THR J 190 -50.45 -61.71 -12.63
N ARG J 191 -51.36 -60.86 -13.11
CA ARG J 191 -51.46 -59.48 -12.65
C ARG J 191 -52.88 -59.21 -12.16
N GLN J 192 -53.17 -57.96 -11.80
CA GLN J 192 -54.51 -57.63 -11.29
C GLN J 192 -55.58 -57.92 -12.34
N ASN J 193 -55.32 -57.55 -13.59
CA ASN J 193 -56.25 -57.86 -14.67
C ASN J 193 -56.25 -59.34 -15.03
N GLY J 194 -55.32 -60.13 -14.49
CA GLY J 194 -55.24 -61.54 -14.76
C GLY J 194 -54.33 -61.93 -15.90
N GLU J 195 -53.62 -60.97 -16.50
CA GLU J 195 -52.72 -61.29 -17.60
C GLU J 195 -51.55 -62.14 -17.08
N ALA J 196 -51.27 -63.23 -17.79
CA ALA J 196 -50.24 -64.16 -17.36
C ALA J 196 -48.85 -63.61 -17.66
N VAL J 197 -47.93 -63.86 -16.73
CA VAL J 197 -46.54 -63.45 -16.87
C VAL J 197 -45.66 -64.66 -16.53
N LYS J 198 -44.38 -64.56 -16.92
CA LYS J 198 -43.44 -65.67 -16.77
C LYS J 198 -43.47 -66.23 -15.35
N THR J 199 -43.57 -67.54 -15.24
CA THR J 199 -43.86 -68.20 -13.98
C THR J 199 -42.58 -68.61 -13.26
N HIS J 200 -42.71 -69.18 -12.06
CA HIS J 200 -41.55 -69.54 -11.26
C HIS J 200 -40.73 -70.61 -11.98
N THR J 201 -39.41 -70.49 -11.87
CA THR J 201 -38.49 -71.42 -12.52
C THR J 201 -37.22 -71.51 -11.70
N ASN J 202 -36.60 -72.68 -11.71
CA ASN J 202 -35.35 -72.92 -10.99
C ASN J 202 -35.50 -72.58 -9.50
N ILE J 203 -36.63 -72.99 -8.93
CA ILE J 203 -36.91 -72.75 -7.51
C ILE J 203 -36.18 -73.78 -6.67
N SER J 204 -36.10 -73.52 -5.36
CA SER J 204 -35.46 -74.47 -4.46
C SER J 204 -36.37 -75.67 -4.21
N GLU J 205 -35.77 -76.75 -3.73
CA GLU J 205 -36.49 -77.98 -3.45
C GLU J 205 -37.23 -77.83 -2.11
N SER J 206 -37.75 -78.93 -1.58
CA SER J 206 -38.48 -78.89 -0.32
C SER J 206 -37.60 -78.32 0.77
N HIS J 207 -38.12 -77.29 1.45
CA HIS J 207 -37.31 -76.59 2.44
C HIS J 207 -37.10 -77.48 3.67
N PRO J 208 -35.86 -77.61 4.16
CA PRO J 208 -35.62 -78.54 5.27
C PRO J 208 -36.43 -78.27 6.53
N ASN J 209 -36.74 -77.01 6.81
CA ASN J 209 -37.42 -76.63 8.04
C ASN J 209 -38.93 -76.89 8.01
N ALA J 210 -39.42 -77.69 7.07
CA ALA J 210 -40.82 -78.06 6.92
C ALA J 210 -41.69 -76.91 6.43
N THR J 211 -41.13 -75.72 6.21
CA THR J 211 -41.85 -74.58 5.67
C THR J 211 -41.30 -74.32 4.28
N PHE J 212 -42.04 -74.77 3.26
CA PHE J 212 -41.58 -74.65 1.88
C PHE J 212 -41.29 -73.19 1.55
N SER J 213 -40.19 -72.96 0.83
CA SER J 213 -39.73 -71.60 0.51
C SER J 213 -39.19 -71.61 -0.92
N ALA J 214 -40.02 -71.20 -1.86
CA ALA J 214 -39.63 -71.05 -3.26
C ALA J 214 -39.99 -69.66 -3.72
N VAL J 215 -39.03 -68.98 -4.35
CA VAL J 215 -39.22 -67.61 -4.83
C VAL J 215 -39.44 -67.65 -6.34
N GLY J 216 -40.56 -67.10 -6.79
CA GLY J 216 -40.85 -67.07 -8.20
C GLY J 216 -40.00 -66.05 -8.94
N GLU J 217 -39.97 -66.20 -10.27
CA GLU J 217 -39.18 -65.34 -11.14
C GLU J 217 -40.10 -64.73 -12.18
N ALA J 218 -40.07 -63.40 -12.28
CA ALA J 218 -40.91 -62.70 -13.25
C ALA J 218 -40.30 -61.33 -13.51
N SER J 219 -40.70 -60.73 -14.62
CA SER J 219 -40.25 -59.40 -15.01
C SER J 219 -41.48 -58.59 -15.42
N ILE J 220 -41.79 -57.54 -14.66
CA ILE J 220 -42.95 -56.69 -14.91
C ILE J 220 -42.48 -55.24 -14.90
N CYS J 221 -43.25 -54.39 -15.57
CA CYS J 221 -42.87 -52.98 -15.69
C CYS J 221 -42.82 -52.31 -14.33
N GLU J 222 -41.85 -51.41 -14.17
CA GLU J 222 -41.76 -50.64 -12.94
C GLU J 222 -42.92 -49.67 -12.79
N ASP J 223 -43.45 -49.17 -13.91
CA ASP J 223 -44.51 -48.17 -13.84
C ASP J 223 -45.78 -48.75 -13.22
N ASP J 224 -46.12 -49.99 -13.58
CA ASP J 224 -47.34 -50.58 -13.03
C ASP J 224 -47.26 -50.71 -11.51
N TRP J 225 -46.09 -51.09 -10.99
CA TRP J 225 -45.91 -51.10 -9.54
C TRP J 225 -46.11 -49.71 -8.95
N ASN J 226 -45.56 -48.69 -9.62
CA ASN J 226 -45.79 -47.32 -9.19
C ASN J 226 -47.23 -46.89 -9.47
N SER J 227 -47.81 -47.36 -10.57
CA SER J 227 -49.18 -46.96 -10.90
C SER J 227 -50.19 -47.53 -9.92
N GLY J 228 -49.81 -48.56 -9.17
CA GLY J 228 -50.67 -49.15 -8.15
C GLY J 228 -51.31 -50.47 -8.52
N GLU J 229 -50.94 -51.07 -9.65
CA GLU J 229 -51.51 -52.36 -10.02
C GLU J 229 -51.08 -53.43 -9.02
N ARG J 230 -52.04 -54.22 -8.54
CA ARG J 230 -51.77 -55.27 -7.55
C ARG J 230 -51.48 -56.55 -8.31
N PHE J 231 -50.20 -56.84 -8.53
CA PHE J 231 -49.80 -58.04 -9.24
C PHE J 231 -50.25 -59.28 -8.47
N THR J 232 -51.02 -60.13 -9.13
CA THR J 232 -51.67 -61.27 -8.48
C THR J 232 -50.79 -62.51 -8.61
N CYS J 233 -50.44 -63.10 -7.47
CA CYS J 233 -49.73 -64.36 -7.41
C CYS J 233 -50.65 -65.42 -6.81
N THR J 234 -50.83 -66.51 -7.53
CA THR J 234 -51.71 -67.60 -7.10
C THR J 234 -50.86 -68.77 -6.61
N VAL J 235 -51.17 -69.25 -5.41
CA VAL J 235 -50.49 -70.38 -4.81
C VAL J 235 -51.51 -71.51 -4.65
N THR J 236 -51.26 -72.63 -5.31
CA THR J 236 -52.11 -73.81 -5.26
C THR J 236 -51.27 -74.96 -4.76
N HIS J 237 -51.17 -75.09 -3.43
CA HIS J 237 -50.35 -76.13 -2.85
C HIS J 237 -51.02 -77.50 -2.99
N THR J 238 -50.18 -78.54 -2.97
CA THR J 238 -50.69 -79.90 -3.10
C THR J 238 -51.65 -80.24 -1.97
N ASP J 239 -51.29 -79.89 -0.73
CA ASP J 239 -52.17 -80.16 0.40
C ASP J 239 -53.33 -79.18 0.46
N LEU J 240 -53.11 -77.93 0.08
CA LEU J 240 -54.17 -76.93 0.14
C LEU J 240 -55.18 -77.18 -0.97
N PRO J 241 -56.48 -77.36 -0.67
CA PRO J 241 -57.45 -77.59 -1.74
C PRO J 241 -57.87 -76.31 -2.43
N SER J 242 -57.94 -75.20 -1.67
CA SER J 242 -58.38 -73.92 -2.20
C SER J 242 -57.18 -73.09 -2.64
N PRO J 243 -57.16 -72.55 -3.86
CA PRO J 243 -56.04 -71.68 -4.24
C PRO J 243 -55.97 -70.44 -3.37
N LEU J 244 -54.74 -69.97 -3.16
CA LEU J 244 -54.47 -68.79 -2.36
C LEU J 244 -54.06 -67.64 -3.27
N LYS J 245 -54.68 -66.49 -3.09
CA LYS J 245 -54.46 -65.32 -3.93
C LYS J 245 -53.69 -64.26 -3.16
N GLN J 246 -52.60 -63.77 -3.75
CA GLN J 246 -51.81 -62.69 -3.17
C GLN J 246 -51.65 -61.60 -4.22
N THR J 247 -52.08 -60.39 -3.88
CA THR J 247 -52.02 -59.24 -4.77
C THR J 247 -51.27 -58.13 -4.05
N ILE J 248 -50.22 -57.61 -4.68
CA ILE J 248 -49.29 -56.68 -4.05
C ILE J 248 -49.01 -55.51 -4.98
N SER J 249 -49.02 -54.30 -4.42
CA SER J 249 -48.69 -53.09 -5.16
C SER J 249 -47.98 -52.12 -4.22
N ARG J 250 -47.62 -50.97 -4.78
CA ARG J 250 -46.97 -49.94 -3.97
C ARG J 250 -48.02 -49.20 -3.13
N PRO J 251 -47.86 -49.13 -1.82
CA PRO J 251 -48.84 -48.37 -1.01
C PRO J 251 -48.72 -46.88 -1.28
N LYS J 252 -49.83 -46.28 -1.70
CA LYS J 252 -49.84 -44.85 -1.99
C LYS J 252 -49.69 -44.04 -0.71
N GLY J 253 -48.95 -42.94 -0.81
CA GLY J 253 -48.72 -42.06 0.33
C GLY J 253 -47.35 -41.42 0.30
N LEU J 256 -42.89 -38.20 -0.03
CA LEU J 256 -42.08 -37.66 -1.12
C LEU J 256 -41.37 -36.38 -0.68
N HIS J 257 -40.17 -36.53 -0.13
CA HIS J 257 -39.37 -35.40 0.32
C HIS J 257 -37.95 -35.55 -0.21
N ARG J 258 -37.31 -34.41 -0.47
CA ARG J 258 -36.01 -34.41 -1.13
C ARG J 258 -34.92 -34.85 -0.14
N PRO J 259 -34.18 -35.93 -0.42
CA PRO J 259 -33.07 -36.32 0.45
C PRO J 259 -31.75 -35.64 0.08
N ASP J 260 -31.66 -34.35 0.36
CA ASP J 260 -30.42 -33.63 0.11
C ASP J 260 -29.24 -34.30 0.79
N VAL J 261 -28.32 -34.80 -0.03
CA VAL J 261 -27.20 -35.61 0.45
C VAL J 261 -26.07 -34.69 0.89
N TYR J 262 -25.37 -35.10 1.94
CA TYR J 262 -24.16 -34.43 2.38
C TYR J 262 -23.08 -35.49 2.60
N LEU J 263 -21.91 -35.26 2.05
CA LEU J 263 -20.79 -36.19 2.12
C LEU J 263 -19.68 -35.56 2.94
N LEU J 264 -19.46 -36.09 4.15
CA LEU J 264 -18.51 -35.50 5.08
C LEU J 264 -17.12 -36.09 4.83
N PRO J 265 -16.10 -35.29 4.51
CA PRO J 265 -14.78 -35.86 4.30
C PRO J 265 -14.21 -36.39 5.61
N PRO J 266 -13.27 -37.32 5.55
CA PRO J 266 -12.65 -37.81 6.79
C PRO J 266 -11.96 -36.68 7.53
N ALA J 267 -12.06 -36.72 8.85
CA ALA J 267 -11.39 -35.71 9.67
C ALA J 267 -9.89 -35.93 9.65
N ARG J 268 -9.15 -34.90 10.11
CA ARG J 268 -7.70 -35.04 10.19
C ARG J 268 -7.33 -36.14 11.18
N GLU J 269 -8.01 -36.16 12.33
CA GLU J 269 -7.79 -37.22 13.31
C GLU J 269 -8.02 -38.60 12.70
N GLN J 270 -9.02 -38.72 11.83
CA GLN J 270 -9.16 -39.97 11.07
C GLN J 270 -7.94 -40.22 10.21
N LEU J 271 -7.41 -39.15 9.60
CA LEU J 271 -6.23 -39.26 8.76
C LEU J 271 -4.93 -39.24 9.56
N ASN J 272 -5.00 -38.94 10.87
CA ASN J 272 -3.78 -38.85 11.66
C ASN J 272 -3.09 -40.19 11.80
N LEU J 273 -3.85 -41.29 11.81
CA LEU J 273 -3.26 -42.62 11.95
C LEU J 273 -2.44 -43.04 10.74
N ARG J 274 -2.58 -42.35 9.60
CA ARG J 274 -1.79 -42.63 8.40
C ARG J 274 -2.00 -44.06 7.90
N GLU J 275 -3.17 -44.64 8.17
CA GLU J 275 -3.43 -46.03 7.81
C GLU J 275 -4.70 -46.21 6.99
N SER J 276 -5.76 -45.44 7.27
CA SER J 276 -7.02 -45.61 6.58
C SER J 276 -7.79 -44.30 6.60
N ALA J 277 -8.83 -44.22 5.79
CA ALA J 277 -9.68 -43.03 5.72
C ALA J 277 -11.14 -43.48 5.73
N THR J 278 -11.96 -42.80 6.52
CA THR J 278 -13.37 -43.12 6.67
C THR J 278 -14.21 -41.99 6.10
N ILE J 279 -15.09 -42.31 5.16
CA ILE J 279 -15.98 -41.34 4.52
C ILE J 279 -17.41 -41.75 4.82
N THR J 280 -18.21 -40.80 5.31
CA THR J 280 -19.60 -41.03 5.64
C THR J 280 -20.49 -40.19 4.72
N CYS J 281 -21.44 -40.84 4.07
CA CYS J 281 -22.37 -40.21 3.14
C CYS J 281 -23.69 -40.02 3.87
N LEU J 282 -23.99 -38.78 4.25
CA LEU J 282 -25.18 -38.47 5.02
C LEU J 282 -26.38 -38.35 4.07
N VAL J 283 -27.43 -39.11 4.36
CA VAL J 283 -28.69 -39.03 3.63
C VAL J 283 -29.75 -38.57 4.63
N THR J 284 -30.45 -37.48 4.29
CA THR J 284 -31.37 -36.83 5.21
C THR J 284 -32.58 -36.31 4.48
N GLY J 285 -33.76 -36.85 4.83
CA GLY J 285 -35.01 -36.29 4.38
C GLY J 285 -35.75 -37.04 3.31
N PHE J 286 -35.73 -38.37 3.34
CA PHE J 286 -36.47 -39.18 2.36
C PHE J 286 -37.69 -39.78 3.05
N SER J 287 -38.85 -39.14 2.84
CA SER J 287 -40.08 -39.65 3.42
C SER J 287 -40.42 -41.05 2.94
N PRO J 288 -40.31 -41.38 1.65
CA PRO J 288 -40.58 -42.77 1.21
C PRO J 288 -39.82 -43.83 1.99
N ALA J 289 -38.76 -43.48 2.72
CA ALA J 289 -38.04 -44.43 3.56
C ALA J 289 -37.47 -45.58 2.74
N ASP J 290 -36.97 -45.26 1.54
CA ASP J 290 -36.30 -46.24 0.70
C ASP J 290 -35.13 -45.56 0.01
N VAL J 291 -33.93 -46.04 0.29
CA VAL J 291 -32.71 -45.45 -0.28
C VAL J 291 -31.69 -46.57 -0.48
N PHE J 292 -30.88 -46.43 -1.54
CA PHE J 292 -29.85 -47.42 -1.88
C PHE J 292 -28.60 -46.65 -2.30
N VAL J 293 -27.63 -46.59 -1.40
CA VAL J 293 -26.42 -45.82 -1.63
C VAL J 293 -25.37 -46.71 -2.30
N GLN J 294 -24.57 -46.10 -3.18
CA GLN J 294 -23.41 -46.75 -3.77
C GLN J 294 -22.26 -45.76 -3.79
N TRP J 295 -21.08 -46.26 -4.12
CA TRP J 295 -19.89 -45.43 -4.30
C TRP J 295 -19.26 -45.76 -5.63
N MET J 296 -19.04 -44.73 -6.46
CA MET J 296 -18.41 -44.88 -7.77
C MET J 296 -17.11 -44.08 -7.72
N GLN J 297 -16.01 -44.76 -7.46
CA GLN J 297 -14.70 -44.14 -7.35
C GLN J 297 -14.02 -44.16 -8.71
N ARG J 298 -13.68 -42.98 -9.23
CA ARG J 298 -13.18 -42.81 -10.59
C ARG J 298 -14.20 -43.20 -11.65
N GLY J 299 -15.49 -43.13 -11.32
CA GLY J 299 -16.55 -43.36 -12.28
C GLY J 299 -17.07 -44.78 -12.36
N GLN J 300 -16.44 -45.74 -11.68
CA GLN J 300 -16.91 -47.11 -11.66
C GLN J 300 -17.38 -47.49 -10.25
N PRO J 301 -18.51 -48.20 -10.12
CA PRO J 301 -18.96 -48.59 -8.78
C PRO J 301 -17.92 -49.46 -8.07
N LEU J 302 -17.82 -49.28 -6.76
CA LEU J 302 -16.93 -50.08 -5.93
C LEU J 302 -17.68 -51.28 -5.38
N SER J 303 -16.92 -52.21 -4.79
CA SER J 303 -17.50 -53.46 -4.34
C SER J 303 -18.51 -53.20 -3.22
N PRO J 304 -19.61 -53.94 -3.17
CA PRO J 304 -20.62 -53.68 -2.13
C PRO J 304 -20.10 -53.80 -0.71
N GLU J 305 -19.21 -54.76 -0.44
CA GLU J 305 -18.77 -54.98 0.94
C GLU J 305 -17.95 -53.82 1.49
N LYS J 306 -17.37 -52.99 0.63
CA LYS J 306 -16.55 -51.88 1.11
C LYS J 306 -17.38 -50.89 1.92
N TYR J 307 -18.61 -50.61 1.47
CA TYR J 307 -19.48 -49.66 2.14
C TYR J 307 -20.64 -50.40 2.80
N VAL J 308 -21.02 -49.93 4.00
CA VAL J 308 -22.14 -50.47 4.74
C VAL J 308 -23.06 -49.31 5.11
N THR J 309 -24.36 -49.51 4.92
CA THR J 309 -25.35 -48.46 5.11
C THR J 309 -26.24 -48.76 6.32
N SER J 310 -26.79 -47.69 6.90
CA SER J 310 -27.65 -47.79 8.05
C SER J 310 -29.11 -47.90 7.62
N ALA J 311 -29.92 -48.52 8.47
CA ALA J 311 -31.33 -48.68 8.17
C ALA J 311 -32.05 -47.33 8.28
N PRO J 312 -33.13 -47.12 7.49
CA PRO J 312 -33.83 -45.83 7.54
C PRO J 312 -34.67 -45.64 8.79
N MET J 313 -34.05 -45.24 9.90
CA MET J 313 -34.84 -44.88 11.06
C MET J 313 -35.33 -43.43 10.95
N PRO J 314 -36.42 -43.08 11.63
CA PRO J 314 -36.96 -41.72 11.49
C PRO J 314 -35.98 -40.66 11.98
N GLU J 315 -36.05 -39.48 11.37
CA GLU J 315 -35.27 -38.35 11.84
C GLU J 315 -35.75 -37.92 13.22
N PRO J 316 -34.86 -37.42 14.08
CA PRO J 316 -35.33 -36.82 15.35
C PRO J 316 -36.21 -35.60 15.12
N GLN J 317 -35.78 -34.66 14.28
CA GLN J 317 -36.50 -33.41 14.13
C GLN J 317 -37.92 -33.63 13.60
N ALA J 318 -38.05 -34.49 12.58
CA ALA J 318 -39.33 -34.76 11.95
C ALA J 318 -39.48 -36.26 11.78
N PRO J 319 -40.45 -36.91 12.42
CA PRO J 319 -40.60 -38.36 12.22
C PRO J 319 -40.83 -38.76 10.78
N GLY J 320 -41.49 -37.90 9.99
CA GLY J 320 -41.70 -38.23 8.59
C GLY J 320 -40.41 -38.40 7.82
N ARG J 321 -39.38 -37.64 8.18
CA ARG J 321 -38.07 -37.78 7.56
C ARG J 321 -37.31 -38.97 8.15
N TYR J 322 -36.27 -39.40 7.44
CA TYR J 322 -35.46 -40.54 7.86
C TYR J 322 -33.99 -40.21 7.61
N PHE J 323 -33.12 -41.12 8.05
CA PHE J 323 -31.68 -40.94 7.90
C PHE J 323 -31.01 -42.27 7.57
N ALA J 324 -29.84 -42.16 6.93
CA ALA J 324 -28.98 -43.30 6.70
C ALA J 324 -27.59 -42.78 6.35
N HIS J 325 -26.58 -43.58 6.65
CA HIS J 325 -25.20 -43.27 6.34
C HIS J 325 -24.62 -44.35 5.44
N SER J 326 -23.35 -44.17 5.08
CA SER J 326 -22.61 -45.17 4.32
C SER J 326 -21.13 -44.95 4.60
N ILE J 327 -20.49 -45.94 5.19
CA ILE J 327 -19.12 -45.82 5.68
C ILE J 327 -18.22 -46.61 4.74
N LEU J 328 -17.35 -45.91 4.02
CA LEU J 328 -16.41 -46.51 3.08
C LEU J 328 -15.01 -46.34 3.65
N THR J 329 -14.43 -47.43 4.14
CA THR J 329 -13.07 -47.42 4.64
C THR J 329 -12.10 -47.63 3.49
N VAL J 330 -11.15 -46.71 3.34
CA VAL J 330 -10.16 -46.76 2.27
C VAL J 330 -8.80 -46.40 2.84
N SER J 331 -7.75 -46.81 2.11
CA SER J 331 -6.39 -46.53 2.53
C SER J 331 -6.16 -45.02 2.62
N GLU J 332 -5.41 -44.61 3.64
CA GLU J 332 -5.13 -43.19 3.83
C GLU J 332 -4.37 -42.62 2.64
N GLU J 333 -3.38 -43.36 2.13
CA GLU J 333 -2.57 -42.87 1.02
C GLU J 333 -3.43 -42.63 -0.21
N GLU J 334 -4.34 -43.56 -0.52
CA GLU J 334 -5.19 -43.40 -1.69
C GLU J 334 -6.05 -42.15 -1.58
N TRP J 335 -6.68 -41.93 -0.42
CA TRP J 335 -7.41 -40.68 -0.21
C TRP J 335 -6.47 -39.49 -0.33
N ASN J 336 -5.19 -39.67 0.00
CA ASN J 336 -4.20 -38.61 -0.13
C ASN J 336 -3.69 -38.45 -1.55
N THR J 337 -4.20 -39.23 -2.51
CA THR J 337 -3.81 -39.10 -3.92
C THR J 337 -5.07 -39.02 -4.79
N GLY J 338 -5.61 -37.81 -4.92
CA GLY J 338 -6.62 -37.48 -5.91
C GLY J 338 -7.67 -38.54 -6.22
N GLU J 339 -8.43 -38.97 -5.22
CA GLU J 339 -9.50 -39.94 -5.39
C GLU J 339 -10.84 -39.27 -5.08
N THR J 340 -11.77 -39.37 -6.04
CA THR J 340 -13.03 -38.63 -5.92
C THR J 340 -13.91 -39.23 -4.83
N TYR J 341 -14.08 -40.55 -4.83
CA TYR J 341 -14.98 -41.23 -3.88
C TYR J 341 -16.39 -40.64 -3.98
N THR J 342 -16.99 -40.81 -5.15
CA THR J 342 -18.33 -40.28 -5.38
C THR J 342 -19.37 -41.08 -4.59
N CYS J 343 -20.48 -40.41 -4.29
CA CYS J 343 -21.61 -41.03 -3.63
C CYS J 343 -22.86 -40.86 -4.49
N VAL J 344 -23.77 -41.82 -4.41
CA VAL J 344 -25.04 -41.75 -5.13
C VAL J 344 -26.16 -42.02 -4.13
N VAL J 345 -27.35 -41.53 -4.45
CA VAL J 345 -28.55 -41.78 -3.67
C VAL J 345 -29.69 -42.08 -4.64
N ALA J 346 -30.20 -43.30 -4.60
CA ALA J 346 -31.35 -43.69 -5.41
C ALA J 346 -32.62 -43.50 -4.57
N HIS J 347 -33.47 -42.56 -4.98
CA HIS J 347 -34.69 -42.30 -4.24
C HIS J 347 -35.63 -41.46 -5.09
N GLU J 348 -36.93 -41.67 -4.89
CA GLU J 348 -37.94 -41.25 -5.84
C GLU J 348 -38.06 -39.73 -5.95
N ALA J 349 -38.20 -39.04 -4.82
CA ALA J 349 -38.59 -37.63 -4.85
C ALA J 349 -37.60 -36.73 -5.57
N LEU J 350 -36.37 -37.19 -5.78
CA LEU J 350 -35.40 -36.37 -6.50
C LEU J 350 -35.88 -36.13 -7.93
N PRO J 351 -35.63 -34.94 -8.50
CA PRO J 351 -36.16 -34.67 -9.84
C PRO J 351 -35.72 -35.69 -10.89
N ASN J 352 -34.46 -36.13 -10.83
CA ASN J 352 -33.97 -37.18 -11.70
C ASN J 352 -33.86 -38.53 -10.98
N ARG J 353 -34.37 -38.61 -9.75
CA ARG J 353 -34.37 -39.80 -8.91
C ARG J 353 -32.99 -40.16 -8.38
N VAL J 354 -31.95 -39.42 -8.73
CA VAL J 354 -30.60 -39.70 -8.25
C VAL J 354 -29.85 -38.38 -8.05
N THR J 355 -29.09 -38.31 -6.97
CA THR J 355 -28.21 -37.19 -6.69
C THR J 355 -26.83 -37.74 -6.38
N GLU J 356 -25.78 -37.02 -6.80
CA GLU J 356 -24.41 -37.44 -6.59
C GLU J 356 -23.65 -36.35 -5.83
N ARG J 357 -22.79 -36.78 -4.91
CA ARG J 357 -21.88 -35.89 -4.21
C ARG J 357 -20.53 -36.59 -4.08
N THR J 358 -19.47 -35.79 -3.95
CA THR J 358 -18.12 -36.33 -3.86
C THR J 358 -17.26 -35.39 -3.02
N VAL J 359 -16.15 -35.93 -2.50
CA VAL J 359 -15.23 -35.17 -1.67
C VAL J 359 -13.81 -35.63 -1.95
N ASP J 360 -12.88 -34.69 -1.88
CA ASP J 360 -11.45 -34.98 -2.02
C ASP J 360 -10.72 -34.04 -1.07
N LYS J 361 -9.41 -33.90 -1.25
CA LYS J 361 -8.65 -32.97 -0.43
C LYS J 361 -9.22 -31.56 -0.50
N SER J 362 -9.51 -31.08 -1.71
CA SER J 362 -9.83 -29.68 -1.95
C SER J 362 -11.33 -29.42 -2.03
N THR J 363 -12.17 -30.39 -1.62
CA THR J 363 -13.61 -30.16 -1.66
C THR J 363 -14.03 -29.02 -0.75
N GLY J 364 -13.25 -28.72 0.29
CA GLY J 364 -13.58 -27.66 1.23
C GLY J 364 -13.24 -26.29 0.68
N LYS J 365 -13.31 -25.32 1.58
CA LYS J 365 -13.01 -23.94 1.22
C LYS J 365 -11.52 -23.78 0.90
N PRO J 366 -11.14 -22.70 0.21
CA PRO J 366 -9.75 -22.59 -0.25
C PRO J 366 -8.71 -22.68 0.84
N THR J 367 -8.98 -22.12 2.03
CA THR J 367 -8.03 -22.14 3.14
C THR J 367 -6.74 -21.41 2.77
N LEU J 368 -6.90 -20.13 2.44
CA LEU J 368 -5.74 -19.30 2.16
C LEU J 368 -4.93 -19.08 3.43
N TYR J 369 -3.61 -19.02 3.28
CA TYR J 369 -2.72 -18.76 4.39
C TYR J 369 -2.51 -17.26 4.54
N ASN J 370 -1.90 -16.87 5.66
CA ASN J 370 -1.68 -15.47 5.99
C ASN J 370 -0.33 -15.30 6.65
N VAL J 371 0.65 -16.14 6.27
CA VAL J 371 1.89 -16.25 7.03
C VAL J 371 2.59 -14.91 7.12
N SER J 372 3.22 -14.66 8.27
CA SER J 372 4.09 -13.53 8.48
C SER J 372 5.38 -14.02 9.12
N LEU J 373 6.48 -13.31 8.86
CA LEU J 373 7.80 -13.72 9.35
C LEU J 373 8.55 -12.46 9.81
N VAL J 374 8.40 -12.12 11.09
CA VAL J 374 9.04 -10.93 11.61
C VAL J 374 10.50 -11.24 11.95
N MET J 375 11.40 -10.34 11.56
CA MET J 375 12.83 -10.52 11.79
C MET J 375 13.41 -9.34 12.55
N SER J 376 12.69 -8.86 13.57
CA SER J 376 13.17 -7.75 14.38
C SER J 376 14.15 -8.24 15.44
N ILE K 152 -46.66 -69.03 23.34
CA ILE K 152 -46.00 -68.75 24.61
C ILE K 152 -44.53 -68.42 24.37
N ARG K 153 -44.26 -67.24 23.81
CA ARG K 153 -42.89 -66.83 23.56
C ARG K 153 -42.14 -66.71 24.88
N VAL K 154 -40.95 -67.30 24.94
CA VAL K 154 -40.09 -67.25 26.11
C VAL K 154 -38.77 -66.62 25.70
N PHE K 155 -38.34 -65.60 26.45
CA PHE K 155 -37.10 -64.90 26.17
C PHE K 155 -36.52 -64.37 27.48
N ALA K 156 -35.22 -64.14 27.49
CA ALA K 156 -34.53 -63.56 28.63
C ALA K 156 -33.66 -62.41 28.14
N ILE K 157 -33.70 -61.30 28.88
CA ILE K 157 -32.92 -60.11 28.53
C ILE K 157 -31.65 -60.13 29.39
N PRO K 158 -30.48 -60.39 28.81
CA PRO K 158 -29.25 -60.33 29.61
C PRO K 158 -28.93 -58.91 30.02
N PRO K 159 -28.35 -58.70 31.18
CA PRO K 159 -27.87 -57.35 31.52
C PRO K 159 -26.88 -56.86 30.48
N SER K 160 -27.03 -55.59 30.11
CA SER K 160 -26.16 -54.95 29.13
C SER K 160 -25.30 -53.93 29.84
N PHE K 161 -23.98 -54.05 29.69
CA PHE K 161 -23.08 -53.08 30.29
C PHE K 161 -23.35 -51.68 29.78
N ALA K 162 -23.89 -51.54 28.58
CA ALA K 162 -24.30 -50.22 28.10
C ALA K 162 -25.23 -49.54 29.10
N SER K 163 -26.12 -50.30 29.72
CA SER K 163 -27.08 -49.71 30.66
C SER K 163 -26.39 -49.23 31.92
N ILE K 164 -25.46 -50.03 32.48
CA ILE K 164 -24.89 -49.69 33.78
C ILE K 164 -24.02 -48.44 33.71
N PHE K 165 -23.41 -48.14 32.57
CA PHE K 165 -22.62 -46.91 32.48
C PHE K 165 -23.51 -45.66 32.50
N LEU K 166 -24.75 -45.77 32.04
CA LEU K 166 -25.63 -44.61 32.01
C LEU K 166 -26.13 -44.24 33.42
N THR K 167 -26.45 -45.25 34.23
CA THR K 167 -27.08 -45.02 35.53
C THR K 167 -26.33 -45.64 36.69
N LYS K 168 -25.27 -46.41 36.44
CA LYS K 168 -24.53 -47.09 37.51
C LYS K 168 -25.47 -47.97 38.34
N SER K 169 -26.44 -48.58 37.67
CA SER K 169 -27.42 -49.44 38.32
C SER K 169 -27.86 -50.51 37.32
N THR K 170 -28.40 -51.60 37.85
CA THR K 170 -28.85 -52.73 37.04
C THR K 170 -30.35 -52.90 37.23
N LYS K 171 -31.09 -52.79 36.12
CA LYS K 171 -32.52 -53.06 36.11
C LYS K 171 -32.75 -54.43 35.47
N LEU K 172 -33.54 -55.26 36.14
CA LEU K 172 -33.62 -56.68 35.83
C LEU K 172 -35.08 -57.11 35.74
N THR K 173 -35.49 -57.59 34.56
CA THR K 173 -36.83 -58.15 34.35
C THR K 173 -36.80 -59.05 33.12
N CYS K 174 -37.05 -60.35 33.32
CA CYS K 174 -37.16 -61.28 32.19
C CYS K 174 -38.37 -60.92 31.33
N LEU K 175 -38.45 -61.54 30.16
CA LEU K 175 -39.46 -61.19 29.15
C LEU K 175 -40.03 -62.46 28.54
N VAL K 176 -41.22 -62.85 29.00
CA VAL K 176 -41.95 -64.00 28.49
C VAL K 176 -43.32 -63.50 28.06
N THR K 177 -43.51 -63.34 26.76
CA THR K 177 -44.70 -62.68 26.21
C THR K 177 -45.70 -63.72 25.72
N ASP K 178 -46.90 -63.23 25.40
CA ASP K 178 -47.97 -64.03 24.81
C ASP K 178 -48.38 -65.18 25.73
N LEU K 179 -48.87 -64.80 26.91
CA LEU K 179 -49.43 -65.74 27.87
C LEU K 179 -50.75 -65.20 28.39
N THR K 180 -51.68 -66.11 28.68
CA THR K 180 -53.03 -65.73 29.04
C THR K 180 -53.06 -65.08 30.43
N THR K 181 -54.26 -64.68 30.84
CA THR K 181 -54.41 -63.98 32.11
C THR K 181 -54.04 -64.88 33.27
N TYR K 182 -53.25 -64.35 34.21
CA TYR K 182 -52.88 -65.04 35.43
C TYR K 182 -52.95 -64.06 36.58
N ASP K 183 -53.58 -64.47 37.68
CA ASP K 183 -53.78 -63.62 38.84
C ASP K 183 -52.58 -63.73 39.78
N SER K 184 -52.03 -62.58 40.17
CA SER K 184 -50.89 -62.52 41.09
C SER K 184 -49.72 -63.34 40.54
N VAL K 185 -49.21 -62.90 39.39
CA VAL K 185 -48.14 -63.62 38.72
C VAL K 185 -46.86 -63.49 39.54
N THR K 186 -46.19 -64.62 39.78
CA THR K 186 -44.94 -64.67 40.52
C THR K 186 -44.00 -65.61 39.80
N ILE K 187 -42.90 -65.08 39.28
CA ILE K 187 -41.93 -65.85 38.50
C ILE K 187 -40.55 -65.69 39.14
N SER K 188 -39.66 -66.62 38.83
CA SER K 188 -38.38 -66.73 39.51
C SER K 188 -37.21 -66.43 38.58
N TRP K 189 -36.03 -66.33 39.19
CA TRP K 189 -34.78 -66.05 38.49
C TRP K 189 -33.65 -66.66 39.30
N THR K 190 -33.19 -67.84 38.88
CA THR K 190 -32.19 -68.59 39.63
C THR K 190 -31.15 -69.15 38.67
N ARG K 191 -29.97 -68.54 38.66
CA ARG K 191 -28.81 -69.15 38.03
C ARG K 191 -28.50 -70.49 38.67
N GLN K 192 -27.95 -71.40 37.85
CA GLN K 192 -27.97 -72.82 38.16
C GLN K 192 -27.30 -73.16 39.48
N ASN K 193 -26.40 -72.31 39.98
CA ASN K 193 -25.71 -72.60 41.22
C ASN K 193 -26.40 -72.00 42.44
N GLY K 194 -27.62 -71.49 42.30
CA GLY K 194 -28.48 -71.27 43.45
C GLY K 194 -28.66 -69.86 43.97
N GLU K 195 -28.88 -68.89 43.09
CA GLU K 195 -29.26 -67.55 43.55
C GLU K 195 -30.70 -67.56 44.04
N ALA K 196 -31.04 -66.53 44.83
CA ALA K 196 -32.37 -66.43 45.40
C ALA K 196 -33.41 -66.14 44.32
N VAL K 197 -34.68 -66.25 44.71
CA VAL K 197 -35.81 -66.06 43.81
C VAL K 197 -36.37 -64.65 43.99
N LYS K 198 -36.66 -63.99 42.88
CA LYS K 198 -37.23 -62.65 42.87
C LYS K 198 -38.30 -62.56 41.80
N THR K 199 -39.37 -61.82 42.10
CA THR K 199 -40.48 -61.64 41.18
C THR K 199 -40.36 -60.30 40.45
N HIS K 200 -41.19 -60.14 39.42
CA HIS K 200 -41.17 -58.93 38.62
C HIS K 200 -41.74 -57.75 39.39
N THR K 201 -41.33 -56.55 38.99
CA THR K 201 -41.81 -55.31 39.60
C THR K 201 -42.15 -54.31 38.50
N ASN K 202 -43.08 -53.41 38.82
CA ASN K 202 -43.51 -52.35 37.92
C ASN K 202 -44.12 -52.89 36.62
N ILE K 203 -44.62 -54.13 36.66
CA ILE K 203 -45.28 -54.74 35.50
C ILE K 203 -46.65 -55.24 35.95
N SER K 204 -47.69 -54.83 35.24
CA SER K 204 -49.05 -55.24 35.60
C SER K 204 -49.20 -56.74 35.42
N GLU K 205 -49.82 -57.38 36.41
CA GLU K 205 -50.01 -58.83 36.38
C GLU K 205 -51.04 -59.25 35.33
N SER K 206 -51.91 -58.33 34.91
CA SER K 206 -52.92 -58.66 33.89
C SER K 206 -53.23 -57.36 33.13
N HIS K 207 -52.62 -57.20 31.97
CA HIS K 207 -52.88 -56.03 31.15
C HIS K 207 -54.29 -56.10 30.56
N PRO K 208 -54.87 -54.96 30.17
CA PRO K 208 -56.21 -55.01 29.57
C PRO K 208 -56.29 -55.86 28.32
N ASN K 209 -55.24 -55.90 27.51
CA ASN K 209 -55.27 -56.64 26.26
C ASN K 209 -55.26 -58.16 26.47
N ALA K 210 -54.89 -58.64 27.66
CA ALA K 210 -54.84 -60.05 28.02
C ALA K 210 -53.67 -60.79 27.37
N THR K 211 -52.86 -60.11 26.55
CA THR K 211 -51.67 -60.69 25.94
C THR K 211 -50.49 -59.88 26.45
N PHE K 212 -49.93 -60.31 27.58
CA PHE K 212 -48.96 -59.52 28.34
C PHE K 212 -47.73 -60.38 28.64
N SER K 213 -46.85 -59.83 29.47
CA SER K 213 -45.63 -60.50 29.90
C SER K 213 -45.38 -60.13 31.37
N ALA K 214 -45.58 -61.10 32.25
CA ALA K 214 -45.38 -60.91 33.69
C ALA K 214 -44.33 -61.92 34.15
N VAL K 215 -43.06 -61.50 34.10
CA VAL K 215 -41.95 -62.33 34.53
C VAL K 215 -40.76 -61.42 34.79
N GLY K 216 -40.00 -61.72 35.85
CA GLY K 216 -39.00 -60.81 36.35
C GLY K 216 -37.65 -61.49 36.53
N GLU K 217 -36.66 -60.64 36.81
CA GLU K 217 -35.29 -61.05 37.09
C GLU K 217 -34.87 -60.53 38.45
N ALA K 218 -34.07 -61.32 39.17
CA ALA K 218 -33.51 -60.85 40.43
C ALA K 218 -32.47 -59.77 40.20
N SER K 219 -32.47 -58.77 41.08
CA SER K 219 -31.53 -57.65 40.97
C SER K 219 -30.14 -58.14 41.32
N ILE K 220 -29.30 -58.33 40.30
CA ILE K 220 -27.94 -58.77 40.47
C ILE K 220 -27.01 -57.59 40.30
N CYS K 221 -25.88 -57.63 41.01
CA CYS K 221 -24.88 -56.58 40.90
C CYS K 221 -24.02 -56.79 39.66
N GLU K 222 -23.28 -55.74 39.30
CA GLU K 222 -22.47 -55.79 38.09
C GLU K 222 -21.38 -56.86 38.21
N ASP K 223 -20.88 -57.11 39.42
CA ASP K 223 -19.84 -58.09 39.61
C ASP K 223 -20.28 -59.49 39.21
N ASP K 224 -21.57 -59.79 39.33
CA ASP K 224 -22.06 -61.12 38.93
C ASP K 224 -21.89 -61.34 37.44
N TRP K 225 -22.18 -60.32 36.63
CA TRP K 225 -21.98 -60.46 35.19
C TRP K 225 -20.51 -60.32 34.80
N ASN K 226 -19.74 -59.54 35.57
CA ASN K 226 -18.29 -59.59 35.39
C ASN K 226 -17.75 -61.00 35.59
N SER K 227 -18.37 -61.76 36.50
CA SER K 227 -17.96 -63.15 36.67
C SER K 227 -18.27 -63.99 35.44
N GLY K 228 -19.43 -63.74 34.82
CA GLY K 228 -19.84 -64.48 33.64
C GLY K 228 -20.70 -65.70 33.90
N GLU K 229 -21.32 -65.79 35.07
CA GLU K 229 -22.14 -66.96 35.39
C GLU K 229 -23.42 -66.97 34.56
N ARG K 230 -24.00 -68.16 34.45
CA ARG K 230 -25.21 -68.33 33.65
C ARG K 230 -26.42 -67.77 34.39
N PHE K 231 -27.55 -67.73 33.69
CA PHE K 231 -28.73 -67.03 34.17
C PHE K 231 -29.97 -67.49 33.40
N THR K 232 -31.09 -67.65 34.10
CA THR K 232 -32.34 -68.11 33.51
C THR K 232 -33.54 -67.53 34.26
N CYS K 233 -34.63 -67.30 33.53
CA CYS K 233 -35.94 -67.06 34.11
C CYS K 233 -36.82 -68.28 33.86
N THR K 234 -37.25 -68.94 34.93
CA THR K 234 -38.11 -70.11 34.87
C THR K 234 -39.55 -69.65 35.08
N VAL K 235 -40.42 -69.90 34.11
CA VAL K 235 -41.76 -69.34 34.08
C VAL K 235 -42.78 -70.46 34.06
N THR K 236 -43.80 -70.34 34.91
CA THR K 236 -44.93 -71.25 34.94
C THR K 236 -46.22 -70.45 34.96
N HIS K 237 -47.25 -70.96 34.30
CA HIS K 237 -48.53 -70.28 34.22
C HIS K 237 -49.60 -71.31 33.83
N THR K 238 -50.84 -70.84 33.72
CA THR K 238 -51.95 -71.73 33.39
C THR K 238 -51.79 -72.36 32.02
N ASP K 239 -51.27 -71.60 31.05
CA ASP K 239 -51.19 -72.12 29.68
C ASP K 239 -50.32 -73.36 29.61
N LEU K 240 -49.12 -73.31 30.22
CA LEU K 240 -48.18 -74.42 30.21
C LEU K 240 -47.79 -74.77 31.64
N PRO K 241 -48.35 -75.82 32.23
CA PRO K 241 -47.93 -76.19 33.59
C PRO K 241 -46.45 -76.56 33.67
N SER K 242 -45.89 -77.12 32.61
CA SER K 242 -44.47 -77.45 32.61
C SER K 242 -43.64 -76.17 32.62
N PRO K 243 -42.70 -76.01 33.56
CA PRO K 243 -41.87 -74.80 33.54
C PRO K 243 -41.04 -74.70 32.27
N LEU K 244 -40.82 -73.46 31.84
CA LEU K 244 -40.02 -73.17 30.66
C LEU K 244 -38.76 -72.42 31.09
N LYS K 245 -37.60 -72.90 30.65
CA LYS K 245 -36.31 -72.37 31.07
C LYS K 245 -35.48 -72.01 29.85
N GLN K 246 -34.81 -70.86 29.91
CA GLN K 246 -33.91 -70.41 28.86
C GLN K 246 -32.62 -69.91 29.49
N THR K 247 -31.50 -70.20 28.84
CA THR K 247 -30.18 -69.88 29.35
C THR K 247 -29.53 -68.81 28.50
N ILE K 248 -29.01 -67.77 29.14
CA ILE K 248 -28.34 -66.67 28.46
C ILE K 248 -27.10 -66.28 29.26
N SER K 249 -26.01 -66.00 28.55
CA SER K 249 -24.76 -65.59 29.18
C SER K 249 -23.92 -64.84 28.15
N ARG K 250 -22.94 -64.11 28.65
CA ARG K 250 -22.06 -63.33 27.79
C ARG K 250 -21.02 -64.25 27.16
N PRO K 251 -20.89 -64.28 25.81
CA PRO K 251 -19.88 -65.13 25.20
C PRO K 251 -18.48 -64.52 25.24
N LEU K 256 -10.62 -58.39 23.57
CA LEU K 256 -11.25 -57.10 23.31
C LEU K 256 -10.22 -56.06 22.89
N HIS K 257 -10.69 -55.03 22.19
CA HIS K 257 -9.84 -53.95 21.70
C HIS K 257 -10.40 -52.61 22.14
N ARG K 258 -9.52 -51.63 22.26
CA ARG K 258 -9.94 -50.31 22.69
C ARG K 258 -10.91 -49.73 21.65
N PRO K 259 -12.06 -49.20 22.08
CA PRO K 259 -13.01 -48.65 21.10
C PRO K 259 -12.41 -47.46 20.37
N ASP K 260 -12.81 -47.32 19.11
CA ASP K 260 -12.34 -46.25 18.25
C ASP K 260 -13.48 -45.24 18.10
N VAL K 261 -13.35 -44.10 18.79
CA VAL K 261 -14.43 -43.14 18.94
C VAL K 261 -13.90 -41.77 18.54
N TYR K 262 -14.05 -41.41 17.27
CA TYR K 262 -13.78 -40.06 16.80
C TYR K 262 -14.95 -39.62 15.93
N LEU K 263 -15.49 -38.44 16.20
CA LEU K 263 -16.66 -37.94 15.50
C LEU K 263 -16.23 -37.02 14.33
N LEU K 264 -17.22 -36.60 13.55
CA LEU K 264 -17.01 -35.68 12.44
C LEU K 264 -17.96 -34.49 12.57
N PRO K 265 -17.58 -33.33 12.04
CA PRO K 265 -18.43 -32.14 12.16
C PRO K 265 -19.43 -32.07 11.02
N PRO K 266 -20.33 -31.09 11.04
CA PRO K 266 -21.25 -30.91 9.91
C PRO K 266 -20.54 -30.44 8.66
N ALA K 267 -21.17 -30.69 7.51
CA ALA K 267 -20.66 -30.19 6.25
C ALA K 267 -20.91 -28.67 6.15
N ARG K 268 -20.09 -28.02 5.31
CA ARG K 268 -20.28 -26.59 5.09
C ARG K 268 -21.63 -26.30 4.45
N GLU K 269 -22.04 -27.13 3.48
CA GLU K 269 -23.30 -26.89 2.80
C GLU K 269 -24.49 -27.01 3.73
N GLN K 270 -24.39 -27.83 4.78
CA GLN K 270 -25.47 -27.90 5.75
C GLN K 270 -25.70 -26.55 6.40
N LEU K 271 -24.63 -25.91 6.88
CA LEU K 271 -24.74 -24.57 7.45
C LEU K 271 -25.16 -23.56 6.39
N ASN K 272 -24.72 -23.76 5.15
CA ASN K 272 -25.11 -22.84 4.08
C ASN K 272 -26.60 -22.86 3.83
N LEU K 273 -27.23 -24.04 3.94
CA LEU K 273 -28.68 -24.13 3.74
C LEU K 273 -29.43 -23.30 4.76
N ARG K 274 -28.86 -23.10 5.94
CA ARG K 274 -29.48 -22.28 7.00
C ARG K 274 -30.86 -22.80 7.37
N GLU K 275 -30.99 -24.12 7.44
CA GLU K 275 -32.21 -24.77 7.93
C GLU K 275 -31.96 -25.57 9.20
N SER K 276 -30.96 -26.46 9.18
CA SER K 276 -30.63 -27.26 10.34
C SER K 276 -29.17 -27.70 10.21
N ALA K 277 -28.73 -28.59 11.09
CA ALA K 277 -27.38 -29.11 11.05
C ALA K 277 -27.39 -30.53 11.58
N THR K 278 -26.40 -31.31 11.15
CA THR K 278 -26.28 -32.71 11.54
C THR K 278 -24.88 -32.94 12.10
N ILE K 279 -24.81 -33.43 13.33
CA ILE K 279 -23.56 -33.78 13.99
C ILE K 279 -23.63 -35.27 14.32
N THR K 280 -22.58 -36.01 13.97
CA THR K 280 -22.57 -37.46 14.05
C THR K 280 -21.37 -37.92 14.86
N CYS K 281 -21.61 -38.76 15.87
CA CYS K 281 -20.54 -39.34 16.67
C CYS K 281 -20.17 -40.70 16.09
N LEU K 282 -19.44 -40.65 14.98
CA LEU K 282 -18.99 -41.87 14.33
C LEU K 282 -17.99 -42.61 15.22
N VAL K 283 -18.09 -43.94 15.22
CA VAL K 283 -17.13 -44.81 15.88
C VAL K 283 -16.63 -45.80 14.83
N THR K 284 -15.33 -45.73 14.52
CA THR K 284 -14.79 -46.51 13.42
C THR K 284 -14.74 -47.99 13.74
N GLY K 285 -14.52 -48.34 15.00
CA GLY K 285 -14.39 -49.73 15.38
C GLY K 285 -14.30 -49.95 16.88
N PHE K 286 -14.82 -51.07 17.35
CA PHE K 286 -14.77 -51.41 18.77
C PHE K 286 -14.97 -52.90 18.94
N SER K 287 -14.66 -53.39 20.13
CA SER K 287 -14.87 -54.80 20.47
C SER K 287 -15.13 -54.92 21.97
N PRO K 288 -16.23 -55.56 22.41
CA PRO K 288 -17.25 -56.27 21.63
C PRO K 288 -18.32 -55.35 21.03
N ALA K 289 -19.39 -55.94 20.50
CA ALA K 289 -20.41 -55.15 19.80
C ALA K 289 -21.08 -54.16 20.72
N ASP K 290 -21.36 -54.56 21.96
CA ASP K 290 -22.13 -53.72 22.86
C ASP K 290 -21.46 -52.36 23.04
N VAL K 291 -22.25 -51.29 22.88
CA VAL K 291 -21.75 -49.93 23.05
C VAL K 291 -22.97 -49.02 23.16
N PHE K 292 -22.78 -47.88 23.82
CA PHE K 292 -23.86 -46.93 24.05
C PHE K 292 -23.33 -45.51 23.87
N VAL K 293 -24.18 -44.65 23.33
CA VAL K 293 -23.80 -43.28 22.97
C VAL K 293 -24.79 -42.32 23.61
N GLN K 294 -24.27 -41.26 24.23
CA GLN K 294 -25.09 -40.23 24.85
C GLN K 294 -24.43 -38.88 24.57
N TRP K 295 -25.26 -37.88 24.29
CA TRP K 295 -24.78 -36.56 23.88
C TRP K 295 -24.86 -35.58 25.04
N MET K 296 -23.88 -34.68 25.10
CA MET K 296 -23.76 -33.70 26.17
C MET K 296 -23.89 -32.30 25.60
N GLN K 297 -24.32 -31.37 26.46
CA GLN K 297 -24.33 -29.94 26.12
C GLN K 297 -24.11 -29.14 27.38
N ARG K 298 -23.11 -28.24 27.35
CA ARG K 298 -22.74 -27.42 28.51
C ARG K 298 -22.53 -28.27 29.76
N GLY K 299 -22.14 -29.53 29.59
CA GLY K 299 -21.86 -30.39 30.72
C GLY K 299 -23.06 -31.07 31.34
N GLN K 300 -24.28 -30.80 30.84
CA GLN K 300 -25.47 -31.44 31.36
C GLN K 300 -26.12 -32.31 30.28
N PRO K 301 -26.73 -33.44 30.66
CA PRO K 301 -27.21 -34.38 29.63
C PRO K 301 -28.24 -33.74 28.71
N LEU K 302 -28.17 -34.12 27.44
CA LEU K 302 -29.11 -33.63 26.43
C LEU K 302 -30.38 -34.48 26.42
N SER K 303 -31.45 -33.89 25.90
CA SER K 303 -32.74 -34.56 25.89
C SER K 303 -32.70 -35.79 24.98
N PRO K 304 -33.37 -36.89 25.35
CA PRO K 304 -33.30 -38.10 24.51
C PRO K 304 -33.80 -37.88 23.08
N GLU K 305 -34.79 -37.03 22.88
CA GLU K 305 -35.43 -36.94 21.56
C GLU K 305 -34.49 -36.46 20.48
N LYS K 306 -33.46 -35.67 20.82
CA LYS K 306 -32.61 -35.07 19.80
C LYS K 306 -31.72 -36.11 19.12
N TYR K 307 -31.10 -36.98 19.89
CA TYR K 307 -30.06 -37.86 19.37
C TYR K 307 -30.60 -39.28 19.16
N VAL K 308 -30.09 -39.93 18.11
CA VAL K 308 -30.42 -41.31 17.78
C VAL K 308 -29.13 -42.09 17.63
N THR K 309 -29.10 -43.30 18.21
CA THR K 309 -27.93 -44.17 18.17
C THR K 309 -28.24 -45.38 17.31
N SER K 310 -27.35 -45.67 16.37
CA SER K 310 -27.52 -46.81 15.47
C SER K 310 -26.81 -48.04 16.03
N ALA K 311 -27.32 -49.21 15.66
CA ALA K 311 -26.74 -50.46 16.13
C ALA K 311 -25.39 -50.71 15.45
N PRO K 312 -24.56 -51.56 16.04
CA PRO K 312 -23.26 -51.86 15.41
C PRO K 312 -23.39 -52.64 14.12
N MET K 313 -22.39 -52.49 13.26
CA MET K 313 -22.24 -53.28 12.04
C MET K 313 -20.82 -53.82 11.96
N PRO K 314 -20.62 -54.95 11.28
CA PRO K 314 -19.27 -55.53 11.20
C PRO K 314 -18.38 -54.73 10.25
N GLU K 315 -17.15 -54.47 10.67
CA GLU K 315 -16.24 -53.69 9.86
C GLU K 315 -15.91 -54.44 8.57
N PRO K 316 -15.81 -53.74 7.42
CA PRO K 316 -15.52 -54.45 6.16
C PRO K 316 -14.22 -55.24 6.21
N GLN K 317 -13.10 -54.59 6.50
CA GLN K 317 -11.82 -55.27 6.50
C GLN K 317 -11.53 -56.00 7.80
N ALA K 318 -12.28 -55.72 8.86
CA ALA K 318 -12.09 -56.35 10.17
C ALA K 318 -13.46 -56.80 10.67
N PRO K 319 -14.01 -57.88 10.10
CA PRO K 319 -15.34 -58.33 10.54
C PRO K 319 -15.41 -58.61 12.02
N GLY K 320 -14.31 -59.04 12.65
CA GLY K 320 -14.29 -59.15 14.09
C GLY K 320 -14.58 -57.83 14.77
N ARG K 321 -14.03 -56.74 14.23
CA ARG K 321 -14.32 -55.41 14.74
C ARG K 321 -15.70 -54.95 14.28
N TYR K 322 -16.35 -54.14 15.11
CA TYR K 322 -17.70 -53.67 14.88
C TYR K 322 -17.74 -52.14 15.01
N PHE K 323 -18.56 -51.51 14.16
CA PHE K 323 -18.67 -50.07 14.12
C PHE K 323 -20.14 -49.67 14.17
N ALA K 324 -20.39 -48.43 14.59
CA ALA K 324 -21.74 -47.89 14.69
C ALA K 324 -21.67 -46.40 14.45
N HIS K 325 -22.75 -45.70 14.79
CA HIS K 325 -22.77 -44.24 14.72
C HIS K 325 -23.99 -43.73 15.47
N SER K 326 -23.95 -42.44 15.81
CA SER K 326 -25.07 -41.76 16.42
C SER K 326 -25.20 -40.38 15.79
N ILE K 327 -26.42 -39.86 15.78
CA ILE K 327 -26.74 -38.62 15.09
C ILE K 327 -27.51 -37.71 16.04
N LEU K 328 -27.23 -36.42 15.97
CA LEU K 328 -28.02 -35.39 16.66
C LEU K 328 -28.36 -34.31 15.64
N THR K 329 -29.65 -34.09 15.43
CA THR K 329 -30.12 -33.05 14.50
C THR K 329 -30.24 -31.75 15.26
N VAL K 330 -29.17 -30.95 15.22
CA VAL K 330 -29.12 -29.68 15.92
C VAL K 330 -29.47 -28.56 14.96
N SER K 331 -29.87 -27.42 15.52
CA SER K 331 -30.26 -26.29 14.70
C SER K 331 -29.06 -25.70 13.97
N GLU K 332 -29.32 -25.09 12.82
CA GLU K 332 -28.25 -24.50 12.02
C GLU K 332 -27.64 -23.29 12.71
N GLU K 333 -28.48 -22.39 13.22
CA GLU K 333 -27.96 -21.18 13.86
C GLU K 333 -27.30 -21.50 15.20
N GLU K 334 -27.79 -22.52 15.90
CA GLU K 334 -27.15 -22.91 17.15
C GLU K 334 -25.72 -23.36 16.92
N TRP K 335 -25.47 -24.14 15.86
CA TRP K 335 -24.10 -24.52 15.53
C TRP K 335 -23.30 -23.33 15.03
N ASN K 336 -23.97 -22.32 14.45
CA ASN K 336 -23.25 -21.16 13.96
C ASN K 336 -22.51 -20.45 15.08
N THR K 337 -23.14 -20.34 16.25
CA THR K 337 -22.50 -19.77 17.42
C THR K 337 -21.57 -20.82 18.04
N GLY K 338 -20.73 -20.37 18.98
CA GLY K 338 -19.75 -21.24 19.59
C GLY K 338 -20.26 -22.02 20.77
N GLU K 339 -21.11 -23.02 20.53
CA GLU K 339 -21.59 -23.92 21.56
C GLU K 339 -21.03 -25.30 21.29
N THR K 340 -20.23 -25.81 22.23
CA THR K 340 -19.55 -27.09 22.07
C THR K 340 -20.42 -28.23 22.58
N TYR K 341 -20.31 -29.38 21.93
CA TYR K 341 -21.04 -30.59 22.29
C TYR K 341 -20.05 -31.71 22.57
N THR K 342 -20.48 -32.67 23.38
CA THR K 342 -19.70 -33.87 23.66
C THR K 342 -20.60 -35.08 23.48
N CYS K 343 -20.16 -36.04 22.67
CA CYS K 343 -20.91 -37.29 22.45
C CYS K 343 -20.28 -38.35 23.34
N VAL K 344 -20.59 -38.30 24.64
CA VAL K 344 -20.05 -39.25 25.59
C VAL K 344 -20.59 -40.63 25.24
N VAL K 345 -19.70 -41.55 24.91
CA VAL K 345 -20.06 -42.92 24.60
C VAL K 345 -19.70 -43.80 25.80
N ALA K 346 -20.21 -45.02 25.80
CA ALA K 346 -20.00 -45.97 26.89
C ALA K 346 -19.63 -47.31 26.29
N HIS K 347 -18.40 -47.77 26.56
CA HIS K 347 -17.91 -49.03 26.06
C HIS K 347 -17.23 -49.80 27.20
N GLU K 348 -17.34 -51.13 27.14
CA GLU K 348 -16.77 -51.96 28.18
C GLU K 348 -15.25 -51.89 28.21
N ALA K 349 -14.62 -51.93 27.03
CA ALA K 349 -13.16 -52.02 26.93
C ALA K 349 -12.52 -50.63 26.96
N LEU K 350 -12.72 -49.94 28.09
CA LEU K 350 -12.17 -48.61 28.29
C LEU K 350 -11.56 -48.51 29.68
N PRO K 351 -10.53 -47.67 29.85
CA PRO K 351 -9.89 -47.54 31.17
C PRO K 351 -10.84 -46.95 32.20
N ASN K 352 -11.44 -45.81 31.87
CA ASN K 352 -12.44 -45.18 32.71
C ASN K 352 -13.85 -45.66 32.39
N ARG K 353 -13.99 -46.60 31.46
CA ARG K 353 -15.25 -47.23 31.05
C ARG K 353 -16.16 -46.27 30.30
N VAL K 354 -15.71 -45.04 30.02
CA VAL K 354 -16.51 -44.05 29.30
C VAL K 354 -15.55 -43.11 28.58
N THR K 355 -15.89 -42.75 27.35
CA THR K 355 -15.08 -41.86 26.53
C THR K 355 -15.87 -40.62 26.18
N GLU K 356 -15.26 -39.46 26.38
CA GLU K 356 -15.86 -38.16 26.07
C GLU K 356 -15.02 -37.46 25.01
N ARG K 357 -15.66 -37.06 23.91
CA ARG K 357 -15.00 -36.31 22.85
C ARG K 357 -15.92 -35.19 22.40
N THR K 358 -15.36 -34.00 22.21
CA THR K 358 -16.14 -32.79 21.98
C THR K 358 -15.66 -32.08 20.73
N VAL K 359 -16.54 -31.23 20.19
CA VAL K 359 -16.24 -30.42 19.02
C VAL K 359 -16.99 -29.10 19.11
N ASP K 360 -16.68 -28.20 18.20
CA ASP K 360 -17.36 -26.92 18.06
C ASP K 360 -16.85 -26.26 16.78
N LYS K 361 -17.40 -25.09 16.47
CA LYS K 361 -16.93 -24.35 15.30
C LYS K 361 -15.45 -24.05 15.39
N SER K 362 -14.94 -23.83 16.61
CA SER K 362 -13.51 -23.60 16.79
C SER K 362 -12.70 -24.84 16.41
N THR K 363 -13.29 -26.02 16.54
CA THR K 363 -12.63 -27.26 16.18
C THR K 363 -12.78 -27.61 14.70
N GLY K 364 -13.57 -26.84 13.96
CA GLY K 364 -13.85 -27.14 12.56
C GLY K 364 -12.71 -26.77 11.65
N LYS K 365 -13.00 -26.81 10.35
CA LYS K 365 -12.00 -26.53 9.33
C LYS K 365 -11.60 -25.06 9.38
N PRO K 366 -10.33 -24.73 9.61
CA PRO K 366 -9.93 -23.32 9.56
C PRO K 366 -9.60 -22.86 8.15
N THR K 367 -9.74 -21.55 7.94
CA THR K 367 -9.44 -20.93 6.65
C THR K 367 -8.13 -20.17 6.68
N LEU K 368 -7.99 -19.26 7.63
CA LEU K 368 -6.87 -18.33 7.69
C LEU K 368 -5.85 -18.76 8.73
N TYR K 369 -4.58 -18.54 8.43
CA TYR K 369 -3.47 -18.86 9.34
C TYR K 369 -2.46 -17.71 9.25
N ASN K 370 -2.61 -16.70 10.11
CA ASN K 370 -1.62 -15.62 10.15
C ASN K 370 -0.63 -15.92 11.27
N VAL K 371 0.19 -16.95 11.01
CA VAL K 371 1.28 -17.26 11.92
C VAL K 371 2.30 -16.13 11.86
N SER K 372 2.53 -15.48 13.00
CA SER K 372 3.47 -14.37 13.01
C SER K 372 4.91 -14.86 12.95
N LEU K 373 5.22 -15.92 13.68
CA LEU K 373 6.53 -16.57 13.60
C LEU K 373 7.66 -15.57 13.81
N VAL K 374 7.54 -14.78 14.88
CA VAL K 374 8.49 -13.70 15.12
C VAL K 374 9.88 -14.26 15.35
N MET K 375 10.89 -13.53 14.88
CA MET K 375 12.29 -13.90 15.02
C MET K 375 13.00 -12.77 15.73
N SER K 376 13.44 -13.01 16.96
CA SER K 376 14.05 -11.98 17.79
C SER K 376 15.32 -12.49 18.43
N ASP K 377 16.29 -11.58 18.61
CA ASP K 377 17.49 -11.91 19.35
C ASP K 377 17.21 -12.08 20.85
N THR K 378 16.07 -11.59 21.33
CA THR K 378 15.63 -11.88 22.69
C THR K 378 15.31 -13.37 22.78
N ALA K 379 16.20 -14.14 23.37
CA ALA K 379 16.16 -15.59 23.29
C ALA K 379 15.70 -16.28 24.57
N GLY K 380 16.25 -15.90 25.72
CA GLY K 380 15.92 -16.63 26.94
C GLY K 380 14.45 -16.53 27.31
N THR K 381 13.94 -15.30 27.38
CA THR K 381 12.58 -15.07 27.85
C THR K 381 11.59 -15.43 26.75
N CYS K 382 10.53 -16.14 27.12
CA CYS K 382 9.46 -16.43 26.18
C CYS K 382 8.51 -15.24 26.07
N TYR K 383 8.18 -14.85 24.85
CA TYR K 383 7.37 -13.67 24.60
C TYR K 383 8.01 -12.44 25.26
N ASP L 1025 -29.40 54.19 37.89
CA ASP L 1025 -29.64 55.60 37.61
C ASP L 1025 -31.14 55.90 37.63
N GLY L 1026 -31.48 57.17 37.81
CA GLY L 1026 -32.86 57.60 37.91
C GLY L 1026 -33.36 58.13 36.58
N ASN L 1027 -34.41 57.49 36.07
CA ASN L 1027 -35.07 57.90 34.83
C ASN L 1027 -34.25 57.53 33.59
N ASP L 1028 -33.05 56.98 33.80
CA ASP L 1028 -32.22 56.52 32.69
C ASP L 1028 -32.38 55.03 32.43
N VAL L 1029 -32.85 54.26 33.42
CA VAL L 1029 -33.12 52.84 33.19
C VAL L 1029 -34.17 52.67 32.12
N THR L 1030 -35.23 53.49 32.17
CA THR L 1030 -36.22 53.47 31.10
C THR L 1030 -35.59 53.85 29.78
N PHE L 1031 -34.71 54.86 29.79
CA PHE L 1031 -34.01 55.23 28.57
C PHE L 1031 -33.15 54.09 28.05
N PHE L 1032 -32.45 53.38 28.96
CA PHE L 1032 -31.60 52.28 28.52
C PHE L 1032 -32.43 51.17 27.89
N ASN L 1033 -33.55 50.80 28.52
CA ASN L 1033 -34.41 49.77 27.95
C ASN L 1033 -34.96 50.20 26.60
N LEU L 1034 -35.41 51.45 26.50
CA LEU L 1034 -35.92 51.95 25.23
C LEU L 1034 -34.85 51.91 24.16
N PHE L 1035 -33.62 52.31 24.51
CA PHE L 1035 -32.53 52.30 23.56
C PHE L 1035 -32.21 50.88 23.10
N GLU L 1036 -32.20 49.92 24.02
CA GLU L 1036 -31.93 48.54 23.65
C GLU L 1036 -32.98 48.03 22.67
N GLN L 1037 -34.26 48.23 23.00
CA GLN L 1037 -35.33 47.77 22.12
C GLN L 1037 -35.25 48.46 20.77
N TRP L 1038 -34.98 49.77 20.78
CA TRP L 1038 -34.91 50.55 19.55
C TRP L 1038 -33.74 50.11 18.68
N ASN L 1039 -32.59 49.84 19.29
CA ASN L 1039 -31.44 49.31 18.56
C ASN L 1039 -31.79 47.99 17.90
N LYS L 1040 -32.39 47.07 18.66
CA LYS L 1040 -32.73 45.78 18.08
C LYS L 1040 -33.72 45.94 16.94
N GLU L 1041 -34.71 46.83 17.12
CA GLU L 1041 -35.73 47.02 16.10
C GLU L 1041 -35.13 47.57 14.82
N ILE L 1042 -34.30 48.61 14.92
CA ILE L 1042 -33.71 49.16 13.70
C ILE L 1042 -32.77 48.16 13.07
N GLN L 1043 -32.01 47.42 13.87
CA GLN L 1043 -31.09 46.44 13.29
C GLN L 1043 -31.85 45.41 12.48
N TYR L 1044 -32.93 44.87 13.05
CA TYR L 1044 -33.76 43.91 12.32
C TYR L 1044 -34.37 44.55 11.08
N GLN L 1045 -34.83 45.80 11.19
CA GLN L 1045 -35.47 46.45 10.05
C GLN L 1045 -34.48 46.64 8.91
N ILE L 1046 -33.28 47.12 9.21
CA ILE L 1046 -32.29 47.34 8.15
C ILE L 1046 -31.85 46.02 7.56
N GLU L 1047 -31.75 44.96 8.37
CA GLU L 1047 -31.42 43.66 7.83
C GLU L 1047 -32.51 43.18 6.88
N GLN L 1048 -33.78 43.40 7.24
CA GLN L 1048 -34.88 43.01 6.36
C GLN L 1048 -34.96 43.92 5.14
N TYR L 1049 -34.76 45.23 5.33
CA TYR L 1049 -34.86 46.17 4.22
C TYR L 1049 -33.70 46.02 3.24
N MET L 1050 -32.60 45.42 3.67
CA MET L 1050 -31.47 45.19 2.77
C MET L 1050 -31.81 44.12 1.75
N CYS L 1097 -38.75 53.60 -3.53
CA CYS L 1097 -37.40 53.96 -3.13
C CYS L 1097 -37.37 55.37 -2.54
N LYS L 1098 -38.30 56.22 -2.99
CA LYS L 1098 -38.36 57.58 -2.48
C LYS L 1098 -38.61 57.61 -0.98
N CYS L 1099 -39.54 56.77 -0.51
CA CYS L 1099 -39.81 56.69 0.92
C CYS L 1099 -38.64 56.10 1.71
N TYR L 1100 -37.84 55.23 1.08
CA TYR L 1100 -36.69 54.67 1.77
C TYR L 1100 -35.71 55.76 2.18
N LYS L 1101 -35.48 56.74 1.29
CA LYS L 1101 -34.64 57.87 1.66
C LYS L 1101 -35.25 58.66 2.81
N LEU L 1102 -36.58 58.81 2.80
CA LEU L 1102 -37.25 59.45 3.94
C LEU L 1102 -37.10 58.62 5.20
N TRP L 1103 -37.15 57.29 5.07
CA TRP L 1103 -37.02 56.42 6.24
C TRP L 1103 -35.58 56.36 6.73
N ILE L 1104 -34.62 56.28 5.81
CA ILE L 1104 -33.22 56.12 6.22
C ILE L 1104 -32.73 57.36 6.94
N GLU L 1105 -33.18 58.55 6.54
CA GLU L 1105 -32.81 59.77 7.26
C GLU L 1105 -33.52 59.87 8.60
N LYS L 1106 -34.72 59.31 8.72
CA LYS L 1106 -35.42 59.31 10.00
C LYS L 1106 -34.63 58.56 11.07
N ILE L 1107 -34.15 57.37 10.74
CA ILE L 1107 -33.33 56.62 11.68
C ILE L 1107 -32.02 57.35 11.94
N ASN L 1108 -31.48 58.02 10.93
CA ASN L 1108 -30.24 58.78 11.13
C ASN L 1108 -30.44 59.86 12.18
N ASP L 1109 -31.52 60.64 12.08
CA ASP L 1109 -31.81 61.64 13.09
C ASP L 1109 -32.10 60.99 14.43
N GLN L 1110 -32.87 59.89 14.44
CA GLN L 1110 -33.15 59.21 15.69
C GLN L 1110 -31.89 58.67 16.33
N TRP L 1111 -30.98 58.12 15.52
CA TRP L 1111 -29.73 57.61 16.07
C TRP L 1111 -28.93 58.72 16.75
N GLY L 1112 -28.83 59.88 16.10
CA GLY L 1112 -28.12 60.98 16.72
C GLY L 1112 -28.74 61.39 18.04
N LYS L 1113 -30.08 61.42 18.10
CA LYS L 1113 -30.74 61.73 19.36
C LYS L 1113 -30.42 60.70 20.44
N GLN L 1114 -30.43 59.42 20.08
CA GLN L 1114 -30.10 58.37 21.04
C GLN L 1114 -28.67 58.48 21.53
N LYS L 1115 -27.72 58.75 20.62
CA LYS L 1115 -26.33 58.90 21.05
C LYS L 1115 -26.19 60.07 22.01
N ASP L 1116 -26.89 61.18 21.74
CA ASP L 1116 -26.85 62.31 22.66
C ASP L 1116 -27.34 61.92 24.04
N ASN L 1117 -28.44 61.17 24.11
CA ASN L 1117 -28.92 60.70 25.41
C ASN L 1117 -27.97 59.68 26.03
N TYR L 1118 -27.38 58.81 25.21
CA TYR L 1118 -26.42 57.85 25.74
C TYR L 1118 -25.20 58.54 26.33
N ASN L 1119 -24.75 59.64 25.71
CA ASN L 1119 -23.65 60.39 26.28
C ASN L 1119 -23.99 60.90 27.67
N LYS L 1120 -25.23 61.35 27.87
CA LYS L 1120 -25.68 61.71 29.22
C LYS L 1120 -25.65 60.49 30.14
N PHE L 1121 -26.04 59.32 29.63
CA PHE L 1121 -26.02 58.11 30.43
C PHE L 1121 -24.59 57.78 30.87
N ARG L 1122 -23.63 57.92 29.97
CA ARG L 1122 -22.22 57.67 30.30
C ARG L 1122 -21.42 58.95 30.21
N VAL L 1139 -21.66 50.58 30.32
CA VAL L 1139 -20.66 50.35 29.28
C VAL L 1139 -20.75 51.44 28.22
N SER L 1140 -19.70 51.57 27.42
CA SER L 1140 -19.65 52.61 26.41
C SER L 1140 -20.63 52.32 25.29
N LEU L 1141 -20.95 53.37 24.52
CA LEU L 1141 -21.88 53.21 23.41
C LEU L 1141 -21.33 52.28 22.35
N SER L 1142 -20.00 52.32 22.12
CA SER L 1142 -19.41 51.41 21.16
C SER L 1142 -19.28 50.01 21.74
N ASN L 1143 -19.09 49.90 23.06
CA ASN L 1143 -19.10 48.58 23.69
C ASN L 1143 -20.47 47.92 23.61
N PHE L 1144 -21.53 48.70 23.78
CA PHE L 1144 -22.86 48.11 23.85
C PHE L 1144 -23.30 47.53 22.50
N LEU L 1145 -22.94 48.17 21.39
CA LEU L 1145 -23.34 47.65 20.09
C LEU L 1145 -22.67 46.31 19.80
N PHE L 1146 -21.37 46.21 20.09
CA PHE L 1146 -20.66 44.95 19.90
C PHE L 1146 -21.27 43.85 20.76
N PHE L 1147 -21.54 44.17 22.03
CA PHE L 1147 -22.15 43.18 22.92
C PHE L 1147 -23.54 42.79 22.43
N SER L 1148 -24.30 43.75 21.89
CA SER L 1148 -25.63 43.42 21.38
C SER L 1148 -25.53 42.48 20.19
N CYS L 1149 -24.57 42.74 19.29
CA CYS L 1149 -24.37 41.84 18.15
C CYS L 1149 -24.05 40.42 18.63
N TRP L 1150 -23.10 40.31 19.55
CA TRP L 1150 -22.71 38.98 20.03
C TRP L 1150 -23.85 38.32 20.80
N GLU L 1151 -24.62 39.10 21.55
CA GLU L 1151 -25.74 38.54 22.29
C GLU L 1151 -26.81 38.02 21.34
N GLU L 1152 -27.13 38.77 20.29
CA GLU L 1152 -28.08 38.26 19.30
C GLU L 1152 -27.58 36.98 18.67
N TYR L 1153 -26.30 36.93 18.30
CA TYR L 1153 -25.75 35.71 17.71
C TYR L 1153 -25.89 34.54 18.68
N ILE L 1154 -25.45 34.72 19.92
CA ILE L 1154 -25.52 33.66 20.92
C ILE L 1154 -26.95 33.32 21.30
N GLN L 1155 -27.92 34.19 20.98
CA GLN L 1155 -29.32 33.93 21.27
C GLN L 1155 -29.99 33.12 20.18
N LYS L 1156 -30.00 33.61 18.94
CA LYS L 1156 -30.81 32.97 17.91
C LYS L 1156 -30.08 31.83 17.21
N TYR L 1157 -28.87 32.08 16.70
CA TYR L 1157 -28.17 31.04 15.96
C TYR L 1157 -27.58 29.99 16.90
N PHE L 1158 -27.11 30.41 18.07
CA PHE L 1158 -26.79 29.49 19.15
C PHE L 1158 -27.97 29.49 20.11
N ASN L 1159 -28.42 28.29 20.47
CA ASN L 1159 -29.65 28.14 21.26
C ASN L 1159 -29.34 28.14 22.75
N GLY L 1160 -30.31 28.61 23.54
CA GLY L 1160 -30.16 28.64 24.98
C GLY L 1160 -29.37 29.80 25.52
N ASP L 1161 -28.92 30.71 24.65
CA ASP L 1161 -28.17 31.92 25.04
C ASP L 1161 -27.07 31.63 26.06
N TRP L 1162 -26.52 30.43 26.03
CA TRP L 1162 -25.42 30.09 26.91
C TRP L 1162 -24.16 30.80 26.45
N SER L 1163 -23.45 31.42 27.39
CA SER L 1163 -22.22 32.15 27.07
C SER L 1163 -21.05 31.18 26.96
N LYS L 1164 -21.21 30.16 26.11
CA LYS L 1164 -20.15 29.16 25.90
C LYS L 1164 -19.32 29.56 24.68
N ILE L 1165 -18.53 30.63 24.86
CA ILE L 1165 -17.61 31.06 23.81
C ILE L 1165 -16.61 29.95 23.49
N LYS L 1166 -16.44 28.99 24.40
CA LYS L 1166 -15.51 27.89 24.15
C LYS L 1166 -15.92 27.07 22.94
N ASN L 1167 -17.22 26.83 22.78
CA ASN L 1167 -17.67 25.90 21.74
C ASN L 1167 -17.47 26.45 20.34
N ILE L 1168 -17.60 27.76 20.16
CA ILE L 1168 -17.56 28.33 18.81
C ILE L 1168 -16.18 28.10 18.19
N GLY L 1169 -16.16 27.68 16.94
CA GLY L 1169 -14.95 27.35 16.24
C GLY L 1169 -14.29 28.56 15.60
N SER L 1170 -13.25 28.27 14.82
CA SER L 1170 -12.47 29.34 14.20
C SER L 1170 -13.25 30.04 13.08
N ASP L 1171 -13.92 29.27 12.22
CA ASP L 1171 -14.61 29.86 11.08
C ASP L 1171 -15.67 30.85 11.52
N THR L 1172 -16.48 30.49 12.52
CA THR L 1172 -17.55 31.36 12.95
C THR L 1172 -17.03 32.66 13.54
N PHE L 1173 -15.88 32.62 14.23
CA PHE L 1173 -15.28 33.85 14.75
C PHE L 1173 -15.08 34.85 13.62
N GLU L 1174 -14.71 34.39 12.43
CA GLU L 1174 -14.53 35.31 11.31
C GLU L 1174 -15.84 36.03 11.01
N PHE L 1175 -16.94 35.27 10.92
CA PHE L 1175 -18.23 35.90 10.64
C PHE L 1175 -18.64 36.86 11.74
N LEU L 1176 -18.37 36.50 12.99
CA LEU L 1176 -18.77 37.37 14.10
C LEU L 1176 -17.97 38.67 14.10
N ILE L 1177 -16.65 38.58 13.96
CA ILE L 1177 -15.84 39.79 13.94
C ILE L 1177 -16.17 40.63 12.71
N LYS L 1178 -16.59 40.01 11.61
CA LYS L 1178 -17.03 40.79 10.46
C LYS L 1178 -18.35 41.50 10.74
N LYS L 1179 -19.31 40.77 11.31
CA LYS L 1179 -20.62 41.35 11.60
C LYS L 1179 -20.57 42.28 12.81
N CYS L 1180 -19.89 41.86 13.87
CA CYS L 1180 -19.89 42.61 15.13
C CYS L 1180 -18.67 43.49 15.30
N GLY L 1181 -17.61 43.30 14.50
CA GLY L 1181 -16.45 44.17 14.56
C GLY L 1181 -15.23 43.52 15.16
N ASN L 1182 -14.07 43.81 14.59
CA ASN L 1182 -12.81 43.25 15.09
C ASN L 1182 -12.52 43.78 16.50
N ASN L 1183 -11.96 42.90 17.33
CA ASN L 1183 -11.62 43.24 18.72
C ASN L 1183 -12.92 43.67 19.41
N SER L 1184 -12.93 44.77 20.16
CA SER L 1184 -14.11 45.22 20.87
C SER L 1184 -14.15 46.74 20.84
N ALA L 1185 -15.23 47.30 21.38
CA ALA L 1185 -15.41 48.75 21.44
C ALA L 1185 -15.39 49.37 20.05
N HIS L 1186 -15.75 48.59 19.03
CA HIS L 1186 -15.88 49.08 17.66
C HIS L 1186 -17.34 49.27 17.26
N GLY L 1187 -18.25 49.27 18.24
CA GLY L 1187 -19.66 49.30 17.91
C GLY L 1187 -20.08 50.53 17.14
N GLU L 1188 -19.55 51.70 17.51
CA GLU L 1188 -19.89 52.92 16.80
C GLU L 1188 -19.52 52.81 15.32
N GLU L 1189 -18.33 52.29 15.02
CA GLU L 1189 -17.94 52.08 13.63
C GLU L 1189 -18.84 51.06 12.96
N ILE L 1190 -19.17 49.98 13.66
CA ILE L 1190 -20.00 48.93 13.07
C ILE L 1190 -21.38 49.48 12.71
N PHE L 1191 -21.96 50.27 13.62
CA PHE L 1191 -23.22 50.93 13.30
C PHE L 1191 -23.04 51.93 12.16
N ASN L 1192 -21.94 52.67 12.16
CA ASN L 1192 -21.69 53.66 11.10
C ASN L 1192 -21.60 52.99 9.73
N GLU L 1193 -20.75 51.96 9.62
CA GLU L 1193 -20.57 51.31 8.32
C GLU L 1193 -21.85 50.64 7.85
N LYS L 1194 -22.63 50.07 8.76
CA LYS L 1194 -23.87 49.41 8.37
C LYS L 1194 -24.82 50.40 7.71
N LEU L 1195 -24.98 51.59 8.29
CA LEU L 1195 -25.85 52.59 7.68
C LEU L 1195 -25.26 53.09 6.36
N LYS L 1196 -23.93 53.26 6.30
CA LYS L 1196 -23.31 53.66 5.05
C LYS L 1196 -23.55 52.62 3.96
N ASN L 1197 -23.47 51.33 4.31
CA ASN L 1197 -23.87 50.30 3.37
C ASN L 1197 -25.35 50.40 3.04
N ALA L 1198 -26.18 50.70 4.05
CA ALA L 1198 -27.61 50.89 3.79
C ALA L 1198 -27.84 52.10 2.90
N GLU L 1199 -27.10 53.18 3.11
CA GLU L 1199 -27.27 54.38 2.29
C GLU L 1199 -26.95 54.08 0.83
N LYS L 1200 -25.92 53.27 0.59
CA LYS L 1200 -25.46 52.97 -0.76
C LYS L 1200 -26.24 51.81 -1.40
N LYS L 1201 -27.19 51.22 -0.69
CA LYS L 1201 -27.96 50.09 -1.21
C LYS L 1201 -28.56 50.40 -2.58
N TYR L 1226 0.83 26.05 -26.52
CA TYR L 1226 -0.32 25.16 -26.52
C TYR L 1226 -0.04 23.91 -25.69
N ILE L 1227 0.94 23.12 -26.13
CA ILE L 1227 1.31 21.91 -25.39
C ILE L 1227 1.94 22.30 -24.07
N ARG L 1228 1.47 21.69 -22.99
CA ARG L 1228 1.97 22.01 -21.65
C ARG L 1228 2.27 20.81 -20.78
N GLY L 1229 1.93 19.60 -21.19
CA GLY L 1229 2.15 18.42 -20.37
C GLY L 1229 0.97 18.00 -19.51
N CYS L 1230 -0.21 18.55 -19.75
CA CYS L 1230 -1.43 18.14 -19.06
C CYS L 1230 -2.15 17.11 -19.90
N GLN L 1231 -2.50 15.98 -19.29
CA GLN L 1231 -3.21 14.92 -19.99
C GLN L 1231 -4.72 15.08 -19.82
N SER L 1232 -5.46 14.36 -20.65
CA SER L 1232 -6.91 14.48 -20.64
C SER L 1232 -7.47 14.15 -19.26
N LYS L 1233 -8.49 14.89 -18.86
CA LYS L 1233 -9.02 14.77 -17.51
C LYS L 1233 -9.58 13.38 -17.27
N THR L 1234 -9.31 12.84 -16.08
CA THR L 1234 -9.84 11.55 -15.66
C THR L 1234 -10.41 11.62 -14.24
N TYR L 1235 -10.71 12.81 -13.73
CA TYR L 1235 -11.05 12.95 -12.32
C TYR L 1235 -12.36 12.22 -12.00
N ASP L 1236 -13.34 12.27 -12.89
CA ASP L 1236 -14.61 11.59 -12.68
C ASP L 1236 -14.72 10.33 -13.52
N GLY L 1237 -13.60 9.82 -14.02
CA GLY L 1237 -13.59 8.63 -14.85
C GLY L 1237 -12.82 8.86 -16.14
N LYS L 1238 -12.04 7.87 -16.55
CA LYS L 1238 -11.28 7.99 -17.78
C LYS L 1238 -12.23 8.15 -18.96
N ILE L 1239 -11.79 8.92 -19.95
CA ILE L 1239 -12.61 9.12 -21.14
C ILE L 1239 -12.76 7.80 -21.88
N PHE L 1240 -13.92 7.60 -22.48
CA PHE L 1240 -14.14 6.41 -23.29
C PHE L 1240 -13.08 6.34 -24.39
N PRO L 1241 -12.50 5.16 -24.67
CA PRO L 1241 -12.77 3.81 -24.16
C PRO L 1241 -12.28 3.52 -22.74
N GLY L 1242 -11.74 4.51 -22.04
CA GLY L 1242 -11.35 4.29 -20.66
C GLY L 1242 -12.55 3.98 -19.79
N LYS L 1243 -12.32 3.18 -18.75
CA LYS L 1243 -13.39 2.70 -17.87
C LYS L 1243 -13.28 3.25 -16.46
N GLY L 1244 -12.17 3.00 -15.78
CA GLY L 1244 -12.01 3.35 -14.37
C GLY L 1244 -11.30 4.67 -14.18
N GLY L 1245 -10.56 4.76 -13.06
CA GLY L 1245 -9.78 5.94 -12.77
C GLY L 1245 -10.51 7.03 -12.02
N GLU L 1246 -11.72 6.76 -11.53
CA GLU L 1246 -12.45 7.79 -10.78
C GLU L 1246 -11.65 8.25 -9.58
N LYS L 1247 -11.62 9.56 -9.37
CA LYS L 1247 -10.95 10.15 -8.21
C LYS L 1247 -11.98 10.53 -7.17
N GLN L 1248 -11.81 10.04 -5.95
CA GLN L 1248 -12.76 10.27 -4.88
C GLN L 1248 -12.45 11.58 -4.16
N TRP L 1249 -13.48 12.10 -3.48
CA TRP L 1249 -13.32 13.34 -2.73
C TRP L 1249 -12.35 13.15 -1.58
N ILE L 1250 -11.38 14.04 -1.46
CA ILE L 1250 -10.37 13.96 -0.41
C ILE L 1250 -10.90 14.74 0.78
N CYS L 1251 -11.62 14.05 1.66
CA CYS L 1251 -12.17 14.67 2.86
C CYS L 1251 -11.18 14.55 4.02
N LYS L 1252 -9.99 15.11 3.78
CA LYS L 1252 -8.91 15.07 4.76
C LYS L 1252 -8.25 16.45 4.81
N ASP L 1253 -7.60 16.72 5.94
CA ASP L 1253 -6.95 17.99 6.19
C ASP L 1253 -5.50 17.77 6.60
N THR L 1254 -4.65 18.74 6.27
CA THR L 1254 -3.23 18.66 6.53
C THR L 1254 -2.92 19.37 7.85
N ILE L 1255 -2.19 18.68 8.73
CA ILE L 1255 -1.88 19.25 10.05
C ILE L 1255 -0.99 20.48 9.90
N ILE L 1256 0.05 20.38 9.07
CA ILE L 1256 0.99 21.49 8.93
C ILE L 1256 0.33 22.68 8.26
N HIS L 1257 -0.39 22.43 7.16
CA HIS L 1257 -1.01 23.49 6.37
C HIS L 1257 -2.51 23.43 6.51
N GLY L 1258 -3.09 24.48 7.09
CA GLY L 1258 -4.53 24.57 7.25
C GLY L 1258 -5.07 23.95 8.52
N ASP L 1259 -4.29 23.10 9.20
CA ASP L 1259 -4.74 22.46 10.44
C ASP L 1259 -6.09 21.80 10.25
N THR L 1260 -7.15 22.36 10.87
CA THR L 1260 -8.48 21.81 10.78
C THR L 1260 -9.27 22.51 9.68
N ASN L 1261 -9.68 21.74 8.67
CA ASN L 1261 -10.47 22.26 7.57
C ASN L 1261 -11.43 21.16 7.13
N GLY L 1262 -12.74 21.42 7.26
CA GLY L 1262 -13.73 20.44 6.88
C GLY L 1262 -13.99 20.32 5.40
N ALA L 1263 -13.43 21.21 4.59
CA ALA L 1263 -13.68 21.19 3.16
C ALA L 1263 -13.09 19.95 2.53
N CYS L 1264 -13.80 19.40 1.55
CA CYS L 1264 -13.37 18.22 0.81
C CYS L 1264 -12.94 18.64 -0.59
N ILE L 1265 -11.75 18.21 -0.99
CA ILE L 1265 -11.21 18.63 -2.29
C ILE L 1265 -11.96 17.91 -3.40
N PRO L 1266 -12.52 18.61 -4.38
CA PRO L 1266 -13.23 17.92 -5.46
C PRO L 1266 -12.27 17.09 -6.30
N PRO L 1267 -12.77 16.07 -6.99
CA PRO L 1267 -11.89 15.34 -7.91
C PRO L 1267 -11.28 16.25 -8.97
N ARG L 1268 -12.05 17.22 -9.45
CA ARG L 1268 -11.55 18.12 -10.48
C ARG L 1268 -10.35 18.92 -9.98
N THR L 1269 -10.44 19.46 -8.76
CA THR L 1269 -9.35 20.25 -8.24
C THR L 1269 -8.08 19.41 -8.07
N GLN L 1270 -8.24 18.17 -7.62
CA GLN L 1270 -7.08 17.28 -7.55
C GLN L 1270 -6.45 17.10 -8.91
N ASN L 1271 -7.25 17.18 -9.98
CA ASN L 1271 -6.78 17.00 -11.34
C ASN L 1271 -6.62 18.32 -12.08
N LEU L 1272 -6.50 19.43 -11.35
CA LEU L 1272 -6.31 20.71 -11.99
C LEU L 1272 -5.06 20.71 -12.84
N CYS L 1273 -5.16 21.25 -14.04
CA CYS L 1273 -4.03 21.27 -14.98
C CYS L 1273 -3.05 22.33 -14.51
N VAL L 1274 -2.17 21.93 -13.59
CA VAL L 1274 -1.11 22.83 -13.15
C VAL L 1274 -0.24 23.24 -14.33
N GLY L 1275 -0.14 22.39 -15.34
CA GLY L 1275 0.60 22.77 -16.54
C GLY L 1275 2.09 22.84 -16.26
N GLU L 1276 2.72 23.90 -16.74
CA GLU L 1276 4.15 24.08 -16.58
C GLU L 1276 4.54 24.60 -15.21
N LEU L 1277 3.57 24.95 -14.36
CA LEU L 1277 3.90 25.43 -13.02
C LEU L 1277 4.43 24.32 -12.13
N TRP L 1278 4.23 23.07 -12.50
CA TRP L 1278 4.51 21.94 -11.63
C TRP L 1278 4.77 20.70 -12.47
N ASP L 1279 5.91 20.06 -12.23
CA ASP L 1279 6.24 18.80 -12.89
C ASP L 1279 6.33 17.69 -11.84
N LYS L 1280 5.72 16.55 -12.15
CA LYS L 1280 5.62 15.44 -11.21
C LYS L 1280 6.83 14.53 -11.24
N SER L 1281 7.85 14.87 -12.03
CA SER L 1281 9.01 14.01 -12.19
C SER L 1281 9.65 13.73 -10.83
N TYR L 1282 9.67 12.45 -10.45
CA TYR L 1282 10.31 11.99 -9.22
C TYR L 1282 9.79 12.77 -8.01
N GLY L 1283 8.50 12.59 -7.75
CA GLY L 1283 7.85 13.27 -6.64
C GLY L 1283 7.20 14.56 -7.06
N GLY L 1284 7.47 15.64 -6.34
CA GLY L 1284 6.93 16.95 -6.69
C GLY L 1284 7.97 18.05 -6.56
N ARG L 1285 8.21 18.78 -7.64
CA ARG L 1285 9.16 19.87 -7.66
C ARG L 1285 8.57 21.04 -8.42
N SER L 1286 8.44 22.18 -7.75
CA SER L 1286 7.90 23.36 -8.40
C SER L 1286 8.80 23.79 -9.55
N ASN L 1287 8.19 24.15 -10.67
CA ASN L 1287 8.91 24.57 -11.86
C ASN L 1287 9.09 26.08 -11.95
N ILE L 1288 8.71 26.82 -10.91
CA ILE L 1288 8.76 28.27 -10.92
C ILE L 1288 9.66 28.76 -9.79
N LYS L 1289 10.71 28.00 -9.47
CA LYS L 1289 11.59 28.39 -8.39
C LYS L 1289 12.21 29.76 -8.64
N ASN L 1290 12.65 30.01 -9.88
CA ASN L 1290 13.16 31.31 -10.29
C ASN L 1290 12.47 31.68 -11.60
N ASP L 1291 11.30 32.32 -11.48
CA ASP L 1291 10.53 32.75 -12.64
C ASP L 1291 10.09 34.20 -12.44
N THR L 1292 10.18 34.99 -13.50
CA THR L 1292 9.79 36.39 -13.42
C THR L 1292 8.27 36.53 -13.29
N LYS L 1293 7.85 37.71 -12.85
CA LYS L 1293 6.42 37.96 -12.70
C LYS L 1293 5.70 37.84 -14.04
N GLU L 1294 6.28 38.38 -15.11
CA GLU L 1294 5.67 38.26 -16.42
C GLU L 1294 5.62 36.80 -16.88
N LEU L 1295 6.70 36.05 -16.64
CA LEU L 1295 6.72 34.65 -17.02
C LEU L 1295 5.66 33.86 -16.25
N LEU L 1296 5.51 34.14 -14.96
CA LEU L 1296 4.49 33.45 -14.18
C LEU L 1296 3.09 33.72 -14.73
N LYS L 1297 2.82 34.96 -15.13
CA LYS L 1297 1.54 35.28 -15.72
C LYS L 1297 1.30 34.48 -17.00
N GLU L 1298 2.32 34.37 -17.85
CA GLU L 1298 2.18 33.60 -19.08
C GLU L 1298 1.96 32.12 -18.76
N LYS L 1299 2.68 31.58 -17.78
CA LYS L 1299 2.50 30.19 -17.42
C LYS L 1299 1.08 29.94 -16.92
N ILE L 1300 0.56 30.82 -16.08
CA ILE L 1300 -0.80 30.64 -15.56
C ILE L 1300 -1.81 30.80 -16.68
N LYS L 1301 -1.58 31.72 -17.60
CA LYS L 1301 -2.49 31.89 -18.73
C LYS L 1301 -2.54 30.63 -19.59
N ASN L 1302 -1.38 30.06 -19.89
CA ASN L 1302 -1.34 28.82 -20.66
C ASN L 1302 -2.01 27.69 -19.90
N ALA L 1303 -1.77 27.61 -18.59
CA ALA L 1303 -2.39 26.56 -17.78
C ALA L 1303 -3.91 26.68 -17.80
N ILE L 1304 -4.43 27.91 -17.68
CA ILE L 1304 -5.88 28.10 -17.69
C ILE L 1304 -6.44 27.77 -19.06
N HIS L 1305 -5.75 28.16 -20.13
CA HIS L 1305 -6.22 27.82 -21.47
C HIS L 1305 -6.28 26.31 -21.66
N LYS L 1306 -5.23 25.60 -21.25
CA LYS L 1306 -5.23 24.15 -21.39
C LYS L 1306 -6.29 23.51 -20.51
N GLU L 1307 -6.51 24.05 -19.30
CA GLU L 1307 -7.55 23.52 -18.44
C GLU L 1307 -8.92 23.67 -19.10
N THR L 1308 -9.17 24.83 -19.71
CA THR L 1308 -10.44 25.02 -20.40
C THR L 1308 -10.59 24.04 -21.55
N GLU L 1309 -9.52 23.86 -22.34
CA GLU L 1309 -9.59 22.95 -23.49
C GLU L 1309 -9.86 21.52 -23.04
N LEU L 1310 -9.13 21.06 -22.02
CA LEU L 1310 -9.29 19.69 -21.55
C LEU L 1310 -10.63 19.49 -20.89
N LEU L 1311 -11.13 20.49 -20.16
CA LEU L 1311 -12.46 20.38 -19.58
C LEU L 1311 -13.53 20.31 -20.67
N TYR L 1312 -13.36 21.10 -21.74
CA TYR L 1312 -14.33 21.04 -22.82
C TYR L 1312 -14.33 19.66 -23.48
N GLU L 1313 -13.16 19.11 -23.75
CA GLU L 1313 -13.16 17.80 -24.40
C GLU L 1313 -13.57 16.69 -23.45
N TYR L 1314 -13.45 16.92 -22.14
CA TYR L 1314 -13.91 15.94 -21.16
C TYR L 1314 -15.43 15.94 -21.04
N HIS L 1315 -16.04 17.12 -21.01
CA HIS L 1315 -17.49 17.19 -20.86
C HIS L 1315 -18.22 16.99 -22.19
N ASP L 1316 -17.59 17.33 -23.31
CA ASP L 1316 -18.21 17.13 -24.62
C ASP L 1316 -18.41 15.65 -24.90
N THR L 1317 -17.44 14.82 -24.55
CA THR L 1317 -17.60 13.37 -24.66
C THR L 1317 -18.56 12.81 -23.63
N GLY L 1318 -19.08 13.64 -22.73
CA GLY L 1318 -20.06 13.19 -21.76
C GLY L 1318 -19.51 12.20 -20.75
N THR L 1319 -18.29 12.42 -20.27
CA THR L 1319 -17.68 11.55 -19.28
C THR L 1319 -17.76 12.10 -17.87
N ALA L 1320 -17.75 13.42 -17.71
CA ALA L 1320 -17.90 14.01 -16.39
C ALA L 1320 -19.27 13.68 -15.82
N ILE L 1321 -19.31 13.40 -14.52
CA ILE L 1321 -20.57 13.03 -13.88
C ILE L 1321 -21.59 14.15 -14.05
N ILE L 1322 -21.12 15.40 -14.08
CA ILE L 1322 -22.03 16.52 -14.29
C ILE L 1322 -22.62 16.47 -15.70
N SER L 1323 -21.81 16.12 -16.69
CA SER L 1323 -22.19 16.24 -18.08
C SER L 1323 -22.91 15.01 -18.64
N LYS L 1324 -23.06 13.95 -17.85
CA LYS L 1324 -23.74 12.75 -18.33
C LYS L 1324 -25.16 13.07 -18.78
N ASN L 1337 -27.40 27.09 -23.97
CA ASN L 1337 -26.52 27.19 -25.12
C ASN L 1337 -26.17 25.80 -25.65
N GLY L 1338 -25.23 25.75 -26.59
CA GLY L 1338 -24.78 24.52 -27.19
C GLY L 1338 -23.58 23.86 -26.53
N LEU L 1339 -23.04 24.47 -25.47
CA LEU L 1339 -21.89 23.90 -24.80
C LEU L 1339 -22.30 22.62 -24.07
N PRO L 1340 -21.33 21.74 -23.77
CA PRO L 1340 -21.66 20.53 -23.01
C PRO L 1340 -22.27 20.88 -21.67
N LYS L 1341 -23.26 20.08 -21.26
CA LYS L 1341 -23.96 20.35 -20.02
C LYS L 1341 -22.99 20.38 -18.85
N GLY L 1342 -22.94 21.51 -18.15
CA GLY L 1342 -22.09 21.66 -17.00
C GLY L 1342 -20.67 22.08 -17.32
N PHE L 1343 -20.32 22.22 -18.59
CA PHE L 1343 -18.95 22.63 -18.92
C PHE L 1343 -18.65 24.01 -18.39
N CYS L 1344 -19.60 24.94 -18.50
CA CYS L 1344 -19.36 26.28 -18.00
C CYS L 1344 -19.19 26.28 -16.49
N HIS L 1345 -19.97 25.47 -15.78
CA HIS L 1345 -19.77 25.33 -14.35
C HIS L 1345 -18.35 24.84 -14.05
N ALA L 1346 -17.91 23.82 -14.78
CA ALA L 1346 -16.60 23.25 -14.52
C ALA L 1346 -15.49 24.25 -14.80
N VAL L 1347 -15.59 24.99 -15.90
CA VAL L 1347 -14.52 25.94 -16.24
C VAL L 1347 -14.52 27.11 -15.28
N GLN L 1348 -15.70 27.61 -14.89
CA GLN L 1348 -15.75 28.68 -13.89
C GLN L 1348 -15.13 28.21 -12.58
N ARG L 1349 -15.43 26.97 -12.19
CA ARG L 1349 -14.92 26.48 -10.91
C ARG L 1349 -13.43 26.24 -10.97
N SER L 1350 -12.92 25.79 -12.12
CA SER L 1350 -11.48 25.67 -12.28
C SER L 1350 -10.82 27.04 -12.22
N PHE L 1351 -11.45 28.05 -12.79
CA PHE L 1351 -10.91 29.40 -12.67
C PHE L 1351 -10.88 29.86 -11.22
N ILE L 1352 -11.93 29.54 -10.46
CA ILE L 1352 -11.95 29.89 -9.04
C ILE L 1352 -10.83 29.18 -8.31
N ASP L 1353 -10.60 27.90 -8.63
CA ASP L 1353 -9.51 27.16 -8.00
C ASP L 1353 -8.16 27.77 -8.33
N TYR L 1354 -7.97 28.20 -9.58
CA TYR L 1354 -6.73 28.89 -9.93
C TYR L 1354 -6.59 30.19 -9.15
N LYS L 1355 -7.68 30.96 -9.05
CA LYS L 1355 -7.64 32.21 -8.31
C LYS L 1355 -7.19 31.96 -6.89
N ASN L 1356 -7.75 30.96 -6.23
CA ASN L 1356 -7.37 30.66 -4.86
C ASN L 1356 -5.98 30.02 -4.77
N MET L 1357 -5.49 29.41 -5.85
CA MET L 1357 -4.13 28.89 -5.85
C MET L 1357 -3.10 30.01 -5.86
N ILE L 1358 -3.28 30.98 -6.76
CA ILE L 1358 -2.38 32.15 -6.75
C ILE L 1358 -2.56 32.97 -5.48
N LEU L 1359 -3.80 33.19 -5.06
CA LEU L 1359 -4.03 34.00 -3.86
C LEU L 1359 -3.45 33.32 -2.62
N GLY L 1360 -3.33 32.00 -2.61
CA GLY L 1360 -2.84 31.29 -1.45
C GLY L 1360 -3.87 30.99 -0.40
N THR L 1361 -5.15 31.24 -0.67
CA THR L 1361 -6.23 31.04 0.29
C THR L 1361 -6.98 29.74 0.04
N SER L 1362 -6.26 28.69 -0.38
CA SER L 1362 -6.91 27.42 -0.66
C SER L 1362 -7.57 26.86 0.59
N VAL L 1363 -8.79 26.35 0.44
CA VAL L 1363 -9.50 25.77 1.58
C VAL L 1363 -8.72 24.59 2.13
N ASN L 1364 -8.27 23.70 1.26
CA ASN L 1364 -7.42 22.58 1.62
C ASN L 1364 -6.28 22.50 0.62
N ILE L 1365 -5.07 22.26 1.12
CA ILE L 1365 -3.87 22.24 0.29
C ILE L 1365 -3.62 20.81 -0.17
N TYR L 1366 -3.64 20.60 -1.47
CA TYR L 1366 -3.28 19.32 -2.06
C TYR L 1366 -1.76 19.26 -2.21
N GLU L 1367 -1.25 18.17 -2.77
CA GLU L 1367 0.20 18.04 -2.95
C GLU L 1367 0.75 19.19 -3.79
N HIS L 1368 0.12 19.45 -4.93
CA HIS L 1368 0.57 20.52 -5.81
C HIS L 1368 0.20 21.90 -5.29
N ILE L 1369 -0.79 22.00 -4.42
CA ILE L 1369 -1.30 23.31 -4.01
C ILE L 1369 -0.29 24.02 -3.12
N GLY L 1370 0.28 23.32 -2.15
CA GLY L 1370 1.07 23.98 -1.13
C GLY L 1370 2.34 24.62 -1.66
N LYS L 1371 3.15 23.83 -2.36
CA LYS L 1371 4.41 24.35 -2.89
C LYS L 1371 4.17 25.46 -3.91
N LEU L 1372 3.16 25.27 -4.78
CA LEU L 1372 2.84 26.31 -5.76
C LEU L 1372 2.40 27.59 -5.06
N GLN L 1373 1.58 27.47 -4.02
CA GLN L 1373 1.14 28.66 -3.30
C GLN L 1373 2.33 29.39 -2.69
N GLU L 1374 3.22 28.66 -2.03
CA GLU L 1374 4.38 29.28 -1.40
C GLU L 1374 5.27 29.96 -2.44
N ASP L 1375 5.53 29.26 -3.56
CA ASP L 1375 6.40 29.83 -4.57
C ASP L 1375 5.77 31.06 -5.23
N ILE L 1376 4.46 31.02 -5.48
CA ILE L 1376 3.81 32.17 -6.09
C ILE L 1376 3.80 33.35 -5.13
N LYS L 1377 3.64 33.09 -3.83
CA LYS L 1377 3.77 34.16 -2.86
C LYS L 1377 5.18 34.75 -2.89
N LYS L 1378 6.19 33.89 -2.99
CA LYS L 1378 7.57 34.38 -3.03
C LYS L 1378 7.83 35.23 -4.27
N ILE L 1379 7.34 34.78 -5.43
CA ILE L 1379 7.66 35.47 -6.68
C ILE L 1379 7.06 36.87 -6.70
N ILE L 1380 5.78 36.98 -6.34
CA ILE L 1380 5.11 38.28 -6.40
C ILE L 1380 5.72 39.23 -5.36
N GLU L 1381 5.92 38.75 -4.14
CA GLU L 1381 6.49 39.58 -3.07
C GLU L 1381 8.01 39.51 -3.12
N LYS L 1382 8.56 40.03 -4.22
CA LYS L 1382 10.00 40.06 -4.41
C LYS L 1382 10.35 40.77 -5.72
N ASN L 1400 0.34 41.44 -0.98
CA ASN L 1400 0.44 42.10 -2.28
C ASN L 1400 0.00 41.16 -3.40
N VAL L 1401 0.02 39.85 -3.14
CA VAL L 1401 -0.42 38.88 -4.13
C VAL L 1401 -1.87 39.14 -4.53
N ASN L 1402 -2.71 39.52 -3.57
CA ASN L 1402 -4.12 39.77 -3.87
C ASN L 1402 -4.27 40.89 -4.88
N ALA L 1403 -3.50 41.97 -4.73
CA ALA L 1403 -3.58 43.07 -5.68
C ALA L 1403 -3.16 42.63 -7.07
N TRP L 1404 -2.12 41.80 -7.16
CA TRP L 1404 -1.67 41.31 -8.46
C TRP L 1404 -2.78 40.57 -9.18
N TRP L 1405 -3.41 39.60 -8.51
CA TRP L 1405 -4.50 38.87 -9.14
C TRP L 1405 -5.69 39.76 -9.42
N LYS L 1406 -5.99 40.71 -8.54
CA LYS L 1406 -7.07 41.64 -8.82
C LYS L 1406 -6.76 42.51 -10.02
N GLY L 1407 -5.50 42.53 -10.46
CA GLY L 1407 -5.13 43.23 -11.68
C GLY L 1407 -5.17 42.35 -12.91
N ILE L 1408 -4.77 41.09 -12.78
CA ILE L 1408 -4.63 40.20 -13.94
C ILE L 1408 -5.82 39.24 -14.09
N GLU L 1409 -6.86 39.37 -13.25
CA GLU L 1409 -8.00 38.47 -13.37
C GLU L 1409 -8.69 38.64 -14.70
N ARG L 1410 -8.79 39.88 -15.20
CA ARG L 1410 -9.43 40.09 -16.48
C ARG L 1410 -8.68 39.37 -17.60
N GLU L 1411 -7.35 39.43 -17.58
CA GLU L 1411 -6.57 38.72 -18.59
C GLU L 1411 -6.72 37.21 -18.43
N MET L 1412 -6.70 36.71 -17.19
CA MET L 1412 -6.83 35.26 -16.99
C MET L 1412 -8.18 34.76 -17.47
N TRP L 1413 -9.27 35.50 -17.21
CA TRP L 1413 -10.56 35.09 -17.71
C TRP L 1413 -10.66 35.28 -19.22
N ASP L 1414 -9.98 36.29 -19.77
CA ASP L 1414 -9.86 36.39 -21.22
C ASP L 1414 -9.21 35.14 -21.78
N ALA L 1415 -8.32 34.51 -21.01
CA ALA L 1415 -7.73 33.25 -21.46
C ALA L 1415 -8.80 32.18 -21.65
N VAL L 1416 -9.71 32.04 -20.68
CA VAL L 1416 -10.79 31.06 -20.81
C VAL L 1416 -11.68 31.40 -21.99
N ARG L 1417 -12.01 32.69 -22.14
CA ARG L 1417 -12.85 33.09 -23.27
C ARG L 1417 -12.19 32.78 -24.60
N CYS L 1418 -10.88 33.04 -24.70
CA CYS L 1418 -10.16 32.74 -25.93
C CYS L 1418 -10.12 31.24 -26.19
N ALA L 1419 -9.95 30.44 -25.14
CA ALA L 1419 -9.99 28.99 -25.33
C ALA L 1419 -11.36 28.56 -25.86
N ILE L 1420 -12.43 29.10 -25.29
CA ILE L 1420 -13.77 28.73 -25.73
C ILE L 1420 -13.98 29.13 -27.19
N THR L 1421 -13.48 30.31 -27.57
CA THR L 1421 -13.59 30.71 -28.98
C THR L 1421 -12.79 29.77 -29.87
N LYS L 1422 -11.59 29.38 -29.44
CA LYS L 1422 -10.78 28.44 -30.21
C LYS L 1422 -11.45 27.08 -30.33
N ILE L 1423 -12.35 26.74 -29.41
CA ILE L 1423 -13.10 25.49 -29.55
C ILE L 1423 -13.82 25.42 -30.89
N ASN L 1424 -14.09 26.57 -31.50
CA ASN L 1424 -14.84 26.59 -32.76
C ASN L 1424 -14.14 25.80 -33.86
N LYS L 1425 -12.82 25.58 -33.75
CA LYS L 1425 -12.13 24.77 -34.74
C LYS L 1425 -12.72 23.37 -34.82
N LYS L 1426 -13.22 22.84 -33.71
CA LYS L 1426 -13.82 21.51 -33.72
C LYS L 1426 -15.04 21.46 -34.62
N ASN L 1427 -15.88 22.50 -34.57
CA ASN L 1427 -17.08 22.55 -35.40
C ASN L 1427 -16.87 23.45 -36.61
N ILE L 1431 -19.73 27.45 -33.54
CA ILE L 1431 -18.99 28.69 -33.39
C ILE L 1431 -19.49 29.45 -32.17
N PHE L 1432 -18.82 29.25 -31.04
CA PHE L 1432 -19.21 29.92 -29.81
C PHE L 1432 -18.46 31.23 -29.65
N ASN L 1433 -19.20 32.30 -29.32
CA ASN L 1433 -18.60 33.61 -29.22
C ASN L 1433 -17.62 33.71 -28.07
N GLY L 1434 -17.74 32.83 -27.08
CA GLY L 1434 -16.85 32.82 -25.93
C GLY L 1434 -17.46 33.42 -24.66
N ASP L 1435 -18.59 34.11 -24.77
CA ASP L 1435 -19.23 34.72 -23.63
C ASP L 1435 -20.26 33.82 -22.95
N GLU L 1436 -20.37 32.55 -23.39
CA GLU L 1436 -21.37 31.67 -22.82
C GLU L 1436 -21.14 31.46 -21.32
N CYS L 1437 -19.89 31.28 -20.91
CA CYS L 1437 -19.55 31.02 -19.52
C CYS L 1437 -19.38 32.29 -18.71
N GLY L 1438 -19.85 33.43 -19.20
CA GLY L 1438 -19.80 34.67 -18.45
C GLY L 1438 -18.72 35.61 -18.92
N VAL L 1439 -19.10 36.84 -19.27
CA VAL L 1439 -18.12 37.83 -19.70
C VAL L 1439 -17.18 38.16 -18.56
N SER L 1440 -17.71 38.34 -17.34
CA SER L 1440 -16.87 38.69 -16.20
C SER L 1440 -16.43 37.43 -15.46
N PRO L 1441 -15.29 37.48 -14.76
CA PRO L 1441 -14.88 36.30 -13.98
C PRO L 1441 -15.88 36.01 -12.88
N PRO L 1442 -16.00 34.75 -12.47
CA PRO L 1442 -16.89 34.44 -11.35
C PRO L 1442 -16.47 35.19 -10.10
N THR L 1443 -17.47 35.67 -9.34
CA THR L 1443 -17.21 36.40 -8.12
C THR L 1443 -18.51 36.55 -7.35
N GLY L 1444 -18.38 36.89 -6.06
CA GLY L 1444 -19.51 37.07 -5.17
C GLY L 1444 -19.51 36.02 -4.07
N ASN L 1445 -20.71 35.52 -3.75
CA ASN L 1445 -20.82 34.47 -2.75
C ASN L 1445 -20.12 33.19 -3.20
N ASP L 1446 -20.06 32.96 -4.51
CA ASP L 1446 -19.35 31.82 -5.06
C ASP L 1446 -17.84 32.01 -5.06
N GLU L 1447 -17.35 33.23 -4.78
CA GLU L 1447 -15.91 33.44 -4.75
C GLU L 1447 -15.24 32.62 -3.65
N ASP L 1448 -15.94 32.37 -2.56
CA ASP L 1448 -15.39 31.55 -1.49
C ASP L 1448 -15.18 30.13 -2.00
N GLN L 1449 -13.95 29.63 -1.86
CA GLN L 1449 -13.64 28.33 -2.44
C GLN L 1449 -14.34 27.19 -1.71
N SER L 1450 -14.53 27.31 -0.40
CA SER L 1450 -15.30 26.30 0.31
C SER L 1450 -16.72 26.23 -0.23
N VAL L 1451 -17.35 27.39 -0.45
CA VAL L 1451 -18.70 27.41 -1.01
C VAL L 1451 -18.71 26.82 -2.40
N SER L 1452 -17.72 27.16 -3.23
CA SER L 1452 -17.67 26.63 -4.58
C SER L 1452 -17.53 25.12 -4.59
N TRP L 1453 -16.62 24.60 -3.77
CA TRP L 1453 -16.44 23.16 -3.68
C TRP L 1453 -17.72 22.48 -3.20
N PHE L 1454 -18.38 23.07 -2.21
CA PHE L 1454 -19.60 22.46 -1.70
C PHE L 1454 -20.72 22.49 -2.74
N LYS L 1455 -20.82 23.56 -3.52
CA LYS L 1455 -21.79 23.59 -4.60
C LYS L 1455 -21.51 22.51 -5.63
N GLU L 1456 -20.23 22.32 -5.99
CA GLU L 1456 -19.88 21.25 -6.90
C GLU L 1456 -20.27 19.90 -6.33
N TRP L 1457 -19.99 19.69 -5.05
CA TRP L 1457 -20.39 18.45 -4.41
C TRP L 1457 -21.89 18.26 -4.50
N GLY L 1458 -22.66 19.32 -4.25
CA GLY L 1458 -24.10 19.21 -4.31
C GLY L 1458 -24.59 18.84 -5.68
N GLU L 1459 -24.10 19.52 -6.71
CA GLU L 1459 -24.53 19.21 -8.08
C GLU L 1459 -24.17 17.79 -8.46
N GLN L 1460 -22.92 17.39 -8.20
CA GLN L 1460 -22.47 16.05 -8.56
C GLN L 1460 -23.26 14.98 -7.82
N PHE L 1461 -23.48 15.19 -6.52
CA PHE L 1461 -24.22 14.19 -5.73
C PHE L 1461 -25.67 14.12 -6.16
N CYS L 1462 -26.30 15.26 -6.46
CA CYS L 1462 -27.69 15.23 -6.90
C CYS L 1462 -27.82 14.52 -8.24
N ILE L 1463 -26.89 14.76 -9.16
CA ILE L 1463 -26.95 14.07 -10.45
C ILE L 1463 -26.78 12.57 -10.26
N GLU L 1464 -25.82 12.17 -9.40
CA GLU L 1464 -25.65 10.74 -9.16
C GLU L 1464 -26.88 10.13 -8.50
N ARG L 1465 -27.50 10.87 -7.58
CA ARG L 1465 -28.74 10.38 -6.96
C ARG L 1465 -29.83 10.20 -8.00
N LEU L 1466 -29.93 11.13 -8.95
CA LEU L 1466 -30.94 10.99 -10.00
C LEU L 1466 -30.65 9.77 -10.86
N ARG L 1467 -29.37 9.53 -11.20
CA ARG L 1467 -29.04 8.35 -11.98
C ARG L 1467 -29.36 7.07 -11.23
N TYR L 1468 -29.07 7.03 -9.93
CA TYR L 1468 -29.45 5.87 -9.13
C TYR L 1468 -30.96 5.70 -9.09
N GLU L 1469 -31.70 6.81 -9.04
CA GLU L 1469 -33.15 6.75 -9.10
C GLU L 1469 -33.61 6.10 -10.39
N GLN L 1470 -33.04 6.53 -11.52
CA GLN L 1470 -33.43 5.96 -12.81
C GLN L 1470 -33.10 4.48 -12.85
N ASN L 1471 -31.91 4.10 -12.38
CA ASN L 1471 -31.52 2.69 -12.41
C ASN L 1471 -32.46 1.84 -11.55
N ILE L 1472 -32.76 2.31 -10.33
CA ILE L 1472 -33.64 1.55 -9.46
C ILE L 1472 -35.04 1.44 -10.06
N ARG L 1473 -35.56 2.54 -10.59
CA ARG L 1473 -36.91 2.52 -11.17
C ARG L 1473 -36.98 1.58 -12.35
N GLU L 1474 -35.99 1.63 -13.25
CA GLU L 1474 -36.02 0.75 -14.41
C GLU L 1474 -35.85 -0.71 -14.01
N ALA L 1475 -34.95 -0.99 -13.06
CA ALA L 1475 -34.72 -2.36 -12.64
C ALA L 1475 -35.93 -2.91 -11.89
N CYS L 1476 -36.43 -2.16 -10.92
CA CYS L 1476 -37.57 -2.63 -10.13
C CYS L 1476 -38.87 -2.54 -10.92
N THR L 1477 -39.07 -1.44 -11.63
CA THR L 1477 -40.30 -1.22 -12.39
C THR L 1477 -40.00 -0.84 -13.83
N GLN L 1498 -35.98 -7.88 -6.53
CA GLN L 1498 -35.16 -9.08 -6.58
C GLN L 1498 -34.12 -9.00 -7.69
N GLY L 1499 -32.92 -9.49 -7.42
CA GLY L 1499 -31.86 -9.50 -8.40
C GLY L 1499 -31.34 -8.11 -8.74
N ALA L 1500 -31.60 -7.66 -9.97
CA ALA L 1500 -31.09 -6.36 -10.39
C ALA L 1500 -31.65 -5.23 -9.55
N CYS L 1501 -32.96 -5.27 -9.27
CA CYS L 1501 -33.57 -4.24 -8.43
C CYS L 1501 -32.87 -4.15 -7.09
N LYS L 1502 -32.72 -5.28 -6.41
CA LYS L 1502 -32.00 -5.28 -5.13
C LYS L 1502 -30.60 -4.75 -5.33
N ARG L 1503 -29.83 -5.32 -6.25
CA ARG L 1503 -28.44 -4.93 -6.43
C ARG L 1503 -28.30 -3.42 -6.59
N LYS L 1504 -29.20 -2.81 -7.38
CA LYS L 1504 -29.19 -1.35 -7.49
C LYS L 1504 -29.51 -0.70 -6.15
N CYS L 1505 -30.41 -1.28 -5.38
CA CYS L 1505 -30.75 -0.69 -4.09
C CYS L 1505 -29.55 -0.70 -3.14
N GLU L 1506 -28.84 -1.83 -3.06
CA GLU L 1506 -27.62 -1.84 -2.24
C GLU L 1506 -26.54 -0.93 -2.81
N LYS L 1507 -26.47 -0.78 -4.13
CA LYS L 1507 -25.52 0.19 -4.68
C LYS L 1507 -25.84 1.60 -4.20
N TYR L 1508 -27.11 1.98 -4.21
CA TYR L 1508 -27.50 3.29 -3.71
C TYR L 1508 -27.21 3.42 -2.22
N LYS L 1509 -27.47 2.35 -1.45
CA LYS L 1509 -27.17 2.38 -0.02
C LYS L 1509 -25.69 2.59 0.22
N LYS L 1510 -24.84 1.89 -0.54
CA LYS L 1510 -23.40 2.07 -0.41
C LYS L 1510 -23.00 3.49 -0.79
N TYR L 1511 -23.61 4.04 -1.84
CA TYR L 1511 -23.31 5.42 -2.23
C TYR L 1511 -23.61 6.36 -1.06
N ILE L 1512 -24.80 6.25 -0.48
CA ILE L 1512 -25.20 7.17 0.57
C ILE L 1512 -24.33 6.99 1.80
N SER L 1513 -23.96 5.75 2.12
CA SER L 1513 -23.08 5.52 3.25
C SER L 1513 -21.72 6.17 3.01
N GLU L 1514 -21.20 6.07 1.79
CA GLU L 1514 -19.93 6.71 1.46
C GLU L 1514 -20.04 8.23 1.57
N LYS L 1515 -21.14 8.80 1.10
CA LYS L 1515 -21.27 10.25 1.02
C LYS L 1515 -21.76 10.88 2.32
N LYS L 1516 -22.19 10.09 3.31
CA LYS L 1516 -22.69 10.68 4.55
C LYS L 1516 -21.60 11.45 5.26
N GLN L 1517 -20.40 10.89 5.36
CA GLN L 1517 -19.31 11.59 6.03
C GLN L 1517 -18.94 12.88 5.30
N GLU L 1518 -18.90 12.83 3.97
CA GLU L 1518 -18.56 14.03 3.22
C GLU L 1518 -19.62 15.11 3.40
N TRP L 1519 -20.89 14.72 3.34
CA TRP L 1519 -21.96 15.69 3.55
C TRP L 1519 -21.88 16.29 4.94
N ASP L 1520 -21.65 15.46 5.96
CA ASP L 1520 -21.57 15.97 7.32
C ASP L 1520 -20.44 16.99 7.44
N LYS L 1521 -19.25 16.65 6.92
CA LYS L 1521 -18.12 17.56 7.02
C LYS L 1521 -18.39 18.87 6.29
N GLN L 1522 -18.90 18.81 5.06
CA GLN L 1522 -19.10 20.03 4.29
C GLN L 1522 -20.22 20.88 4.89
N LYS L 1523 -21.30 20.26 5.36
CA LYS L 1523 -22.35 21.01 6.03
C LYS L 1523 -21.83 21.67 7.29
N THR L 1524 -21.02 20.95 8.07
CA THR L 1524 -20.45 21.54 9.28
C THR L 1524 -19.60 22.75 8.96
N LYS L 1525 -18.79 22.66 7.90
CA LYS L 1525 -17.95 23.81 7.55
C LYS L 1525 -18.78 24.98 7.03
N TYR L 1526 -19.75 24.70 6.16
CA TYR L 1526 -20.48 25.79 5.52
C TYR L 1526 -21.44 26.48 6.49
N GLU L 1527 -22.18 25.70 7.28
CA GLU L 1527 -23.14 26.31 8.20
C GLU L 1527 -22.42 27.16 9.24
N ASN L 1528 -21.32 26.67 9.79
CA ASN L 1528 -20.58 27.43 10.78
C ASN L 1528 -19.98 28.70 10.17
N LYS L 1529 -19.32 28.56 9.01
CA LYS L 1529 -18.69 29.72 8.40
C LYS L 1529 -19.72 30.78 8.01
N TYR L 1530 -20.85 30.35 7.44
CA TYR L 1530 -21.92 31.26 7.05
C TYR L 1530 -23.05 31.07 8.06
N VAL L 1531 -23.04 31.92 9.10
CA VAL L 1531 -24.01 31.78 10.17
C VAL L 1531 -25.41 32.02 9.63
N GLY L 1532 -26.34 31.14 9.99
CA GLY L 1532 -27.72 31.26 9.54
C GLY L 1532 -28.05 30.50 8.28
N LYS L 1533 -27.32 30.78 7.20
CA LYS L 1533 -27.59 30.11 5.93
C LYS L 1533 -27.40 28.61 6.07
N SER L 1534 -28.22 27.85 5.36
CA SER L 1534 -28.21 26.39 5.45
C SER L 1534 -27.68 25.79 4.15
N ALA L 1535 -27.10 24.59 4.28
CA ALA L 1535 -26.50 23.92 3.14
C ALA L 1535 -27.55 23.54 2.10
N SER L 1536 -28.62 22.86 2.55
CA SER L 1536 -29.62 22.38 1.62
C SER L 1536 -30.21 23.51 0.78
N ASP L 1537 -30.39 24.69 1.39
CA ASP L 1537 -30.94 25.81 0.65
C ASP L 1537 -30.01 26.24 -0.48
N LEU L 1538 -28.71 26.35 -0.19
CA LEU L 1538 -27.75 26.67 -1.23
C LEU L 1538 -27.81 25.65 -2.35
N LEU L 1539 -27.73 24.37 -2.00
CA LEU L 1539 -27.68 23.32 -3.01
C LEU L 1539 -28.93 23.33 -3.87
N LYS L 1540 -30.11 23.51 -3.26
CA LYS L 1540 -31.35 23.44 -4.01
C LYS L 1540 -31.58 24.67 -4.86
N GLU L 1541 -31.25 25.87 -4.34
CA GLU L 1541 -31.49 27.07 -5.12
C GLU L 1541 -30.50 27.23 -6.26
N ASN L 1542 -29.24 26.84 -6.06
CA ASN L 1542 -28.24 27.06 -7.10
C ASN L 1542 -28.36 26.06 -8.25
N TYR L 1543 -28.81 24.84 -7.97
CA TYR L 1543 -28.88 23.79 -8.99
C TYR L 1543 -30.28 23.18 -8.98
N PRO L 1544 -31.05 23.29 -10.06
CA PRO L 1544 -32.41 22.71 -10.04
C PRO L 1544 -32.42 21.21 -9.83
N GLU L 1545 -31.36 20.50 -10.19
CA GLU L 1545 -31.36 19.05 -10.09
C GLU L 1545 -31.46 18.56 -8.66
N CYS L 1546 -31.23 19.42 -7.67
CA CYS L 1546 -31.26 19.04 -6.27
C CYS L 1546 -32.63 19.20 -5.62
N ILE L 1547 -33.65 19.61 -6.39
CA ILE L 1547 -34.96 19.86 -5.80
C ILE L 1547 -35.53 18.58 -5.21
N SER L 1548 -35.40 17.48 -5.93
CA SER L 1548 -36.01 16.21 -5.51
C SER L 1548 -35.27 15.53 -4.37
N ALA L 1549 -34.32 16.15 -3.68
CA ALA L 1549 -33.54 15.49 -2.63
C ALA L 1549 -33.62 16.31 -1.36
N ASN L 1550 -33.95 15.64 -0.25
CA ASN L 1550 -33.90 16.23 1.08
C ASN L 1550 -32.65 15.70 1.78
N PHE L 1551 -31.61 16.53 1.84
CA PHE L 1551 -30.33 16.06 2.35
C PHE L 1551 -30.41 15.64 3.81
N ASP L 1552 -31.15 16.38 4.63
CA ASP L 1552 -31.28 16.00 6.03
C ASP L 1552 -31.90 14.62 6.17
N PHE L 1553 -32.95 14.33 5.39
CA PHE L 1553 -33.57 13.01 5.45
C PHE L 1553 -32.63 11.94 4.95
N ILE L 1554 -31.91 12.20 3.85
CA ILE L 1554 -31.02 11.19 3.30
C ILE L 1554 -29.86 10.92 4.25
N PHE L 1555 -29.38 11.96 4.94
CA PHE L 1555 -28.20 11.86 5.80
C PHE L 1555 -28.56 11.98 7.28
N ASN L 1556 -29.67 11.37 7.68
CA ASN L 1556 -30.04 11.34 9.09
C ASN L 1556 -29.03 10.50 9.87
N ASP L 1557 -28.63 11.00 11.03
CA ASP L 1557 -27.67 10.32 11.89
C ASP L 1557 -28.32 9.41 12.92
N ASN L 1558 -29.65 9.34 12.96
CA ASN L 1558 -30.33 8.49 13.93
C ASN L 1558 -30.00 7.03 13.66
N ILE L 1559 -29.71 6.28 14.73
CA ILE L 1559 -29.36 4.87 14.57
C ILE L 1559 -30.54 4.08 14.05
N GLU L 1560 -31.73 4.28 14.63
CA GLU L 1560 -32.91 3.56 14.18
C GLU L 1560 -33.30 3.90 12.75
N TYR L 1561 -32.85 5.06 12.25
CA TYR L 1561 -33.18 5.44 10.88
C TYR L 1561 -32.63 4.44 9.87
N LYS L 1562 -31.39 3.99 10.06
CA LYS L 1562 -30.80 3.04 9.12
C LYS L 1562 -31.62 1.76 9.05
N THR L 1563 -32.05 1.25 10.21
CA THR L 1563 -32.89 0.06 10.22
C THR L 1563 -34.23 0.34 9.56
N TYR L 1564 -34.83 1.51 9.83
CA TYR L 1564 -36.12 1.84 9.25
C TYR L 1564 -36.04 1.94 7.73
N TYR L 1565 -35.01 2.63 7.22
CA TYR L 1565 -34.79 2.83 5.79
C TYR L 1565 -33.36 2.44 5.46
N PRO L 1566 -33.09 1.16 5.24
CA PRO L 1566 -31.72 0.77 4.87
C PRO L 1566 -31.23 1.44 3.60
N TYR L 1567 -32.11 1.66 2.63
CA TYR L 1567 -31.68 2.22 1.35
C TYR L 1567 -31.72 3.74 1.34
N GLY L 1568 -32.63 4.35 2.11
CA GLY L 1568 -32.73 5.80 2.20
C GLY L 1568 -34.03 6.30 1.59
N ASP L 1569 -33.94 7.44 0.90
CA ASP L 1569 -35.13 8.06 0.32
C ASP L 1569 -35.74 7.23 -0.80
N TYR L 1570 -35.03 6.23 -1.30
CA TYR L 1570 -35.58 5.29 -2.28
C TYR L 1570 -35.86 3.92 -1.68
N SER L 1571 -36.00 3.85 -0.36
CA SER L 1571 -36.42 2.60 0.27
C SER L 1571 -37.81 2.19 -0.21
N SER L 1572 -38.72 3.16 -0.30
CA SER L 1572 -40.05 2.87 -0.85
C SER L 1572 -39.94 2.42 -2.30
N ILE L 1573 -39.05 3.03 -3.07
CA ILE L 1573 -38.83 2.59 -4.44
C ILE L 1573 -38.36 1.14 -4.45
N CYS L 1574 -37.59 0.74 -3.44
CA CYS L 1574 -37.15 -0.64 -3.28
C CYS L 1574 -38.28 -1.44 -2.62
N SER L 1575 -39.34 -1.65 -3.38
CA SER L 1575 -40.50 -2.38 -2.90
C SER L 1575 -40.34 -3.88 -3.17
N ASP L 1600 -36.08 19.77 21.89
CA ASP L 1600 -37.44 19.53 21.40
C ASP L 1600 -38.40 20.60 21.91
N ASN L 1601 -37.97 21.35 22.94
CA ASN L 1601 -38.79 22.41 23.51
C ASN L 1601 -38.13 23.78 23.49
N ASP L 1602 -36.84 23.87 23.17
CA ASP L 1602 -36.12 25.14 23.15
C ASP L 1602 -36.12 25.79 21.78
N MET L 1603 -36.81 25.20 20.80
CA MET L 1603 -36.85 25.79 19.47
C MET L 1603 -37.49 27.16 19.51
N THR L 1604 -36.78 28.15 18.98
CA THR L 1604 -37.27 29.52 18.96
C THR L 1604 -38.25 29.72 17.81
N TRP L 1605 -39.25 30.55 18.04
CA TRP L 1605 -40.18 30.91 16.98
C TRP L 1605 -39.43 31.60 15.86
N SER L 1606 -39.29 30.94 14.71
CA SER L 1606 -38.47 31.43 13.63
C SER L 1606 -39.31 31.72 12.40
N LYS L 1607 -38.92 32.77 11.69
CA LYS L 1607 -39.52 33.12 10.41
C LYS L 1607 -38.81 32.48 9.23
N LYS L 1608 -37.79 31.67 9.49
CA LYS L 1608 -37.04 31.05 8.40
C LYS L 1608 -37.93 30.08 7.65
N TYR L 1609 -37.71 29.98 6.34
CA TYR L 1609 -38.56 29.21 5.44
C TYR L 1609 -40.00 29.72 5.49
N ILE L 1610 -40.16 30.97 5.08
CA ILE L 1610 -41.48 31.59 5.01
C ILE L 1610 -41.72 32.12 3.60
N GLU L 1620 -44.04 40.66 5.43
CA GLU L 1620 -44.41 39.37 5.99
C GLU L 1620 -44.46 39.45 7.52
N GLY L 1621 -43.36 39.10 8.18
CA GLY L 1621 -43.28 39.18 9.62
C GLY L 1621 -43.91 38.04 10.38
N VAL L 1622 -44.49 37.06 9.69
CA VAL L 1622 -45.10 35.92 10.36
C VAL L 1622 -44.00 34.93 10.76
N TYR L 1623 -44.24 34.19 11.84
CA TYR L 1623 -43.26 33.29 12.40
C TYR L 1623 -43.84 31.89 12.55
N VAL L 1624 -43.00 30.89 12.36
CA VAL L 1624 -43.40 29.49 12.39
C VAL L 1624 -43.37 28.99 13.84
N PRO L 1625 -44.43 28.37 14.35
CA PRO L 1625 -44.37 27.84 15.72
C PRO L 1625 -43.36 26.72 15.82
N PRO L 1626 -42.79 26.49 17.00
CA PRO L 1626 -41.91 25.32 17.16
C PRO L 1626 -42.60 24.01 16.84
N ARG L 1627 -43.90 23.93 17.12
CA ARG L 1627 -44.64 22.70 16.83
C ARG L 1627 -44.65 22.41 15.33
N ARG L 1628 -44.89 23.44 14.51
CA ARG L 1628 -44.93 23.23 13.07
C ARG L 1628 -43.56 22.80 12.54
N GLN L 1629 -42.49 23.43 13.03
CA GLN L 1629 -41.15 22.97 12.68
C GLN L 1629 -40.95 21.51 13.05
N GLN L 1630 -41.56 21.10 14.16
CA GLN L 1630 -41.50 19.73 14.63
C GLN L 1630 -42.48 18.82 13.89
N LEU L 1631 -43.44 19.38 13.15
CA LEU L 1631 -44.44 18.59 12.46
C LEU L 1631 -43.76 17.59 11.53
N CYS L 1632 -43.89 16.30 11.83
CA CYS L 1632 -43.07 15.28 11.19
C CYS L 1632 -43.56 15.01 9.78
N LEU L 1633 -42.61 15.01 8.83
CA LEU L 1633 -42.87 14.59 7.45
C LEU L 1633 -41.96 13.45 7.03
N TYR L 1634 -41.28 12.81 7.98
CA TYR L 1634 -40.22 11.87 7.61
C TYR L 1634 -40.76 10.68 6.84
N GLU L 1635 -41.84 10.06 7.33
CA GLU L 1635 -42.34 8.86 6.69
C GLU L 1635 -43.03 9.17 5.36
N LEU L 1636 -43.51 10.39 5.18
CA LEU L 1636 -44.21 10.73 3.94
C LEU L 1636 -43.25 10.79 2.76
N PHE L 1637 -42.02 11.26 2.99
CA PHE L 1637 -41.15 11.57 1.87
C PHE L 1637 -40.80 10.36 1.01
N PRO L 1638 -40.48 9.18 1.54
CA PRO L 1638 -40.25 8.03 0.65
C PRO L 1638 -41.42 7.74 -0.26
N ILE L 1639 -42.64 7.82 0.26
CA ILE L 1639 -43.83 7.51 -0.55
C ILE L 1639 -44.08 8.60 -1.58
N ILE L 1640 -44.01 9.87 -1.18
CA ILE L 1640 -44.21 10.94 -2.16
C ILE L 1640 -43.15 10.88 -3.23
N ILE L 1641 -41.98 10.31 -2.92
CA ILE L 1641 -40.99 10.03 -3.95
C ILE L 1641 -41.44 8.88 -4.85
N LYS L 1642 -41.93 7.81 -4.23
CA LYS L 1642 -42.19 6.58 -4.99
C LYS L 1642 -43.41 6.71 -5.89
N ASN L 1643 -44.48 7.32 -5.41
CA ASN L 1643 -45.76 7.31 -6.10
C ASN L 1643 -45.92 8.59 -6.92
N GLU L 1644 -46.24 8.41 -8.21
CA GLU L 1644 -46.50 9.54 -9.09
C GLU L 1644 -47.29 9.05 -10.30
N GLU L 1645 -47.99 9.97 -10.94
CA GLU L 1645 -48.71 9.78 -12.20
C GLU L 1645 -49.88 8.81 -12.10
N GLY L 1646 -50.21 8.32 -10.90
CA GLY L 1646 -51.31 7.38 -10.75
C GLY L 1646 -52.30 7.85 -9.71
N MET L 1647 -53.54 8.08 -10.12
CA MET L 1647 -54.51 8.72 -9.24
C MET L 1647 -54.82 7.82 -8.04
N GLU L 1648 -55.19 6.56 -8.30
CA GLU L 1648 -55.69 5.69 -7.25
C GLU L 1648 -54.56 5.21 -6.33
N LYS L 1649 -53.43 4.79 -6.91
CA LYS L 1649 -52.32 4.35 -6.07
C LYS L 1649 -51.78 5.50 -5.24
N ALA L 1650 -51.71 6.70 -5.85
CA ALA L 1650 -51.31 7.88 -5.09
C ALA L 1650 -52.25 8.09 -3.91
N LYS L 1651 -53.56 8.11 -4.15
CA LYS L 1651 -54.49 8.30 -3.04
C LYS L 1651 -54.25 7.27 -1.95
N GLU L 1652 -54.22 5.99 -2.31
CA GLU L 1652 -54.14 4.94 -1.30
C GLU L 1652 -52.86 5.04 -0.48
N GLU L 1653 -51.71 5.09 -1.15
CA GLU L 1653 -50.44 5.04 -0.43
C GLU L 1653 -50.21 6.34 0.35
N LEU L 1654 -50.58 7.48 -0.24
CA LEU L 1654 -50.47 8.74 0.47
C LEU L 1654 -51.34 8.75 1.71
N LEU L 1655 -52.56 8.21 1.61
CA LEU L 1655 -53.43 8.15 2.78
C LEU L 1655 -52.83 7.26 3.86
N GLU L 1656 -52.29 6.10 3.47
CA GLU L 1656 -51.71 5.21 4.46
C GLU L 1656 -50.54 5.87 5.18
N THR L 1657 -49.62 6.46 4.43
CA THR L 1657 -48.47 7.09 5.08
C THR L 1657 -48.88 8.35 5.85
N LEU L 1658 -49.93 9.04 5.40
CA LEU L 1658 -50.43 10.18 6.16
C LEU L 1658 -50.97 9.72 7.50
N GLN L 1659 -51.67 8.59 7.53
CA GLN L 1659 -52.10 8.01 8.79
C GLN L 1659 -50.90 7.65 9.67
N ILE L 1660 -49.85 7.09 9.05
CA ILE L 1660 -48.67 6.70 9.83
C ILE L 1660 -48.03 7.92 10.48
N VAL L 1661 -47.81 8.98 9.70
CA VAL L 1661 -47.18 10.18 10.26
C VAL L 1661 -48.09 10.83 11.29
N ALA L 1662 -49.40 10.81 11.07
CA ALA L 1662 -50.32 11.35 12.05
C ALA L 1662 -50.20 10.61 13.37
N GLU L 1663 -50.16 9.28 13.32
CA GLU L 1663 -50.01 8.51 14.56
C GLU L 1663 -48.69 8.82 15.24
N ARG L 1664 -47.61 8.89 14.47
CA ARG L 1664 -46.30 9.18 15.07
C ARG L 1664 -46.29 10.55 15.74
N GLU L 1665 -46.84 11.56 15.05
CA GLU L 1665 -46.86 12.90 15.62
C GLU L 1665 -47.74 12.95 16.86
N ALA L 1666 -48.90 12.31 16.83
CA ALA L 1666 -49.74 12.24 18.02
C ALA L 1666 -48.97 11.66 19.19
N TYR L 1667 -48.35 10.49 18.98
CA TYR L 1667 -47.58 9.84 20.03
C TYR L 1667 -46.53 10.79 20.59
N TYR L 1668 -45.69 11.35 19.72
CA TYR L 1668 -44.54 12.09 20.20
C TYR L 1668 -44.96 13.39 20.88
N LEU L 1669 -45.92 14.12 20.31
CA LEU L 1669 -46.34 15.37 20.92
C LEU L 1669 -47.02 15.10 22.26
N TRP L 1670 -47.86 14.06 22.34
CA TRP L 1670 -48.51 13.75 23.60
C TRP L 1670 -47.48 13.41 24.67
N LYS L 1671 -46.46 12.63 24.31
CA LYS L 1671 -45.42 12.32 25.28
C LYS L 1671 -44.64 13.58 25.66
N GLN L 1672 -44.37 14.46 24.70
CA GLN L 1672 -43.58 15.65 24.98
C GLN L 1672 -44.30 16.58 25.95
N TYR L 1673 -45.56 16.94 25.64
CA TYR L 1673 -46.23 17.96 26.44
C TYR L 1673 -46.63 17.44 27.80
N ASN L 1674 -47.15 16.21 27.87
CA ASN L 1674 -47.62 15.65 29.12
C ASN L 1674 -46.49 14.88 29.79
N PRO L 1675 -46.05 15.26 31.01
CA PRO L 1675 -45.01 14.47 31.68
C PRO L 1675 -45.42 13.02 31.91
N ASP L 1682 -55.31 20.26 33.82
CA ASP L 1682 -55.27 21.33 32.84
C ASP L 1682 -54.11 21.15 31.87
N ALA L 1683 -53.08 20.44 32.31
CA ALA L 1683 -51.95 20.17 31.44
C ALA L 1683 -52.39 19.40 30.20
N ASN L 1684 -53.30 18.43 30.38
CA ASN L 1684 -53.85 17.71 29.24
C ASN L 1684 -54.61 18.66 28.31
N LYS L 1685 -55.38 19.58 28.89
CA LYS L 1685 -56.15 20.51 28.07
C LYS L 1685 -55.27 21.37 27.17
N LYS L 1686 -54.11 21.79 27.66
CA LYS L 1686 -53.16 22.49 26.81
C LYS L 1686 -52.71 21.58 25.66
N ALA L 1687 -52.39 20.32 25.97
CA ALA L 1687 -52.01 19.38 24.92
C ALA L 1687 -53.17 19.05 24.00
N CYS L 1688 -54.41 19.12 24.48
CA CYS L 1688 -55.56 18.81 23.64
C CYS L 1688 -55.56 19.65 22.38
N CYS L 1689 -55.44 20.98 22.55
CA CYS L 1689 -55.39 21.85 21.39
C CYS L 1689 -54.06 21.73 20.65
N ALA L 1690 -52.98 21.37 21.35
CA ALA L 1690 -51.72 21.13 20.67
C ALA L 1690 -51.83 19.98 19.68
N ILE L 1691 -52.50 18.89 20.08
CA ILE L 1691 -52.83 17.84 19.13
C ILE L 1691 -53.72 18.40 18.02
N ARG L 1692 -54.70 19.21 18.40
CA ARG L 1692 -55.60 19.79 17.41
C ARG L 1692 -54.86 20.72 16.47
N GLY L 1693 -53.93 21.52 17.00
CA GLY L 1693 -53.18 22.43 16.16
C GLY L 1693 -52.34 21.70 15.13
N SER L 1694 -51.69 20.62 15.54
CA SER L 1694 -50.83 19.86 14.62
C SER L 1694 -51.65 19.31 13.45
N PHE L 1695 -52.78 18.66 13.76
CA PHE L 1695 -53.68 18.23 12.70
C PHE L 1695 -54.23 19.42 11.91
N TYR L 1696 -54.62 20.48 12.63
CA TYR L 1696 -55.11 21.67 11.96
C TYR L 1696 -54.07 22.21 10.98
N ASP L 1697 -52.80 22.13 11.35
CA ASP L 1697 -51.74 22.53 10.43
C ASP L 1697 -51.57 21.52 9.30
N LEU L 1698 -51.72 20.22 9.61
CA LEU L 1698 -51.57 19.20 8.58
C LEU L 1698 -52.53 19.42 7.41
N GLU L 1699 -53.66 20.07 7.62
CA GLU L 1699 -54.60 20.32 6.54
C GLU L 1699 -53.97 21.19 5.45
N ASP L 1700 -53.26 22.24 5.85
CA ASP L 1700 -52.75 23.19 4.88
C ASP L 1700 -51.70 22.56 3.97
N ILE L 1701 -50.86 21.67 4.51
CA ILE L 1701 -49.89 20.97 3.67
C ILE L 1701 -50.63 20.14 2.61
N ILE L 1702 -51.67 19.42 3.02
CA ILE L 1702 -52.46 18.66 2.06
C ILE L 1702 -53.22 19.61 1.14
N LYS L 1703 -53.83 20.65 1.72
CA LYS L 1703 -54.55 21.62 0.90
C LYS L 1703 -53.61 22.38 -0.02
N GLY L 1704 -52.42 22.72 0.46
CA GLY L 1704 -51.50 23.56 -0.27
C GLY L 1704 -51.44 25.00 0.19
N ASN L 1705 -52.05 25.33 1.33
CA ASN L 1705 -52.08 26.69 1.85
C ASN L 1705 -51.03 26.91 2.93
N ASP L 1706 -50.10 25.98 3.11
CA ASP L 1706 -49.12 26.10 4.19
C ASP L 1706 -48.26 27.34 3.99
N LEU L 1707 -48.16 28.16 5.05
CA LEU L 1707 -47.35 29.37 4.96
C LEU L 1707 -45.86 29.05 5.01
N VAL L 1708 -45.45 28.11 5.87
CA VAL L 1708 -44.05 27.72 5.93
C VAL L 1708 -43.68 26.97 4.66
N HIS L 1709 -42.50 27.26 4.13
CA HIS L 1709 -42.03 26.73 2.85
C HIS L 1709 -40.64 26.12 2.99
N ASP L 1710 -40.41 25.34 4.04
CA ASP L 1710 -39.13 24.67 4.18
C ASP L 1710 -39.03 23.54 3.15
N GLU L 1711 -37.87 22.88 3.13
CA GLU L 1711 -37.60 21.86 2.13
C GLU L 1711 -38.68 20.79 2.13
N TYR L 1712 -39.07 20.31 3.31
CA TYR L 1712 -40.06 19.24 3.40
C TYR L 1712 -41.37 19.65 2.73
N THR L 1713 -42.03 20.67 3.29
CA THR L 1713 -43.32 21.09 2.74
C THR L 1713 -43.18 21.62 1.32
N LYS L 1714 -42.04 22.22 0.98
CA LYS L 1714 -41.83 22.69 -0.38
C LYS L 1714 -41.93 21.52 -1.36
N TYR L 1715 -41.17 20.44 -1.10
CA TYR L 1715 -41.24 19.29 -1.99
C TYR L 1715 -42.62 18.64 -1.97
N ILE L 1716 -43.23 18.55 -0.79
CA ILE L 1716 -44.55 17.92 -0.69
C ILE L 1716 -45.54 18.67 -1.58
N ASP L 1717 -45.59 19.99 -1.44
CA ASP L 1717 -46.51 20.79 -2.24
C ASP L 1717 -46.16 20.69 -3.72
N SER L 1718 -44.87 20.69 -4.05
CA SER L 1718 -44.48 20.61 -5.46
C SER L 1718 -44.97 19.32 -6.08
N LYS L 1719 -44.86 18.20 -5.36
CA LYS L 1719 -45.28 16.92 -5.93
C LYS L 1719 -46.81 16.79 -5.94
N LEU L 1720 -47.48 17.33 -4.91
CA LEU L 1720 -48.94 17.31 -4.93
C LEU L 1720 -49.49 18.18 -6.04
N ASN L 1721 -48.74 19.19 -6.50
CA ASN L 1721 -49.21 20.02 -7.60
C ASN L 1721 -49.43 19.20 -8.87
N GLU L 1722 -48.70 18.10 -9.03
CA GLU L 1722 -48.86 17.24 -10.20
C GLU L 1722 -49.58 15.93 -9.91
N ILE L 1723 -49.54 15.43 -8.67
CA ILE L 1723 -50.33 14.25 -8.34
C ILE L 1723 -51.81 14.56 -8.47
N PHE L 1724 -52.30 15.50 -7.68
CA PHE L 1724 -53.69 15.97 -7.77
C PHE L 1724 -53.77 17.20 -8.67
N GLY L 1725 -53.45 16.99 -9.95
CA GLY L 1725 -53.48 18.06 -10.93
C GLY L 1725 -53.05 17.60 -12.31
N ILE L 1732 -55.80 27.10 -10.33
CA ILE L 1732 -56.19 27.06 -8.92
C ILE L 1732 -57.00 25.80 -8.65
N ASP L 1733 -57.57 25.21 -9.69
CA ASP L 1733 -58.35 23.98 -9.53
C ASP L 1733 -57.52 22.86 -8.93
N THR L 1734 -56.19 22.90 -9.08
CA THR L 1734 -55.34 21.90 -8.44
C THR L 1734 -55.49 21.94 -6.93
N LYS L 1735 -55.53 23.14 -6.34
CA LYS L 1735 -55.80 23.25 -4.92
C LYS L 1735 -57.18 22.71 -4.59
N ARG L 1736 -58.16 22.98 -5.46
CA ARG L 1736 -59.51 22.45 -5.24
C ARG L 1736 -59.49 20.93 -5.25
N ALA L 1737 -58.69 20.33 -6.14
CA ALA L 1737 -58.61 18.88 -6.22
C ALA L 1737 -58.11 18.27 -4.91
N ARG L 1738 -57.09 18.88 -4.31
CA ARG L 1738 -56.60 18.39 -3.02
C ARG L 1738 -57.69 18.49 -1.95
N THR L 1739 -58.38 19.63 -1.91
CA THR L 1739 -59.46 19.79 -0.94
C THR L 1739 -60.57 18.79 -1.17
N ASP L 1740 -60.90 18.50 -2.44
CA ASP L 1740 -61.91 17.49 -2.73
C ASP L 1740 -61.59 16.17 -2.06
N TRP L 1741 -60.32 15.76 -2.07
CA TRP L 1741 -59.91 14.58 -1.32
C TRP L 1741 -60.07 14.82 0.17
N TRP L 1742 -59.91 16.06 0.60
CA TRP L 1742 -60.06 16.43 2.00
C TRP L 1742 -61.52 16.59 2.42
N GLU L 1743 -62.46 16.59 1.48
CA GLU L 1743 -63.88 16.74 1.78
C GLU L 1743 -64.62 15.41 1.79
N ASN L 1744 -64.47 14.60 0.73
CA ASN L 1744 -65.19 13.36 0.57
C ASN L 1744 -64.22 12.18 0.66
N GLU L 1745 -64.79 10.99 0.80
CA GLU L 1745 -64.01 9.76 0.89
C GLU L 1745 -63.38 9.43 -0.47
N THR L 1755 -65.27 10.56 6.53
CA THR L 1755 -64.51 11.15 5.44
C THR L 1755 -63.01 11.06 5.73
N ILE L 1756 -62.20 11.51 4.76
CA ILE L 1756 -60.75 11.51 4.96
C ILE L 1756 -60.39 12.42 6.13
N ARG L 1757 -61.09 13.54 6.27
CA ARG L 1757 -60.98 14.36 7.48
C ARG L 1757 -61.15 13.51 8.73
N GLN L 1758 -62.32 12.88 8.87
CA GLN L 1758 -62.60 12.08 10.05
C GLN L 1758 -61.67 10.86 10.13
N LEU L 1759 -61.26 10.32 8.99
CA LEU L 1759 -60.36 9.17 9.01
C LEU L 1759 -59.00 9.54 9.61
N VAL L 1760 -58.42 10.65 9.16
CA VAL L 1760 -57.12 11.04 9.69
C VAL L 1760 -57.26 11.50 11.14
N TRP L 1761 -58.41 12.09 11.50
CA TRP L 1761 -58.61 12.45 12.89
C TRP L 1761 -58.74 11.19 13.76
N ASP L 1762 -59.33 10.13 13.20
CA ASP L 1762 -59.36 8.85 13.89
C ASP L 1762 -57.96 8.29 14.05
N ALA L 1763 -57.11 8.49 13.04
CA ALA L 1763 -55.71 8.10 13.18
C ALA L 1763 -55.04 8.88 14.31
N MET L 1764 -55.30 10.18 14.38
CA MET L 1764 -54.84 11.01 15.49
C MET L 1764 -55.28 10.42 16.84
N GLN L 1765 -56.56 10.08 16.94
CA GLN L 1765 -57.11 9.56 18.19
C GLN L 1765 -56.48 8.22 18.53
N SER L 1766 -56.28 7.35 17.55
CA SER L 1766 -55.59 6.09 17.80
C SER L 1766 -54.17 6.32 18.26
N GLY L 1767 -53.48 7.31 17.70
CA GLY L 1767 -52.14 7.61 18.15
C GLY L 1767 -52.09 8.03 19.60
N VAL L 1768 -53.01 8.92 20.01
CA VAL L 1768 -53.02 9.33 21.41
C VAL L 1768 -53.41 8.15 22.30
N ARG L 1769 -54.29 7.27 21.80
CA ARG L 1769 -54.62 6.06 22.55
C ARG L 1769 -53.38 5.21 22.79
N TYR L 1770 -52.58 5.01 21.75
CA TYR L 1770 -51.35 4.25 21.91
C TYR L 1770 -50.41 4.92 22.91
N ALA L 1771 -50.26 6.24 22.80
CA ALA L 1771 -49.37 6.94 23.71
C ALA L 1771 -49.83 6.81 25.15
N VAL L 1772 -51.12 7.03 25.41
CA VAL L 1772 -51.62 6.99 26.77
C VAL L 1772 -51.59 5.56 27.31
N GLU L 1773 -51.84 4.56 26.46
CA GLU L 1773 -51.69 3.18 26.89
C GLU L 1773 -50.25 2.88 27.29
N GLU L 1774 -49.28 3.40 26.53
CA GLU L 1774 -47.89 3.27 26.94
C GLU L 1774 -47.66 3.94 28.29
N LYS L 1775 -48.30 5.10 28.50
CA LYS L 1775 -48.20 5.78 29.79
C LYS L 1775 -49.15 5.22 30.84
N ASN L 1776 -50.08 4.33 30.45
CA ASN L 1776 -51.00 3.69 31.39
C ASN L 1776 -51.82 4.73 32.14
N GLU L 1777 -52.55 5.54 31.38
CA GLU L 1777 -53.31 6.66 31.90
C GLU L 1777 -54.64 6.72 31.14
N ASN L 1778 -55.65 7.34 31.76
CA ASN L 1778 -56.99 7.27 31.20
C ASN L 1778 -57.11 8.12 29.95
N PHE L 1779 -58.03 7.74 29.07
CA PHE L 1779 -58.22 8.48 27.83
C PHE L 1779 -58.88 9.82 28.13
N PRO L 1780 -58.47 10.91 27.48
CA PRO L 1780 -59.02 12.22 27.84
C PRO L 1780 -60.34 12.50 27.15
N LEU L 1781 -61.06 13.49 27.70
CA LEU L 1781 -62.33 13.90 27.12
C LEU L 1781 -62.13 14.57 25.77
N CYS L 1782 -61.04 15.33 25.61
CA CYS L 1782 -60.83 16.08 24.37
C CYS L 1782 -60.86 15.16 23.15
N MET L 1783 -60.01 14.13 23.15
CA MET L 1783 -59.90 13.23 22.02
C MET L 1783 -61.02 12.21 21.96
N GLY L 1784 -61.86 12.15 22.99
CA GLY L 1784 -63.10 11.39 22.87
C GLY L 1784 -64.13 12.06 21.99
N VAL L 1785 -63.90 13.31 21.62
CA VAL L 1785 -64.79 14.04 20.72
C VAL L 1785 -64.44 13.67 19.29
N GLU L 1786 -65.45 13.24 18.52
CA GLU L 1786 -65.23 12.82 17.15
C GLU L 1786 -65.49 13.93 16.14
N HIS L 1787 -66.38 14.87 16.45
CA HIS L 1787 -66.71 15.98 15.56
C HIS L 1787 -65.94 17.21 16.02
N ILE L 1788 -65.17 17.80 15.11
CA ILE L 1788 -64.34 18.95 15.42
C ILE L 1788 -64.89 20.18 14.69
N GLY L 1789 -64.38 21.35 15.06
CA GLY L 1789 -64.80 22.59 14.45
C GLY L 1789 -64.09 22.85 13.13
N ILE L 1790 -64.56 23.90 12.44
CA ILE L 1790 -63.97 24.28 11.16
C ILE L 1790 -62.57 24.84 11.41
N ALA L 1791 -61.67 24.59 10.46
CA ALA L 1791 -60.28 25.03 10.61
C ALA L 1791 -60.18 26.54 10.45
N LYS L 1792 -59.48 27.17 11.40
CA LYS L 1792 -59.23 28.61 11.35
C LYS L 1792 -58.03 28.88 10.45
N PRO L 1793 -57.82 30.14 10.05
CA PRO L 1793 -56.67 30.46 9.22
C PRO L 1793 -55.36 30.10 9.90
N GLN L 1794 -54.36 29.73 9.09
CA GLN L 1794 -53.11 29.22 9.63
C GLN L 1794 -52.44 30.26 10.52
N PHE L 1795 -52.38 31.51 10.06
CA PHE L 1795 -51.79 32.56 10.88
C PHE L 1795 -52.58 32.74 12.18
N ILE L 1796 -53.91 32.71 12.10
CA ILE L 1796 -54.71 32.87 13.31
C ILE L 1796 -54.43 31.74 14.29
N ARG L 1797 -54.33 30.52 13.78
CA ARG L 1797 -53.97 29.38 14.61
C ARG L 1797 -52.55 29.54 15.18
N TRP L 1798 -51.60 29.93 14.34
CA TRP L 1798 -50.26 30.19 14.83
C TRP L 1798 -50.23 31.38 15.78
N LEU L 1799 -51.02 32.42 15.50
CA LEU L 1799 -51.07 33.56 16.41
C LEU L 1799 -51.59 33.15 17.78
N GLU L 1800 -52.63 32.31 17.80
CA GLU L 1800 -53.16 31.82 19.06
C GLU L 1800 -52.13 30.97 19.79
N GLU L 1801 -51.40 30.12 19.06
CA GLU L 1801 -50.34 29.33 19.69
C GLU L 1801 -49.27 30.24 20.29
N TRP L 1802 -48.87 31.28 19.55
CA TRP L 1802 -47.88 32.22 20.06
C TRP L 1802 -48.38 32.91 21.32
N THR L 1803 -49.64 33.34 21.31
CA THR L 1803 -50.18 34.03 22.48
C THR L 1803 -50.24 33.10 23.69
N ASN L 1804 -50.62 31.84 23.47
CA ASN L 1804 -50.67 30.90 24.59
C ASN L 1804 -49.27 30.64 25.16
N GLU L 1805 -48.29 30.45 24.28
CA GLU L 1805 -46.92 30.30 24.74
C GLU L 1805 -46.45 31.53 25.50
N PHE L 1806 -46.85 32.72 25.02
CA PHE L 1806 -46.53 33.95 25.74
C PHE L 1806 -47.15 33.94 27.12
N CYS L 1807 -48.43 33.54 27.22
CA CYS L 1807 -49.07 33.44 28.54
C CYS L 1807 -48.22 32.59 29.46
N GLU L 1808 -47.89 31.37 29.02
CA GLU L 1808 -47.20 30.42 29.89
C GLU L 1808 -45.84 30.96 30.30
N LYS L 1809 -45.03 31.38 29.33
CA LYS L 1809 -43.67 31.82 29.65
C LYS L 1809 -43.68 33.08 30.49
N TYR L 1810 -44.55 34.04 30.16
CA TYR L 1810 -44.61 35.28 30.94
C TYR L 1810 -44.99 34.99 32.38
N THR L 1811 -46.04 34.19 32.59
CA THR L 1811 -46.44 33.87 33.95
C THR L 1811 -45.32 33.17 34.71
N LYS L 1812 -44.70 32.16 34.08
CA LYS L 1812 -43.64 31.41 34.75
C LYS L 1812 -42.50 32.32 35.14
N TYR L 1813 -42.02 33.14 34.20
CA TYR L 1813 -40.86 33.98 34.48
C TYR L 1813 -41.19 35.09 35.46
N PHE L 1814 -42.42 35.62 35.44
CA PHE L 1814 -42.75 36.69 36.36
C PHE L 1814 -42.89 36.16 37.78
N GLU L 1815 -43.46 34.96 37.94
CA GLU L 1815 -43.47 34.34 39.27
C GLU L 1815 -42.06 34.00 39.72
N ASP L 1816 -41.21 33.56 38.79
CA ASP L 1816 -39.80 33.34 39.12
C ASP L 1816 -39.16 34.63 39.62
N MET L 1817 -39.50 35.76 39.01
CA MET L 1817 -39.02 37.05 39.50
C MET L 1817 -39.52 37.34 40.92
N LYS L 1818 -40.83 37.20 41.14
CA LYS L 1818 -41.38 37.50 42.45
C LYS L 1818 -40.74 36.62 43.53
N SER L 1819 -40.40 35.38 43.18
CA SER L 1819 -39.80 34.48 44.16
C SER L 1819 -38.32 34.80 44.37
N LYS L 1820 -37.53 34.76 43.31
CA LYS L 1820 -36.07 34.82 43.44
C LYS L 1820 -35.60 36.23 43.77
N CYS L 1821 -36.23 37.25 43.18
CA CYS L 1821 -35.76 38.62 43.30
C CYS L 1821 -36.84 39.53 43.88
N ILE L 1836 -26.56 33.92 45.14
CA ILE L 1836 -27.92 33.93 44.63
C ILE L 1836 -27.90 34.09 43.11
N GLU L 1837 -28.71 33.29 42.42
CA GLU L 1837 -28.78 33.32 40.97
C GLU L 1837 -29.87 34.25 40.43
N CYS L 1838 -30.22 35.30 41.16
CA CYS L 1838 -31.17 36.29 40.65
C CYS L 1838 -30.70 36.85 39.31
N LYS L 1839 -29.39 36.98 39.13
CA LYS L 1839 -28.88 37.56 37.89
C LYS L 1839 -29.15 36.64 36.70
N LYS L 1840 -29.01 35.33 36.91
CA LYS L 1840 -29.33 34.39 35.84
C LYS L 1840 -30.80 34.45 35.48
N ALA L 1841 -31.67 34.58 36.49
CA ALA L 1841 -33.10 34.72 36.20
C ALA L 1841 -33.40 35.98 35.42
N CYS L 1842 -32.75 37.10 35.79
CA CYS L 1842 -32.96 38.33 35.04
C CYS L 1842 -32.50 38.19 33.60
N ALA L 1843 -31.32 37.59 33.39
CA ALA L 1843 -30.85 37.38 32.03
C ALA L 1843 -31.81 36.51 31.24
N ASN L 1844 -32.30 35.44 31.86
CA ASN L 1844 -33.22 34.53 31.18
C ASN L 1844 -34.51 35.24 30.81
N TYR L 1845 -35.09 35.99 31.74
CA TYR L 1845 -36.37 36.64 31.48
C TYR L 1845 -36.24 37.70 30.40
N THR L 1846 -35.20 38.54 30.49
CA THR L 1846 -34.99 39.55 29.46
C THR L 1846 -34.73 38.90 28.11
N ASN L 1847 -33.94 37.83 28.09
CA ASN L 1847 -33.64 37.15 26.84
C ASN L 1847 -34.89 36.58 26.21
N TRP L 1848 -35.77 35.97 27.01
CA TRP L 1848 -37.01 35.45 26.46
C TRP L 1848 -37.88 36.58 25.93
N LEU L 1849 -37.98 37.68 26.68
CA LEU L 1849 -38.95 38.71 26.32
C LEU L 1849 -38.50 39.49 25.08
N ASN L 1850 -37.20 39.74 24.95
CA ASN L 1850 -36.75 40.69 23.92
C ASN L 1850 -37.16 40.29 22.51
N PRO L 1851 -36.92 39.06 22.04
CA PRO L 1851 -37.37 38.70 20.68
C PRO L 1851 -38.88 38.65 20.55
N LYS L 1852 -39.60 38.38 21.64
CA LYS L 1852 -41.06 38.31 21.57
C LYS L 1852 -41.64 39.65 21.16
N ARG L 1853 -40.99 40.75 21.52
CA ARG L 1853 -41.49 42.06 21.12
C ARG L 1853 -41.46 42.20 19.60
N ILE L 1854 -40.34 41.84 18.97
CA ILE L 1854 -40.23 41.95 17.52
C ILE L 1854 -41.20 41.01 16.85
N GLU L 1855 -41.33 39.79 17.38
CA GLU L 1855 -42.28 38.85 16.79
C GLU L 1855 -43.71 39.37 16.91
N TRP L 1856 -44.06 39.97 18.04
CA TRP L 1856 -45.38 40.58 18.19
C TRP L 1856 -45.58 41.72 17.21
N ASN L 1857 -44.55 42.53 16.99
CA ASN L 1857 -44.64 43.59 15.99
C ASN L 1857 -44.96 43.00 14.62
N GLY L 1858 -44.27 41.92 14.25
CA GLY L 1858 -44.56 41.27 12.98
C GLY L 1858 -45.97 40.73 12.90
N MET L 1859 -46.43 40.09 13.98
CA MET L 1859 -47.79 39.56 14.00
C MET L 1859 -48.81 40.68 13.83
N SER L 1860 -48.61 41.79 14.56
CA SER L 1860 -49.55 42.90 14.47
C SER L 1860 -49.53 43.51 13.06
N ASN L 1861 -48.35 43.62 12.46
CA ASN L 1861 -48.28 44.14 11.10
C ASN L 1861 -49.05 43.25 10.12
N TYR L 1862 -48.84 41.94 10.21
CA TYR L 1862 -49.55 41.05 9.29
C TYR L 1862 -51.05 41.11 9.53
N TYR L 1863 -51.46 41.16 10.80
CA TYR L 1863 -52.89 41.22 11.10
C TYR L 1863 -53.51 42.49 10.56
N ASN L 1864 -52.83 43.63 10.74
CA ASN L 1864 -53.32 44.88 10.18
C ASN L 1864 -53.29 44.86 8.65
N LYS L 1865 -52.49 43.98 8.08
CA LYS L 1865 -52.53 43.82 6.62
C LYS L 1865 -53.71 42.98 6.17
N ILE L 1866 -54.11 41.98 6.96
CA ILE L 1866 -55.21 41.08 6.59
C ILE L 1866 -56.31 41.09 7.63
N TYR L 1867 -56.57 42.26 8.25
CA TYR L 1867 -57.62 42.31 9.27
C TYR L 1867 -59.00 42.06 8.66
N ARG L 1868 -59.32 42.72 7.54
CA ARG L 1868 -60.58 42.51 6.81
C ARG L 1868 -60.25 42.32 5.33
N LYS L 1869 -59.88 41.11 4.96
CA LYS L 1869 -59.54 40.79 3.57
C LYS L 1869 -60.09 39.42 3.22
N SER L 1870 -60.69 39.31 2.03
CA SER L 1870 -61.16 38.05 1.51
C SER L 1870 -59.99 37.31 0.84
N ASN L 1871 -60.30 36.24 0.12
CA ASN L 1871 -59.25 35.49 -0.56
C ASN L 1871 -58.55 36.35 -1.62
N LYS L 1872 -59.35 37.10 -2.40
CA LYS L 1872 -58.76 37.95 -3.42
C LYS L 1872 -58.09 39.18 -2.83
N GLU L 1873 -58.74 39.81 -1.85
CA GLU L 1873 -58.20 41.05 -1.30
C GLU L 1873 -56.86 40.83 -0.60
N SER L 1874 -56.73 39.72 0.13
CA SER L 1874 -55.47 39.41 0.79
C SER L 1874 -54.37 39.19 -0.24
N GLU L 1875 -53.15 39.59 0.11
CA GLU L 1875 -52.04 39.46 -0.82
C GLU L 1875 -51.80 38.00 -1.18
N GLY L 1876 -51.84 37.11 -0.19
CA GLY L 1876 -51.72 35.70 -0.46
C GLY L 1876 -53.01 35.09 -0.96
N GLY L 1877 -52.90 33.89 -1.51
CA GLY L 1877 -54.06 33.19 -2.03
C GLY L 1877 -54.80 32.39 -0.97
N LYS L 1878 -55.13 33.04 0.15
CA LYS L 1878 -55.83 32.40 1.25
C LYS L 1878 -56.91 33.33 1.76
N ASP L 1879 -57.97 32.73 2.31
CA ASP L 1879 -59.14 33.46 2.76
C ASP L 1879 -59.05 33.73 4.26
N TYR L 1880 -59.25 34.99 4.63
CA TYR L 1880 -59.18 35.45 6.03
C TYR L 1880 -60.41 36.27 6.37
N SER L 1881 -61.59 35.76 6.03
CA SER L 1881 -62.83 36.50 6.18
C SER L 1881 -63.53 36.25 7.51
N MET L 1882 -63.09 35.28 8.31
CA MET L 1882 -63.79 34.88 9.52
C MET L 1882 -63.17 35.44 10.79
N ILE L 1883 -62.22 36.36 10.68
CA ILE L 1883 -61.62 36.94 11.89
C ILE L 1883 -62.61 37.88 12.57
N MET L 1884 -63.00 38.95 11.87
CA MET L 1884 -64.04 39.86 12.34
C MET L 1884 -63.71 40.42 13.72
N ALA L 1885 -62.56 41.07 13.82
CA ALA L 1885 -62.16 41.82 15.00
C ALA L 1885 -61.41 43.07 14.55
N PRO L 1886 -61.53 44.18 15.28
CA PRO L 1886 -60.95 45.44 14.79
C PRO L 1886 -59.44 45.43 14.72
N THR L 1887 -58.77 44.98 15.78
CA THR L 1887 -57.32 44.98 15.85
C THR L 1887 -56.84 43.69 16.52
N VAL L 1888 -55.55 43.40 16.36
CA VAL L 1888 -55.01 42.12 16.79
C VAL L 1888 -55.17 41.94 18.30
N ILE L 1889 -54.90 43.00 19.08
CA ILE L 1889 -55.06 42.88 20.53
C ILE L 1889 -56.52 42.64 20.88
N ASP L 1890 -57.45 43.22 20.13
CA ASP L 1890 -58.87 42.98 20.38
C ASP L 1890 -59.23 41.54 20.05
N TYR L 1891 -58.67 40.98 18.97
CA TYR L 1891 -58.93 39.58 18.68
C TYR L 1891 -58.31 38.67 19.73
N LEU L 1892 -57.22 39.10 20.36
CA LEU L 1892 -56.70 38.37 21.51
C LEU L 1892 -57.76 38.22 22.58
N ASN L 1893 -58.52 39.29 22.84
CA ASN L 1893 -59.71 39.17 23.65
C ASN L 1893 -60.72 38.29 22.93
N LYS L 1894 -61.69 37.78 23.69
CA LYS L 1894 -62.74 36.84 23.27
C LYS L 1894 -62.20 35.54 22.69
N ARG L 1895 -60.88 35.32 22.71
CA ARG L 1895 -60.25 34.06 22.35
C ARG L 1895 -59.46 33.45 23.49
N CYS L 1896 -58.83 34.30 24.31
CA CYS L 1896 -58.14 33.87 25.52
C CYS L 1896 -58.83 34.39 26.78
N HIS L 1897 -60.06 34.88 26.66
CA HIS L 1897 -60.72 35.51 27.79
C HIS L 1897 -60.94 34.54 28.95
N GLY L 1898 -61.36 33.31 28.64
CA GLY L 1898 -61.69 32.35 29.68
C GLY L 1898 -60.54 31.45 30.03
N GLU L 1899 -60.80 30.14 30.05
CA GLU L 1899 -59.80 29.14 30.37
C GLU L 1899 -59.68 28.14 29.22
N ILE L 1900 -58.58 27.41 29.21
CA ILE L 1900 -58.34 26.43 28.16
C ILE L 1900 -59.45 25.40 28.17
N ASN L 1901 -59.97 25.07 26.98
CA ASN L 1901 -61.03 24.09 26.83
C ASN L 1901 -60.63 22.89 25.99
N GLY L 1902 -59.67 23.05 25.08
CA GLY L 1902 -59.21 21.95 24.26
C GLY L 1902 -59.95 21.84 22.95
N ASN L 1903 -61.27 21.64 23.00
CA ASN L 1903 -62.03 21.44 21.77
C ASN L 1903 -62.14 22.72 20.97
N TYR L 1904 -62.24 23.88 21.63
CA TYR L 1904 -62.43 25.14 20.94
C TYR L 1904 -61.47 26.23 21.44
N ILE L 1905 -61.02 26.12 22.68
CA ILE L 1905 -60.18 27.14 23.31
C ILE L 1905 -58.80 26.55 23.53
N CYS L 1906 -57.77 27.30 23.12
CA CYS L 1906 -56.39 26.87 23.24
C CYS L 1906 -55.48 27.86 23.95
N CYS L 1907 -55.92 29.12 24.14
CA CYS L 1907 -55.08 30.17 24.70
C CYS L 1907 -55.73 30.76 25.95
N SER L 1908 -54.90 31.15 26.91
CA SER L 1908 -55.39 31.80 28.11
C SER L 1908 -54.22 32.54 28.77
N CYS L 1909 -54.27 33.87 28.73
CA CYS L 1909 -53.35 34.71 29.47
C CYS L 1909 -54.00 35.29 30.71
N LYS L 1910 -53.17 35.60 31.70
CA LYS L 1910 -53.65 36.30 32.89
C LYS L 1910 -54.07 37.73 32.55
N ASN L 1911 -53.36 38.36 31.62
CA ASN L 1911 -53.63 39.75 31.23
C ASN L 1911 -54.48 39.74 29.97
N ILE L 1912 -55.79 39.51 30.16
CA ILE L 1912 -56.70 39.51 29.02
C ILE L 1912 -56.81 40.90 28.41
N GLY L 1913 -56.74 41.95 29.23
CA GLY L 1913 -56.87 43.30 28.73
C GLY L 1913 -55.85 43.60 27.65
N ALA L 1914 -56.02 44.78 27.03
CA ALA L 1914 -55.20 45.20 25.91
C ALA L 1914 -53.87 45.79 26.40
N TYR L 1915 -53.17 45.02 27.22
CA TYR L 1915 -51.88 45.40 27.76
C TYR L 1915 -50.72 44.68 27.08
N ASN L 1916 -51.00 43.80 26.12
CA ASN L 1916 -49.93 43.03 25.49
C ASN L 1916 -48.96 43.94 24.75
N THR L 1917 -49.46 44.99 24.11
CA THR L 1917 -48.57 45.91 23.41
C THR L 1917 -47.58 46.57 24.37
N THR L 1918 -48.06 46.99 25.54
CA THR L 1918 -47.16 47.56 26.53
C THR L 1918 -46.32 46.49 27.21
N SER L 1919 -46.85 45.28 27.35
CA SER L 1919 -46.08 44.20 27.96
C SER L 1919 -44.88 43.82 27.11
N GLY L 1920 -45.06 43.76 25.79
CA GLY L 1920 -43.95 43.40 24.91
C GLY L 1920 -42.79 44.36 25.04
N THR L 1921 -43.08 45.66 25.03
CA THR L 1921 -42.05 46.64 25.35
C THR L 1921 -41.75 46.61 26.83
N VAL L 1922 -40.47 46.70 27.17
CA VAL L 1922 -40.05 46.64 28.58
C VAL L 1922 -40.13 48.08 29.09
N ASN L 1923 -41.35 48.51 29.38
CA ASN L 1923 -41.60 49.83 29.97
C ASN L 1923 -42.42 49.73 31.25
N LYS L 1924 -43.52 48.97 31.19
CA LYS L 1924 -44.52 49.01 32.26
C LYS L 1924 -44.13 48.08 33.41
N LYS L 1925 -44.07 46.77 33.16
CA LYS L 1925 -43.76 45.78 34.18
C LYS L 1925 -44.55 46.06 35.45
N LEU L 1926 -43.90 45.92 36.61
CA LEU L 1926 -44.43 46.42 37.88
C LEU L 1926 -43.47 47.44 38.48
N GLN L 1927 -42.76 48.18 37.62
CA GLN L 1927 -41.75 49.17 37.96
C GLN L 1927 -40.47 48.52 38.48
N LYS L 1928 -40.42 47.20 38.60
CA LYS L 1928 -39.22 46.53 39.07
C LYS L 1928 -38.05 46.82 38.13
N LYS L 1929 -36.91 47.21 38.69
CA LYS L 1929 -35.74 47.59 37.93
C LYS L 1929 -34.76 46.41 37.92
N GLU L 1930 -34.73 45.68 36.81
CA GLU L 1930 -33.82 44.57 36.62
C GLU L 1930 -32.78 44.84 35.53
N THR L 1931 -32.89 45.96 34.82
CA THR L 1931 -31.93 46.28 33.78
C THR L 1931 -30.53 46.47 34.34
N GLU L 1932 -30.39 46.70 35.64
CA GLU L 1932 -29.07 46.80 36.23
C GLU L 1932 -28.30 45.50 36.06
N CYS L 1933 -28.97 44.36 36.23
CA CYS L 1933 -28.33 43.08 35.95
C CYS L 1933 -27.95 42.98 34.48
N GLU L 1934 -28.82 43.43 33.59
CA GLU L 1934 -28.47 43.45 32.17
C GLU L 1934 -27.21 44.27 31.95
N GLU L 1935 -27.07 45.39 32.65
CA GLU L 1935 -25.82 46.13 32.62
C GLU L 1935 -24.69 45.29 33.19
N GLU L 1936 -24.96 44.57 34.28
CA GLU L 1936 -23.96 43.68 34.85
C GLU L 1936 -23.63 42.53 33.91
N LYS L 1937 -24.52 42.24 32.95
CA LYS L 1937 -24.20 41.26 31.92
C LYS L 1937 -23.28 41.82 30.85
N GLY L 1938 -23.23 43.15 30.70
CA GLY L 1938 -22.40 43.79 29.70
C GLY L 1938 -20.91 43.48 29.81
N PRO L 1939 -20.33 43.47 31.01
CA PRO L 1939 -18.91 43.13 31.14
C PRO L 1939 -18.53 41.79 30.54
N LEU L 1940 -19.49 40.95 30.13
CA LEU L 1940 -19.14 39.72 29.42
C LEU L 1940 -18.37 40.01 28.14
N ASP L 1941 -18.50 41.23 27.59
CA ASP L 1941 -17.72 41.58 26.40
C ASP L 1941 -16.23 41.44 26.67
N LEU L 1942 -15.79 41.65 27.90
CA LEU L 1942 -14.40 41.39 28.24
C LEU L 1942 -14.05 39.92 28.01
N MET L 1943 -14.94 39.01 28.43
CA MET L 1943 -14.74 37.60 28.15
C MET L 1943 -14.74 37.31 26.65
N ASN L 1944 -15.36 38.18 25.85
CA ASN L 1944 -15.38 38.02 24.40
C ASN L 1944 -14.04 38.51 23.86
N GLU L 1945 -13.02 37.70 24.07
CA GLU L 1945 -11.68 37.96 23.57
C GLU L 1945 -11.40 37.07 22.37
N VAL L 1946 -10.77 37.62 21.35
CA VAL L 1946 -10.48 36.91 20.12
C VAL L 1946 -9.03 36.42 20.17
N LEU L 1947 -8.85 35.11 20.07
CA LEU L 1947 -7.50 34.54 20.12
C LEU L 1947 -6.69 34.92 18.88
N ASN L 1948 -7.33 34.98 17.71
CA ASN L 1948 -6.66 35.38 16.48
C ASN L 1948 -5.54 34.41 16.13
N LYS L 1949 -5.82 33.11 16.23
CA LYS L 1949 -4.88 32.08 15.83
C LYS L 1949 -5.63 30.98 15.10
N MET L 1950 -4.92 30.24 14.25
CA MET L 1950 -5.53 29.30 13.34
C MET L 1950 -5.66 27.89 13.90
N ASP L 1951 -5.27 27.67 15.15
CA ASP L 1951 -5.42 26.37 15.81
C ASP L 1951 -6.17 26.53 17.12
N LYS L 1952 -7.27 25.79 17.25
CA LYS L 1952 -8.15 25.89 18.40
C LYS L 1952 -7.93 24.70 19.33
N LYS L 1953 -7.83 24.99 20.62
CA LYS L 1953 -7.62 23.98 21.64
C LYS L 1953 -8.92 23.47 22.23
N TYR L 1954 -10.07 23.88 21.67
CA TYR L 1954 -11.38 23.56 22.24
C TYR L 1954 -12.04 22.41 21.51
N SER L 1955 -12.28 22.55 20.21
CA SER L 1955 -12.83 21.50 19.34
C SER L 1955 -14.05 20.89 20.04
N ALA L 1956 -14.08 19.59 20.30
CA ALA L 1956 -15.21 18.94 20.96
C ALA L 1956 -14.82 18.44 22.34
N MET L 1998 -9.83 18.04 18.88
CA MET L 1998 -9.93 16.61 18.56
C MET L 1998 -9.62 16.38 17.09
N LYS L 1999 -9.87 17.39 16.25
CA LYS L 1999 -9.65 17.24 14.82
C LYS L 1999 -8.19 17.02 14.50
N VAL L 2000 -7.31 17.87 15.04
CA VAL L 2000 -5.88 17.73 14.80
C VAL L 2000 -5.31 16.48 15.44
N CYS L 2001 -5.94 15.98 16.51
CA CYS L 2001 -5.38 14.86 17.26
C CYS L 2001 -5.22 13.61 16.39
N ASP L 2002 -6.13 13.40 15.43
CA ASP L 2002 -6.05 12.21 14.60
C ASP L 2002 -4.86 12.28 13.64
N LEU L 2003 -4.53 13.47 13.15
CA LEU L 2003 -3.49 13.59 12.12
C LEU L 2003 -2.13 13.20 12.67
N ILE L 2004 -1.74 13.79 13.79
CA ILE L 2004 -0.38 13.64 14.30
C ILE L 2004 -0.20 12.22 14.85
N ALA L 2005 0.93 11.61 14.52
CA ALA L 2005 1.20 10.22 14.85
C ALA L 2005 2.06 10.12 16.11
N ASP L 2006 2.16 8.88 16.61
CA ASP L 2006 2.95 8.62 17.81
C ASP L 2006 4.42 8.90 17.57
N ALA L 2007 5.10 9.42 18.58
CA ALA L 2007 6.54 9.64 18.50
C ALA L 2007 7.25 8.30 18.30
N ILE L 2008 8.21 8.28 17.39
CA ILE L 2008 8.96 7.07 17.11
C ILE L 2008 10.18 6.99 18.01
N GLY L 2009 10.36 5.84 18.64
CA GLY L 2009 11.58 5.58 19.40
C GLY L 2009 11.74 6.34 20.69
N CYS L 2010 10.66 6.60 21.40
CA CYS L 2010 10.72 6.98 22.81
C CYS L 2010 9.64 6.19 23.55
N LYS L 2011 10.07 5.43 24.55
CA LYS L 2011 9.29 4.32 25.09
C LYS L 2011 8.22 4.86 26.03
N ASP L 2012 7.61 3.95 26.79
CA ASP L 2012 6.65 4.36 27.81
C ASP L 2012 7.35 5.25 28.81
N LYS L 2013 7.13 6.56 28.71
CA LYS L 2013 7.79 7.51 29.60
C LYS L 2013 7.16 7.43 30.98
N THR L 2014 7.62 8.34 31.86
CA THR L 2014 7.23 8.37 33.26
C THR L 2014 7.13 6.95 33.82
N LYS L 2015 8.08 6.09 33.44
CA LYS L 2015 8.05 4.71 33.91
C LYS L 2015 8.29 4.65 35.40
N LEU L 2016 9.20 5.47 35.92
CA LEU L 2016 9.45 5.53 37.35
C LEU L 2016 9.95 6.94 37.65
N ASP L 2017 9.04 7.82 38.06
CA ASP L 2017 9.35 9.23 38.29
C ASP L 2017 8.75 9.67 39.61
N GLU L 2018 9.40 10.66 40.22
CA GLU L 2018 9.06 11.13 41.56
C GLU L 2018 9.15 9.98 42.58
N LEU L 2019 10.06 9.06 42.31
CA LEU L 2019 10.50 8.02 43.24
C LEU L 2019 12.01 8.12 43.38
N ASP L 2020 12.45 9.30 43.83
CA ASP L 2020 13.83 9.69 44.15
C ASP L 2020 14.80 9.20 43.09
N GLU L 2021 14.39 9.25 41.84
CA GLU L 2021 15.32 9.13 40.72
C GLU L 2021 16.01 10.45 40.41
N TRP L 2022 15.71 11.51 41.16
CA TRP L 2022 16.33 12.80 40.92
C TRP L 2022 17.83 12.71 41.14
N ASN L 2023 18.59 13.27 40.21
CA ASN L 2023 20.05 13.26 40.31
C ASN L 2023 20.60 14.54 39.68
N ASP L 2024 21.77 14.94 40.15
CA ASP L 2024 22.45 16.11 39.60
C ASP L 2024 23.16 15.74 38.31
N MET L 2025 23.52 16.75 37.53
CA MET L 2025 24.21 16.57 36.26
C MET L 2025 25.59 17.20 36.31
N VAL L 2037 21.43 22.47 41.32
CA VAL L 2037 20.44 22.02 40.34
C VAL L 2037 20.22 20.52 40.48
N LEU L 2038 18.97 20.14 40.72
CA LEU L 2038 18.57 18.73 40.84
C LEU L 2038 17.58 18.44 39.71
N ILE L 2039 18.06 17.76 38.68
CA ILE L 2039 17.27 17.48 37.49
C ILE L 2039 16.14 16.53 37.87
N PRO L 2040 14.88 16.87 37.65
CA PRO L 2040 13.79 15.92 37.91
C PRO L 2040 13.79 14.84 36.85
N PRO L 2041 12.79 13.97 36.83
CA PRO L 2041 12.66 13.05 35.71
C PRO L 2041 12.15 13.74 34.45
N ARG L 2042 12.74 14.89 34.11
CA ARG L 2042 12.56 15.48 32.78
C ARG L 2042 13.50 14.82 31.78
N ARG L 2043 14.48 14.05 32.27
CA ARG L 2043 15.39 13.36 31.38
C ARG L 2043 14.64 12.38 30.49
N ARG L 2044 13.66 11.68 31.06
CA ARG L 2044 12.91 10.65 30.35
C ARG L 2044 11.48 11.07 30.00
N GLN L 2045 10.80 11.81 30.87
CA GLN L 2045 9.40 12.14 30.57
C GLN L 2045 9.30 12.99 29.31
N LEU L 2046 10.41 13.61 28.91
CA LEU L 2046 10.50 14.19 27.58
C LEU L 2046 10.70 13.09 26.55
N CYS L 2047 9.76 12.96 25.62
CA CYS L 2047 9.72 11.84 24.70
C CYS L 2047 9.80 12.39 23.29
N PHE L 2048 10.80 13.24 23.06
CA PHE L 2048 11.10 13.75 21.72
C PHE L 2048 11.18 12.60 20.72
N SER L 2049 10.83 12.90 19.47
CA SER L 2049 11.00 11.93 18.41
C SER L 2049 12.48 11.71 18.12
N ARG L 2050 12.77 10.61 17.43
CA ARG L 2050 14.16 10.27 17.14
C ARG L 2050 14.84 11.34 16.30
N ILE L 2051 14.11 11.96 15.38
CA ILE L 2051 14.75 12.85 14.41
C ILE L 2051 15.36 14.06 15.11
N VAL L 2052 14.58 14.74 15.94
CA VAL L 2052 15.10 15.93 16.64
C VAL L 2052 16.21 15.55 17.60
N ARG L 2053 16.02 14.47 18.36
CA ARG L 2053 17.01 14.10 19.36
C ARG L 2053 18.25 13.48 18.74
N GLY L 2054 18.17 12.97 17.51
CA GLY L 2054 19.29 12.33 16.88
C GLY L 2054 20.19 13.30 16.14
N PRO L 2055 21.29 12.79 15.59
CA PRO L 2055 22.23 13.68 14.88
C PRO L 2055 21.66 14.26 13.61
N ALA L 2056 20.71 13.57 12.98
CA ALA L 2056 20.18 14.02 11.70
C ALA L 2056 19.50 15.38 11.85
N ASN L 2057 19.85 16.30 10.96
CA ASN L 2057 19.15 17.57 10.91
C ASN L 2057 17.77 17.39 10.30
N LEU L 2058 16.97 18.44 10.36
CA LEU L 2058 15.63 18.42 9.80
C LEU L 2058 15.60 19.14 8.46
N ARG L 2059 14.78 18.63 7.54
CA ARG L 2059 14.75 19.17 6.19
C ARG L 2059 14.09 20.55 6.16
N SER L 2060 12.83 20.62 6.60
CA SER L 2060 12.08 21.88 6.58
C SER L 2060 11.36 22.04 7.91
N LEU L 2061 11.48 23.24 8.49
CA LEU L 2061 10.83 23.52 9.77
C LEU L 2061 9.31 23.53 9.62
N ASN L 2062 8.81 23.87 8.44
CA ASN L 2062 7.37 23.99 8.26
C ASN L 2062 6.68 22.64 8.20
N GLU L 2063 7.45 21.55 8.06
CA GLU L 2063 6.87 20.23 7.86
C GLU L 2063 7.42 19.13 8.76
N PHE L 2064 8.67 19.22 9.24
CA PHE L 2064 9.25 18.14 10.01
C PHE L 2064 9.42 18.53 11.48
N LYS L 2065 10.15 19.60 11.79
CA LYS L 2065 10.08 20.11 13.16
C LYS L 2065 8.64 20.44 13.51
N GLU L 2066 7.92 21.06 12.56
CA GLU L 2066 6.47 21.15 12.64
C GLU L 2066 5.86 19.83 13.08
N GLU L 2067 6.03 18.79 12.26
CA GLU L 2067 5.32 17.54 12.52
C GLU L 2067 6.01 16.67 13.55
N ILE L 2068 7.24 16.99 13.93
CA ILE L 2068 7.94 16.18 14.92
C ILE L 2068 7.66 16.66 16.34
N LEU L 2069 7.65 17.98 16.58
CA LEU L 2069 7.28 18.46 17.90
C LEU L 2069 5.87 18.03 18.25
N LYS L 2070 4.94 18.10 17.30
CA LYS L 2070 3.63 17.50 17.50
C LYS L 2070 3.76 15.99 17.51
N GLY L 2071 4.70 15.46 16.74
CA GLY L 2071 5.07 14.05 16.84
C GLY L 2071 5.25 13.58 18.26
N ALA L 2072 5.57 14.48 19.18
CA ALA L 2072 5.54 14.16 20.60
C ALA L 2072 4.12 14.33 21.14
N GLN L 2073 3.14 13.77 20.43
CA GLN L 2073 1.89 13.39 21.08
C GLN L 2073 2.15 12.30 22.09
N SER L 2074 3.23 11.54 21.90
CA SER L 2074 3.71 10.62 22.90
C SER L 2074 4.03 11.30 24.23
N GLU L 2075 3.98 12.63 24.28
CA GLU L 2075 3.96 13.33 25.56
C GLU L 2075 2.54 13.33 26.11
N GLY L 2076 1.93 12.15 26.16
CA GLY L 2076 0.59 11.99 26.69
C GLY L 2076 0.45 10.68 27.44
N LYS L 2077 1.58 10.14 27.87
CA LYS L 2077 1.61 8.88 28.63
C LYS L 2077 1.49 9.09 30.14
N PHE L 2078 1.40 10.34 30.61
CA PHE L 2078 1.12 10.57 32.02
C PHE L 2078 -0.20 9.91 32.43
N LEU L 2079 -1.32 10.43 31.93
CA LEU L 2079 -2.58 9.76 32.20
C LEU L 2079 -2.79 8.54 31.30
N GLY L 2080 -2.02 8.43 30.22
CA GLY L 2080 -2.15 7.25 29.37
C GLY L 2080 -1.74 5.97 30.08
N ASN L 2081 -0.58 5.99 30.75
CA ASN L 2081 -0.04 4.81 31.40
C ASN L 2081 0.22 5.00 32.88
N TYR L 2082 0.89 6.08 33.29
CA TYR L 2082 1.37 6.20 34.65
C TYR L 2082 0.34 6.85 35.58
N TYR L 2083 -0.06 8.08 35.29
CA TYR L 2083 -1.02 8.81 36.10
C TYR L 2083 -2.46 8.41 35.81
N LYS L 2084 -2.70 7.31 35.09
CA LYS L 2084 -4.06 6.91 34.78
C LYS L 2084 -4.88 6.70 36.04
N GLU L 2085 -4.31 6.05 37.04
CA GLU L 2085 -4.95 5.91 38.35
C GLU L 2085 -4.02 6.13 39.52
N HIS L 2086 -2.73 6.40 39.29
CA HIS L 2086 -1.80 6.56 40.41
C HIS L 2086 -2.18 7.75 41.28
N LYS L 2087 -2.58 8.86 40.66
CA LYS L 2087 -2.92 10.09 41.37
C LYS L 2087 -4.24 10.62 40.83
N ASP L 2088 -4.68 11.73 41.41
CA ASP L 2088 -5.91 12.37 40.96
C ASP L 2088 -5.74 12.89 39.54
N LYS L 2089 -6.86 13.15 38.88
CA LYS L 2089 -6.83 13.51 37.46
C LYS L 2089 -6.09 14.81 37.25
N GLU L 2090 -6.26 15.77 38.16
CA GLU L 2090 -5.67 17.10 37.97
C GLU L 2090 -4.15 17.01 37.87
N LYS L 2091 -3.52 16.19 38.72
CA LYS L 2091 -2.06 16.18 38.75
C LYS L 2091 -1.47 15.68 37.43
N ALA L 2092 -2.10 14.68 36.81
CA ALA L 2092 -1.62 14.19 35.52
C ALA L 2092 -1.50 15.34 34.52
N LEU L 2093 -2.51 16.22 34.48
CA LEU L 2093 -2.45 17.37 33.60
C LEU L 2093 -1.45 18.41 34.12
N GLU L 2094 -1.26 18.47 35.45
CA GLU L 2094 -0.25 19.37 35.99
C GLU L 2094 1.15 18.96 35.55
N ALA L 2095 1.40 17.65 35.48
CA ALA L 2095 2.69 17.19 34.99
C ALA L 2095 2.92 17.60 33.54
N MET L 2096 1.84 17.69 32.76
CA MET L 2096 1.98 18.16 31.37
C MET L 2096 2.38 19.61 31.32
N LYS L 2097 1.83 20.44 32.21
CA LYS L 2097 2.26 21.82 32.31
C LYS L 2097 3.77 21.89 32.52
N ASN L 2098 4.31 21.00 33.34
CA ASN L 2098 5.75 20.98 33.56
C ASN L 2098 6.49 20.64 32.29
N SER L 2099 6.01 19.65 31.54
CA SER L 2099 6.67 19.28 30.29
C SER L 2099 6.60 20.41 29.28
N PHE L 2100 5.45 21.08 29.18
CA PHE L 2100 5.31 22.14 28.18
C PHE L 2100 6.34 23.23 28.39
N TYR L 2101 6.42 23.77 29.61
CA TYR L 2101 7.43 24.79 29.88
C TYR L 2101 8.83 24.22 29.72
N ASP L 2102 9.05 22.97 30.14
CA ASP L 2102 10.30 22.30 29.81
C ASP L 2102 10.53 22.29 28.31
N TYR L 2103 9.54 21.83 27.54
CA TYR L 2103 9.65 21.86 26.09
C TYR L 2103 10.03 23.25 25.60
N GLU L 2104 9.40 24.28 26.15
CA GLU L 2104 9.68 25.64 25.70
C GLU L 2104 11.13 26.01 25.95
N ASP L 2105 11.67 25.65 27.12
CA ASP L 2105 13.05 26.02 27.43
C ASP L 2105 14.06 25.11 26.76
N ILE L 2106 13.67 23.94 26.25
CA ILE L 2106 14.59 23.19 25.40
C ILE L 2106 14.86 23.99 24.13
N ILE L 2107 13.80 24.60 23.58
CA ILE L 2107 13.93 25.38 22.35
C ILE L 2107 14.84 26.58 22.56
N LYS L 2108 14.95 27.07 23.79
CA LYS L 2108 15.79 28.24 24.06
C LYS L 2108 16.33 28.16 25.49
N GLY L 2109 17.56 27.70 25.64
CA GLY L 2109 18.29 27.85 26.89
C GLY L 2109 17.68 27.22 28.12
N THR L 2110 17.67 25.89 28.19
CA THR L 2110 17.36 25.19 29.43
C THR L 2110 18.66 24.99 30.21
N ASP L 2111 18.63 24.11 31.21
CA ASP L 2111 19.79 23.87 32.07
C ASP L 2111 20.04 22.37 32.26
N MET L 2112 20.05 21.63 31.16
CA MET L 2112 20.28 20.19 31.20
C MET L 2112 21.72 19.77 30.96
N LEU L 2113 22.48 20.54 30.19
CA LEU L 2113 23.87 20.21 29.86
C LEU L 2113 23.99 18.79 29.27
N THR L 2114 23.37 18.61 28.10
CA THR L 2114 23.43 17.33 27.41
C THR L 2114 23.34 17.56 25.90
N ASN L 2115 24.14 16.81 25.15
CA ASN L 2115 24.27 17.04 23.71
C ASN L 2115 22.96 16.86 22.95
N ILE L 2116 21.89 16.38 23.59
CA ILE L 2116 20.60 16.23 22.92
C ILE L 2116 19.54 17.19 23.44
N GLU L 2117 19.76 17.85 24.58
CA GLU L 2117 18.76 18.76 25.14
C GLU L 2117 19.28 20.16 25.43
N PHE L 2118 20.51 20.29 25.92
CA PHE L 2118 21.12 21.60 26.14
C PHE L 2118 22.62 21.54 25.90
N LYS L 2119 23.16 22.62 25.33
CA LYS L 2119 24.41 22.57 24.59
C LYS L 2119 24.27 21.64 23.39
N ASP L 2120 23.02 21.33 23.05
CA ASP L 2120 22.70 20.30 22.09
C ASP L 2120 22.56 20.90 20.71
N ILE L 2121 22.36 20.03 19.72
CA ILE L 2121 22.17 20.48 18.35
C ILE L 2121 20.68 20.67 18.02
N LYS L 2122 19.77 20.13 18.84
CA LYS L 2122 18.35 20.28 18.54
C LYS L 2122 17.95 21.75 18.60
N ILE L 2123 18.53 22.49 19.54
CA ILE L 2123 18.36 23.94 19.52
C ILE L 2123 18.97 24.52 18.26
N LYS L 2124 20.10 23.95 17.81
CA LYS L 2124 20.68 24.38 16.53
C LYS L 2124 19.84 23.92 15.35
N LEU L 2125 19.19 22.75 15.46
CA LEU L 2125 18.25 22.33 14.42
C LEU L 2125 17.24 23.44 14.15
N ASP L 2126 16.79 24.13 15.19
CA ASP L 2126 15.90 25.26 14.99
C ASP L 2126 16.64 26.43 14.34
N ARG L 2127 17.71 26.90 14.98
CA ARG L 2127 18.45 28.03 14.42
C ARG L 2127 18.91 27.78 13.00
N LEU L 2128 19.37 26.55 12.72
CA LEU L 2128 19.87 26.25 11.39
C LEU L 2128 18.77 26.42 10.33
N LEU L 2129 17.56 25.92 10.63
CA LEU L 2129 16.50 25.96 9.63
C LEU L 2129 15.94 27.37 9.46
N GLU L 2130 15.69 28.08 10.55
CA GLU L 2130 15.22 29.46 10.41
C GLU L 2130 16.28 30.33 9.74
N LYS L 2131 17.54 30.17 10.12
CA LYS L 2131 18.61 30.93 9.45
C LYS L 2131 18.66 30.59 7.97
N GLU L 2132 18.36 29.33 7.61
CA GLU L 2132 18.27 28.98 6.20
C GLU L 2132 17.13 29.72 5.52
N THR L 2133 16.12 30.13 6.28
CA THR L 2133 15.01 30.93 5.75
C THR L 2133 15.28 32.42 5.89
N ASN L 2134 16.46 32.84 5.41
CA ASN L 2134 16.82 34.26 5.33
C ASN L 2134 16.64 34.97 6.68
N ASN L 2135 16.93 34.25 7.76
CA ASN L 2135 16.79 34.81 9.11
C ASN L 2135 15.41 35.40 9.32
N THR L 2136 14.39 34.67 8.85
CA THR L 2136 13.03 35.18 8.89
C THR L 2136 12.58 35.48 10.32
N LYS L 2137 13.03 34.69 11.30
CA LYS L 2137 12.73 34.99 12.70
C LYS L 2137 13.62 34.11 13.57
N LYS L 2138 14.19 34.72 14.61
CA LYS L 2138 15.00 33.95 15.55
C LYS L 2138 14.13 32.94 16.29
N ALA L 2139 14.73 31.81 16.66
CA ALA L 2139 14.01 30.83 17.45
C ALA L 2139 13.55 31.43 18.77
N GLU L 2140 14.31 32.37 19.33
CA GLU L 2140 13.92 33.09 20.53
C GLU L 2140 13.17 34.39 20.22
N ASP L 2141 13.01 34.72 18.93
CA ASP L 2141 12.17 35.86 18.55
C ASP L 2141 10.74 35.40 18.31
N TRP L 2142 10.56 34.45 17.39
CA TRP L 2142 9.29 33.78 17.17
C TRP L 2142 9.56 32.28 17.11
N TRP L 2143 8.48 31.50 17.09
CA TRP L 2143 8.59 30.05 17.20
C TRP L 2143 9.33 29.66 18.47
N LYS L 2144 9.26 30.53 19.48
CA LYS L 2144 9.85 30.28 20.79
C LYS L 2144 8.88 29.59 21.73
N THR L 2145 7.97 28.79 21.18
CA THR L 2145 6.78 28.35 21.92
C THR L 2145 5.97 29.58 22.31
N ASN L 2146 5.99 30.60 21.44
CA ASN L 2146 5.12 31.76 21.55
C ASN L 2146 4.30 31.98 20.29
N LYS L 2147 4.94 32.00 19.11
CA LYS L 2147 4.19 32.19 17.88
C LYS L 2147 3.25 31.02 17.62
N LYS L 2148 3.75 29.81 17.81
CA LYS L 2148 2.95 28.59 17.73
C LYS L 2148 3.05 27.83 19.04
N SER L 2149 2.86 28.56 20.14
CA SER L 2149 2.90 27.97 21.47
C SER L 2149 1.83 26.90 21.64
N ILE L 2150 0.73 27.00 20.91
CA ILE L 2150 -0.42 26.14 21.17
C ILE L 2150 -0.05 24.68 20.91
N TRP L 2151 0.54 24.39 19.76
CA TRP L 2151 0.74 23.02 19.33
C TRP L 2151 -0.59 22.28 19.42
N ASN L 2152 -0.55 21.04 19.89
CA ASN L 2152 -1.74 20.39 20.43
C ASN L 2152 -1.89 20.62 21.93
N ALA L 2153 -0.88 21.23 22.56
CA ALA L 2153 -0.81 21.36 24.01
C ALA L 2153 -0.73 20.00 24.70
N MET L 2154 -0.36 18.97 23.94
CA MET L 2154 -0.27 17.59 24.40
C MET L 2154 -1.63 16.99 24.79
N LEU L 2155 -2.70 17.78 24.72
CA LEU L 2155 -3.99 17.28 25.14
C LEU L 2155 -4.47 16.12 24.28
N CYS L 2156 -4.03 16.06 23.02
CA CYS L 2156 -4.35 14.90 22.19
C CYS L 2156 -3.78 13.62 22.79
N GLY L 2157 -2.53 13.67 23.24
CA GLY L 2157 -1.97 12.53 23.94
C GLY L 2157 -2.68 12.26 25.25
N TYR L 2158 -3.02 13.31 25.99
CA TYR L 2158 -3.86 13.14 27.18
C TYR L 2158 -5.16 12.44 26.82
N LYS L 2159 -5.80 12.89 25.75
CA LYS L 2159 -7.06 12.31 25.30
C LYS L 2159 -6.87 11.00 24.56
N LYS L 2160 -5.69 10.79 23.95
CA LYS L 2160 -5.48 9.60 23.12
C LYS L 2160 -5.62 8.33 23.94
N SER L 2161 -5.06 8.30 25.14
CA SER L 2161 -5.07 7.12 25.99
C SER L 2161 -5.95 7.29 27.22
N GLY L 2162 -5.73 8.35 27.99
CA GLY L 2162 -6.55 8.58 29.17
C GLY L 2162 -8.01 8.79 28.85
N ASN L 2163 -8.30 9.49 27.74
CA ASN L 2163 -9.68 9.75 27.31
C ASN L 2163 -10.48 10.43 28.41
N LYS L 2164 -9.85 11.37 29.11
CA LYS L 2164 -10.50 12.14 30.16
C LYS L 2164 -10.69 13.57 29.68
N ILE L 2165 -11.92 14.08 29.83
CA ILE L 2165 -12.24 15.41 29.35
C ILE L 2165 -11.49 16.45 30.18
N ILE L 2166 -10.90 17.43 29.50
CA ILE L 2166 -10.13 18.47 30.17
C ILE L 2166 -11.07 19.61 30.55
N ASP L 2167 -11.01 20.03 31.80
CA ASP L 2167 -11.83 21.15 32.25
C ASP L 2167 -11.37 22.43 31.56
N PRO L 2168 -12.29 23.36 31.31
CA PRO L 2168 -11.87 24.60 30.61
C PRO L 2168 -10.78 25.36 31.35
N SER L 2169 -10.83 25.36 32.69
CA SER L 2169 -9.76 26.00 33.46
C SER L 2169 -8.48 25.19 33.37
N TRP L 2170 -8.59 23.87 33.18
CA TRP L 2170 -7.39 23.03 33.04
C TRP L 2170 -6.79 23.11 31.65
N CYS L 2171 -7.50 23.68 30.68
CA CYS L 2171 -7.06 23.67 29.29
C CYS L 2171 -6.19 24.88 28.93
N THR L 2172 -5.97 25.79 29.87
CA THR L 2172 -5.16 26.97 29.57
C THR L 2172 -3.72 26.85 30.01
N ILE L 2173 -3.40 25.93 30.91
CA ILE L 2173 -2.02 25.73 31.34
C ILE L 2173 -1.25 24.86 30.33
N PRO L 2174 -1.81 23.80 29.76
CA PRO L 2174 -1.03 23.04 28.77
C PRO L 2174 -0.73 23.86 27.53
N THR L 2175 -1.50 24.92 27.29
CA THR L 2175 -1.18 25.90 26.27
C THR L 2175 -0.48 27.09 26.92
N THR L 2176 -0.24 28.13 26.13
CA THR L 2176 0.62 29.22 26.57
C THR L 2176 -0.03 30.02 27.69
N GLU L 2177 0.82 30.51 28.59
CA GLU L 2177 0.45 31.53 29.56
C GLU L 2177 1.67 32.44 29.74
N THR L 2178 1.42 33.71 30.02
CA THR L 2178 2.52 34.66 30.10
C THR L 2178 3.60 34.25 31.10
N PRO L 2179 3.30 33.71 32.28
CA PRO L 2179 4.37 33.37 33.22
C PRO L 2179 5.26 32.28 32.66
N PRO L 2180 6.58 32.47 32.64
CA PRO L 2180 7.49 31.38 32.25
C PRO L 2180 7.97 30.53 33.41
N GLN L 2181 7.60 30.86 34.64
CA GLN L 2181 8.02 30.13 35.84
C GLN L 2181 9.54 30.11 35.99
N PHE L 2182 10.21 31.13 35.43
CA PHE L 2182 11.58 31.49 35.80
C PHE L 2182 12.59 30.39 35.48
N LEU L 2183 12.72 30.10 34.18
CA LEU L 2183 13.93 29.48 33.61
C LEU L 2183 14.24 28.12 34.23
N ARG L 2184 13.21 27.45 34.74
CA ARG L 2184 13.32 26.07 35.23
C ARG L 2184 14.11 25.96 36.53
N TRP L 2185 14.74 27.05 36.98
CA TRP L 2185 15.52 26.96 38.21
C TRP L 2185 14.61 26.80 39.42
N ILE L 2186 13.40 27.37 39.35
CA ILE L 2186 12.45 27.30 40.45
C ILE L 2186 11.12 26.66 40.05
N LYS L 2187 11.00 26.13 38.82
CA LYS L 2187 9.82 25.32 38.50
C LYS L 2187 10.08 23.85 38.76
N GLU L 2188 11.15 23.29 38.20
CA GLU L 2188 11.51 21.91 38.52
C GLU L 2188 11.64 21.72 40.03
N TRP L 2189 12.23 22.70 40.70
CA TRP L 2189 12.00 22.88 42.14
C TRP L 2189 10.54 22.97 42.53
N GLY L 2190 9.70 23.68 41.77
CA GLY L 2190 8.28 23.65 42.07
C GLY L 2190 7.73 22.24 42.12
N THR L 2191 8.17 21.39 41.18
CA THR L 2191 7.65 20.03 41.09
C THR L 2191 8.19 19.11 42.18
N ASN L 2192 9.34 19.43 42.78
CA ASN L 2192 9.92 18.55 43.79
C ASN L 2192 8.96 18.33 44.95
N VAL L 2193 8.48 19.42 45.55
CA VAL L 2193 7.58 19.29 46.69
C VAL L 2193 6.19 18.86 46.26
N CYS L 2194 5.79 19.12 45.02
CA CYS L 2194 4.46 18.72 44.58
C CYS L 2194 4.24 17.23 44.75
N ILE L 2195 5.28 16.41 44.53
CA ILE L 2195 5.19 14.98 44.80
C ILE L 2195 6.36 14.53 45.68
N GLN L 2196 7.59 14.82 45.25
CA GLN L 2196 8.74 14.12 45.79
C GLN L 2196 8.91 14.36 47.29
N LYS L 2197 8.25 15.37 47.84
CA LYS L 2197 8.29 15.60 49.28
C LYS L 2197 6.95 15.38 49.97
N GLN L 2198 5.83 15.77 49.34
CA GLN L 2198 4.54 15.67 50.01
C GLN L 2198 4.08 14.22 50.13
N GLU L 2199 4.44 13.36 49.18
CA GLU L 2199 4.01 11.97 49.30
C GLU L 2199 4.81 11.24 50.36
N HIS L 2200 6.10 11.56 50.51
CA HIS L 2200 6.84 11.05 51.66
C HIS L 2200 6.29 11.63 52.96
N LYS L 2201 5.83 12.88 52.93
CA LYS L 2201 5.17 13.46 54.10
C LYS L 2201 3.97 12.64 54.51
N GLU L 2202 3.07 12.35 53.57
CA GLU L 2202 1.86 11.62 53.92
C GLU L 2202 2.18 10.17 54.27
N TYR L 2203 3.26 9.62 53.71
CA TYR L 2203 3.74 8.32 54.19
C TYR L 2203 4.15 8.40 55.64
N VAL L 2204 4.87 9.45 56.02
CA VAL L 2204 5.26 9.63 57.42
C VAL L 2204 4.03 9.73 58.31
N LYS L 2205 3.05 10.53 57.87
CA LYS L 2205 1.80 10.64 58.61
C LYS L 2205 1.03 9.33 58.65
N SER L 2206 1.30 8.43 57.69
CA SER L 2206 0.67 7.11 57.69
C SER L 2206 1.42 6.16 58.62
N CYS L 2224 10.07 0.64 61.79
CA CYS L 2224 9.32 1.51 60.89
C CYS L 2224 9.75 2.96 61.03
N THR L 2225 9.88 3.42 62.28
CA THR L 2225 10.29 4.81 62.51
C THR L 2225 11.63 5.11 61.86
N SER L 2226 12.52 4.12 61.77
CA SER L 2226 13.76 4.30 61.02
C SER L 2226 13.47 4.57 59.56
N GLU L 2227 12.53 3.83 58.96
CA GLU L 2227 12.11 4.11 57.60
C GLU L 2227 11.48 5.49 57.50
N ILE L 2228 10.71 5.88 58.53
CA ILE L 2228 10.18 7.24 58.60
C ILE L 2228 11.33 8.23 58.69
N LYS L 2229 12.33 7.93 59.53
CA LYS L 2229 13.51 8.76 59.64
C LYS L 2229 14.43 8.62 58.44
N LYS L 2230 14.20 7.64 57.57
CA LYS L 2230 14.90 7.53 56.30
C LYS L 2230 14.36 8.49 55.25
N TYR L 2231 13.54 9.47 55.64
CA TYR L 2231 13.10 10.52 54.74
C TYR L 2231 13.74 11.86 55.07
N GLN L 2232 14.92 11.85 55.68
CA GLN L 2232 15.65 13.07 55.98
C GLN L 2232 16.79 13.34 54.99
N GLU L 2233 17.13 12.38 54.12
CA GLU L 2233 18.16 12.64 53.12
C GLU L 2233 17.74 13.68 52.10
N TRP L 2234 16.45 13.89 51.91
CA TRP L 2234 15.97 15.04 51.15
C TRP L 2234 16.18 16.35 51.90
N SER L 2235 16.44 16.29 53.21
CA SER L 2235 16.72 17.51 53.97
C SER L 2235 18.14 18.01 53.72
N ARG L 2236 19.12 17.11 53.60
CA ARG L 2236 20.46 17.54 53.22
C ARG L 2236 20.50 18.00 51.78
N LYS L 2237 19.78 17.31 50.88
CA LYS L 2237 19.75 17.70 49.48
C LYS L 2237 19.06 19.04 49.32
N ARG L 2238 18.31 19.49 50.33
CA ARG L 2238 17.73 20.84 50.29
C ARG L 2238 18.81 21.91 50.41
N SER L 2239 19.96 21.58 51.00
CA SER L 2239 20.98 22.60 51.27
C SER L 2239 21.65 23.07 49.98
N ILE L 2240 22.07 22.15 49.12
CA ILE L 2240 22.79 22.54 47.92
C ILE L 2240 21.87 23.31 46.97
N ARG L 2241 20.60 22.86 46.86
CA ARG L 2241 19.64 23.59 46.06
C ARG L 2241 19.27 24.93 46.69
N TRP L 2242 19.33 25.03 48.02
CA TRP L 2242 19.16 26.33 48.66
C TRP L 2242 20.29 27.27 48.28
N GLU L 2243 21.54 26.78 48.27
CA GLU L 2243 22.64 27.58 47.76
C GLU L 2243 22.38 27.99 46.31
N THR L 2244 21.88 27.06 45.50
CA THR L 2244 21.62 27.36 44.09
C THR L 2244 20.64 28.51 43.95
N ILE L 2245 19.49 28.43 44.64
CA ILE L 2245 18.52 29.52 44.55
C ILE L 2245 19.07 30.81 45.13
N SER L 2246 19.95 30.73 46.14
CA SER L 2246 20.50 31.94 46.74
C SER L 2246 21.23 32.80 45.72
N LYS L 2247 21.68 32.22 44.61
CA LYS L 2247 22.36 32.97 43.56
C LYS L 2247 21.40 33.95 42.90
N LYS L 2262 14.51 38.96 44.11
CA LYS L 2262 13.09 38.83 44.36
C LYS L 2262 12.84 38.34 45.78
N GLU L 2263 12.27 37.14 45.95
CA GLU L 2263 11.99 36.64 47.28
C GLU L 2263 13.29 36.25 47.98
N PRO L 2264 13.30 36.21 49.32
CA PRO L 2264 14.57 35.96 50.03
C PRO L 2264 15.16 34.59 49.73
N ASP L 2265 14.40 33.53 49.95
CA ASP L 2265 14.87 32.16 49.80
C ASP L 2265 13.75 31.30 49.20
N ALA L 2266 14.02 30.00 49.08
CA ALA L 2266 13.09 29.11 48.39
C ALA L 2266 11.83 28.85 49.21
N ASN L 2267 11.93 28.89 50.54
CA ASN L 2267 10.79 28.55 51.38
C ASN L 2267 9.59 29.42 51.06
N THR L 2268 9.79 30.74 51.01
CA THR L 2268 8.67 31.64 50.74
C THR L 2268 8.07 31.38 49.38
N TYR L 2269 8.89 30.95 48.41
CA TYR L 2269 8.36 30.64 47.09
C TYR L 2269 7.33 29.53 47.18
N LEU L 2270 7.65 28.45 47.87
CA LEU L 2270 6.67 27.39 48.10
C LEU L 2270 5.47 27.91 48.87
N ARG L 2271 5.71 28.77 49.86
CA ARG L 2271 4.59 29.23 50.69
C ARG L 2271 3.56 30.00 49.86
N GLU L 2272 4.01 30.93 49.01
CA GLU L 2272 3.07 31.86 48.38
C GLU L 2272 2.96 31.74 46.86
N HIS L 2273 4.05 31.49 46.12
CA HIS L 2273 3.88 31.24 44.69
C HIS L 2273 3.06 29.97 44.45
N CYS L 2274 3.28 28.94 45.24
CA CYS L 2274 2.77 27.60 44.97
C CYS L 2274 1.51 27.31 45.77
N SER L 2275 0.73 26.35 45.27
CA SER L 2275 -0.58 26.05 45.82
C SER L 2275 -0.58 24.79 46.69
N LYS L 2276 -0.06 23.68 46.15
CA LYS L 2276 0.02 22.44 46.91
C LYS L 2276 1.19 22.43 47.88
N CYS L 2277 2.13 23.35 47.72
CA CYS L 2277 3.36 23.29 48.51
C CYS L 2277 3.13 23.52 50.00
N PRO L 2278 2.31 24.49 50.43
CA PRO L 2278 2.16 24.74 51.88
C PRO L 2278 1.77 23.51 52.68
N CYS L 2279 1.13 22.51 52.06
CA CYS L 2279 0.89 21.26 52.76
C CYS L 2279 2.21 20.66 53.22
N GLY L 2280 3.22 20.71 52.38
CA GLY L 2280 4.50 20.09 52.70
C GLY L 2280 5.19 20.76 53.87
N PHE L 2281 5.84 19.95 54.69
CA PHE L 2281 6.62 20.47 55.80
C PHE L 2281 7.79 21.27 55.28
N ASN L 2282 8.00 22.46 55.88
CA ASN L 2282 9.05 23.35 55.39
C ASN L 2282 10.43 22.71 55.50
N ASP L 2283 10.71 22.05 56.62
CA ASP L 2283 12.00 21.42 56.86
C ASP L 2283 11.79 20.13 57.63
N MET L 2284 12.49 19.07 57.20
CA MET L 2284 12.40 17.80 57.91
C MET L 2284 13.15 17.85 59.22
N GLU L 2285 14.47 18.07 59.16
CA GLU L 2285 15.30 18.19 60.36
C GLU L 2285 15.13 16.97 61.27
N GLU L 2286 15.03 15.80 60.65
CA GLU L 2286 14.87 14.54 61.39
C GLU L 2286 13.64 14.60 62.29
C1 NAG M . 21.67 -31.58 28.21
C2 NAG M . 21.93 -30.91 29.56
C3 NAG M . 20.71 -31.03 30.47
C4 NAG M . 20.15 -32.45 30.47
C5 NAG M . 19.96 -32.96 29.05
C6 NAG M . 18.54 -33.35 28.73
C7 NAG M . 23.96 -30.75 30.94
C8 NAG M . 25.12 -31.49 31.52
N2 NAG M . 23.11 -31.47 30.20
O3 NAG M . 19.71 -30.12 30.04
O4 NAG M . 21.03 -33.31 31.17
O5 NAG M . 20.32 -31.93 28.12
O6 NAG M . 18.34 -33.50 27.34
O7 NAG M . 23.80 -29.54 31.13
C1 NAG M . 20.66 -33.52 32.56
C2 NAG M . 21.96 -33.51 33.38
C3 NAG M . 21.65 -33.71 34.87
C4 NAG M . 20.63 -32.69 35.33
C5 NAG M . 19.39 -32.73 34.45
C6 NAG M . 18.36 -31.68 34.80
C7 NAG M . 24.15 -34.61 33.28
C8 NAG M . 24.95 -35.73 32.69
N2 NAG M . 22.87 -34.54 32.91
O3 NAG M . 22.85 -33.57 35.62
O4 NAG M . 20.24 -32.97 36.68
O5 NAG M . 19.77 -32.50 33.08
O6 NAG M . 18.62 -31.12 36.08
O7 NAG M . 24.65 -33.81 34.06
C1 NAG N . 23.16 -23.96 7.93
C2 NAG N . 24.30 -24.96 8.16
C3 NAG N . 24.17 -26.13 7.21
C4 NAG N . 22.78 -26.75 7.33
C5 NAG N . 21.70 -25.69 7.16
C6 NAG N . 20.30 -26.22 7.38
C7 NAG N . 26.24 -23.71 9.01
C8 NAG N . 27.56 -23.10 8.67
N2 NAG N . 25.59 -24.31 8.01
O3 NAG N . 25.16 -27.10 7.53
O4 NAG N . 22.61 -27.75 6.33
O5 NAG N . 21.91 -24.62 8.09
O6 NAG N . 20.11 -26.60 8.73
O7 NAG N . 25.78 -23.68 10.15
C1 NAG O . 21.53 -20.76 4.05
C2 NAG O . 22.80 -21.60 4.22
C3 NAG O . 22.75 -22.81 3.30
C4 NAG O . 21.46 -23.59 3.51
C5 NAG O . 20.26 -22.68 3.37
C6 NAG O . 18.96 -23.36 3.69
C7 NAG O . 24.80 -20.35 4.92
C8 NAG O . 25.98 -19.55 4.46
N2 NAG O . 23.98 -20.81 3.96
O3 NAG O . 23.88 -23.64 3.57
O4 NAG O . 21.36 -24.64 2.56
O5 NAG O . 20.38 -21.57 4.29
O6 NAG O . 18.44 -22.96 4.95
O7 NAG O . 24.58 -20.56 6.11
C1 NAG P . 20.68 -18.12 -0.09
C2 NAG P . 22.05 -18.77 0.07
C3 NAG P . 22.22 -19.90 -0.95
C4 NAG P . 21.07 -20.88 -0.84
C5 NAG P . 19.74 -20.15 -0.98
C6 NAG P . 18.55 -21.04 -0.77
C7 NAG P . 23.85 -17.27 0.91
C8 NAG P . 23.55 -17.77 2.30
N2 NAG P . 23.11 -17.79 -0.09
O3 NAG P . 23.46 -20.56 -0.71
O4 NAG P . 21.16 -21.86 -1.88
O5 NAG P . 19.66 -19.11 0.02
O6 NAG P . 18.08 -20.98 0.56
O7 NAG P . 24.73 -16.44 0.71
C1 NAG Q . 19.70 -15.47 -4.08
C2 NAG Q . 21.16 -15.85 -3.90
C3 NAG Q . 21.56 -16.91 -4.92
C4 NAG Q . 20.60 -18.10 -4.85
C5 NAG Q . 19.16 -17.63 -4.99
C6 NAG Q . 18.16 -18.73 -4.81
C7 NAG Q . 22.43 -13.96 -2.98
C8 NAG Q . 23.31 -12.78 -3.30
N2 NAG Q . 22.01 -14.68 -4.03
O3 NAG Q . 22.89 -17.34 -4.65
O4 NAG Q . 20.90 -19.02 -5.89
O5 NAG Q . 18.88 -16.64 -3.98
O6 NAG Q . 18.65 -19.97 -5.32
O7 NAG Q . 22.13 -14.25 -1.83
C1 NAG R . 18.51 -12.36 -8.90
C2 NAG R . 19.88 -12.86 -8.45
C3 NAG R . 20.50 -13.74 -9.54
C4 NAG R . 19.54 -14.86 -9.91
C5 NAG R . 18.19 -14.28 -10.30
C6 NAG R . 17.15 -15.35 -10.58
C7 NAG R . 21.75 -11.84 -7.23
C8 NAG R . 22.57 -10.60 -7.01
N2 NAG R . 20.77 -11.75 -8.12
O3 NAG R . 21.73 -14.28 -9.07
O4 NAG R . 20.07 -15.59 -11.02
O5 NAG R . 17.67 -13.47 -9.23
O6 NAG R . 17.71 -16.64 -10.51
O7 NAG R . 21.98 -12.88 -6.61
C1 NAG S . -0.64 -6.65 -5.99
C2 NAG S . 0.16 -5.68 -6.88
C3 NAG S . -0.59 -4.35 -7.00
C4 NAG S . -2.01 -4.58 -7.48
C5 NAG S . -2.72 -5.59 -6.58
C6 NAG S . -4.09 -5.96 -7.07
C7 NAG S . 2.49 -4.94 -7.09
C8 NAG S . 3.80 -4.79 -6.39
N2 NAG S . 1.50 -5.46 -6.35
O3 NAG S . 0.10 -3.51 -7.91
O4 NAG S . -2.74 -3.37 -7.47
O5 NAG S . -1.96 -6.81 -6.53
O6 NAG S . -5.10 -5.16 -6.45
O7 NAG S . 2.33 -4.61 -8.26
C1 NAG T . -2.90 -9.76 -2.47
C2 NAG T . -2.12 -8.44 -2.58
C3 NAG T . -3.10 -7.27 -2.73
C4 NAG T . -4.06 -7.52 -3.88
C5 NAG T . -4.75 -8.86 -3.70
C6 NAG T . -5.67 -9.22 -4.84
C7 NAG T . -0.32 -7.32 -1.35
C8 NAG T . 0.44 -7.24 -0.06
N2 NAG T . -1.29 -8.24 -1.41
O3 NAG T . -2.36 -6.07 -2.98
O4 NAG T . -5.04 -6.49 -3.94
O5 NAG T . -3.78 -9.90 -3.60
O6 NAG T . -7.04 -9.09 -4.49
O7 NAG T . -0.09 -6.56 -2.29
C1 NAG U . -2.30 -10.94 3.90
C2 NAG U . -2.75 -9.49 3.65
C3 NAG U . -4.26 -9.38 3.77
C4 NAG U . -4.93 -10.46 2.96
C5 NAG U . -4.62 -11.81 3.60
C6 NAG U . -4.43 -12.93 2.59
C7 NAG U . -0.75 -8.47 4.66
C8 NAG U . -0.25 -7.47 5.65
N2 NAG U . -2.09 -8.57 4.57
O3 NAG U . -4.67 -8.09 3.32
O4 NAG U . -6.33 -10.26 2.92
O5 NAG U . -3.43 -11.75 4.40
O6 NAG U . -3.78 -12.49 1.41
O7 NAG U . 0.00 -9.16 3.99
C1 NAG V . -4.45 -11.60 7.68
C2 NAG V . -3.37 -10.57 7.99
C3 NAG V . -4.02 -9.28 8.49
C4 NAG V . -5.08 -8.80 7.51
C5 NAG V . -6.06 -9.94 7.20
C6 NAG V . -7.08 -9.57 6.14
C7 NAG V . -1.12 -10.86 9.02
C8 NAG V . -0.57 -10.00 7.91
N2 NAG V . -2.45 -11.09 9.00
O3 NAG V . -3.03 -8.26 8.66
O4 NAG V . -5.80 -7.71 8.06
O5 NAG V . -5.34 -11.07 6.70
O6 NAG V . -8.08 -10.57 6.02
O7 NAG V . -0.40 -11.33 9.89
C1 NAG W . -4.68 -12.42 12.60
C2 NAG W . -4.00 -11.29 13.35
C3 NAG W . -4.99 -10.64 14.32
C4 NAG W . -6.23 -10.19 13.57
C5 NAG W . -6.83 -11.37 12.82
C6 NAG W . -8.01 -10.97 11.95
C7 NAG W . -1.85 -10.96 14.49
C8 NAG W . -0.71 -11.62 15.20
N2 NAG W . -2.82 -11.76 14.07
O3 NAG W . -4.36 -9.51 14.94
O4 NAG W . -7.19 -9.68 14.49
O5 NAG W . -5.86 -11.94 11.94
O6 NAG W . -9.14 -11.80 12.19
O7 NAG W . -1.88 -9.74 14.30
#